data_5MV4
#
_entry.id   5MV4
#
_cell.length_a   119.238
_cell.length_b   91.601
_cell.length_c   182.357
_cell.angle_alpha   90.00
_cell.angle_beta   91.52
_cell.angle_gamma   90.00
#
_symmetry.space_group_name_H-M   'P 1 21 1'
#
loop_
_entity.id
_entity.type
_entity.pdbx_description
1 polymer 'ACC1 antibody Fab fragment, heavy chain'
2 polymer 'ACC1 antibody Fab fragment, light chain'
3 polymer 'synthetic peptide containing the citrullinated collagen type II epitope CII616-639,Collagen alpha-1(II) chain,synthetic peptide containing the citrullinated collagen type II epitope CII616-639'
4 non-polymer 'SULFATE ION'
5 water water
#
loop_
_entity_poly.entity_id
_entity_poly.type
_entity_poly.pdbx_seq_one_letter_code
_entity_poly.pdbx_strand_id
1 'polypeptide(L)'
;EVKLEESGGGLVQPGGSMKLSCAASGFTFSDAWMDWVRQSPEKGLEWVAEIRNKVNNHATNYAESVKGRFTISRDDSRSV
VYLQMNNLKPEDTGIYYCTGLTFDYWGQGTTLTVSSAKTTAPSVYPLAPVCGGTTGSSVTLGCLVKGYFPEPVTLTWNSG
SLSSGVHTFPALLLSGLYTLSSSVTVTSNTWPSQTITCNVAHPASSTKVDKKIEPRGP
;
A,C,F,I,L,O,R,U
2 'polypeptide(L)'
;DIVLTQSPASLAVSLGQRATISCRASESVDNYGISSMNWFQQKAGQPPKFLIYAASKQGSGVPARFSGSGSGTDFSLIIH
PVEEDDTAVYFCQQSKGVPYTFGGGTKLEIKRADAAPTVSIFPPSSEQLTSGGASVVCFLNNFYPKDINVKWKIDGSERQ
NGVLNSWTDQDSKDSTYSMSSTLTLTKDEYERHNSYTCEATHKTSTSPIVKSFNRNEC
;
B,D,G,J,M,P,S,V
3 'polypeptide(L)'
;GP(HYP)GP(HYP)GP(HYP)GP(HYP)GP(HYP)GA(CIR)GA(HYP)GERGETGP(HYP)GPAGFAGP(HYP)GP
(HYP)GP(HYP)G
;
X,E,H,K,N,Q,T,W
#
loop_
_chem_comp.id
_chem_comp.type
_chem_comp.name
_chem_comp.formula
SO4 non-polymer 'SULFATE ION' 'O4 S -2'
#
# COMPACT_ATOMS: atom_id res chain seq x y z
N GLU A 1 -25.57 5.88 53.96
CA GLU A 1 -25.99 7.22 53.46
C GLU A 1 -27.45 7.47 53.73
N VAL A 2 -27.80 8.73 53.99
CA VAL A 2 -29.19 9.11 54.20
C VAL A 2 -29.90 9.19 52.85
N LYS A 3 -31.17 8.80 52.83
CA LYS A 3 -31.97 8.73 51.61
C LYS A 3 -33.44 9.05 51.94
N LEU A 4 -34.01 10.04 51.23
CA LEU A 4 -35.42 10.45 51.36
C LEU A 4 -36.09 10.41 50.02
N GLU A 5 -37.25 9.75 49.93
CA GLU A 5 -37.96 9.64 48.64
C GLU A 5 -39.43 9.99 48.78
N GLU A 6 -39.80 11.13 48.19
CA GLU A 6 -41.18 11.60 48.15
C GLU A 6 -41.95 10.84 47.08
N SER A 7 -43.27 10.78 47.23
CA SER A 7 -44.14 10.22 46.20
C SER A 7 -45.56 10.78 46.32
N GLY A 8 -46.30 10.73 45.23
CA GLY A 8 -47.70 11.11 45.21
C GLY A 8 -48.00 12.54 44.84
N GLY A 9 -47.08 13.24 44.19
CA GLY A 9 -47.43 14.54 43.58
C GLY A 9 -48.23 14.33 42.30
N GLY A 10 -48.54 15.42 41.61
CA GLY A 10 -49.25 15.38 40.34
C GLY A 10 -50.25 16.47 40.21
N LEU A 11 -51.23 16.24 39.35
CA LEU A 11 -52.26 17.24 39.02
C LEU A 11 -53.52 17.01 39.84
N VAL A 12 -54.19 18.09 40.20
CA VAL A 12 -55.48 18.01 40.93
C VAL A 12 -56.30 19.28 40.74
N GLN A 13 -57.62 19.12 40.77
CA GLN A 13 -58.53 20.23 40.57
C GLN A 13 -58.54 21.12 41.80
N PRO A 14 -58.77 22.43 41.64
CA PRO A 14 -58.98 23.27 42.81
C PRO A 14 -60.12 22.77 43.67
N GLY A 15 -59.89 22.72 44.98
CA GLY A 15 -60.85 22.13 45.93
C GLY A 15 -60.61 20.64 46.22
N GLY A 16 -59.74 19.99 45.43
CA GLY A 16 -59.47 18.57 45.57
C GLY A 16 -58.44 18.22 46.61
N SER A 17 -58.05 16.95 46.67
CA SER A 17 -57.17 16.42 47.70
C SER A 17 -56.00 15.66 47.14
N MET A 18 -55.02 15.41 47.99
CA MET A 18 -53.80 14.75 47.60
C MET A 18 -53.06 14.35 48.87
N LYS A 19 -52.46 13.16 48.87
CA LYS A 19 -51.66 12.68 50.00
C LYS A 19 -50.25 12.42 49.49
N LEU A 20 -49.31 13.25 49.92
CA LEU A 20 -47.90 13.01 49.64
C LEU A 20 -47.40 12.03 50.67
N SER A 21 -46.36 11.28 50.33
CA SER A 21 -45.67 10.47 51.32
C SER A 21 -44.16 10.40 51.05
N CYS A 22 -43.42 10.13 52.13
CA CYS A 22 -41.98 10.21 52.18
C CYS A 22 -41.38 9.00 52.87
N ALA A 23 -40.50 8.28 52.18
CA ALA A 23 -39.79 7.13 52.75
C ALA A 23 -38.37 7.56 53.11
N ALA A 24 -37.95 7.26 54.33
CA ALA A 24 -36.62 7.64 54.80
C ALA A 24 -35.85 6.42 55.23
N SER A 25 -34.53 6.44 55.03
CA SER A 25 -33.61 5.46 55.60
C SER A 25 -32.27 6.12 55.86
N GLY A 26 -31.38 5.44 56.60
CA GLY A 26 -30.03 5.97 56.89
C GLY A 26 -29.89 6.70 58.22
N PHE A 27 -30.97 6.89 58.96
CA PHE A 27 -30.93 7.50 60.29
C PHE A 27 -32.04 6.90 61.13
N THR A 28 -31.95 7.00 62.44
CA THR A 28 -32.95 6.43 63.32
C THR A 28 -34.25 7.24 63.20
N PHE A 29 -35.19 6.68 62.47
CA PHE A 29 -36.38 7.41 62.05
C PHE A 29 -37.25 7.86 63.22
N SER A 30 -37.53 6.96 64.17
CA SER A 30 -38.45 7.31 65.27
C SER A 30 -37.92 8.42 66.19
N ASP A 31 -36.60 8.65 66.14
CA ASP A 31 -35.93 9.76 66.83
C ASP A 31 -36.04 11.09 66.08
N ALA A 32 -36.21 11.06 64.76
CA ALA A 32 -36.07 12.25 63.94
C ALA A 32 -37.31 13.13 63.94
N TRP A 33 -37.09 14.44 63.93
CA TRP A 33 -38.12 15.43 63.59
C TRP A 33 -38.11 15.56 62.08
N MET A 34 -39.29 15.53 61.48
CA MET A 34 -39.44 15.55 60.05
C MET A 34 -40.31 16.75 59.68
N ASP A 35 -40.00 17.37 58.54
CA ASP A 35 -40.79 18.49 58.04
C ASP A 35 -41.12 18.34 56.55
N TRP A 36 -42.12 19.09 56.09
CA TRP A 36 -42.35 19.34 54.66
C TRP A 36 -42.09 20.81 54.36
N VAL A 37 -41.35 21.06 53.27
CA VAL A 37 -41.04 22.41 52.78
C VAL A 37 -41.43 22.46 51.30
N ARG A 38 -41.98 23.57 50.84
CA ARG A 38 -42.32 23.72 49.43
C ARG A 38 -41.64 24.89 48.76
N GLN A 39 -41.55 24.84 47.44
CA GLN A 39 -40.85 25.84 46.65
C GLN A 39 -41.63 26.22 45.40
N SER A 40 -41.89 27.52 45.26
CA SER A 40 -42.56 28.08 44.11
C SER A 40 -41.71 29.26 43.62
N PRO A 41 -41.89 29.65 42.35
CA PRO A 41 -41.28 30.92 41.89
C PRO A 41 -41.80 32.17 42.60
N GLU A 42 -43.05 32.15 43.04
CA GLU A 42 -43.71 33.32 43.64
C GLU A 42 -43.26 33.58 45.09
N LYS A 43 -43.24 32.52 45.91
CA LYS A 43 -43.00 32.65 47.36
C LYS A 43 -41.68 32.07 47.87
N GLY A 44 -40.86 31.49 46.98
CA GLY A 44 -39.57 30.93 47.37
C GLY A 44 -39.74 29.68 48.20
N LEU A 45 -38.84 29.48 49.16
CA LEU A 45 -38.91 28.35 50.08
C LEU A 45 -39.83 28.66 51.26
N GLU A 46 -40.89 27.88 51.40
CA GLU A 46 -41.86 27.99 52.50
C GLU A 46 -41.84 26.72 53.32
N TRP A 47 -41.55 26.84 54.61
CA TRP A 47 -41.84 25.77 55.54
C TRP A 47 -43.36 25.57 55.59
N VAL A 48 -43.78 24.31 55.50
CA VAL A 48 -45.20 23.96 55.45
C VAL A 48 -45.69 23.33 56.75
N ALA A 49 -44.99 22.29 57.21
CA ALA A 49 -45.38 21.54 58.40
C ALA A 49 -44.27 20.74 59.06
N GLU A 50 -44.40 20.55 60.38
CA GLU A 50 -43.45 19.84 61.23
C GLU A 50 -44.17 18.72 61.97
N ILE A 51 -43.48 17.59 62.14
CA ILE A 51 -43.87 16.59 63.11
C ILE A 51 -42.63 16.15 63.90
N ARG A 52 -42.76 16.16 65.22
CA ARG A 52 -41.64 15.86 66.11
C ARG A 52 -41.61 14.38 66.44
N ASN A 53 -40.60 14.00 67.22
CA ASN A 53 -40.39 12.61 67.56
C ASN A 53 -41.27 12.12 68.72
N LYS A 54 -41.13 10.83 69.03
CA LYS A 54 -41.85 10.16 70.10
C LYS A 54 -41.66 10.86 71.45
N VAL A 55 -40.43 11.30 71.73
CA VAL A 55 -40.12 11.99 72.98
C VAL A 55 -40.88 13.31 73.11
N ASN A 56 -41.12 14.00 71.99
CA ASN A 56 -41.90 15.25 71.96
C ASN A 56 -43.37 15.04 71.60
N ASN A 57 -43.93 13.88 71.92
CA ASN A 57 -45.34 13.56 71.72
C ASN A 57 -45.84 13.65 70.27
N HIS A 58 -44.95 13.44 69.31
CA HIS A 58 -45.30 13.58 67.90
C HIS A 58 -46.01 14.92 67.64
N ALA A 59 -45.52 15.98 68.25
CA ALA A 59 -46.16 17.29 68.17
C ALA A 59 -46.13 17.78 66.74
N THR A 60 -47.20 18.43 66.30
CA THR A 60 -47.25 18.98 64.96
C THR A 60 -47.32 20.50 64.98
N ASN A 61 -46.81 21.12 63.92
CA ASN A 61 -46.95 22.55 63.69
C ASN A 61 -47.14 22.81 62.20
N TYR A 62 -47.87 23.87 61.87
CA TYR A 62 -48.15 24.19 60.48
C TYR A 62 -47.97 25.68 60.19
N ALA A 63 -47.63 25.99 58.94
CA ALA A 63 -47.67 27.36 58.45
C ALA A 63 -49.10 27.89 58.39
N GLU A 64 -49.26 29.17 58.62
CA GLU A 64 -50.59 29.77 58.68
C GLU A 64 -51.43 29.49 57.44
N SER A 65 -50.83 29.63 56.26
CA SER A 65 -51.56 29.45 55.00
C SER A 65 -52.11 28.05 54.75
N VAL A 66 -51.62 27.04 55.48
CA VAL A 66 -52.14 25.67 55.32
C VAL A 66 -52.94 25.10 56.51
N LYS A 67 -52.98 25.80 57.64
CA LYS A 67 -53.74 25.31 58.81
C LYS A 67 -55.19 25.03 58.48
N GLY A 68 -55.69 23.92 58.99
CA GLY A 68 -57.06 23.49 58.73
C GLY A 68 -57.22 22.66 57.48
N ARG A 69 -56.29 22.78 56.53
CA ARG A 69 -56.36 22.09 55.24
C ARG A 69 -55.33 20.93 55.13
N PHE A 70 -54.13 21.14 55.66
CA PHE A 70 -53.05 20.16 55.57
C PHE A 70 -52.91 19.43 56.92
N THR A 71 -52.57 18.15 56.87
CA THR A 71 -52.28 17.37 58.08
C THR A 71 -51.03 16.52 57.88
N ILE A 72 -50.10 16.60 58.83
CA ILE A 72 -48.86 15.85 58.75
C ILE A 72 -48.96 14.70 59.75
N SER A 73 -48.48 13.54 59.36
CA SER A 73 -48.44 12.37 60.26
C SER A 73 -47.25 11.49 59.90
N ARG A 74 -46.99 10.49 60.75
CA ARG A 74 -45.89 9.55 60.54
C ARG A 74 -46.29 8.15 60.97
N ASP A 75 -45.70 7.16 60.32
CA ASP A 75 -45.78 5.77 60.77
C ASP A 75 -44.34 5.38 61.11
N ASP A 76 -44.00 5.49 62.40
CA ASP A 76 -42.65 5.14 62.87
C ASP A 76 -42.29 3.68 62.56
N SER A 77 -43.27 2.77 62.49
CA SER A 77 -42.99 1.38 62.16
C SER A 77 -42.54 1.19 60.68
N ARG A 78 -43.04 2.01 59.75
CA ARG A 78 -42.67 1.92 58.31
C ARG A 78 -41.60 2.91 57.84
N SER A 79 -41.13 3.77 58.74
CA SER A 79 -40.25 4.90 58.42
C SER A 79 -40.82 5.79 57.33
N VAL A 80 -42.09 6.19 57.48
CA VAL A 80 -42.73 7.06 56.48
C VAL A 80 -43.42 8.27 57.12
N VAL A 81 -43.35 9.41 56.44
CA VAL A 81 -44.11 10.61 56.81
C VAL A 81 -45.09 10.88 55.72
N TYR A 82 -46.32 11.23 56.09
CA TYR A 82 -47.36 11.58 55.12
C TYR A 82 -47.70 13.07 55.25
N LEU A 83 -48.20 13.66 54.18
CA LEU A 83 -48.84 14.99 54.21
C LEU A 83 -50.15 14.96 53.43
N GLN A 84 -51.26 14.88 54.16
CA GLN A 84 -52.61 14.93 53.60
C GLN A 84 -52.96 16.39 53.33
N MET A 85 -53.36 16.71 52.10
CA MET A 85 -53.69 18.08 51.70
C MET A 85 -55.10 18.11 51.18
N ASN A 86 -55.97 18.84 51.86
CA ASN A 86 -57.37 19.00 51.43
C ASN A 86 -57.69 20.42 50.99
N ASN A 87 -58.73 20.56 50.18
CA ASN A 87 -59.18 21.87 49.70
C ASN A 87 -58.04 22.69 49.08
N LEU A 88 -57.32 22.06 48.15
CA LEU A 88 -56.16 22.66 47.50
C LEU A 88 -56.53 23.84 46.61
N LYS A 89 -55.59 24.80 46.52
CA LYS A 89 -55.78 26.06 45.81
C LYS A 89 -54.65 26.26 44.81
N PRO A 90 -54.84 27.15 43.83
CA PRO A 90 -53.77 27.36 42.83
C PRO A 90 -52.43 27.73 43.45
N GLU A 91 -52.43 28.55 44.50
CA GLU A 91 -51.17 28.96 45.14
C GLU A 91 -50.45 27.85 45.93
N ASP A 92 -51.13 26.74 46.19
CA ASP A 92 -50.46 25.57 46.77
C ASP A 92 -49.52 24.88 45.78
N THR A 93 -49.65 25.19 44.49
CA THR A 93 -48.76 24.67 43.45
C THR A 93 -47.29 24.90 43.76
N GLY A 94 -46.49 23.85 43.59
CA GLY A 94 -45.04 23.94 43.70
C GLY A 94 -44.38 22.58 43.93
N ILE A 95 -43.06 22.62 44.17
CA ILE A 95 -42.26 21.43 44.47
C ILE A 95 -42.27 21.22 45.97
N TYR A 96 -42.61 20.01 46.40
CA TYR A 96 -42.72 19.67 47.83
C TYR A 96 -41.59 18.74 48.26
N TYR A 97 -40.74 19.24 49.14
CA TYR A 97 -39.63 18.47 49.69
C TYR A 97 -39.97 17.96 51.07
N CYS A 98 -39.61 16.70 51.31
CA CYS A 98 -39.66 16.06 52.62
C CYS A 98 -38.26 16.21 53.21
N THR A 99 -38.17 16.72 54.44
CA THR A 99 -36.89 16.94 55.09
C THR A 99 -36.77 16.14 56.40
N GLY A 100 -35.55 15.73 56.73
CA GLY A 100 -35.29 14.92 57.91
C GLY A 100 -34.27 15.60 58.81
N LEU A 101 -34.49 15.47 60.13
CA LEU A 101 -33.71 16.13 61.18
C LEU A 101 -33.85 17.63 60.98
N THR A 102 -35.09 18.06 61.12
CA THR A 102 -35.55 19.38 60.64
C THR A 102 -35.07 19.60 59.19
N PHE A 103 -34.03 20.39 58.94
CA PHE A 103 -33.58 20.62 57.55
C PHE A 103 -32.16 20.15 57.27
N ASP A 104 -31.69 19.14 58.00
CA ASP A 104 -30.34 18.61 57.78
C ASP A 104 -30.27 17.82 56.47
N TYR A 105 -31.34 17.07 56.19
CA TYR A 105 -31.43 16.21 55.01
C TYR A 105 -32.72 16.50 54.23
N TRP A 106 -32.60 16.50 52.89
CA TRP A 106 -33.71 16.83 51.97
C TRP A 106 -33.92 15.74 50.89
N GLY A 107 -35.18 15.45 50.58
CA GLY A 107 -35.51 14.61 49.44
C GLY A 107 -35.42 15.37 48.13
N GLN A 108 -35.56 14.65 47.02
CA GLN A 108 -35.43 15.23 45.67
C GLN A 108 -36.60 16.11 45.27
N GLY A 109 -37.71 15.92 45.95
CA GLY A 109 -38.91 16.74 45.75
C GLY A 109 -39.90 15.99 44.89
N THR A 110 -41.16 16.33 45.04
CA THR A 110 -42.23 15.85 44.14
C THR A 110 -43.07 17.08 43.77
N THR A 111 -43.55 17.14 42.52
CA THR A 111 -44.26 18.34 42.04
C THR A 111 -45.77 18.22 42.18
N LEU A 112 -46.40 19.26 42.73
CA LEU A 112 -47.85 19.35 42.87
C LEU A 112 -48.35 20.53 42.06
N THR A 113 -49.32 20.27 41.18
CA THR A 113 -49.89 21.28 40.30
C THR A 113 -51.39 21.30 40.55
N VAL A 114 -51.89 22.46 40.96
CA VAL A 114 -53.31 22.66 41.21
C VAL A 114 -53.85 23.52 40.07
N SER A 115 -54.65 22.88 39.21
CA SER A 115 -55.16 23.50 37.99
C SER A 115 -56.34 22.67 37.50
N SER A 116 -57.30 23.33 36.84
CA SER A 116 -58.42 22.60 36.21
C SER A 116 -58.12 22.28 34.76
N ALA A 117 -56.94 22.67 34.28
CA ALA A 117 -56.41 22.19 33.01
C ALA A 117 -56.17 20.68 33.07
N LYS A 118 -56.17 20.08 31.88
CA LYS A 118 -56.14 18.64 31.72
C LYS A 118 -54.73 18.17 31.44
N THR A 119 -54.45 16.96 31.89
CA THR A 119 -53.19 16.31 31.57
C THR A 119 -53.08 16.12 30.06
N THR A 120 -51.92 16.46 29.51
CA THR A 120 -51.61 16.36 28.09
C THR A 120 -50.19 15.79 27.94
N ALA A 121 -50.04 14.71 27.19
CA ALA A 121 -48.73 14.10 26.96
C ALA A 121 -47.92 14.94 25.96
N PRO A 122 -46.57 14.83 25.98
CA PRO A 122 -45.74 15.59 25.06
C PRO A 122 -45.56 14.92 23.70
N SER A 123 -45.37 15.71 22.66
CA SER A 123 -44.80 15.24 21.40
C SER A 123 -43.27 15.36 21.50
N VAL A 124 -42.55 14.37 20.99
CA VAL A 124 -41.08 14.35 21.08
C VAL A 124 -40.50 14.19 19.69
N TYR A 125 -39.71 15.17 19.27
CA TYR A 125 -39.22 15.26 17.91
C TYR A 125 -37.70 15.23 17.92
N PRO A 126 -37.10 14.35 17.12
CA PRO A 126 -35.63 14.31 17.05
C PRO A 126 -35.13 15.40 16.13
N LEU A 127 -34.14 16.17 16.58
CA LEU A 127 -33.56 17.22 15.77
C LEU A 127 -32.17 16.85 15.26
N ALA A 128 -32.08 16.52 13.98
CA ALA A 128 -30.80 16.19 13.34
C ALA A 128 -30.24 17.42 12.64
N PRO A 129 -28.91 17.46 12.38
CA PRO A 129 -28.32 18.63 11.75
C PRO A 129 -28.84 18.91 10.33
N VAL A 130 -28.49 20.08 9.82
CA VAL A 130 -28.97 20.57 8.54
C VAL A 130 -28.54 19.65 7.40
N CYS A 131 -29.45 19.43 6.43
CA CYS A 131 -29.17 18.66 5.24
C CYS A 131 -27.95 19.30 4.54
N GLY A 132 -26.87 18.54 4.47
CA GLY A 132 -25.58 19.07 4.02
C GLY A 132 -24.42 18.35 4.66
N GLY A 133 -24.58 18.04 5.95
CA GLY A 133 -23.49 17.44 6.74
C GLY A 133 -22.71 18.37 7.70
N THR A 134 -21.70 17.77 8.31
CA THR A 134 -21.04 18.28 9.53
C THR A 134 -20.04 19.37 9.18
N THR A 135 -20.36 20.61 9.56
CA THR A 135 -19.40 21.73 9.64
C THR A 135 -17.91 21.28 9.95
N GLY A 136 -17.71 20.65 11.09
CA GLY A 136 -16.41 20.58 11.73
C GLY A 136 -16.17 19.24 12.39
N SER A 137 -15.33 19.25 13.42
CA SER A 137 -14.86 18.02 14.07
C SER A 137 -15.70 17.63 15.26
N SER A 138 -16.62 18.47 15.73
CA SER A 138 -17.72 18.03 16.61
C SER A 138 -19.06 18.38 15.95
N VAL A 139 -20.11 17.70 16.41
CA VAL A 139 -21.46 17.88 15.87
C VAL A 139 -22.48 17.95 17.00
N THR A 140 -23.50 18.78 16.82
CA THR A 140 -24.55 18.98 17.82
C THR A 140 -25.89 18.45 17.30
N LEU A 141 -26.50 17.59 18.10
CA LEU A 141 -27.86 17.07 17.88
C LEU A 141 -28.79 17.70 18.88
N GLY A 142 -30.09 17.51 18.69
CA GLY A 142 -31.10 18.12 19.53
C GLY A 142 -32.33 17.26 19.71
N CYS A 143 -33.19 17.68 20.63
CA CYS A 143 -34.44 16.96 20.93
C CYS A 143 -35.47 17.94 21.47
N LEU A 144 -36.62 18.04 20.80
CA LEU A 144 -37.67 18.99 21.16
C LEU A 144 -38.85 18.25 21.79
N VAL A 145 -39.27 18.73 22.95
CA VAL A 145 -40.41 18.19 23.70
C VAL A 145 -41.47 19.29 23.74
N LYS A 146 -42.59 19.08 23.05
CA LYS A 146 -43.59 20.13 22.85
C LYS A 146 -44.98 19.71 23.34
N GLY A 147 -45.67 20.64 23.97
CA GLY A 147 -47.11 20.51 24.22
C GLY A 147 -47.56 19.63 25.38
N TYR A 148 -46.86 19.70 26.52
CA TYR A 148 -47.20 18.88 27.69
C TYR A 148 -47.68 19.67 28.89
N PHE A 149 -48.44 18.99 29.76
CA PHE A 149 -48.93 19.57 31.00
C PHE A 149 -49.38 18.42 31.91
N PRO A 150 -49.10 18.47 33.22
CA PRO A 150 -48.30 19.50 33.89
C PRO A 150 -46.81 19.20 33.81
N GLU A 151 -46.03 20.01 34.53
CA GLU A 151 -44.63 19.67 34.80
C GLU A 151 -44.54 18.53 35.80
N PRO A 152 -43.45 17.75 35.81
CA PRO A 152 -42.31 17.90 34.89
C PRO A 152 -42.20 16.74 33.93
N VAL A 153 -41.24 16.87 33.02
CA VAL A 153 -40.73 15.73 32.24
C VAL A 153 -39.32 15.51 32.70
N THR A 154 -38.77 14.36 32.33
CA THR A 154 -37.35 14.08 32.51
C THR A 154 -36.82 13.60 31.17
N LEU A 155 -35.73 14.22 30.73
CA LEU A 155 -35.09 13.94 29.45
C LEU A 155 -33.68 13.48 29.70
N THR A 156 -33.29 12.37 29.07
CA THR A 156 -31.91 11.86 29.10
C THR A 156 -31.46 11.50 27.68
N TRP A 157 -30.17 11.24 27.54
CA TRP A 157 -29.57 10.82 26.27
C TRP A 157 -28.90 9.46 26.46
N ASN A 158 -29.29 8.47 25.64
CA ASN A 158 -28.90 7.06 25.79
C ASN A 158 -29.14 6.54 27.20
N SER A 159 -30.34 6.82 27.70
CA SER A 159 -30.83 6.36 29.01
C SER A 159 -29.93 6.76 30.20
N GLY A 160 -29.28 7.93 30.09
CA GLY A 160 -28.36 8.43 31.11
C GLY A 160 -26.88 8.27 30.81
N SER A 161 -26.52 7.35 29.91
CA SER A 161 -25.11 7.08 29.54
C SER A 161 -24.35 8.30 29.06
N LEU A 162 -24.96 9.02 28.14
CA LEU A 162 -24.38 10.25 27.59
C LEU A 162 -24.88 11.43 28.40
N SER A 163 -24.04 11.92 29.33
CA SER A 163 -24.43 12.97 30.27
C SER A 163 -23.65 14.27 30.05
N SER A 164 -22.32 14.23 29.91
CA SER A 164 -21.56 15.46 29.67
C SER A 164 -21.70 15.90 28.22
N GLY A 165 -21.53 17.21 27.99
CA GLY A 165 -21.81 17.82 26.69
C GLY A 165 -23.29 17.99 26.38
N VAL A 166 -24.14 17.91 27.41
CA VAL A 166 -25.60 18.04 27.27
C VAL A 166 -26.05 19.37 27.87
N HIS A 167 -27.02 20.01 27.23
CA HIS A 167 -27.66 21.22 27.77
C HIS A 167 -29.17 21.04 27.62
N THR A 168 -29.86 20.76 28.71
CA THR A 168 -31.32 20.65 28.70
C THR A 168 -31.88 21.96 29.26
N PHE A 169 -32.72 22.64 28.48
CA PHE A 169 -33.12 24.00 28.81
C PHE A 169 -34.42 24.04 29.61
N PRO A 170 -34.60 25.08 30.45
CA PRO A 170 -35.81 25.20 31.22
C PRO A 170 -37.06 25.25 30.38
N ALA A 171 -38.10 24.57 30.85
CA ALA A 171 -39.40 24.60 30.19
C ALA A 171 -39.99 26.02 30.14
N LEU A 172 -40.79 26.29 29.13
CA LEU A 172 -41.58 27.51 29.05
C LEU A 172 -43.02 27.25 28.68
N LEU A 173 -43.88 28.15 29.11
CA LEU A 173 -45.29 28.05 28.90
C LEU A 173 -45.60 28.64 27.51
N LEU A 174 -46.13 27.80 26.60
CA LEU A 174 -46.58 28.22 25.23
C LEU A 174 -48.12 28.12 25.18
N SER A 175 -48.78 29.17 25.68
CA SER A 175 -50.27 29.27 25.74
C SER A 175 -50.93 28.05 26.43
N GLY A 176 -50.56 27.84 27.68
CA GLY A 176 -51.13 26.77 28.50
C GLY A 176 -50.41 25.42 28.48
N LEU A 177 -49.47 25.23 27.55
CA LEU A 177 -48.74 23.96 27.43
C LEU A 177 -47.23 24.21 27.42
N TYR A 178 -46.48 23.31 28.02
CA TYR A 178 -45.03 23.49 28.22
C TYR A 178 -44.19 22.95 27.07
N THR A 179 -43.14 23.68 26.70
CA THR A 179 -42.17 23.25 25.69
C THR A 179 -40.75 23.31 26.28
N LEU A 180 -39.95 22.27 26.06
CA LEU A 180 -38.51 22.36 26.32
C LEU A 180 -37.72 21.61 25.27
N SER A 181 -36.44 21.95 25.16
CA SER A 181 -35.51 21.30 24.24
C SER A 181 -34.23 20.91 24.97
N SER A 182 -33.47 19.97 24.40
CA SER A 182 -32.12 19.64 24.89
C SER A 182 -31.17 19.43 23.72
N SER A 183 -29.94 19.97 23.85
CA SER A 183 -28.88 19.75 22.87
C SER A 183 -27.84 18.83 23.47
N VAL A 184 -27.19 18.03 22.63
CA VAL A 184 -26.05 17.21 23.04
C VAL A 184 -24.97 17.35 21.96
N THR A 185 -23.71 17.43 22.39
CA THR A 185 -22.58 17.61 21.47
C THR A 185 -21.55 16.50 21.65
N VAL A 186 -21.26 15.79 20.55
CA VAL A 186 -20.25 14.72 20.53
C VAL A 186 -19.26 14.99 19.40
N THR A 187 -18.17 14.21 19.35
CA THR A 187 -17.19 14.32 18.26
C THR A 187 -17.77 13.64 17.01
N SER A 188 -17.44 14.14 15.83
CA SER A 188 -18.03 13.68 14.54
C SER A 188 -17.84 12.19 14.21
N ASN A 189 -16.89 11.52 14.87
CA ASN A 189 -16.75 10.05 14.74
C ASN A 189 -17.87 9.28 15.42
N THR A 190 -18.25 9.74 16.61
CA THR A 190 -19.33 9.12 17.41
C THR A 190 -20.64 8.99 16.64
N TRP A 191 -21.04 10.07 15.95
CA TRP A 191 -22.32 10.13 15.25
C TRP A 191 -22.14 10.53 13.78
N PRO A 192 -22.75 9.80 12.84
CA PRO A 192 -23.79 8.76 13.09
C PRO A 192 -23.36 7.30 13.37
N SER A 193 -22.05 7.02 13.46
CA SER A 193 -21.52 5.63 13.66
C SER A 193 -22.24 4.89 14.77
N GLN A 194 -22.27 5.51 15.95
CA GLN A 194 -23.01 5.00 17.09
C GLN A 194 -24.32 5.76 17.17
N THR A 195 -25.36 5.02 17.54
CA THR A 195 -26.72 5.57 17.54
C THR A 195 -26.94 6.36 18.86
N ILE A 196 -27.62 7.49 18.75
CA ILE A 196 -27.90 8.38 19.88
C ILE A 196 -29.42 8.58 19.97
N THR A 197 -29.96 8.39 21.18
CA THR A 197 -31.42 8.34 21.38
C THR A 197 -31.85 9.27 22.53
N CYS A 198 -32.81 10.14 22.23
CA CYS A 198 -33.41 11.04 23.23
C CYS A 198 -34.50 10.27 23.98
N ASN A 199 -34.41 10.21 25.32
CA ASN A 199 -35.43 9.51 26.16
C ASN A 199 -36.23 10.53 26.97
N VAL A 200 -37.53 10.58 26.77
CA VAL A 200 -38.40 11.52 27.50
C VAL A 200 -39.44 10.73 28.30
N ALA A 201 -39.56 11.05 29.59
CA ALA A 201 -40.61 10.49 30.45
C ALA A 201 -41.51 11.60 30.94
N HIS A 202 -42.81 11.36 30.90
CA HIS A 202 -43.82 12.28 31.46
C HIS A 202 -44.71 11.43 32.37
N PRO A 203 -44.33 11.36 33.67
CA PRO A 203 -45.05 10.52 34.64
C PRO A 203 -46.55 10.81 34.69
N ALA A 204 -46.93 12.09 34.61
CA ALA A 204 -48.33 12.52 34.68
C ALA A 204 -49.26 11.86 33.67
N SER A 205 -48.75 11.51 32.48
CA SER A 205 -49.53 10.83 31.45
C SER A 205 -49.05 9.40 31.13
N SER A 206 -48.24 8.81 32.01
CA SER A 206 -47.64 7.49 31.81
C SER A 206 -46.94 7.32 30.45
N THR A 207 -46.27 8.38 30.01
CA THR A 207 -45.58 8.44 28.71
C THR A 207 -44.10 8.15 28.92
N LYS A 208 -43.58 7.18 28.18
CA LYS A 208 -42.14 6.99 28.01
C LYS A 208 -41.88 6.85 26.52
N VAL A 209 -41.07 7.74 25.99
CA VAL A 209 -40.80 7.78 24.56
C VAL A 209 -39.29 7.79 24.34
N ASP A 210 -38.86 7.06 23.31
CA ASP A 210 -37.47 7.02 22.88
C ASP A 210 -37.44 7.46 21.42
N LYS A 211 -36.66 8.49 21.10
CA LYS A 211 -36.50 8.95 19.70
C LYS A 211 -35.06 8.91 19.25
N LYS A 212 -34.77 8.01 18.32
CA LYS A 212 -33.45 7.88 17.71
C LYS A 212 -33.18 9.10 16.80
N ILE A 213 -31.97 9.65 16.86
CA ILE A 213 -31.58 10.78 16.01
C ILE A 213 -30.99 10.26 14.70
N GLU A 214 -31.80 10.33 13.63
CA GLU A 214 -31.43 9.84 12.30
C GLU A 214 -30.98 11.04 11.45
N PRO A 215 -29.94 10.87 10.59
CA PRO A 215 -29.61 11.99 9.68
C PRO A 215 -30.72 12.20 8.63
N ARG A 216 -30.85 13.41 8.12
CA ARG A 216 -31.96 13.77 7.25
C ARG A 216 -31.74 13.29 5.80
N GLY A 217 -32.71 12.58 5.24
CA GLY A 217 -32.73 12.24 3.81
C GLY A 217 -33.56 13.30 3.08
N PRO A 218 -33.14 13.73 1.87
CA PRO A 218 -33.90 14.75 1.14
C PRO A 218 -35.32 14.34 0.72
N ASP B 1 -44.12 36.40 62.66
CA ASP B 1 -43.14 35.76 61.74
C ASP B 1 -41.89 36.58 61.65
N ILE B 2 -40.75 35.90 61.63
CA ILE B 2 -39.47 36.53 61.40
C ILE B 2 -39.24 36.54 59.91
N VAL B 3 -38.93 37.73 59.38
CA VAL B 3 -38.72 37.92 57.94
C VAL B 3 -37.22 38.08 57.71
N LEU B 4 -36.66 37.26 56.84
CA LEU B 4 -35.24 37.30 56.51
C LEU B 4 -35.05 37.98 55.15
N THR B 5 -34.17 38.99 55.10
CA THR B 5 -33.93 39.76 53.90
C THR B 5 -32.47 39.64 53.53
N GLN B 6 -32.22 39.10 52.32
CA GLN B 6 -30.84 38.89 51.88
C GLN B 6 -30.36 40.01 51.01
N SER B 7 -29.06 40.20 51.01
CA SER B 7 -28.42 41.07 50.04
C SER B 7 -26.99 40.61 49.83
N PRO B 8 -26.41 40.83 48.66
CA PRO B 8 -27.12 41.34 47.49
C PRO B 8 -28.01 40.24 46.88
N ALA B 9 -28.80 40.62 45.90
CA ALA B 9 -29.65 39.65 45.18
C ALA B 9 -28.81 38.71 44.36
N SER B 10 -27.77 39.24 43.72
CA SER B 10 -26.77 38.43 43.02
C SER B 10 -25.44 39.13 42.95
N LEU B 11 -24.43 38.42 42.50
CA LEU B 11 -23.05 38.79 42.74
C LEU B 11 -22.13 37.96 41.85
N ALA B 12 -21.11 38.58 41.29
CA ALA B 12 -20.15 37.91 40.40
C ALA B 12 -18.69 38.01 40.90
N VAL B 13 -18.10 36.86 41.19
CA VAL B 13 -16.80 36.75 41.85
C VAL B 13 -15.82 35.92 41.03
N SER B 14 -14.55 36.31 41.00
CA SER B 14 -13.52 35.55 40.28
C SER B 14 -13.04 34.36 41.09
N LEU B 15 -12.58 33.31 40.40
CA LEU B 15 -12.02 32.12 41.06
C LEU B 15 -10.91 32.54 41.98
N GLY B 16 -10.93 32.03 43.22
CA GLY B 16 -9.90 32.35 44.22
C GLY B 16 -10.21 33.53 45.12
N GLN B 17 -11.13 34.40 44.72
CA GLN B 17 -11.56 35.56 45.54
C GLN B 17 -12.57 35.13 46.64
N ARG B 18 -13.00 36.14 47.41
CA ARG B 18 -13.99 35.97 48.50
C ARG B 18 -15.35 36.50 48.08
N ALA B 19 -16.39 35.76 48.43
CA ALA B 19 -17.78 36.18 48.26
C ALA B 19 -18.39 36.35 49.65
N THR B 20 -19.14 37.44 49.83
CA THR B 20 -19.77 37.73 51.10
C THR B 20 -21.24 38.00 50.84
N ILE B 21 -22.10 37.20 51.48
CA ILE B 21 -23.55 37.31 51.33
C ILE B 21 -24.15 37.60 52.69
N SER B 22 -25.07 38.55 52.75
CA SER B 22 -25.69 38.99 54.00
C SER B 22 -27.12 38.52 54.16
N CYS B 23 -27.56 38.50 55.42
CA CYS B 23 -28.94 38.14 55.76
C CYS B 23 -29.33 38.91 57.02
N ARG B 24 -30.43 39.65 56.92
CA ARG B 24 -30.94 40.48 58.00
C ARG B 24 -32.31 39.98 58.44
N ALA B 25 -32.47 39.79 59.75
CA ALA B 25 -33.75 39.36 60.33
C ALA B 25 -34.53 40.56 60.86
N SER B 26 -35.86 40.47 60.75
CA SER B 26 -36.77 41.52 61.18
C SER B 26 -36.78 41.67 62.70
N GLU B 27 -36.49 40.57 63.40
CA GLU B 27 -36.24 40.57 64.83
C GLU B 27 -35.21 39.49 65.15
N SER B 28 -34.68 39.54 66.37
CA SER B 28 -33.60 38.65 66.80
C SER B 28 -33.98 37.16 66.66
N VAL B 29 -33.02 36.39 66.13
CA VAL B 29 -33.12 34.94 66.07
C VAL B 29 -32.34 34.24 67.20
N ASP B 30 -31.83 35.02 68.16
CA ASP B 30 -31.16 34.45 69.34
C ASP B 30 -32.17 33.77 70.25
N ASN B 31 -31.80 32.58 70.72
CA ASN B 31 -32.59 31.86 71.72
C ASN B 31 -31.72 30.79 72.39
N TYR B 32 -31.77 30.74 73.72
CA TYR B 32 -30.90 29.86 74.51
C TYR B 32 -29.40 30.11 74.23
N GLY B 33 -29.04 31.39 74.05
CA GLY B 33 -27.65 31.79 73.80
C GLY B 33 -27.07 31.39 72.46
N ILE B 34 -27.91 30.91 71.54
CA ILE B 34 -27.51 30.43 70.23
C ILE B 34 -28.27 31.24 69.19
N SER B 35 -27.56 31.73 68.19
CA SER B 35 -28.21 32.41 67.06
C SER B 35 -28.71 31.36 66.08
N SER B 36 -30.02 31.16 66.02
CA SER B 36 -30.59 30.13 65.17
C SER B 36 -30.66 30.60 63.73
N MET B 37 -29.52 30.52 63.04
CA MET B 37 -29.36 30.96 61.65
C MET B 37 -28.61 29.88 60.87
N ASN B 38 -29.22 29.40 59.79
CA ASN B 38 -28.67 28.34 58.94
C ASN B 38 -28.52 28.82 57.52
N TRP B 39 -27.59 28.22 56.79
CA TRP B 39 -27.37 28.53 55.38
C TRP B 39 -27.45 27.29 54.51
N PHE B 40 -28.05 27.45 53.35
CA PHE B 40 -28.20 26.37 52.39
C PHE B 40 -27.71 26.78 51.02
N GLN B 41 -27.25 25.79 50.26
CA GLN B 41 -26.82 25.96 48.87
C GLN B 41 -27.76 25.20 47.96
N GLN B 42 -28.30 25.88 46.96
CA GLN B 42 -29.13 25.21 45.97
C GLN B 42 -28.50 25.34 44.59
N LYS B 43 -27.95 24.24 44.10
CA LYS B 43 -27.47 24.18 42.70
C LYS B 43 -28.70 23.98 41.82
N ALA B 44 -28.49 24.09 40.51
CA ALA B 44 -29.58 24.00 39.55
C ALA B 44 -30.21 22.60 39.50
N GLY B 45 -31.55 22.56 39.59
CA GLY B 45 -32.29 21.29 39.50
C GLY B 45 -32.16 20.38 40.72
N GLN B 46 -31.87 20.99 41.87
CA GLN B 46 -31.46 20.28 43.06
C GLN B 46 -32.23 20.76 44.27
N PRO B 47 -32.34 19.92 45.29
CA PRO B 47 -32.83 20.42 46.57
C PRO B 47 -31.79 21.30 47.21
N PRO B 48 -32.19 22.12 48.20
CA PRO B 48 -31.19 22.83 48.99
C PRO B 48 -30.30 21.88 49.77
N LYS B 49 -29.06 22.30 49.98
CA LYS B 49 -28.08 21.52 50.70
C LYS B 49 -27.64 22.29 51.92
N PHE B 50 -27.50 21.59 53.03
CA PHE B 50 -27.27 22.21 54.31
C PHE B 50 -25.77 22.48 54.48
N LEU B 51 -25.42 23.73 54.79
CA LEU B 51 -24.03 24.17 54.92
C LEU B 51 -23.60 24.61 56.32
N ILE B 52 -24.31 25.56 56.89
CA ILE B 52 -23.96 26.18 58.16
C ILE B 52 -25.16 26.12 59.11
N TYR B 53 -24.89 25.93 60.40
CA TYR B 53 -25.89 26.06 61.46
C TYR B 53 -25.37 26.88 62.62
N ALA B 54 -26.29 27.30 63.49
CA ALA B 54 -25.96 28.14 64.64
C ALA B 54 -25.06 29.33 64.23
N ALA B 55 -25.39 29.95 63.10
CA ALA B 55 -24.69 31.13 62.55
C ALA B 55 -23.27 30.90 61.99
N SER B 56 -22.43 30.22 62.77
CA SER B 56 -21.00 30.08 62.45
C SER B 56 -20.47 28.65 62.36
N LYS B 57 -21.29 27.63 62.64
CA LYS B 57 -20.79 26.26 62.73
C LYS B 57 -21.07 25.51 61.46
N GLN B 58 -20.07 24.78 60.96
CA GLN B 58 -20.21 24.09 59.67
C GLN B 58 -20.94 22.78 59.82
N GLY B 59 -21.79 22.48 58.85
CA GLY B 59 -22.51 21.23 58.82
C GLY B 59 -21.56 20.07 58.65
N SER B 60 -22.01 18.90 59.07
CA SER B 60 -21.16 17.70 59.06
C SER B 60 -20.74 17.39 57.61
N GLY B 61 -19.42 17.30 57.36
CA GLY B 61 -18.89 17.05 56.01
C GLY B 61 -18.78 18.21 55.04
N VAL B 62 -19.19 19.42 55.46
CA VAL B 62 -19.21 20.60 54.58
C VAL B 62 -17.79 21.18 54.43
N PRO B 63 -17.39 21.59 53.19
CA PRO B 63 -16.01 22.09 52.98
C PRO B 63 -15.57 23.31 53.78
N ALA B 64 -14.25 23.44 53.94
CA ALA B 64 -13.57 24.46 54.76
C ALA B 64 -13.87 25.90 54.35
N ARG B 65 -14.02 26.10 53.04
CA ARG B 65 -14.17 27.43 52.46
C ARG B 65 -15.51 28.15 52.74
N PHE B 66 -16.54 27.40 53.13
CA PHE B 66 -17.81 27.99 53.60
C PHE B 66 -17.72 28.25 55.10
N SER B 67 -17.90 29.50 55.51
CA SER B 67 -17.95 29.86 56.92
C SER B 67 -19.03 30.89 57.12
N GLY B 68 -19.54 31.02 58.35
CA GLY B 68 -20.56 32.01 58.64
C GLY B 68 -20.25 32.85 59.87
N SER B 69 -20.88 34.01 59.96
CA SER B 69 -20.78 34.85 61.15
C SER B 69 -22.06 35.62 61.42
N GLY B 70 -22.12 36.18 62.62
CA GLY B 70 -23.20 37.05 63.06
C GLY B 70 -23.93 36.61 64.32
N SER B 71 -24.76 37.52 64.82
CA SER B 71 -25.69 37.25 65.91
C SER B 71 -26.83 38.27 65.91
N GLY B 72 -27.92 37.95 66.60
CA GLY B 72 -29.05 38.87 66.72
C GLY B 72 -29.80 38.99 65.42
N THR B 73 -29.61 40.10 64.70
CA THR B 73 -30.32 40.34 63.44
C THR B 73 -29.45 40.33 62.19
N ASP B 74 -28.13 40.44 62.29
CA ASP B 74 -27.28 40.55 61.11
C ASP B 74 -26.31 39.40 61.01
N PHE B 75 -26.33 38.73 59.86
CA PHE B 75 -25.52 37.53 59.63
C PHE B 75 -24.92 37.56 58.27
N SER B 76 -23.91 36.74 58.06
CA SER B 76 -23.34 36.59 56.73
C SER B 76 -22.67 35.24 56.48
N LEU B 77 -22.75 34.80 55.22
CA LEU B 77 -22.04 33.65 54.70
C LEU B 77 -20.85 34.16 53.92
N ILE B 78 -19.68 33.59 54.16
CA ILE B 78 -18.45 33.92 53.45
C ILE B 78 -17.94 32.68 52.73
N ILE B 79 -17.52 32.85 51.49
CA ILE B 79 -16.95 31.76 50.70
C ILE B 79 -15.55 32.20 50.27
N HIS B 80 -14.53 31.47 50.68
CA HIS B 80 -13.14 31.81 50.30
C HIS B 80 -12.23 30.59 50.41
N PRO B 81 -11.58 30.14 49.33
CA PRO B 81 -11.64 30.71 47.98
C PRO B 81 -12.82 30.19 47.15
N VAL B 82 -13.41 31.05 46.33
CA VAL B 82 -14.51 30.68 45.43
C VAL B 82 -14.05 29.73 44.33
N GLU B 83 -14.88 28.75 44.01
CA GLU B 83 -14.56 27.72 43.00
C GLU B 83 -15.67 27.64 41.96
N GLU B 84 -15.33 27.07 40.79
CA GLU B 84 -16.29 26.90 39.68
C GLU B 84 -17.62 26.30 40.15
N ASP B 85 -17.49 25.26 40.98
CA ASP B 85 -18.61 24.48 41.48
C ASP B 85 -19.53 25.21 42.46
N ASP B 86 -19.05 26.33 43.01
CA ASP B 86 -19.83 27.14 43.95
C ASP B 86 -20.93 28.01 43.34
N THR B 87 -21.06 28.02 42.01
CA THR B 87 -22.18 28.69 41.34
C THR B 87 -23.50 28.07 41.78
N ALA B 88 -24.34 28.89 42.41
CA ALA B 88 -25.57 28.43 43.04
C ALA B 88 -26.37 29.59 43.64
N VAL B 89 -27.54 29.27 44.18
CA VAL B 89 -28.33 30.21 44.98
C VAL B 89 -28.17 29.81 46.45
N TYR B 90 -27.86 30.79 47.30
CA TYR B 90 -27.63 30.57 48.72
C TYR B 90 -28.77 31.17 49.53
N PHE B 91 -29.37 30.39 50.41
CA PHE B 91 -30.46 30.84 51.27
C PHE B 91 -30.06 30.86 52.73
N CYS B 92 -30.43 31.92 53.44
CA CYS B 92 -30.39 31.92 54.91
C CYS B 92 -31.76 31.45 55.41
N GLN B 93 -31.77 30.92 56.63
CA GLN B 93 -32.98 30.32 57.19
C GLN B 93 -32.92 30.32 58.71
N GLN B 94 -34.07 30.50 59.35
CA GLN B 94 -34.16 30.81 60.78
C GLN B 94 -35.01 29.76 61.49
N SER B 95 -34.44 29.11 62.50
CA SER B 95 -35.16 28.08 63.24
C SER B 95 -35.45 28.46 64.70
N LYS B 96 -35.44 29.76 65.01
CA LYS B 96 -35.70 30.20 66.39
C LYS B 96 -37.06 29.74 66.87
N GLY B 97 -38.07 29.85 66.02
CA GLY B 97 -39.37 29.29 66.34
C GLY B 97 -40.27 29.20 65.15
N VAL B 98 -41.36 28.50 65.36
CA VAL B 98 -42.37 28.28 64.35
C VAL B 98 -43.15 29.59 64.08
N PRO B 99 -43.33 30.00 62.81
CA PRO B 99 -42.92 29.28 61.60
C PRO B 99 -41.46 29.53 61.23
N TYR B 100 -40.81 28.47 60.76
CA TYR B 100 -39.45 28.55 60.27
C TYR B 100 -39.51 29.27 58.93
N THR B 101 -38.58 30.18 58.68
CA THR B 101 -38.63 31.02 57.50
C THR B 101 -37.29 31.10 56.79
N PHE B 102 -37.36 31.24 55.46
CA PHE B 102 -36.18 31.31 54.60
C PHE B 102 -36.04 32.70 54.02
N GLY B 103 -34.82 33.09 53.70
CA GLY B 103 -34.56 34.28 52.91
C GLY B 103 -34.93 34.09 51.44
N GLY B 104 -34.82 35.16 50.67
CA GLY B 104 -35.16 35.16 49.25
C GLY B 104 -34.12 34.54 48.36
N GLY B 105 -32.96 34.24 48.92
CA GLY B 105 -31.84 33.68 48.18
C GLY B 105 -30.96 34.73 47.50
N THR B 106 -29.68 34.40 47.34
CA THR B 106 -28.68 35.23 46.68
C THR B 106 -27.95 34.37 45.66
N LYS B 107 -27.88 34.84 44.42
CA LYS B 107 -27.30 34.11 43.30
C LYS B 107 -25.80 34.41 43.19
N LEU B 108 -24.95 33.39 43.32
CA LEU B 108 -23.53 33.56 43.08
C LEU B 108 -23.18 33.10 41.67
N GLU B 109 -22.54 34.00 40.93
CA GLU B 109 -22.04 33.73 39.59
C GLU B 109 -20.50 33.76 39.65
N ILE B 110 -19.87 32.89 38.89
CA ILE B 110 -18.41 32.83 38.81
C ILE B 110 -17.96 33.56 37.55
N LYS B 111 -17.02 34.49 37.73
CA LYS B 111 -16.44 35.22 36.60
C LYS B 111 -15.43 34.35 35.87
N ARG B 112 -15.43 34.43 34.55
CA ARG B 112 -14.47 33.74 33.70
C ARG B 112 -14.19 34.55 32.45
N ALA B 113 -13.19 34.13 31.68
CA ALA B 113 -12.86 34.83 30.45
C ALA B 113 -14.02 34.77 29.47
N ASP B 114 -14.19 35.82 28.67
CA ASP B 114 -15.26 35.86 27.66
C ASP B 114 -15.14 34.69 26.70
N ALA B 115 -16.27 34.21 26.19
CA ALA B 115 -16.29 33.08 25.26
C ALA B 115 -17.50 33.19 24.33
N ALA B 116 -17.25 33.12 23.01
CA ALA B 116 -18.31 33.20 22.02
C ALA B 116 -19.13 31.91 21.99
N PRO B 117 -20.42 32.00 21.63
CA PRO B 117 -21.26 30.81 21.58
C PRO B 117 -20.99 29.96 20.36
N THR B 118 -21.20 28.65 20.48
CA THR B 118 -21.23 27.75 19.32
C THR B 118 -22.69 27.65 18.88
N VAL B 119 -23.00 28.15 17.69
CA VAL B 119 -24.38 28.23 17.23
C VAL B 119 -24.74 27.10 16.26
N SER B 120 -25.81 26.37 16.56
CA SER B 120 -26.34 25.31 15.70
C SER B 120 -27.79 25.61 15.35
N ILE B 121 -28.18 25.39 14.09
CA ILE B 121 -29.57 25.63 13.64
C ILE B 121 -30.21 24.35 13.11
N PHE B 122 -31.50 24.18 13.40
CA PHE B 122 -32.24 22.93 13.18
C PHE B 122 -33.58 23.21 12.53
N PRO B 123 -33.79 22.72 11.28
CA PRO B 123 -35.12 22.82 10.70
C PRO B 123 -36.14 21.98 11.46
N PRO B 124 -37.43 22.19 11.16
CA PRO B 124 -38.43 21.30 11.72
C PRO B 124 -38.16 19.86 11.30
N SER B 125 -38.34 18.93 12.22
CA SER B 125 -38.14 17.50 11.94
C SER B 125 -39.25 16.96 11.04
N SER B 126 -38.97 15.88 10.34
CA SER B 126 -39.96 15.21 9.47
C SER B 126 -41.20 14.85 10.26
N GLU B 127 -40.99 14.36 11.50
CA GLU B 127 -42.09 13.97 12.35
C GLU B 127 -42.99 15.12 12.76
N GLN B 128 -42.41 16.27 13.05
CA GLN B 128 -43.21 17.46 13.40
C GLN B 128 -43.99 18.00 12.21
N LEU B 129 -43.38 17.98 11.02
CA LEU B 129 -44.03 18.47 9.80
C LEU B 129 -45.21 17.59 9.42
N THR B 130 -45.04 16.27 9.45
CA THR B 130 -46.15 15.34 9.16
C THR B 130 -47.27 15.36 10.22
N SER B 131 -46.99 15.89 11.42
CA SER B 131 -48.02 16.13 12.46
C SER B 131 -48.76 17.48 12.36
N GLY B 132 -48.31 18.36 11.47
CA GLY B 132 -48.99 19.65 11.24
C GLY B 132 -48.40 20.83 11.99
N GLY B 133 -47.22 20.65 12.56
CA GLY B 133 -46.51 21.73 13.25
C GLY B 133 -45.23 22.08 12.53
N ALA B 134 -44.60 23.14 13.02
CA ALA B 134 -43.29 23.55 12.51
C ALA B 134 -42.59 24.44 13.53
N SER B 135 -41.44 23.98 14.04
CA SER B 135 -40.60 24.75 14.97
C SER B 135 -39.17 24.78 14.46
N VAL B 136 -38.59 25.97 14.34
CA VAL B 136 -37.17 26.11 13.99
C VAL B 136 -36.40 26.50 15.25
N VAL B 137 -35.31 25.78 15.50
CA VAL B 137 -34.58 25.82 16.76
C VAL B 137 -33.12 26.19 16.55
N CYS B 138 -32.62 27.12 17.35
CA CYS B 138 -31.22 27.54 17.37
C CYS B 138 -30.64 27.31 18.76
N PHE B 139 -29.51 26.61 18.84
CA PHE B 139 -28.79 26.43 20.09
C PHE B 139 -27.56 27.32 20.10
N LEU B 140 -27.40 28.12 21.17
CA LEU B 140 -26.22 28.96 21.38
C LEU B 140 -25.53 28.43 22.63
N ASN B 141 -24.47 27.65 22.47
CA ASN B 141 -23.88 26.90 23.59
C ASN B 141 -22.52 27.40 24.08
N ASN B 142 -22.37 27.40 25.42
CA ASN B 142 -21.09 27.62 26.12
C ASN B 142 -20.48 28.99 25.87
N PHE B 143 -21.18 30.03 26.28
CA PHE B 143 -20.71 31.41 26.13
C PHE B 143 -20.67 32.15 27.47
N TYR B 144 -19.92 33.26 27.50
CA TYR B 144 -19.86 34.14 28.65
C TYR B 144 -19.55 35.57 28.19
N PRO B 145 -20.21 36.60 28.72
CA PRO B 145 -21.23 36.54 29.80
C PRO B 145 -22.60 36.14 29.34
N LYS B 146 -23.53 36.05 30.27
CA LYS B 146 -24.91 35.62 29.97
C LYS B 146 -25.61 36.52 28.94
N ASP B 147 -25.28 37.82 28.92
CA ASP B 147 -25.88 38.78 27.98
C ASP B 147 -25.65 38.41 26.54
N ILE B 148 -26.73 38.13 25.83
CA ILE B 148 -26.69 37.80 24.42
C ILE B 148 -27.98 38.25 23.74
N ASN B 149 -27.91 38.48 22.44
CA ASN B 149 -29.06 38.87 21.62
C ASN B 149 -29.20 37.91 20.44
N VAL B 150 -30.43 37.51 20.15
CA VAL B 150 -30.72 36.67 19.02
C VAL B 150 -31.74 37.37 18.14
N LYS B 151 -31.59 37.23 16.82
CA LYS B 151 -32.47 37.85 15.83
C LYS B 151 -32.85 36.80 14.78
N TRP B 152 -34.15 36.63 14.54
CA TRP B 152 -34.62 35.73 13.48
C TRP B 152 -34.96 36.52 12.23
N LYS B 153 -34.58 35.95 11.07
CA LYS B 153 -34.92 36.50 9.76
C LYS B 153 -35.60 35.40 8.95
N ILE B 154 -36.72 35.71 8.30
CA ILE B 154 -37.38 34.81 7.37
C ILE B 154 -37.39 35.48 5.99
N ASP B 155 -36.61 34.92 5.05
CA ASP B 155 -36.39 35.51 3.72
C ASP B 155 -35.74 36.90 3.79
N GLY B 156 -34.75 37.05 4.68
CA GLY B 156 -34.04 38.31 4.90
C GLY B 156 -34.78 39.38 5.70
N SER B 157 -35.97 39.04 6.21
CA SER B 157 -36.92 39.96 6.81
C SER B 157 -37.05 39.63 8.29
N GLU B 158 -36.85 40.59 9.18
CA GLU B 158 -36.83 40.30 10.63
C GLU B 158 -38.18 39.80 11.16
N ARG B 159 -38.12 38.86 12.10
CA ARG B 159 -39.29 38.21 12.68
C ARG B 159 -39.21 38.23 14.22
N GLN B 160 -40.35 38.49 14.87
CA GLN B 160 -40.40 38.53 16.34
C GLN B 160 -41.43 37.62 17.03
N ASN B 161 -42.62 37.48 16.44
CA ASN B 161 -43.67 36.65 17.06
C ASN B 161 -43.39 35.18 16.89
N GLY B 162 -43.69 34.40 17.92
CA GLY B 162 -43.43 32.96 17.95
C GLY B 162 -42.05 32.57 18.43
N VAL B 163 -41.23 33.53 18.87
CA VAL B 163 -39.88 33.27 19.37
C VAL B 163 -39.89 33.09 20.88
N LEU B 164 -39.20 32.07 21.36
CA LEU B 164 -39.04 31.79 22.78
C LEU B 164 -37.61 31.39 23.12
N ASN B 165 -37.05 32.08 24.13
CA ASN B 165 -35.67 31.89 24.57
C ASN B 165 -35.59 31.34 25.99
N SER B 166 -34.71 30.36 26.19
CA SER B 166 -34.51 29.71 27.48
C SER B 166 -33.01 29.56 27.75
N TRP B 167 -32.53 30.13 28.88
CA TRP B 167 -31.12 30.06 29.27
C TRP B 167 -30.90 28.95 30.30
N THR B 168 -29.77 28.26 30.25
CA THR B 168 -29.37 27.40 31.36
C THR B 168 -28.89 28.28 32.52
N ASP B 169 -28.86 27.68 33.71
CA ASP B 169 -28.09 28.26 34.82
C ASP B 169 -26.62 28.04 34.49
N GLN B 170 -25.74 28.81 35.15
CA GLN B 170 -24.32 28.73 34.87
C GLN B 170 -23.78 27.31 35.09
N ASP B 171 -22.85 26.89 34.25
CA ASP B 171 -22.30 25.54 34.30
C ASP B 171 -21.39 25.38 35.52
N SER B 172 -21.49 24.28 36.21
CA SER B 172 -20.67 23.99 37.39
C SER B 172 -19.23 23.64 37.06
N LYS B 173 -18.94 23.22 35.81
CA LYS B 173 -17.60 22.82 35.40
C LYS B 173 -16.82 23.96 34.72
N ASP B 174 -17.42 24.54 33.68
CA ASP B 174 -16.74 25.57 32.85
C ASP B 174 -17.29 27.00 32.97
N SER B 175 -18.19 27.24 33.90
CA SER B 175 -18.68 28.59 34.20
C SER B 175 -19.32 29.33 33.01
N THR B 176 -19.81 28.58 32.02
CA THR B 176 -20.47 29.19 30.87
C THR B 176 -21.98 29.07 30.97
N TYR B 177 -22.64 29.76 30.06
CA TYR B 177 -24.07 29.73 29.89
C TYR B 177 -24.38 29.15 28.51
N SER B 178 -25.53 28.53 28.37
CA SER B 178 -26.03 28.06 27.07
C SER B 178 -27.49 28.49 26.91
N MET B 179 -27.98 28.49 25.68
CA MET B 179 -29.32 29.05 25.41
C MET B 179 -29.99 28.40 24.19
N SER B 180 -31.30 28.21 24.26
CA SER B 180 -32.11 27.78 23.11
C SER B 180 -33.08 28.89 22.70
N SER B 181 -33.13 29.17 21.41
CA SER B 181 -34.11 30.08 20.82
C SER B 181 -34.96 29.29 19.84
N THR B 182 -36.28 29.36 20.00
CA THR B 182 -37.21 28.54 19.26
C THR B 182 -38.29 29.39 18.58
N LEU B 183 -38.19 29.50 17.25
CA LEU B 183 -39.24 30.10 16.42
C LEU B 183 -40.27 29.06 16.07
N THR B 184 -41.50 29.26 16.53
CA THR B 184 -42.60 28.33 16.21
C THR B 184 -43.56 29.06 15.24
N LEU B 185 -43.93 28.34 14.17
CA LEU B 185 -44.81 28.81 13.13
C LEU B 185 -45.88 27.76 12.87
N THR B 186 -46.94 28.14 12.17
CA THR B 186 -47.83 27.15 11.55
C THR B 186 -47.07 26.47 10.42
N LYS B 187 -47.41 25.21 10.15
CA LYS B 187 -46.85 24.51 8.99
C LYS B 187 -47.13 25.26 7.69
N ASP B 188 -48.33 25.81 7.56
CA ASP B 188 -48.72 26.64 6.39
C ASP B 188 -47.77 27.81 6.15
N GLU B 189 -47.43 28.54 7.21
CA GLU B 189 -46.51 29.67 7.10
C GLU B 189 -45.06 29.24 6.90
N TYR B 190 -44.66 28.13 7.54
CA TYR B 190 -43.31 27.57 7.32
C TYR B 190 -43.08 27.30 5.84
N GLU B 191 -44.08 26.69 5.18
CA GLU B 191 -43.92 26.25 3.80
C GLU B 191 -44.05 27.38 2.76
N ARG B 192 -44.51 28.57 3.13
CA ARG B 192 -44.48 29.74 2.22
C ARG B 192 -43.07 30.25 2.00
N HIS B 193 -42.39 30.55 3.08
CA HIS B 193 -41.08 31.17 3.03
C HIS B 193 -40.00 30.08 2.86
N ASN B 194 -38.82 30.47 2.38
CA ASN B 194 -37.75 29.52 2.06
C ASN B 194 -36.50 29.62 2.95
N SER B 195 -36.03 30.84 3.18
CA SER B 195 -34.77 31.09 3.87
C SER B 195 -34.98 31.46 5.35
N TYR B 196 -34.47 30.63 6.24
CA TYR B 196 -34.58 30.85 7.69
C TYR B 196 -33.19 31.09 8.27
N THR B 197 -33.05 32.21 8.97
CA THR B 197 -31.76 32.66 9.53
C THR B 197 -31.86 33.00 11.01
N CYS B 198 -30.74 32.82 11.70
CA CYS B 198 -30.62 32.96 13.16
C CYS B 198 -29.31 33.70 13.48
N GLU B 199 -29.42 34.96 13.94
CA GLU B 199 -28.23 35.84 14.16
C GLU B 199 -27.97 36.09 15.65
N ALA B 200 -26.74 35.79 16.09
CA ALA B 200 -26.32 35.92 17.48
C ALA B 200 -25.37 37.11 17.60
N THR B 201 -25.83 38.17 18.25
CA THR B 201 -24.95 39.30 18.63
C THR B 201 -24.51 39.10 20.08
N HIS B 202 -23.21 39.20 20.31
CA HIS B 202 -22.61 38.91 21.61
C HIS B 202 -21.38 39.79 21.84
N LYS B 203 -21.11 40.09 23.10
CA LYS B 203 -19.96 40.91 23.51
C LYS B 203 -18.62 40.59 22.80
N THR B 204 -18.39 39.29 22.55
CA THR B 204 -17.14 38.75 22.03
C THR B 204 -16.74 39.18 20.63
N SER B 205 -17.73 39.51 19.80
CA SER B 205 -17.51 39.94 18.42
C SER B 205 -18.45 41.07 18.05
N THR B 206 -17.95 42.07 17.34
CA THR B 206 -18.77 43.19 16.87
C THR B 206 -19.82 42.70 15.86
N SER B 207 -19.39 41.93 14.85
CA SER B 207 -20.30 41.41 13.82
C SER B 207 -20.87 40.05 14.27
N PRO B 208 -22.15 39.78 13.94
CA PRO B 208 -22.83 38.61 14.54
C PRO B 208 -22.37 37.25 13.99
N ILE B 209 -22.70 36.19 14.72
CA ILE B 209 -22.54 34.82 14.24
C ILE B 209 -23.87 34.46 13.58
N VAL B 210 -23.84 34.18 12.28
CA VAL B 210 -25.03 33.86 11.48
C VAL B 210 -25.04 32.38 11.11
N LYS B 211 -26.19 31.71 11.33
CA LYS B 211 -26.40 30.33 10.88
C LYS B 211 -27.75 30.22 10.18
N SER B 212 -27.76 29.53 9.03
CA SER B 212 -28.90 29.59 8.10
C SER B 212 -29.13 28.27 7.35
N PHE B 213 -30.34 28.12 6.82
CA PHE B 213 -30.65 27.06 5.85
C PHE B 213 -31.77 27.49 4.92
N ASN B 214 -31.92 26.75 3.83
CA ASN B 214 -33.07 26.88 2.93
C ASN B 214 -33.92 25.63 2.99
N ARG B 215 -35.24 25.82 2.97
CA ARG B 215 -36.20 24.73 3.17
C ARG B 215 -36.08 23.60 2.14
N ASN B 216 -35.75 23.94 0.90
CA ASN B 216 -35.55 22.89 -0.13
C ASN B 216 -34.12 22.29 -0.16
N GLU B 217 -33.37 21.95 0.91
CA GLU B 217 -32.05 21.27 0.66
C GLU B 217 -31.97 19.97 1.43
N HYP C 21 -30.04 16.84 68.11
CA HYP C 21 -29.03 16.83 67.01
C HYP C 21 -29.01 15.61 66.09
O HYP C 21 -28.80 15.77 64.88
CB HYP C 21 -27.66 17.02 67.70
CG HYP C 21 -27.97 17.14 69.20
CD HYP C 21 -29.47 16.84 69.46
OD1 HYP C 21 -27.68 18.47 69.56
N GLY C 22 -29.17 14.40 66.65
CA GLY C 22 -29.52 13.19 65.88
C GLY C 22 -31.03 12.96 65.85
N GLU C 23 -31.75 13.84 66.53
CA GLU C 23 -33.19 13.83 66.67
C GLU C 23 -33.78 15.09 65.97
N ARG C 24 -33.42 16.24 66.51
CA ARG C 24 -33.94 17.55 66.13
C ARG C 24 -33.20 18.13 64.93
N GLY C 25 -31.97 17.68 64.72
CA GLY C 25 -31.11 18.18 63.67
C GLY C 25 -30.27 19.33 64.12
N GLU C 26 -29.11 19.51 63.50
CA GLU C 26 -28.27 20.68 63.73
C GLU C 26 -28.99 22.00 63.33
N THR C 27 -29.88 21.92 62.32
CA THR C 27 -30.67 23.08 61.88
C THR C 27 -31.97 23.30 62.67
N GLY C 28 -32.30 22.39 63.58
CA GLY C 28 -33.52 22.52 64.37
C GLY C 28 -33.49 23.64 65.41
N PRO C 29 -34.61 23.88 66.10
CA PRO C 29 -34.74 25.02 67.00
C PRO C 29 -33.93 24.87 68.29
N HYP C 30 -33.42 25.97 68.87
CA HYP C 30 -32.80 25.84 70.16
C HYP C 30 -33.61 25.33 71.33
O HYP C 30 -34.81 25.64 71.40
CB HYP C 30 -31.62 26.76 70.26
CG HYP C 30 -31.73 27.60 68.98
CD HYP C 30 -33.04 27.25 68.30
OD1 HYP C 30 -30.65 27.26 68.10
N GLY C 31 -33.00 24.56 72.21
CA GLY C 31 -33.74 23.82 73.24
C GLY C 31 -32.93 23.53 74.50
N PRO C 32 -33.61 23.35 75.66
CA PRO C 32 -32.90 23.24 76.93
C PRO C 32 -32.56 21.77 77.24
N GLU D 1 21.51 -2.86 -2.27
CA GLU D 1 22.15 -4.09 -1.74
C GLU D 1 21.18 -5.25 -1.74
N VAL D 2 21.72 -6.43 -2.02
CA VAL D 2 20.92 -7.67 -2.09
C VAL D 2 20.68 -8.13 -0.65
N LYS D 3 19.54 -8.75 -0.42
CA LYS D 3 19.14 -9.23 0.92
C LYS D 3 18.37 -10.55 0.81
N LEU D 4 18.86 -11.57 1.54
CA LEU D 4 18.20 -12.88 1.64
C LEU D 4 17.94 -13.25 3.07
N GLU D 5 16.70 -13.64 3.39
CA GLU D 5 16.35 -13.98 4.78
C GLU D 5 15.62 -15.31 4.86
N GLU D 6 16.32 -16.29 5.45
CA GLU D 6 15.76 -17.63 5.68
C GLU D 6 14.84 -17.59 6.91
N SER D 7 13.93 -18.55 6.99
CA SER D 7 13.12 -18.76 8.18
C SER D 7 12.60 -20.20 8.26
N GLY D 8 12.24 -20.62 9.45
CA GLY D 8 11.58 -21.91 9.66
C GLY D 8 12.48 -23.08 9.99
N GLY D 9 13.69 -22.81 10.47
CA GLY D 9 14.51 -23.88 11.05
C GLY D 9 14.01 -24.25 12.45
N GLY D 10 14.74 -25.14 13.11
CA GLY D 10 14.42 -25.52 14.48
C GLY D 10 14.63 -26.98 14.72
N LEU D 11 13.95 -27.49 15.74
CA LEU D 11 14.07 -28.89 16.15
C LEU D 11 12.95 -29.74 15.54
N VAL D 12 13.27 -30.98 15.20
CA VAL D 12 12.26 -31.94 14.72
C VAL D 12 12.70 -33.39 14.96
N GLN D 13 11.72 -34.26 15.14
CA GLN D 13 11.97 -35.67 15.43
C GLN D 13 12.42 -36.36 14.16
N PRO D 14 13.28 -37.40 14.28
CA PRO D 14 13.60 -38.20 13.11
C PRO D 14 12.36 -38.78 12.48
N GLY D 15 12.27 -38.69 11.15
CA GLY D 15 11.07 -39.07 10.40
C GLY D 15 10.08 -37.94 10.17
N GLY D 16 10.27 -36.80 10.84
CA GLY D 16 9.37 -35.65 10.75
C GLY D 16 9.63 -34.75 9.57
N SER D 17 8.91 -33.61 9.54
CA SER D 17 8.95 -32.69 8.39
C SER D 17 9.24 -31.28 8.81
N MET D 18 9.56 -30.45 7.83
CA MET D 18 9.91 -29.07 8.06
C MET D 18 9.92 -28.36 6.71
N LYS D 19 9.41 -27.12 6.69
CA LYS D 19 9.42 -26.29 5.49
C LYS D 19 10.24 -25.03 5.78
N LEU D 20 11.40 -24.92 5.16
CA LEU D 20 12.18 -23.69 5.24
C LEU D 20 11.63 -22.75 4.20
N SER D 21 11.80 -21.45 4.41
CA SER D 21 11.50 -20.48 3.37
C SER D 21 12.46 -19.29 3.39
N CYS D 22 12.56 -18.64 2.23
CA CYS D 22 13.58 -17.64 1.93
C CYS D 22 12.98 -16.44 1.22
N ALA D 23 13.13 -15.25 1.79
CA ALA D 23 12.67 -14.01 1.16
C ALA D 23 13.87 -13.28 0.55
N ALA D 24 13.76 -12.89 -0.71
CA ALA D 24 14.83 -12.19 -1.41
C ALA D 24 14.37 -10.84 -1.90
N SER D 25 15.29 -9.88 -1.91
CA SER D 25 15.07 -8.59 -2.59
C SER D 25 16.41 -8.05 -3.09
N GLY D 26 16.39 -7.01 -3.91
CA GLY D 26 17.64 -6.38 -4.42
C GLY D 26 18.06 -6.86 -5.81
N PHE D 27 17.38 -7.86 -6.38
CA PHE D 27 17.65 -8.33 -7.71
C PHE D 27 16.35 -8.83 -8.33
N THR D 28 16.29 -8.94 -9.65
CA THR D 28 15.08 -9.37 -10.32
C THR D 28 14.84 -10.86 -10.03
N PHE D 29 13.90 -11.12 -9.12
CA PHE D 29 13.74 -12.46 -8.56
C PHE D 29 13.31 -13.49 -9.60
N SER D 30 12.33 -13.16 -10.43
CA SER D 30 11.79 -14.16 -11.37
C SER D 30 12.81 -14.59 -12.43
N ASP D 31 13.85 -13.76 -12.62
CA ASP D 31 15.01 -14.09 -13.48
C ASP D 31 16.04 -15.01 -12.81
N ALA D 32 16.10 -14.99 -11.47
CA ALA D 32 17.20 -15.62 -10.77
C ALA D 32 17.04 -17.13 -10.59
N TRP D 33 18.15 -17.84 -10.70
CA TRP D 33 18.26 -19.23 -10.25
C TRP D 33 18.59 -19.19 -8.77
N MET D 34 17.88 -19.99 -7.99
CA MET D 34 18.01 -19.99 -6.54
C MET D 34 18.38 -21.40 -6.11
N ASP D 35 19.21 -21.49 -5.07
CA ASP D 35 19.60 -22.78 -4.51
C ASP D 35 19.51 -22.80 -2.99
N TRP D 36 19.48 -24.00 -2.41
CA TRP D 36 19.73 -24.21 -0.97
C TRP D 36 21.04 -24.98 -0.80
N VAL D 37 21.87 -24.51 0.14
CA VAL D 37 23.15 -25.13 0.50
C VAL D 37 23.16 -25.35 2.01
N ARG D 38 23.70 -26.45 2.49
CA ARG D 38 23.80 -26.69 3.93
C ARG D 38 25.23 -26.90 4.42
N GLN D 39 25.43 -26.69 5.71
CA GLN D 39 26.76 -26.79 6.32
C GLN D 39 26.72 -27.50 7.65
N SER D 40 27.54 -28.55 7.77
CA SER D 40 27.72 -29.30 9.00
C SER D 40 29.21 -29.41 9.25
N PRO D 41 29.62 -29.68 10.50
CA PRO D 41 31.02 -30.02 10.76
C PRO D 41 31.51 -31.31 10.08
N GLU D 42 30.61 -32.27 9.88
CA GLU D 42 30.96 -33.59 9.35
C GLU D 42 31.21 -33.56 7.83
N LYS D 43 30.30 -32.93 7.08
CA LYS D 43 30.33 -32.97 5.61
C LYS D 43 30.68 -31.64 4.92
N GLY D 44 30.91 -30.58 5.68
CA GLY D 44 31.29 -29.29 5.10
C GLY D 44 30.10 -28.65 4.38
N LEU D 45 30.39 -27.94 3.30
CA LEU D 45 29.37 -27.30 2.49
C LEU D 45 28.83 -28.28 1.44
N GLU D 46 27.53 -28.56 1.51
CA GLU D 46 26.82 -29.44 0.59
C GLU D 46 25.77 -28.64 -0.16
N TRP D 47 25.86 -28.62 -1.48
CA TRP D 47 24.72 -28.18 -2.29
C TRP D 47 23.59 -29.18 -2.08
N VAL D 48 22.39 -28.65 -1.85
CA VAL D 48 21.21 -29.47 -1.56
C VAL D 48 20.21 -29.51 -2.71
N ALA D 49 19.83 -28.34 -3.22
CA ALA D 49 18.84 -28.24 -4.30
C ALA D 49 18.87 -26.93 -5.09
N GLU D 50 18.44 -27.02 -6.34
CA GLU D 50 18.41 -25.91 -7.30
C GLU D 50 17.00 -25.76 -7.86
N ILE D 51 16.58 -24.52 -8.08
CA ILE D 51 15.44 -24.22 -8.92
C ILE D 51 15.80 -23.08 -9.86
N ARG D 52 15.52 -23.28 -11.15
CA ARG D 52 15.89 -22.33 -12.19
C ARG D 52 14.77 -21.35 -12.43
N ASN D 53 15.02 -20.41 -13.33
CA ASN D 53 14.06 -19.35 -13.61
C ASN D 53 12.95 -19.77 -14.59
N LYS D 54 12.05 -18.83 -14.82
CA LYS D 54 10.90 -19.02 -15.71
C LYS D 54 11.33 -19.45 -17.12
N VAL D 55 12.42 -18.86 -17.62
CA VAL D 55 12.94 -19.19 -18.95
C VAL D 55 13.41 -20.64 -19.03
N ASN D 56 13.93 -21.20 -17.93
CA ASN D 56 14.35 -22.61 -17.86
C ASN D 56 13.28 -23.53 -17.26
N ASN D 57 12.01 -23.17 -17.41
CA ASN D 57 10.87 -23.98 -16.95
C ASN D 57 10.84 -24.30 -15.45
N HIS D 58 11.44 -23.44 -14.64
CA HIS D 58 11.54 -23.67 -13.19
C HIS D 58 12.11 -25.06 -12.91
N ALA D 59 13.13 -25.45 -13.67
CA ALA D 59 13.69 -26.79 -13.57
C ALA D 59 14.31 -26.98 -12.18
N THR D 60 14.17 -28.17 -11.62
CA THR D 60 14.75 -28.47 -10.32
C THR D 60 15.82 -29.54 -10.41
N ASN D 61 16.76 -29.48 -9.48
CA ASN D 61 17.77 -30.52 -9.32
C ASN D 61 18.08 -30.71 -7.84
N TYR D 62 18.44 -31.93 -7.45
CA TYR D 62 18.71 -32.23 -6.03
C TYR D 62 19.98 -33.06 -5.87
N ALA D 63 20.62 -32.90 -4.71
CA ALA D 63 21.69 -33.80 -4.29
C ALA D 63 21.17 -35.19 -4.03
N GLU D 64 22.00 -36.19 -4.30
CA GLU D 64 21.57 -37.59 -4.20
C GLU D 64 20.97 -37.93 -2.84
N SER D 65 21.65 -37.50 -1.77
CA SER D 65 21.23 -37.82 -0.41
C SER D 65 19.86 -37.27 0.00
N VAL D 66 19.31 -36.30 -0.73
CA VAL D 66 17.99 -35.74 -0.43
C VAL D 66 16.87 -36.05 -1.43
N LYS D 67 17.20 -36.63 -2.60
CA LYS D 67 16.17 -36.96 -3.61
C LYS D 67 15.05 -37.80 -3.05
N GLY D 68 13.82 -37.45 -3.42
CA GLY D 68 12.65 -38.14 -2.93
C GLY D 68 12.11 -37.64 -1.61
N ARG D 69 12.95 -36.98 -0.82
CA ARG D 69 12.59 -36.46 0.51
C ARG D 69 12.41 -34.93 0.53
N PHE D 70 13.27 -34.21 -0.19
CA PHE D 70 13.26 -32.75 -0.22
C PHE D 70 12.62 -32.27 -1.52
N THR D 71 11.87 -31.16 -1.46
CA THR D 71 11.29 -30.54 -2.65
C THR D 71 11.51 -29.03 -2.60
N ILE D 72 12.03 -28.48 -3.69
CA ILE D 72 12.29 -27.05 -3.78
C ILE D 72 11.22 -26.44 -4.68
N SER D 73 10.73 -25.27 -4.30
CA SER D 73 9.76 -24.53 -5.12
C SER D 73 9.93 -23.03 -4.91
N ARG D 74 9.24 -22.24 -5.73
CA ARG D 74 9.29 -20.78 -5.64
C ARG D 74 7.94 -20.17 -5.92
N ASP D 75 7.68 -19.02 -5.33
CA ASP D 75 6.54 -18.18 -5.67
C ASP D 75 7.13 -16.89 -6.23
N ASP D 76 7.25 -16.82 -7.55
CA ASP D 76 7.81 -15.63 -8.22
C ASP D 76 7.02 -14.35 -7.90
N SER D 77 5.73 -14.46 -7.61
CA SER D 77 4.94 -13.28 -7.26
C SER D 77 5.30 -12.70 -5.87
N ARG D 78 5.70 -13.54 -4.93
CA ARG D 78 6.09 -13.10 -3.56
C ARG D 78 7.61 -12.94 -3.31
N SER D 79 8.42 -13.24 -4.33
CA SER D 79 9.87 -13.32 -4.21
C SER D 79 10.32 -14.25 -3.10
N VAL D 80 9.75 -15.46 -3.05
CA VAL D 80 10.13 -16.44 -2.02
C VAL D 80 10.47 -17.81 -2.61
N VAL D 81 11.46 -18.48 -2.01
CA VAL D 81 11.80 -19.87 -2.32
C VAL D 81 11.51 -20.69 -1.10
N TYR D 82 10.92 -21.87 -1.29
CA TYR D 82 10.64 -22.78 -0.19
C TYR D 82 11.51 -24.03 -0.35
N LEU D 83 11.78 -24.72 0.76
CA LEU D 83 12.35 -26.08 0.76
C LEU D 83 11.58 -26.97 1.74
N GLN D 84 10.70 -27.80 1.20
CA GLN D 84 9.94 -28.79 1.96
C GLN D 84 10.84 -29.99 2.20
N MET D 85 11.00 -30.41 3.45
CA MET D 85 11.86 -31.53 3.81
C MET D 85 11.04 -32.56 4.55
N ASN D 86 10.91 -33.75 3.98
CA ASN D 86 10.19 -34.86 4.61
C ASN D 86 11.10 -36.02 5.00
N ASN D 87 10.66 -36.81 5.97
CA ASN D 87 11.40 -37.97 6.44
C ASN D 87 12.85 -37.64 6.83
N LEU D 88 12.99 -36.59 7.65
CA LEU D 88 14.30 -36.07 8.07
C LEU D 88 15.06 -37.07 8.94
N LYS D 89 16.38 -37.02 8.82
CA LYS D 89 17.31 -37.94 9.49
C LYS D 89 18.34 -37.14 10.29
N PRO D 90 19.02 -37.79 11.25
CA PRO D 90 20.02 -37.07 12.04
C PRO D 90 21.08 -36.36 11.20
N GLU D 91 21.54 -37.00 10.13
CA GLU D 91 22.58 -36.38 9.27
C GLU D 91 22.10 -35.19 8.44
N ASP D 92 20.79 -34.97 8.35
CA ASP D 92 20.27 -33.74 7.74
C ASP D 92 20.51 -32.50 8.60
N THR D 93 20.85 -32.70 9.88
CA THR D 93 21.19 -31.60 10.79
C THR D 93 22.28 -30.69 10.23
N GLY D 94 22.05 -29.38 10.33
CA GLY D 94 23.04 -28.38 9.95
C GLY D 94 22.44 -27.00 9.73
N ILE D 95 23.29 -26.07 9.29
CA ILE D 95 22.90 -24.70 8.95
C ILE D 95 22.50 -24.69 7.47
N TYR D 96 21.31 -24.19 7.16
CA TYR D 96 20.77 -24.15 5.80
C TYR D 96 20.74 -22.73 5.25
N TYR D 97 21.55 -22.50 4.21
CA TYR D 97 21.62 -21.22 3.53
C TYR D 97 20.79 -21.25 2.26
N CYS D 98 20.07 -20.16 2.03
CA CYS D 98 19.37 -19.87 0.78
C CYS D 98 20.30 -18.99 -0.03
N THR D 99 20.55 -19.36 -1.29
CA THR D 99 21.47 -18.62 -2.16
C THR D 99 20.74 -18.11 -3.42
N GLY D 100 21.18 -16.97 -3.92
CA GLY D 100 20.58 -16.33 -5.09
C GLY D 100 21.62 -16.11 -6.18
N LEU D 101 21.17 -16.29 -7.44
CA LEU D 101 22.03 -16.26 -8.63
C LEU D 101 23.07 -17.35 -8.49
N THR D 102 22.56 -18.57 -8.45
CA THR D 102 23.31 -19.73 -7.97
C THR D 102 23.99 -19.41 -6.64
N PHE D 103 25.30 -19.15 -6.60
CA PHE D 103 25.98 -18.85 -5.32
C PHE D 103 26.61 -17.46 -5.26
N ASP D 104 26.05 -16.50 -6.00
CA ASP D 104 26.57 -15.13 -5.97
C ASP D 104 26.23 -14.46 -4.67
N TYR D 105 25.01 -14.71 -4.17
CA TYR D 105 24.50 -14.09 -2.95
C TYR D 105 24.00 -15.15 -1.97
N TRP D 106 24.26 -14.96 -0.67
CA TRP D 106 23.92 -15.92 0.39
C TRP D 106 23.14 -15.27 1.56
N GLY D 107 22.17 -16.00 2.09
CA GLY D 107 21.50 -15.58 3.32
C GLY D 107 22.32 -15.91 4.55
N GLN D 108 21.86 -15.43 5.72
CA GLN D 108 22.57 -15.60 6.98
C GLN D 108 22.53 -17.03 7.51
N GLY D 109 21.55 -17.81 7.04
CA GLY D 109 21.41 -19.19 7.38
C GLY D 109 20.34 -19.36 8.45
N THR D 110 19.74 -20.54 8.50
CA THR D 110 18.84 -20.94 9.58
C THR D 110 19.25 -22.34 10.01
N THR D 111 19.15 -22.65 11.31
CA THR D 111 19.65 -23.92 11.84
C THR D 111 18.55 -24.98 11.94
N LEU D 112 18.85 -26.19 11.44
CA LEU D 112 17.93 -27.33 11.53
C LEU D 112 18.61 -28.42 12.35
N THR D 113 17.91 -28.90 13.37
CA THR D 113 18.42 -29.93 14.27
C THR D 113 17.42 -31.08 14.25
N VAL D 114 17.89 -32.25 13.85
CA VAL D 114 17.08 -33.46 13.82
C VAL D 114 17.53 -34.34 14.97
N SER D 115 16.67 -34.44 15.98
CA SER D 115 16.98 -35.13 17.23
C SER D 115 15.66 -35.44 17.94
N SER D 116 15.65 -36.56 18.68
CA SER D 116 14.47 -36.88 19.52
C SER D 116 14.67 -36.36 20.93
N ALA D 117 15.82 -35.72 21.19
CA ALA D 117 16.01 -34.92 22.40
C ALA D 117 15.02 -33.75 22.43
N LYS D 118 14.78 -33.25 23.64
CA LYS D 118 13.72 -32.29 23.90
C LYS D 118 14.31 -30.90 23.98
N THR D 119 13.53 -29.92 23.57
CA THR D 119 13.90 -28.53 23.75
C THR D 119 14.07 -28.22 25.24
N THR D 120 15.17 -27.54 25.57
CA THR D 120 15.51 -27.15 26.95
C THR D 120 16.03 -25.72 26.90
N ALA D 121 15.43 -24.85 27.71
CA ALA D 121 15.87 -23.45 27.80
C ALA D 121 17.18 -23.35 28.60
N PRO D 122 17.96 -22.28 28.40
CA PRO D 122 19.22 -22.10 29.13
C PRO D 122 19.03 -21.44 30.50
N SER D 123 19.92 -21.79 31.43
CA SER D 123 20.13 -20.98 32.64
C SER D 123 21.19 -19.93 32.32
N VAL D 124 21.00 -18.70 32.79
CA VAL D 124 21.90 -17.59 32.50
C VAL D 124 22.37 -16.96 33.81
N TYR D 125 23.68 -16.99 34.02
CA TYR D 125 24.27 -16.61 35.29
C TYR D 125 25.23 -15.46 35.06
N PRO D 126 25.10 -14.38 35.84
CA PRO D 126 26.03 -13.28 35.71
C PRO D 126 27.32 -13.58 36.45
N LEU D 127 28.46 -13.37 35.80
CA LEU D 127 29.76 -13.61 36.42
C LEU D 127 30.45 -12.29 36.75
N ALA D 128 30.47 -11.95 38.04
CA ALA D 128 31.16 -10.75 38.52
C ALA D 128 32.57 -11.12 39.00
N PRO D 129 33.49 -10.14 39.08
CA PRO D 129 34.84 -10.44 39.53
C PRO D 129 34.91 -10.94 40.99
N VAL D 130 36.08 -11.43 41.37
CA VAL D 130 36.31 -12.07 42.66
C VAL D 130 36.06 -11.08 43.81
N CYS D 131 35.46 -11.60 44.89
CA CYS D 131 35.16 -10.82 46.07
C CYS D 131 36.36 -10.06 46.57
N GLY D 132 37.59 -10.56 46.39
CA GLY D 132 38.81 -9.85 46.68
C GLY D 132 39.01 -8.56 45.90
N GLY D 133 38.42 -8.46 44.73
CA GLY D 133 38.42 -7.21 43.94
C GLY D 133 39.73 -6.99 43.20
N THR D 134 39.71 -6.99 41.86
CA THR D 134 40.89 -6.64 41.05
C THR D 134 40.89 -5.14 40.76
N THR D 135 41.75 -4.39 41.47
CA THR D 135 42.05 -3.01 41.14
C THR D 135 43.11 -3.26 40.05
N GLY D 136 42.67 -3.23 38.78
CA GLY D 136 43.51 -2.81 37.62
C GLY D 136 43.02 -1.50 37.03
N SER D 137 43.48 -1.15 35.83
CA SER D 137 42.90 -0.01 35.07
C SER D 137 41.63 -0.38 34.25
N SER D 138 41.58 -1.66 33.91
CA SER D 138 40.40 -2.25 33.26
C SER D 138 39.92 -3.43 34.09
N VAL D 139 38.66 -3.80 33.87
CA VAL D 139 38.02 -4.93 34.57
C VAL D 139 37.23 -5.78 33.59
N THR D 140 37.23 -7.09 33.82
CA THR D 140 36.55 -8.06 32.96
C THR D 140 35.38 -8.71 33.72
N LEU D 141 34.20 -8.64 33.11
CA LEU D 141 32.99 -9.32 33.55
C LEU D 141 32.70 -10.48 32.63
N GLY D 142 31.75 -11.32 33.04
CA GLY D 142 31.41 -12.52 32.29
C GLY D 142 29.95 -12.89 32.35
N CYS D 143 29.56 -13.86 31.54
CA CYS D 143 28.18 -14.34 31.49
C CYS D 143 28.16 -15.79 31.02
N LEU D 144 27.59 -16.67 31.84
CA LEU D 144 27.57 -18.10 31.57
C LEU D 144 26.16 -18.52 31.18
N VAL D 145 26.05 -19.22 30.05
CA VAL D 145 24.80 -19.75 29.52
C VAL D 145 24.93 -21.27 29.53
N LYS D 146 24.17 -21.94 30.38
CA LYS D 146 24.35 -23.37 30.65
C LYS D 146 23.05 -24.15 30.39
N GLY D 147 23.19 -25.33 29.80
CA GLY D 147 22.13 -26.33 29.77
C GLY D 147 21.00 -26.16 28.76
N TYR D 148 21.33 -25.73 27.54
CA TYR D 148 20.31 -25.52 26.50
C TYR D 148 20.40 -26.47 25.32
N PHE D 149 19.27 -26.63 24.63
CA PHE D 149 19.18 -27.45 23.43
C PHE D 149 17.91 -27.10 22.68
N PRO D 150 17.93 -27.00 21.34
CA PRO D 150 19.12 -27.12 20.50
C PRO D 150 19.87 -25.80 20.38
N GLU D 151 20.87 -25.78 19.51
CA GLU D 151 21.49 -24.52 19.07
C GLU D 151 20.52 -23.77 18.15
N PRO D 152 20.63 -22.43 18.04
CA PRO D 152 21.61 -21.62 18.76
C PRO D 152 20.97 -20.71 19.80
N VAL D 153 21.80 -20.02 20.54
CA VAL D 153 21.41 -18.85 21.33
C VAL D 153 22.09 -17.67 20.69
N THR D 154 21.65 -16.48 21.08
CA THR D 154 22.34 -15.25 20.72
C THR D 154 22.52 -14.45 22.00
N LEU D 155 23.76 -13.99 22.23
CA LEU D 155 24.14 -13.25 23.42
C LEU D 155 24.64 -11.89 23.01
N THR D 156 24.16 -10.85 23.68
CA THR D 156 24.67 -9.48 23.50
C THR D 156 24.92 -8.84 24.87
N TRP D 157 25.58 -7.69 24.86
CA TRP D 157 25.85 -6.90 26.07
C TRP D 157 25.22 -5.50 25.90
N ASN D 158 24.37 -5.11 26.86
CA ASN D 158 23.55 -3.89 26.79
C ASN D 158 22.77 -3.80 25.49
N SER D 159 22.13 -4.91 25.13
CA SER D 159 21.27 -5.03 23.95
C SER D 159 21.95 -4.69 22.62
N GLY D 160 23.26 -4.96 22.53
CA GLY D 160 24.06 -4.64 21.34
C GLY D 160 24.95 -3.41 21.45
N SER D 161 24.63 -2.48 22.37
CA SER D 161 25.39 -1.22 22.55
C SER D 161 26.86 -1.44 22.82
N LEU D 162 27.15 -2.33 23.76
CA LEU D 162 28.53 -2.66 24.13
C LEU D 162 28.99 -3.86 23.29
N SER D 163 29.75 -3.57 22.24
CA SER D 163 30.15 -4.59 21.25
C SER D 163 31.65 -4.85 21.24
N SER D 164 32.49 -3.82 21.22
CA SER D 164 33.95 -4.04 21.23
C SER D 164 34.40 -4.38 22.65
N GLY D 165 35.53 -5.09 22.73
CA GLY D 165 36.01 -5.65 23.99
C GLY D 165 35.24 -6.88 24.46
N VAL D 166 34.48 -7.51 23.56
CA VAL D 166 33.66 -8.70 23.87
C VAL D 166 34.28 -9.94 23.25
N HIS D 167 34.24 -11.06 23.95
CA HIS D 167 34.62 -12.36 23.41
C HIS D 167 33.56 -13.37 23.79
N THR D 168 32.73 -13.77 22.83
CA THR D 168 31.72 -14.80 23.06
C THR D 168 32.24 -16.11 22.49
N PHE D 169 32.33 -17.15 23.31
CA PHE D 169 33.03 -18.37 22.92
C PHE D 169 32.08 -19.41 22.32
N PRO D 170 32.60 -20.27 21.42
CA PRO D 170 31.78 -21.31 20.82
C PRO D 170 31.16 -22.23 21.84
N ALA D 171 29.91 -22.59 21.59
CA ALA D 171 29.20 -23.56 22.43
C ALA D 171 29.88 -24.94 22.43
N LEU D 172 29.73 -25.66 23.53
CA LEU D 172 30.18 -27.06 23.62
C LEU D 172 29.12 -27.94 24.22
N LEU D 173 29.16 -29.21 23.85
CA LEU D 173 28.18 -30.18 24.25
C LEU D 173 28.64 -30.75 25.61
N LEU D 174 27.83 -30.54 26.66
CA LEU D 174 28.08 -31.06 28.04
C LEU D 174 27.02 -32.13 28.36
N SER D 175 27.29 -33.35 27.89
CA SER D 175 26.39 -34.52 28.10
C SER D 175 24.94 -34.26 27.64
N GLY D 176 24.80 -33.95 26.36
CA GLY D 176 23.50 -33.72 25.72
C GLY D 176 23.01 -32.28 25.68
N LEU D 177 23.61 -31.39 26.47
CA LEU D 177 23.16 -30.00 26.58
C LEU D 177 24.31 -29.04 26.34
N TYR D 178 24.03 -27.91 25.71
CA TYR D 178 25.06 -26.95 25.27
C TYR D 178 25.39 -25.90 26.34
N THR D 179 26.67 -25.57 26.48
CA THR D 179 27.14 -24.50 27.37
C THR D 179 28.00 -23.52 26.58
N LEU D 180 27.77 -22.22 26.76
CA LEU D 180 28.71 -21.22 26.30
C LEU D 180 28.84 -20.06 27.30
N SER D 181 29.93 -19.32 27.19
CA SER D 181 30.20 -18.15 28.01
C SER D 181 30.62 -16.97 27.14
N SER D 182 30.50 -15.75 27.67
CA SER D 182 31.04 -14.56 27.02
C SER D 182 31.69 -13.63 28.04
N SER D 183 32.84 -13.07 27.70
CA SER D 183 33.52 -12.07 28.54
C SER D 183 33.40 -10.71 27.87
N VAL D 184 33.35 -9.65 28.68
CA VAL D 184 33.41 -8.28 28.20
C VAL D 184 34.39 -7.51 29.09
N THR D 185 35.17 -6.61 28.50
CA THR D 185 36.18 -5.84 29.23
C THR D 185 35.96 -4.34 29.02
N VAL D 186 35.79 -3.61 30.12
CA VAL D 186 35.65 -2.13 30.12
C VAL D 186 36.68 -1.52 31.06
N THR D 187 36.80 -0.18 31.04
CA THR D 187 37.69 0.53 31.96
C THR D 187 37.01 0.60 33.35
N SER D 188 37.82 0.58 34.41
CA SER D 188 37.32 0.49 35.79
C SER D 188 36.34 1.59 36.25
N ASN D 189 36.31 2.72 35.55
CA ASN D 189 35.34 3.78 35.82
C ASN D 189 33.94 3.43 35.37
N THR D 190 33.84 2.79 34.20
CA THR D 190 32.56 2.36 33.63
C THR D 190 31.74 1.48 34.59
N TRP D 191 32.41 0.50 35.21
CA TRP D 191 31.73 -0.48 36.06
C TRP D 191 32.39 -0.55 37.45
N PRO D 192 31.60 -0.51 38.53
CA PRO D 192 30.12 -0.63 38.53
C PRO D 192 29.24 0.64 38.33
N SER D 193 29.85 1.81 38.10
CA SER D 193 29.12 3.10 37.97
C SER D 193 27.92 3.01 37.04
N GLN D 194 28.18 2.54 35.82
CA GLN D 194 27.15 2.27 34.83
C GLN D 194 26.87 0.80 34.83
N THR D 195 25.59 0.46 34.66
CA THR D 195 25.14 -0.91 34.77
C THR D 195 25.39 -1.65 33.43
N ILE D 196 25.83 -2.90 33.52
CA ILE D 196 26.13 -3.75 32.36
C ILE D 196 25.29 -5.01 32.45
N THR D 197 24.62 -5.36 31.35
CA THR D 197 23.59 -6.42 31.35
C THR D 197 23.82 -7.42 30.21
N CYS D 198 23.89 -8.70 30.55
CA CYS D 198 24.01 -9.79 29.58
C CYS D 198 22.63 -10.14 29.05
N ASN D 199 22.43 -10.10 27.73
CA ASN D 199 21.12 -10.44 27.12
C ASN D 199 21.24 -11.74 26.33
N VAL D 200 20.46 -12.75 26.71
CA VAL D 200 20.48 -14.04 26.02
C VAL D 200 19.10 -14.34 25.43
N ALA D 201 19.08 -14.74 24.17
CA ALA D 201 17.86 -15.19 23.50
C ALA D 201 18.05 -16.64 23.07
N HIS D 202 17.03 -17.45 23.30
CA HIS D 202 16.98 -18.84 22.82
C HIS D 202 15.64 -18.99 22.10
N PRO D 203 15.65 -18.74 20.76
CA PRO D 203 14.41 -18.80 19.97
C PRO D 203 13.65 -20.11 20.11
N ALA D 204 14.39 -21.23 20.15
CA ALA D 204 13.78 -22.57 20.24
C ALA D 204 12.83 -22.76 21.41
N SER D 205 13.08 -22.08 22.54
CA SER D 205 12.20 -22.16 23.72
C SER D 205 11.49 -20.84 24.06
N SER D 206 11.45 -19.89 23.12
CA SER D 206 10.87 -18.55 23.33
C SER D 206 11.40 -17.84 24.59
N THR D 207 12.69 -18.03 24.87
CA THR D 207 13.37 -17.48 26.04
C THR D 207 14.08 -16.19 25.69
N LYS D 208 13.80 -15.12 26.42
CA LYS D 208 14.60 -13.89 26.39
C LYS D 208 14.88 -13.51 27.81
N VAL D 209 16.16 -13.46 28.17
CA VAL D 209 16.58 -13.23 29.54
C VAL D 209 17.59 -12.09 29.56
N ASP D 210 17.51 -11.24 30.57
CA ASP D 210 18.45 -10.15 30.81
C ASP D 210 19.02 -10.35 32.21
N LYS D 211 20.34 -10.43 32.34
CA LYS D 211 20.99 -10.54 33.67
C LYS D 211 21.98 -9.43 33.91
N LYS D 212 21.64 -8.56 34.87
CA LYS D 212 22.51 -7.46 35.29
C LYS D 212 23.73 -8.01 36.06
N ILE D 213 24.92 -7.49 35.78
CA ILE D 213 26.15 -7.90 36.45
C ILE D 213 26.36 -7.06 37.73
N GLU D 214 26.06 -7.66 38.88
CA GLU D 214 26.15 -7.03 40.19
C GLU D 214 27.46 -7.44 40.84
N PRO D 215 28.14 -6.52 41.58
CA PRO D 215 29.34 -6.99 42.33
C PRO D 215 28.93 -7.91 43.48
N ARG D 216 29.82 -8.80 43.89
CA ARG D 216 29.50 -9.83 44.88
C ARG D 216 29.54 -9.28 46.32
N GLY D 217 28.48 -9.47 47.08
CA GLY D 217 28.45 -9.13 48.51
C GLY D 217 28.79 -10.40 49.29
N PRO D 218 29.60 -10.29 50.38
CA PRO D 218 29.85 -11.50 51.22
C PRO D 218 28.60 -12.02 51.94
N ASP E 1 30.22 -37.46 -9.58
CA ASP E 1 30.49 -36.25 -8.77
C ASP E 1 31.94 -35.83 -8.88
N ILE E 2 32.16 -34.53 -8.99
CA ILE E 2 33.50 -33.97 -9.02
C ILE E 2 33.90 -33.69 -7.59
N VAL E 3 35.05 -34.19 -7.18
CA VAL E 3 35.55 -34.05 -5.81
C VAL E 3 36.69 -33.04 -5.83
N LEU E 4 36.56 -32.00 -5.01
CA LEU E 4 37.57 -30.94 -4.94
C LEU E 4 38.40 -31.11 -3.67
N THR E 5 39.73 -31.12 -3.83
CA THR E 5 40.65 -31.36 -2.71
C THR E 5 41.55 -30.15 -2.58
N GLN E 6 41.50 -29.51 -1.41
CA GLN E 6 42.29 -28.32 -1.19
C GLN E 6 43.57 -28.62 -0.46
N SER E 7 44.56 -27.77 -0.67
CA SER E 7 45.76 -27.81 0.14
C SER E 7 46.36 -26.41 0.14
N PRO E 8 47.08 -26.04 1.19
CA PRO E 8 47.18 -26.80 2.42
C PRO E 8 45.87 -26.69 3.23
N ALA E 9 45.79 -27.44 4.32
CA ALA E 9 44.63 -27.38 5.21
C ALA E 9 44.58 -26.06 5.93
N SER E 10 45.74 -25.57 6.37
CA SER E 10 45.87 -24.24 6.96
C SER E 10 47.27 -23.70 6.78
N LEU E 11 47.44 -22.43 7.12
CA LEU E 11 48.58 -21.66 6.64
C LEU E 11 48.66 -20.35 7.41
N ALA E 12 49.87 -19.94 7.78
CA ALA E 12 50.09 -18.71 8.56
C ALA E 12 51.04 -17.73 7.85
N VAL E 13 50.52 -16.55 7.52
CA VAL E 13 51.19 -15.57 6.65
C VAL E 13 51.29 -14.22 7.35
N SER E 14 52.42 -13.52 7.15
CA SER E 14 52.62 -12.18 7.72
C SER E 14 51.89 -11.11 6.93
N LEU E 15 51.51 -10.03 7.58
CA LEU E 15 50.89 -8.88 6.91
C LEU E 15 51.79 -8.40 5.80
N GLY E 16 51.23 -8.18 4.61
CA GLY E 16 52.00 -7.72 3.46
C GLY E 16 52.56 -8.81 2.55
N GLN E 17 52.68 -10.03 3.05
CA GLN E 17 53.13 -11.19 2.26
C GLN E 17 52.02 -11.77 1.36
N ARG E 18 52.37 -12.81 0.61
CA ARG E 18 51.46 -13.53 -0.29
C ARG E 18 51.04 -14.86 0.31
N ALA E 19 49.77 -15.19 0.16
CA ALA E 19 49.22 -16.49 0.51
C ALA E 19 48.76 -17.18 -0.76
N THR E 20 49.05 -18.48 -0.87
CA THR E 20 48.70 -19.23 -2.07
C THR E 20 47.98 -20.49 -1.62
N ILE E 21 46.75 -20.66 -2.08
CA ILE E 21 45.91 -21.80 -1.70
C ILE E 21 45.54 -22.54 -2.97
N SER E 22 45.65 -23.87 -2.94
CA SER E 22 45.40 -24.71 -4.10
C SER E 22 44.10 -25.50 -4.01
N CYS E 23 43.59 -25.91 -5.17
CA CYS E 23 42.39 -26.72 -5.27
C CYS E 23 42.52 -27.63 -6.49
N ARG E 24 42.37 -28.94 -6.26
CA ARG E 24 42.50 -29.96 -7.29
C ARG E 24 41.19 -30.69 -7.47
N ALA E 25 40.74 -30.81 -8.72
CA ALA E 25 39.50 -31.51 -9.05
C ALA E 25 39.80 -32.94 -9.51
N SER E 26 38.89 -33.85 -9.18
CA SER E 26 39.02 -35.26 -9.53
C SER E 26 38.88 -35.50 -11.03
N GLU E 27 38.16 -34.61 -11.71
CA GLU E 27 38.11 -34.54 -13.15
C GLU E 27 37.93 -33.09 -13.57
N SER E 28 38.12 -32.82 -14.86
CA SER E 28 38.09 -31.46 -15.40
C SER E 28 36.77 -30.74 -15.14
N VAL E 29 36.88 -29.48 -14.73
CA VAL E 29 35.75 -28.57 -14.57
C VAL E 29 35.56 -27.64 -15.76
N ASP E 30 36.33 -27.85 -16.83
CA ASP E 30 36.16 -27.07 -18.08
C ASP E 30 34.86 -27.44 -18.76
N ASN E 31 34.14 -26.42 -19.23
CA ASN E 31 32.96 -26.61 -20.06
C ASN E 31 32.64 -25.31 -20.80
N TYR E 32 32.37 -25.42 -22.10
CA TYR E 32 32.18 -24.26 -22.98
C TYR E 32 33.38 -23.30 -22.95
N GLY E 33 34.60 -23.85 -22.89
CA GLY E 33 35.84 -23.06 -22.86
C GLY E 33 36.09 -22.24 -21.63
N ILE E 34 35.31 -22.48 -20.57
CA ILE E 34 35.40 -21.75 -19.30
C ILE E 34 35.65 -22.78 -18.22
N SER E 35 36.63 -22.49 -17.36
CA SER E 35 36.89 -23.33 -16.19
C SER E 35 35.93 -22.92 -15.08
N SER E 36 34.95 -23.76 -14.81
CA SER E 36 33.93 -23.43 -13.82
C SER E 36 34.46 -23.68 -12.41
N MET E 37 35.23 -22.72 -11.92
CA MET E 37 35.86 -22.78 -10.60
C MET E 37 35.67 -21.44 -9.88
N ASN E 38 35.06 -21.49 -8.69
CA ASN E 38 34.76 -20.31 -7.90
C ASN E 38 35.43 -20.40 -6.54
N TRP E 39 35.69 -19.24 -5.95
CA TRP E 39 36.28 -19.17 -4.61
C TRP E 39 35.43 -18.33 -3.68
N PHE E 40 35.32 -18.78 -2.43
CA PHE E 40 34.56 -18.10 -1.41
C PHE E 40 35.38 -17.88 -0.16
N GLN E 41 35.03 -16.82 0.57
CA GLN E 41 35.64 -16.51 1.87
C GLN E 41 34.58 -16.65 2.95
N GLN E 42 34.87 -17.42 3.97
CA GLN E 42 33.98 -17.51 5.13
C GLN E 42 34.69 -17.02 6.37
N LYS E 43 34.29 -15.83 6.84
CA LYS E 43 34.73 -15.32 8.13
C LYS E 43 33.90 -16.02 9.21
N ALA E 44 34.32 -15.84 10.46
CA ALA E 44 33.70 -16.54 11.58
C ALA E 44 32.24 -16.09 11.81
N GLY E 45 31.34 -17.05 11.93
CA GLY E 45 29.92 -16.78 12.20
C GLY E 45 29.14 -16.17 11.05
N GLN E 46 29.63 -16.44 9.83
CA GLN E 46 29.17 -15.75 8.63
C GLN E 46 28.88 -16.73 7.52
N PRO E 47 28.02 -16.33 6.57
CA PRO E 47 27.91 -17.15 5.37
C PRO E 47 29.16 -17.00 4.52
N PRO E 48 29.36 -17.91 3.56
CA PRO E 48 30.44 -17.70 2.60
C PRO E 48 30.19 -16.46 1.73
N LYS E 49 31.28 -15.82 1.33
CA LYS E 49 31.24 -14.64 0.50
C LYS E 49 31.94 -14.94 -0.81
N PHE E 50 31.34 -14.46 -1.88
CA PHE E 50 31.76 -14.80 -3.23
C PHE E 50 32.91 -13.88 -3.64
N LEU E 51 34.02 -14.47 -4.09
CA LEU E 51 35.24 -13.74 -4.45
C LEU E 51 35.63 -13.82 -5.92
N ILE E 52 35.80 -15.05 -6.42
CA ILE E 52 36.31 -15.30 -7.77
C ILE E 52 35.35 -16.23 -8.50
N TYR E 53 35.19 -16.02 -9.80
CA TYR E 53 34.48 -16.94 -10.69
C TYR E 53 35.26 -17.19 -11.97
N ALA E 54 34.85 -18.22 -12.70
CA ALA E 54 35.53 -18.62 -13.94
C ALA E 54 37.05 -18.70 -13.74
N ALA E 55 37.47 -19.27 -12.61
CA ALA E 55 38.88 -19.50 -12.25
C ALA E 55 39.71 -18.24 -11.92
N SER E 56 39.65 -17.21 -12.77
CA SER E 56 40.51 -16.03 -12.67
C SER E 56 39.79 -14.67 -12.58
N LYS E 57 38.46 -14.64 -12.67
CA LYS E 57 37.74 -13.38 -12.78
C LYS E 57 37.19 -12.97 -11.43
N GLN E 58 37.35 -11.71 -11.06
CA GLN E 58 36.94 -11.23 -9.74
C GLN E 58 35.47 -10.93 -9.70
N GLY E 59 34.85 -11.28 -8.59
CA GLY E 59 33.44 -11.00 -8.36
C GLY E 59 33.22 -9.50 -8.29
N SER E 60 31.99 -9.09 -8.59
CA SER E 60 31.63 -7.69 -8.61
C SER E 60 31.89 -7.04 -7.23
N GLY E 61 32.69 -5.97 -7.20
CA GLY E 61 33.06 -5.29 -5.95
C GLY E 61 34.17 -5.89 -5.08
N VAL E 62 34.74 -7.02 -5.49
CA VAL E 62 35.75 -7.76 -4.70
C VAL E 62 37.12 -7.06 -4.81
N PRO E 63 37.87 -6.93 -3.68
CA PRO E 63 39.17 -6.23 -3.71
C PRO E 63 40.25 -6.79 -4.65
N ALA E 64 41.18 -5.91 -5.01
CA ALA E 64 42.25 -6.16 -6.00
C ALA E 64 43.19 -7.30 -5.62
N ARG E 65 43.44 -7.43 -4.31
CA ARG E 65 44.41 -8.38 -3.77
C ARG E 65 44.03 -9.86 -3.87
N PHE E 66 42.74 -10.18 -4.05
CA PHE E 66 42.31 -11.55 -4.34
C PHE E 66 42.33 -11.78 -5.85
N SER E 67 43.10 -12.78 -6.29
CA SER E 67 43.13 -13.16 -7.69
C SER E 67 43.19 -14.67 -7.78
N GLY E 68 42.77 -15.21 -8.92
CA GLY E 68 42.80 -16.66 -9.11
C GLY E 68 43.44 -17.09 -10.41
N SER E 69 43.89 -18.34 -10.46
CA SER E 69 44.40 -18.91 -11.69
C SER E 69 44.13 -20.41 -11.80
N GLY E 70 44.33 -20.93 -13.01
CA GLY E 70 44.22 -22.34 -13.32
C GLY E 70 43.23 -22.69 -14.43
N SER E 71 43.28 -23.96 -14.84
CA SER E 71 42.32 -24.56 -15.74
C SER E 71 42.34 -26.09 -15.61
N GLY E 72 41.29 -26.74 -16.10
CA GLY E 72 41.23 -28.20 -16.09
C GLY E 72 41.01 -28.74 -14.70
N THR E 73 42.06 -29.27 -14.08
CA THR E 73 41.97 -29.84 -12.73
C THR E 73 42.71 -29.10 -11.63
N ASP E 74 43.64 -28.20 -11.96
CA ASP E 74 44.45 -27.54 -10.93
C ASP E 74 44.23 -26.05 -10.93
N PHE E 75 43.89 -25.52 -9.77
CA PHE E 75 43.55 -24.11 -9.59
C PHE E 75 44.17 -23.56 -8.35
N SER E 76 44.24 -22.24 -8.27
CA SER E 76 44.70 -21.61 -7.03
C SER E 76 44.16 -20.19 -6.82
N LEU E 77 43.98 -19.86 -5.53
CA LEU E 77 43.65 -18.53 -5.07
C LEU E 77 44.92 -17.92 -4.50
N ILE E 78 45.21 -16.68 -4.91
CA ILE E 78 46.36 -15.93 -4.39
C ILE E 78 45.85 -14.68 -3.70
N ILE E 79 46.44 -14.37 -2.55
CA ILE E 79 46.10 -13.16 -1.80
C ILE E 79 47.39 -12.37 -1.62
N HIS E 80 47.45 -11.15 -2.16
CA HIS E 80 48.65 -10.31 -2.01
C HIS E 80 48.30 -8.83 -2.21
N PRO E 81 48.52 -7.95 -1.21
CA PRO E 81 49.11 -8.26 0.11
C PRO E 81 48.07 -8.73 1.13
N VAL E 82 48.45 -9.66 2.00
CA VAL E 82 47.58 -10.17 3.07
C VAL E 82 47.33 -9.10 4.14
N GLU E 83 46.10 -9.03 4.64
CA GLU E 83 45.68 -8.05 5.64
C GLU E 83 45.04 -8.71 6.85
N GLU E 84 45.02 -7.99 7.98
CA GLU E 84 44.43 -8.52 9.24
C GLU E 84 43.06 -9.14 9.02
N ASP E 85 42.25 -8.43 8.26
CA ASP E 85 40.86 -8.80 8.00
C ASP E 85 40.68 -10.04 7.10
N ASP E 86 41.74 -10.47 6.42
CA ASP E 86 41.70 -11.66 5.57
C ASP E 86 41.73 -13.01 6.32
N THR E 87 41.84 -13.00 7.64
CA THR E 87 41.74 -14.23 8.44
C THR E 87 40.37 -14.86 8.26
N ALA E 88 40.34 -16.08 7.71
CA ALA E 88 39.11 -16.74 7.31
C ALA E 88 39.38 -18.15 6.77
N VAL E 89 38.30 -18.86 6.43
CA VAL E 89 38.38 -20.13 5.71
C VAL E 89 37.99 -19.86 4.26
N TYR E 90 38.82 -20.36 3.33
CA TYR E 90 38.60 -20.15 1.89
C TYR E 90 38.20 -21.47 1.24
N PHE E 91 37.10 -21.47 0.51
CA PHE E 91 36.61 -22.67 -0.18
C PHE E 91 36.67 -22.50 -1.68
N CYS E 92 37.11 -23.54 -2.38
CA CYS E 92 36.91 -23.63 -3.83
C CYS E 92 35.60 -24.37 -4.08
N GLN E 93 35.01 -24.14 -5.25
CA GLN E 93 33.70 -24.70 -5.57
C GLN E 93 33.53 -24.77 -7.08
N GLN E 94 32.81 -25.80 -7.54
CA GLN E 94 32.78 -26.18 -8.96
C GLN E 94 31.33 -26.18 -9.47
N SER E 95 31.06 -25.41 -10.51
CA SER E 95 29.71 -25.32 -11.07
C SER E 95 29.61 -25.92 -12.47
N LYS E 96 30.54 -26.80 -12.86
CA LYS E 96 30.49 -27.40 -14.19
C LYS E 96 29.20 -28.14 -14.43
N GLY E 97 28.75 -28.89 -13.43
CA GLY E 97 27.45 -29.52 -13.52
C GLY E 97 26.98 -30.05 -12.19
N VAL E 98 25.70 -30.42 -12.18
CA VAL E 98 25.05 -30.95 -11.01
C VAL E 98 25.57 -32.37 -10.69
N PRO E 99 25.96 -32.68 -9.44
CA PRO E 99 25.86 -31.79 -8.27
C PRO E 99 27.03 -30.82 -8.16
N TYR E 100 26.73 -29.60 -7.74
CA TYR E 100 27.73 -28.59 -7.47
C TYR E 100 28.43 -29.00 -6.18
N THR E 101 29.75 -28.88 -6.16
CA THR E 101 30.53 -29.38 -5.02
C THR E 101 31.55 -28.38 -4.53
N PHE E 102 31.81 -28.41 -3.22
CA PHE E 102 32.75 -27.50 -2.56
C PHE E 102 33.96 -28.27 -2.09
N GLY E 103 35.09 -27.60 -2.00
CA GLY E 103 36.27 -28.13 -1.32
C GLY E 103 36.10 -28.17 0.19
N GLY E 104 37.10 -28.73 0.86
CA GLY E 104 37.08 -28.86 2.33
C GLY E 104 37.43 -27.60 3.07
N GLY E 105 37.88 -26.59 2.35
CA GLY E 105 38.29 -25.33 2.93
C GLY E 105 39.74 -25.30 3.40
N THR E 106 40.33 -24.11 3.37
CA THR E 106 41.70 -23.86 3.82
C THR E 106 41.67 -22.66 4.77
N LYS E 107 42.25 -22.84 5.95
CA LYS E 107 42.23 -21.81 7.01
C LYS E 107 43.43 -20.88 6.88
N LEU E 108 43.18 -19.59 6.68
CA LEU E 108 44.26 -18.60 6.67
C LEU E 108 44.36 -17.93 8.02
N GLU E 109 45.56 -17.98 8.61
CA GLU E 109 45.87 -17.30 9.86
C GLU E 109 46.88 -16.18 9.54
N ILE E 110 46.74 -15.07 10.26
CA ILE E 110 47.63 -13.94 10.13
C ILE E 110 48.66 -13.98 11.24
N LYS E 111 49.93 -13.89 10.87
CA LYS E 111 51.02 -13.84 11.85
C LYS E 111 51.11 -12.46 12.47
N ARG E 112 51.36 -12.42 13.77
CA ARG E 112 51.59 -11.18 14.52
C ARG E 112 52.57 -11.41 15.64
N ALA E 113 53.01 -10.34 16.29
CA ALA E 113 53.94 -10.46 17.40
C ALA E 113 53.30 -11.24 18.54
N ASP E 114 54.10 -12.01 19.27
CA ASP E 114 53.60 -12.77 20.42
C ASP E 114 52.96 -11.84 21.45
N ALA E 115 51.95 -12.34 22.15
CA ALA E 115 51.23 -11.56 23.16
C ALA E 115 50.67 -12.47 24.25
N ALA E 116 50.98 -12.15 25.51
CA ALA E 116 50.51 -12.94 26.65
C ALA E 116 49.02 -12.70 26.89
N PRO E 117 48.32 -13.71 27.43
CA PRO E 117 46.89 -13.57 27.69
C PRO E 117 46.62 -12.72 28.92
N THR E 118 45.48 -12.03 28.94
CA THR E 118 44.96 -11.39 30.14
C THR E 118 44.02 -12.39 30.81
N VAL E 119 44.38 -12.89 31.99
CA VAL E 119 43.63 -13.95 32.64
C VAL E 119 42.70 -13.42 33.75
N SER E 120 41.42 -13.77 33.67
CA SER E 120 40.43 -13.42 34.69
C SER E 120 39.76 -14.69 35.23
N ILE E 121 39.54 -14.78 36.54
CA ILE E 121 38.92 -15.95 37.17
C ILE E 121 37.63 -15.54 37.90
N PHE E 122 36.63 -16.43 37.82
CA PHE E 122 35.26 -16.15 38.26
C PHE E 122 34.73 -17.33 39.08
N PRO E 123 34.43 -17.09 40.39
CA PRO E 123 33.75 -18.15 41.14
C PRO E 123 32.35 -18.41 40.64
N PRO E 124 31.73 -19.51 41.09
CA PRO E 124 30.33 -19.72 40.77
C PRO E 124 29.50 -18.54 41.26
N SER E 125 28.52 -18.15 40.46
CA SER E 125 27.61 -17.06 40.83
C SER E 125 26.65 -17.51 41.91
N SER E 126 26.13 -16.54 42.68
CA SER E 126 25.15 -16.82 43.74
C SER E 126 23.95 -17.57 43.18
N GLU E 127 23.52 -17.16 41.99
CA GLU E 127 22.37 -17.76 41.34
C GLU E 127 22.59 -19.21 40.96
N GLN E 128 23.78 -19.55 40.48
CA GLN E 128 24.10 -20.93 40.14
C GLN E 128 24.21 -21.82 41.37
N LEU E 129 24.79 -21.29 42.45
CA LEU E 129 24.94 -22.04 43.69
C LEU E 129 23.59 -22.35 44.34
N THR E 130 22.70 -21.35 44.41
CA THR E 130 21.35 -21.56 44.95
C THR E 130 20.47 -22.48 44.07
N SER E 131 20.85 -22.68 42.78
CA SER E 131 20.20 -23.66 41.89
C SER E 131 20.75 -25.09 41.97
N GLY E 132 21.85 -25.30 42.69
CA GLY E 132 22.42 -26.63 42.91
C GLY E 132 23.56 -26.99 41.98
N GLY E 133 24.09 -26.01 41.26
CA GLY E 133 25.25 -26.22 40.40
C GLY E 133 26.44 -25.43 40.89
N ALA E 134 27.57 -25.65 40.24
CA ALA E 134 28.79 -24.90 40.50
C ALA E 134 29.75 -25.00 39.33
N SER E 135 30.03 -23.87 38.69
CA SER E 135 30.99 -23.78 37.58
C SER E 135 32.02 -22.68 37.87
N VAL E 136 33.30 -23.00 37.80
CA VAL E 136 34.38 -22.02 37.92
C VAL E 136 34.94 -21.75 36.54
N VAL E 137 35.07 -20.47 36.19
CA VAL E 137 35.35 -20.01 34.84
C VAL E 137 36.60 -19.14 34.79
N CYS E 138 37.48 -19.43 33.83
CA CYS E 138 38.69 -18.65 33.58
C CYS E 138 38.68 -18.14 32.14
N PHE E 139 38.87 -16.85 31.95
CA PHE E 139 39.01 -16.24 30.62
C PHE E 139 40.47 -15.91 30.36
N LEU E 140 41.00 -16.38 29.23
CA LEU E 140 42.35 -16.06 28.77
C LEU E 140 42.21 -15.27 27.48
N ASN E 141 42.32 -13.95 27.54
CA ASN E 141 41.97 -13.09 26.40
C ASN E 141 43.15 -12.43 25.66
N ASN E 142 43.04 -12.41 24.33
CA ASN E 142 43.91 -11.63 23.43
C ASN E 142 45.37 -12.06 23.47
N PHE E 143 45.64 -13.30 23.10
CA PHE E 143 46.99 -13.84 23.07
C PHE E 143 47.37 -14.38 21.69
N TYR E 144 48.67 -14.56 21.47
CA TYR E 144 49.21 -15.16 20.26
C TYR E 144 50.55 -15.83 20.57
N PRO E 145 50.81 -17.05 20.07
CA PRO E 145 49.96 -17.85 19.17
C PRO E 145 48.85 -18.59 19.86
N LYS E 146 48.02 -19.29 19.08
CA LYS E 146 46.88 -20.03 19.62
C LYS E 146 47.26 -21.09 20.67
N ASP E 147 48.45 -21.68 20.55
CA ASP E 147 48.95 -22.69 21.48
C ASP E 147 49.04 -22.19 22.89
N ILE E 148 48.24 -22.78 23.77
CA ILE E 148 48.24 -22.43 25.18
C ILE E 148 47.86 -23.66 26.00
N ASN E 149 48.30 -23.67 27.25
CA ASN E 149 47.95 -24.72 28.21
C ASN E 149 47.34 -24.11 29.45
N VAL E 150 46.28 -24.76 29.93
CA VAL E 150 45.61 -24.33 31.16
C VAL E 150 45.63 -25.53 32.11
N LYS E 151 45.84 -25.22 33.39
CA LYS E 151 45.91 -26.24 34.45
C LYS E 151 45.03 -25.75 35.62
N TRP E 152 44.09 -26.61 36.06
CA TRP E 152 43.29 -26.33 37.25
C TRP E 152 43.88 -27.03 38.45
N LYS E 153 43.89 -26.32 39.59
CA LYS E 153 44.31 -26.85 40.87
C LYS E 153 43.19 -26.60 41.87
N ILE E 154 42.82 -27.63 42.65
CA ILE E 154 41.87 -27.48 43.74
C ILE E 154 42.60 -27.84 45.03
N ASP E 155 42.83 -26.84 45.89
CA ASP E 155 43.64 -26.98 47.12
C ASP E 155 45.09 -27.41 46.81
N GLY E 156 45.69 -26.81 45.78
CA GLY E 156 47.05 -27.11 45.33
C GLY E 156 47.25 -28.42 44.58
N SER E 157 46.15 -29.10 44.27
CA SER E 157 46.14 -30.47 43.74
C SER E 157 45.55 -30.43 42.34
N GLU E 158 46.25 -30.95 41.34
CA GLU E 158 45.80 -30.84 39.94
C GLU E 158 44.48 -31.54 39.68
N ARG E 159 43.65 -30.94 38.81
CA ARG E 159 42.32 -31.41 38.46
C ARG E 159 42.14 -31.44 36.94
N GLN E 160 41.49 -32.49 36.43
CA GLN E 160 41.26 -32.65 34.99
C GLN E 160 39.81 -32.90 34.55
N ASN E 161 39.03 -33.65 35.32
CA ASN E 161 37.64 -33.97 34.97
C ASN E 161 36.73 -32.78 35.21
N GLY E 162 35.78 -32.57 34.32
CA GLY E 162 34.87 -31.44 34.35
C GLY E 162 35.36 -30.16 33.72
N VAL E 163 36.53 -30.19 33.08
CA VAL E 163 37.14 -29.03 32.41
C VAL E 163 36.75 -29.02 30.94
N LEU E 164 36.34 -27.84 30.45
CA LEU E 164 35.97 -27.65 29.05
C LEU E 164 36.51 -26.32 28.53
N ASN E 165 37.23 -26.42 27.39
CA ASN E 165 37.93 -25.29 26.79
C ASN E 165 37.36 -24.94 25.42
N SER E 166 37.17 -23.65 25.17
CA SER E 166 36.62 -23.13 23.91
C SER E 166 37.46 -21.93 23.47
N TRP E 167 38.03 -22.03 22.25
CA TRP E 167 38.83 -20.95 21.65
C TRP E 167 37.98 -20.14 20.67
N THR E 168 38.21 -18.84 20.59
CA THR E 168 37.65 -18.04 19.51
C THR E 168 38.40 -18.34 18.22
N ASP E 169 37.80 -18.00 17.08
CA ASP E 169 38.54 -17.87 15.84
C ASP E 169 39.39 -16.62 15.95
N GLN E 170 40.43 -16.53 15.10
CA GLN E 170 41.34 -15.39 15.17
C GLN E 170 40.59 -14.07 14.96
N ASP E 171 41.01 -13.03 15.68
CA ASP E 171 40.32 -11.73 15.64
C ASP E 171 40.62 -11.04 14.32
N SER E 172 39.61 -10.44 13.71
CA SER E 172 39.76 -9.72 12.45
C SER E 172 40.49 -8.38 12.56
N LYS E 173 40.57 -7.82 13.77
CA LYS E 173 41.19 -6.52 13.98
C LYS E 173 42.63 -6.64 14.47
N ASP E 174 42.83 -7.38 15.57
CA ASP E 174 44.15 -7.49 16.22
C ASP E 174 44.84 -8.85 16.12
N SER E 175 44.31 -9.75 15.31
CA SER E 175 44.96 -11.03 15.00
C SER E 175 45.27 -11.90 16.22
N THR E 176 44.55 -11.71 17.32
CA THR E 176 44.76 -12.52 18.53
C THR E 176 43.68 -13.59 18.66
N TYR E 177 43.91 -14.47 19.61
CA TYR E 177 42.99 -15.50 19.99
C TYR E 177 42.58 -15.26 21.45
N SER E 178 41.39 -15.71 21.81
CA SER E 178 40.92 -15.69 23.20
C SER E 178 40.33 -17.05 23.54
N MET E 179 40.20 -17.34 24.84
CA MET E 179 39.80 -18.68 25.27
C MET E 179 39.09 -18.68 26.61
N SER E 180 38.07 -19.55 26.76
CA SER E 180 37.41 -19.80 28.04
C SER E 180 37.67 -21.24 28.49
N SER E 181 38.05 -21.39 29.76
CA SER E 181 38.20 -22.70 30.39
C SER E 181 37.22 -22.76 31.55
N THR E 182 36.39 -23.80 31.58
CA THR E 182 35.29 -23.92 32.52
C THR E 182 35.36 -25.26 33.27
N LEU E 183 35.73 -25.18 34.56
CA LEU E 183 35.66 -26.31 35.48
C LEU E 183 34.26 -26.39 36.07
N THR E 184 33.54 -27.47 35.79
CA THR E 184 32.23 -27.69 36.35
C THR E 184 32.33 -28.84 37.40
N LEU E 185 31.74 -28.59 38.57
CA LEU E 185 31.69 -29.51 39.68
C LEU E 185 30.27 -29.61 40.18
N THR E 186 30.01 -30.65 40.99
CA THR E 186 28.79 -30.66 41.80
C THR E 186 28.93 -29.59 42.87
N LYS E 187 27.80 -29.01 43.30
CA LYS E 187 27.83 -28.05 44.41
C LYS E 187 28.42 -28.68 45.67
N ASP E 188 28.09 -29.95 45.94
CA ASP E 188 28.67 -30.72 47.05
C ASP E 188 30.19 -30.75 47.06
N GLU E 189 30.79 -31.02 45.91
CA GLU E 189 32.24 -31.04 45.79
C GLU E 189 32.87 -29.66 45.81
N TYR E 190 32.20 -28.67 45.22
CA TYR E 190 32.67 -27.29 45.28
C TYR E 190 32.83 -26.84 46.72
N GLU E 191 31.85 -27.16 47.57
CA GLU E 191 31.83 -26.68 48.95
C GLU E 191 32.76 -27.45 49.90
N ARG E 192 33.31 -28.60 49.49
CA ARG E 192 34.36 -29.28 50.29
C ARG E 192 35.68 -28.52 50.27
N HIS E 193 36.15 -28.26 49.07
CA HIS E 193 37.48 -27.67 48.88
C HIS E 193 37.37 -26.14 48.99
N ASN E 194 38.49 -25.47 49.25
CA ASN E 194 38.50 -24.01 49.48
C ASN E 194 39.23 -23.19 48.42
N SER E 195 40.42 -23.64 48.02
CA SER E 195 41.29 -22.87 47.14
C SER E 195 41.21 -23.37 45.68
N TYR E 196 40.75 -22.50 44.78
CA TYR E 196 40.62 -22.79 43.37
C TYR E 196 41.58 -21.94 42.57
N THR E 197 42.40 -22.59 41.74
CA THR E 197 43.47 -21.95 40.98
C THR E 197 43.40 -22.32 39.49
N CYS E 198 43.86 -21.40 38.66
CA CYS E 198 43.81 -21.49 37.22
C CYS E 198 45.16 -20.99 36.64
N GLU E 199 45.98 -21.92 36.10
CA GLU E 199 47.34 -21.62 35.63
C GLU E 199 47.45 -21.67 34.10
N ALA E 200 47.95 -20.58 33.51
CA ALA E 200 48.14 -20.44 32.07
C ALA E 200 49.62 -20.52 31.74
N THR E 201 50.03 -21.60 31.09
CA THR E 201 51.38 -21.71 30.51
C THR E 201 51.31 -21.36 29.03
N HIS E 202 52.18 -20.45 28.60
CA HIS E 202 52.14 -19.90 27.24
C HIS E 202 53.54 -19.57 26.77
N LYS E 203 53.75 -19.61 25.46
CA LYS E 203 55.04 -19.30 24.82
C LYS E 203 55.76 -18.03 25.37
N THR E 204 54.96 -17.02 25.70
CA THR E 204 55.44 -15.67 26.06
C THR E 204 56.22 -15.58 27.36
N SER E 205 55.97 -16.50 28.28
CA SER E 205 56.65 -16.52 29.59
C SER E 205 56.95 -17.96 30.00
N THR E 206 58.14 -18.18 30.54
CA THR E 206 58.52 -19.51 31.03
C THR E 206 57.64 -19.91 32.23
N SER E 207 57.49 -19.02 33.22
CA SER E 207 56.67 -19.30 34.40
C SER E 207 55.21 -18.87 34.15
N PRO E 208 54.24 -19.64 34.68
CA PRO E 208 52.83 -19.41 34.29
C PRO E 208 52.20 -18.13 34.86
N ILE E 209 51.07 -17.74 34.28
CA ILE E 209 50.21 -16.69 34.83
C ILE E 209 49.19 -17.42 35.70
N VAL E 210 49.21 -17.14 37.00
CA VAL E 210 48.34 -17.78 37.99
C VAL E 210 47.28 -16.80 38.48
N LYS E 211 46.03 -17.23 38.48
CA LYS E 211 44.90 -16.45 39.06
C LYS E 211 44.06 -17.36 39.96
N SER E 212 43.72 -16.86 41.15
CA SER E 212 43.21 -17.69 42.23
C SER E 212 42.21 -16.97 43.14
N PHE E 213 41.41 -17.75 43.85
CA PHE E 213 40.56 -17.26 44.93
C PHE E 213 40.31 -18.33 45.98
N ASN E 214 39.81 -17.90 47.14
CA ASN E 214 39.34 -18.81 48.17
C ASN E 214 37.83 -18.65 48.34
N ARG E 215 37.14 -19.77 48.52
CA ARG E 215 35.68 -19.82 48.55
C ARG E 215 35.04 -18.93 49.65
N ASN E 216 35.70 -18.83 50.80
CA ASN E 216 35.27 -18.03 51.90
C ASN E 216 35.40 -16.46 51.71
N GLU E 217 36.32 -15.90 50.93
CA GLU E 217 36.61 -14.45 51.16
C GLU E 217 35.83 -13.36 50.36
N HYP F 21 23.82 -14.51 -16.13
CA HYP F 21 24.64 -13.66 -15.21
C HYP F 21 23.89 -12.76 -14.23
O HYP F 21 24.34 -12.61 -13.09
CB HYP F 21 25.53 -12.83 -16.13
CG HYP F 21 25.19 -13.26 -17.56
CD HYP F 21 23.98 -14.21 -17.53
OD1 HYP F 21 26.32 -13.95 -18.07
N GLY F 22 22.80 -12.14 -14.67
CA GLY F 22 21.79 -11.53 -13.77
C GLY F 22 20.65 -12.51 -13.46
N GLU F 23 20.74 -13.69 -14.07
CA GLU F 23 19.77 -14.77 -13.95
C GLU F 23 20.44 -15.98 -13.27
N ARG F 24 21.44 -16.52 -13.95
CA ARG F 24 22.16 -17.74 -13.57
C ARG F 24 23.26 -17.47 -12.56
N GLY F 25 23.75 -16.23 -12.53
CA GLY F 25 24.83 -15.82 -11.66
C GLY F 25 26.18 -16.00 -12.31
N GLU F 26 27.14 -15.20 -11.90
CA GLU F 26 28.54 -15.37 -12.30
C GLU F 26 29.10 -16.74 -11.85
N THR F 27 28.62 -17.27 -10.72
CA THR F 27 29.03 -18.59 -10.21
C THR F 27 28.24 -19.76 -10.80
N GLY F 28 27.22 -19.49 -11.61
CA GLY F 28 26.42 -20.54 -12.23
C GLY F 28 27.14 -21.32 -13.32
N PRO F 29 26.51 -22.38 -13.84
CA PRO F 29 27.15 -23.28 -14.80
C PRO F 29 27.37 -22.67 -16.17
N HYP F 30 28.44 -23.04 -16.89
CA HYP F 30 28.51 -22.49 -18.26
C HYP F 30 27.45 -23.02 -19.22
O HYP F 30 26.88 -24.16 -19.07
CB HYP F 30 29.96 -22.42 -18.62
CG HYP F 30 30.73 -22.84 -17.37
CD HYP F 30 29.74 -23.55 -16.47
OD1 HYP F 30 31.30 -21.71 -16.67
N GLY F 31 27.10 -22.18 -20.19
CA GLY F 31 26.05 -22.51 -21.14
C GLY F 31 26.18 -21.85 -22.51
N PRO F 32 25.32 -22.26 -23.46
CA PRO F 32 25.30 -21.57 -24.77
C PRO F 32 24.37 -20.35 -24.79
N GLU G 1 -37.85 26.50 -44.49
CA GLU G 1 -37.22 27.31 -43.41
C GLU G 1 -36.40 26.42 -42.48
N VAL G 2 -35.31 26.94 -41.97
CA VAL G 2 -34.48 26.27 -41.01
C VAL G 2 -35.14 26.30 -39.64
N LYS G 3 -35.00 25.19 -38.89
CA LYS G 3 -35.64 25.01 -37.59
C LYS G 3 -34.76 24.15 -36.70
N LEU G 4 -34.43 24.63 -35.49
CA LEU G 4 -33.63 23.90 -34.49
C LEU G 4 -34.36 23.85 -33.17
N GLU G 5 -34.50 22.67 -32.58
CA GLU G 5 -35.22 22.51 -31.30
C GLU G 5 -34.44 21.71 -30.29
N GLU G 6 -33.97 22.40 -29.25
CA GLU G 6 -33.27 21.78 -28.12
C GLU G 6 -34.26 21.12 -27.18
N SER G 7 -33.79 20.14 -26.41
CA SER G 7 -34.57 19.54 -25.34
C SER G 7 -33.69 18.89 -24.29
N GLY G 8 -34.24 18.67 -23.11
CA GLY G 8 -33.58 17.92 -22.05
C GLY G 8 -32.80 18.75 -21.05
N GLY G 9 -33.09 20.06 -20.97
CA GLY G 9 -32.57 20.86 -19.88
C GLY G 9 -33.33 20.60 -18.60
N GLY G 10 -33.02 21.38 -17.56
CA GLY G 10 -33.70 21.30 -16.29
C GLY G 10 -32.71 21.35 -15.13
N LEU G 11 -33.13 20.75 -14.02
CA LEU G 11 -32.36 20.80 -12.80
C LEU G 11 -31.53 19.55 -12.58
N VAL G 12 -30.36 19.70 -11.98
CA VAL G 12 -29.51 18.56 -11.62
C VAL G 12 -28.57 18.90 -10.47
N GLN G 13 -28.24 17.89 -9.67
CA GLN G 13 -27.36 18.08 -8.54
C GLN G 13 -25.93 18.26 -9.01
N PRO G 14 -25.12 19.04 -8.25
CA PRO G 14 -23.69 19.09 -8.56
C PRO G 14 -23.07 17.71 -8.55
N GLY G 15 -22.27 17.41 -9.57
CA GLY G 15 -21.70 16.07 -9.76
C GLY G 15 -22.54 15.15 -10.64
N GLY G 16 -23.78 15.54 -10.94
CA GLY G 16 -24.71 14.73 -11.73
C GLY G 16 -24.54 14.87 -13.22
N SER G 17 -25.46 14.26 -13.99
CA SER G 17 -25.36 14.19 -15.45
C SER G 17 -26.62 14.67 -16.12
N MET G 18 -26.50 14.90 -17.43
CA MET G 18 -27.59 15.40 -18.23
C MET G 18 -27.21 15.23 -19.69
N LYS G 19 -28.19 14.84 -20.51
CA LYS G 19 -27.99 14.72 -21.96
C LYS G 19 -28.95 15.70 -22.65
N LEU G 20 -28.42 16.76 -23.24
CA LEU G 20 -29.22 17.64 -24.07
C LEU G 20 -29.32 17.02 -25.44
N SER G 21 -30.38 17.35 -26.18
CA SER G 21 -30.44 16.96 -27.58
C SER G 21 -31.14 18.02 -28.44
N CYS G 22 -30.81 17.98 -29.72
CA CYS G 22 -31.16 19.02 -30.70
C CYS G 22 -31.67 18.39 -31.99
N ALA G 23 -32.89 18.75 -32.39
CA ALA G 23 -33.47 18.31 -33.67
C ALA G 23 -33.36 19.44 -34.68
N ALA G 24 -32.83 19.14 -35.86
CA ALA G 24 -32.69 20.13 -36.93
C ALA G 24 -33.45 19.68 -38.17
N SER G 25 -33.99 20.66 -38.89
CA SER G 25 -34.54 20.43 -40.24
C SER G 25 -34.37 21.69 -41.09
N GLY G 26 -34.58 21.56 -42.39
CA GLY G 26 -34.46 22.69 -43.33
C GLY G 26 -33.12 22.89 -44.01
N PHE G 27 -32.13 22.06 -43.68
CA PHE G 27 -30.84 22.06 -44.35
C PHE G 27 -30.31 20.64 -44.35
N THR G 28 -29.36 20.34 -45.24
CA THR G 28 -28.83 18.98 -45.35
C THR G 28 -27.97 18.70 -44.11
N PHE G 29 -28.56 17.93 -43.18
CA PHE G 29 -27.98 17.76 -41.86
C PHE G 29 -26.64 17.06 -41.88
N SER G 30 -26.51 15.96 -42.64
CA SER G 30 -25.26 15.17 -42.60
C SER G 30 -24.05 15.95 -43.15
N ASP G 31 -24.33 17.01 -43.93
CA ASP G 31 -23.31 17.95 -44.42
C ASP G 31 -22.89 19.01 -43.39
N ALA G 32 -23.78 19.32 -42.44
CA ALA G 32 -23.58 20.48 -41.57
C ALA G 32 -22.62 20.20 -40.43
N TRP G 33 -21.83 21.23 -40.09
CA TRP G 33 -21.09 21.28 -38.83
C TRP G 33 -22.05 21.88 -37.80
N MET G 34 -22.12 21.25 -36.64
CA MET G 34 -23.04 21.63 -35.59
C MET G 34 -22.24 21.96 -34.34
N ASP G 35 -22.70 22.94 -33.57
CA ASP G 35 -22.06 23.31 -32.33
C ASP G 35 -23.08 23.49 -31.19
N TRP G 36 -22.60 23.45 -29.95
CA TRP G 36 -23.35 23.93 -28.77
C TRP G 36 -22.66 25.18 -28.22
N VAL G 37 -23.46 26.20 -27.92
CA VAL G 37 -23.01 27.47 -27.31
C VAL G 37 -23.87 27.71 -26.08
N ARG G 38 -23.28 28.22 -25.00
CA ARG G 38 -24.06 28.54 -23.78
C ARG G 38 -23.96 30.00 -23.38
N GLN G 39 -24.94 30.44 -22.60
CA GLN G 39 -25.03 31.84 -22.21
C GLN G 39 -25.40 31.97 -20.73
N SER G 40 -24.56 32.70 -19.99
CA SER G 40 -24.79 33.03 -18.60
C SER G 40 -24.62 34.53 -18.45
N PRO G 41 -25.18 35.12 -17.39
CA PRO G 41 -24.86 36.52 -17.06
C PRO G 41 -23.39 36.77 -16.71
N GLU G 42 -22.72 35.76 -16.13
CA GLU G 42 -21.35 35.91 -15.65
C GLU G 42 -20.31 35.88 -16.77
N LYS G 43 -20.43 34.92 -17.68
CA LYS G 43 -19.42 34.67 -18.72
C LYS G 43 -19.85 34.98 -20.16
N GLY G 44 -21.09 35.45 -20.36
CA GLY G 44 -21.57 35.84 -21.68
C GLY G 44 -21.77 34.64 -22.57
N LEU G 45 -21.52 34.81 -23.86
CA LEU G 45 -21.62 33.70 -24.82
C LEU G 45 -20.31 32.90 -24.85
N GLU G 46 -20.40 31.62 -24.51
CA GLU G 46 -19.27 30.70 -24.54
C GLU G 46 -19.55 29.59 -25.56
N TRP G 47 -18.67 29.46 -26.53
CA TRP G 47 -18.66 28.25 -27.35
C TRP G 47 -18.29 27.07 -26.44
N VAL G 48 -19.04 25.98 -26.55
CA VAL G 48 -18.87 24.80 -25.71
C VAL G 48 -18.24 23.63 -26.45
N ALA G 49 -18.83 23.27 -27.59
CA ALA G 49 -18.38 22.11 -28.38
C ALA G 49 -18.81 22.13 -29.85
N GLU G 50 -17.99 21.48 -30.68
CA GLU G 50 -18.16 21.38 -32.13
C GLU G 50 -18.16 19.91 -32.54
N ILE G 51 -18.99 19.58 -33.51
CA ILE G 51 -18.87 18.32 -34.25
C ILE G 51 -19.00 18.62 -35.75
N ARG G 52 -18.06 18.10 -36.52
CA ARG G 52 -18.00 18.37 -37.94
C ARG G 52 -18.76 17.30 -38.72
N ASN G 53 -18.79 17.47 -40.04
CA ASN G 53 -19.55 16.58 -40.89
C ASN G 53 -18.80 15.28 -41.23
N LYS G 54 -19.49 14.42 -42.00
CA LYS G 54 -18.97 13.13 -42.43
C LYS G 54 -17.64 13.28 -43.18
N VAL G 55 -17.54 14.29 -44.03
CA VAL G 55 -16.31 14.54 -44.81
C VAL G 55 -15.13 14.86 -43.90
N ASN G 56 -15.36 15.52 -42.76
CA ASN G 56 -14.31 15.82 -41.78
C ASN G 56 -14.24 14.81 -40.63
N ASN G 57 -14.62 13.55 -40.89
CA ASN G 57 -14.53 12.47 -39.91
C ASN G 57 -15.33 12.67 -38.63
N HIS G 58 -16.39 13.47 -38.66
CA HIS G 58 -17.15 13.80 -37.47
C HIS G 58 -16.24 14.29 -36.34
N ALA G 59 -15.26 15.12 -36.69
CA ALA G 59 -14.25 15.56 -35.75
C ALA G 59 -14.90 16.39 -34.66
N THR G 60 -14.43 16.24 -33.43
CA THR G 60 -14.98 17.03 -32.32
C THR G 60 -13.94 17.97 -31.73
N ASN G 61 -14.43 19.07 -31.18
CA ASN G 61 -13.60 20.01 -30.42
C ASN G 61 -14.39 20.54 -29.22
N TYR G 62 -13.69 20.84 -28.13
CA TYR G 62 -14.35 21.33 -26.92
C TYR G 62 -13.61 22.53 -26.32
N ALA G 63 -14.37 23.37 -25.63
CA ALA G 63 -13.79 24.42 -24.78
C ALA G 63 -13.05 23.81 -23.60
N GLU G 64 -11.98 24.47 -23.18
CA GLU G 64 -11.13 23.95 -22.12
C GLU G 64 -11.91 23.60 -20.85
N SER G 65 -12.80 24.49 -20.43
CA SER G 65 -13.57 24.30 -19.20
C SER G 65 -14.49 23.08 -19.17
N VAL G 66 -14.80 22.50 -20.32
CA VAL G 66 -15.65 21.29 -20.37
C VAL G 66 -14.96 20.00 -20.82
N LYS G 67 -13.71 20.05 -21.28
CA LYS G 67 -12.98 18.84 -21.71
C LYS G 67 -12.94 17.79 -20.63
N GLY G 68 -13.15 16.54 -21.03
CA GLY G 68 -13.18 15.41 -20.10
C GLY G 68 -14.54 15.17 -19.49
N ARG G 69 -15.41 16.18 -19.44
CA ARG G 69 -16.73 16.09 -18.83
C ARG G 69 -17.88 16.05 -19.85
N PHE G 70 -17.76 16.84 -20.93
CA PHE G 70 -18.82 16.94 -21.95
C PHE G 70 -18.41 16.11 -23.18
N THR G 71 -19.40 15.50 -23.83
CA THR G 71 -19.18 14.79 -25.10
C THR G 71 -20.27 15.16 -26.10
N ILE G 72 -19.87 15.53 -27.31
CA ILE G 72 -20.79 15.89 -28.37
C ILE G 72 -20.83 14.74 -29.36
N SER G 73 -22.03 14.43 -29.85
CA SER G 73 -22.21 13.40 -30.88
C SER G 73 -23.41 13.73 -31.75
N ARG G 74 -23.56 12.98 -32.84
CA ARG G 74 -24.69 13.17 -33.78
C ARG G 74 -25.20 11.85 -34.29
N ASP G 75 -26.49 11.81 -34.62
CA ASP G 75 -27.09 10.69 -35.34
C ASP G 75 -27.56 11.30 -36.67
N ASP G 76 -26.71 11.17 -37.71
CA ASP G 76 -27.02 11.72 -39.02
C ASP G 76 -28.31 11.12 -39.60
N SER G 77 -28.67 9.89 -39.23
CA SER G 77 -29.90 9.29 -39.73
C SER G 77 -31.18 9.95 -39.15
N ARG G 78 -31.12 10.45 -37.92
CA ARG G 78 -32.29 11.11 -37.27
C ARG G 78 -32.27 12.65 -37.29
N SER G 79 -31.22 13.24 -37.87
CA SER G 79 -30.95 14.68 -37.84
C SER G 79 -30.93 15.23 -36.43
N VAL G 80 -30.19 14.57 -35.53
CA VAL G 80 -30.08 15.03 -34.13
C VAL G 80 -28.63 15.14 -33.65
N VAL G 81 -28.35 16.15 -32.84
CA VAL G 81 -27.07 16.31 -32.15
C VAL G 81 -27.33 16.17 -30.67
N TYR G 82 -26.46 15.45 -29.98
CA TYR G 82 -26.57 15.28 -28.54
C TYR G 82 -25.39 15.99 -27.85
N LEU G 83 -25.58 16.38 -26.60
CA LEU G 83 -24.48 16.83 -25.72
C LEU G 83 -24.62 16.16 -24.35
N GLN G 84 -23.83 15.12 -24.12
CA GLN G 84 -23.74 14.42 -22.85
C GLN G 84 -22.86 15.24 -21.92
N MET G 85 -23.36 15.56 -20.72
CA MET G 85 -22.63 16.38 -19.76
C MET G 85 -22.52 15.60 -18.45
N ASN G 86 -21.30 15.28 -18.06
CA ASN G 86 -21.05 14.58 -16.79
C ASN G 86 -20.31 15.45 -15.78
N ASN G 87 -20.47 15.11 -14.50
CA ASN G 87 -19.80 15.81 -13.42
C ASN G 87 -20.05 17.34 -13.46
N LEU G 88 -21.31 17.70 -13.58
CA LEU G 88 -21.74 19.10 -13.71
C LEU G 88 -21.48 19.92 -12.45
N LYS G 89 -21.20 21.21 -12.66
CA LYS G 89 -20.82 22.16 -11.60
C LYS G 89 -21.73 23.37 -11.64
N PRO G 90 -21.77 24.15 -10.54
CA PRO G 90 -22.66 25.32 -10.53
C PRO G 90 -22.41 26.28 -11.69
N GLU G 91 -21.15 26.50 -12.07
CA GLU G 91 -20.84 27.42 -13.17
C GLU G 91 -21.23 26.91 -14.57
N ASP G 92 -21.56 25.62 -14.71
CA ASP G 92 -22.14 25.13 -15.96
C ASP G 92 -23.57 25.62 -16.19
N THR G 93 -24.22 26.15 -15.15
CA THR G 93 -25.55 26.73 -15.27
C THR G 93 -25.65 27.78 -16.36
N GLY G 94 -26.69 27.69 -17.17
CA GLY G 94 -27.00 28.69 -18.19
C GLY G 94 -27.95 28.17 -19.26
N ILE G 95 -28.16 29.01 -20.28
CA ILE G 95 -29.00 28.68 -21.44
C ILE G 95 -28.10 28.05 -22.50
N TYR G 96 -28.48 26.87 -22.98
CA TYR G 96 -27.68 26.11 -23.95
C TYR G 96 -28.36 26.13 -25.33
N TYR G 97 -27.69 26.75 -26.30
CA TYR G 97 -28.16 26.82 -27.67
C TYR G 97 -27.45 25.81 -28.54
N CYS G 98 -28.21 25.14 -29.39
CA CYS G 98 -27.72 24.26 -30.45
C CYS G 98 -27.67 25.11 -31.71
N THR G 99 -26.52 25.10 -32.38
CA THR G 99 -26.32 25.91 -33.59
C THR G 99 -25.98 25.03 -34.80
N GLY G 100 -26.41 25.48 -35.98
CA GLY G 100 -26.20 24.73 -37.22
C GLY G 100 -25.45 25.56 -38.23
N LEU G 101 -24.57 24.89 -39.00
CA LEU G 101 -23.64 25.52 -39.95
C LEU G 101 -22.74 26.47 -39.19
N THR G 102 -21.98 25.88 -38.29
CA THR G 102 -21.31 26.59 -37.22
C THR G 102 -22.30 27.54 -36.50
N PHE G 103 -22.27 28.85 -36.74
CA PHE G 103 -23.21 29.76 -36.06
C PHE G 103 -24.15 30.49 -37.01
N ASP G 104 -24.46 29.91 -38.16
CA ASP G 104 -25.39 30.53 -39.10
C ASP G 104 -26.82 30.49 -38.60
N TYR G 105 -27.18 29.37 -37.96
CA TYR G 105 -28.53 29.14 -37.45
C TYR G 105 -28.50 28.73 -35.98
N TRP G 106 -29.45 29.24 -35.19
CA TRP G 106 -29.52 29.01 -33.73
C TRP G 106 -30.90 28.52 -33.26
N GLY G 107 -30.91 27.57 -32.33
CA GLY G 107 -32.15 27.17 -31.67
C GLY G 107 -32.58 28.17 -30.60
N GLN G 108 -33.76 27.96 -30.05
CA GLN G 108 -34.34 28.87 -29.04
C GLN G 108 -33.70 28.76 -27.68
N GLY G 109 -33.01 27.66 -27.45
CA GLY G 109 -32.24 27.44 -26.22
C GLY G 109 -33.01 26.55 -25.28
N THR G 110 -32.29 25.85 -24.42
CA THR G 110 -32.87 25.12 -23.29
C THR G 110 -32.08 25.48 -22.04
N THR G 111 -32.75 25.58 -20.90
CA THR G 111 -32.07 26.03 -19.65
C THR G 111 -31.56 24.87 -18.80
N LEU G 112 -30.31 24.98 -18.36
CA LEU G 112 -29.71 24.01 -17.44
C LEU G 112 -29.35 24.73 -16.14
N THR G 113 -29.83 24.17 -15.02
CA THR G 113 -29.60 24.74 -13.71
C THR G 113 -28.93 23.66 -12.86
N VAL G 114 -27.73 23.96 -12.37
CA VAL G 114 -26.99 23.04 -11.51
C VAL G 114 -27.05 23.60 -10.10
N SER G 115 -27.82 22.91 -9.25
CA SER G 115 -28.11 23.35 -7.89
C SER G 115 -28.61 22.14 -7.09
N SER G 116 -28.37 22.13 -5.78
CA SER G 116 -28.93 21.08 -4.91
C SER G 116 -30.27 21.49 -4.32
N ALA G 117 -30.72 22.70 -4.66
CA ALA G 117 -32.11 23.08 -4.40
C ALA G 117 -33.09 22.21 -5.17
N LYS G 118 -34.31 22.15 -4.65
CA LYS G 118 -35.35 21.26 -5.11
C LYS G 118 -36.31 21.98 -6.01
N THR G 119 -36.89 21.22 -6.93
CA THR G 119 -37.93 21.71 -7.80
C THR G 119 -39.13 22.15 -6.96
N THR G 120 -39.65 23.32 -7.29
CA THR G 120 -40.85 23.89 -6.65
C THR G 120 -41.75 24.49 -7.72
N ALA G 121 -43.00 24.09 -7.75
CA ALA G 121 -43.98 24.62 -8.73
C ALA G 121 -44.40 26.03 -8.34
N PRO G 122 -44.87 26.84 -9.30
CA PRO G 122 -45.32 28.21 -9.02
C PRO G 122 -46.75 28.28 -8.53
N SER G 123 -47.06 29.30 -7.74
CA SER G 123 -48.43 29.77 -7.54
C SER G 123 -48.74 30.80 -8.63
N VAL G 124 -49.94 30.75 -9.21
CA VAL G 124 -50.32 31.66 -10.28
C VAL G 124 -51.61 32.37 -9.90
N TYR G 125 -51.53 33.70 -9.82
CA TYR G 125 -52.61 34.50 -9.29
C TYR G 125 -53.08 35.48 -10.35
N PRO G 126 -54.39 35.53 -10.61
CA PRO G 126 -54.91 36.50 -11.57
C PRO G 126 -55.04 37.86 -10.90
N LEU G 127 -54.55 38.91 -11.55
CA LEU G 127 -54.64 40.25 -11.02
C LEU G 127 -55.66 41.08 -11.80
N ALA G 128 -56.81 41.31 -11.19
CA ALA G 128 -57.86 42.16 -11.77
C ALA G 128 -57.75 43.59 -11.24
N PRO G 129 -58.32 44.58 -11.96
CA PRO G 129 -58.16 45.97 -11.52
C PRO G 129 -58.85 46.27 -10.19
N VAL G 130 -58.56 47.45 -9.65
CA VAL G 130 -59.03 47.86 -8.33
C VAL G 130 -60.56 47.95 -8.31
N CYS G 131 -61.15 47.51 -7.19
CA CYS G 131 -62.60 47.51 -7.01
C CYS G 131 -63.10 48.97 -7.21
N GLY G 132 -63.94 49.22 -8.23
CA GLY G 132 -64.63 50.54 -8.36
C GLY G 132 -64.35 51.28 -9.65
N SER G 138 -58.92 52.55 -21.91
CA SER G 138 -58.27 51.25 -21.87
C SER G 138 -58.12 50.78 -20.43
N VAL G 139 -57.90 49.48 -20.27
CA VAL G 139 -57.76 48.85 -18.95
C VAL G 139 -56.62 47.84 -18.96
N THR G 140 -55.91 47.75 -17.84
CA THR G 140 -54.76 46.87 -17.67
C THR G 140 -55.07 45.77 -16.65
N LEU G 141 -54.86 44.52 -17.08
CA LEU G 141 -54.95 43.34 -16.26
C LEU G 141 -53.55 42.82 -16.00
N GLY G 142 -53.42 41.86 -15.09
CA GLY G 142 -52.12 41.36 -14.69
C GLY G 142 -52.15 39.90 -14.31
N CYS G 143 -50.97 39.31 -14.13
CA CYS G 143 -50.82 37.91 -13.76
C CYS G 143 -49.51 37.72 -13.01
N LEU G 144 -49.57 37.22 -11.78
CA LEU G 144 -48.40 37.05 -10.93
C LEU G 144 -48.06 35.57 -10.80
N VAL G 145 -46.80 35.24 -11.07
CA VAL G 145 -46.26 33.88 -10.94
C VAL G 145 -45.20 33.91 -9.84
N LYS G 146 -45.49 33.28 -8.71
CA LYS G 146 -44.66 33.41 -7.51
C LYS G 146 -44.16 32.07 -7.00
N GLY G 147 -42.91 32.04 -6.56
CA GLY G 147 -42.36 30.92 -5.76
C GLY G 147 -41.95 29.66 -6.50
N TYR G 148 -41.34 29.81 -7.67
CA TYR G 148 -40.91 28.64 -8.48
C TYR G 148 -39.42 28.48 -8.62
N PHE G 149 -39.00 27.26 -8.91
CA PHE G 149 -37.60 26.92 -9.15
C PHE G 149 -37.54 25.57 -9.83
N PRO G 150 -36.66 25.37 -10.84
CA PRO G 150 -35.79 26.39 -11.43
C PRO G 150 -36.50 27.21 -12.50
N GLU G 151 -35.74 28.04 -13.19
CA GLU G 151 -36.18 28.65 -14.44
C GLU G 151 -36.24 27.58 -15.56
N PRO G 152 -37.07 27.79 -16.59
CA PRO G 152 -37.97 28.94 -16.73
C PRO G 152 -39.43 28.55 -16.61
N VAL G 153 -40.28 29.58 -16.62
CA VAL G 153 -41.70 29.40 -16.91
C VAL G 153 -41.95 30.05 -18.25
N THR G 154 -43.07 29.71 -18.84
CA THR G 154 -43.52 30.38 -20.06
C THR G 154 -44.96 30.83 -19.82
N LEU G 155 -45.21 32.11 -20.09
CA LEU G 155 -46.48 32.76 -19.82
C LEU G 155 -47.01 33.30 -21.13
N THR G 156 -48.28 33.03 -21.41
CA THR G 156 -49.00 33.61 -22.56
C THR G 156 -50.36 34.12 -22.12
N TRP G 157 -51.01 34.89 -23.00
CA TRP G 157 -52.36 35.40 -22.78
C TRP G 157 -53.29 34.87 -23.88
N ASN G 158 -54.38 34.21 -23.48
CA ASN G 158 -55.30 33.49 -24.38
C ASN G 158 -54.57 32.54 -25.30
N SER G 159 -53.67 31.76 -24.69
CA SER G 159 -52.88 30.72 -25.37
C SER G 159 -52.05 31.23 -26.57
N GLY G 160 -51.59 32.48 -26.50
CA GLY G 160 -50.84 33.11 -27.61
C GLY G 160 -51.61 34.11 -28.45
N SER G 161 -52.95 34.01 -28.47
CA SER G 161 -53.82 34.91 -29.28
C SER G 161 -53.62 36.38 -29.01
N LEU G 162 -53.62 36.74 -27.73
CA LEU G 162 -53.43 38.11 -27.30
C LEU G 162 -51.94 38.33 -27.01
N SER G 163 -51.24 38.94 -27.98
CA SER G 163 -49.79 39.13 -27.91
C SER G 163 -49.37 40.59 -27.79
N SER G 164 -49.93 41.50 -28.60
CA SER G 164 -49.56 42.91 -28.49
C SER G 164 -50.25 43.56 -27.29
N GLY G 165 -49.64 44.61 -26.77
CA GLY G 165 -50.06 45.22 -25.51
C GLY G 165 -49.66 44.44 -24.28
N VAL G 166 -48.73 43.50 -24.40
CA VAL G 166 -48.29 42.64 -23.29
C VAL G 166 -46.89 43.06 -22.83
N HIS G 167 -46.65 43.03 -21.53
CA HIS G 167 -45.31 43.25 -20.97
C HIS G 167 -45.07 42.15 -19.93
N THR G 168 -44.25 41.17 -20.25
CA THR G 168 -43.88 40.12 -19.31
C THR G 168 -42.50 40.45 -18.78
N PHE G 169 -42.36 40.57 -17.46
CA PHE G 169 -41.14 41.11 -16.86
C PHE G 169 -40.16 40.01 -16.47
N PRO G 170 -38.85 40.32 -16.49
CA PRO G 170 -37.85 39.30 -16.20
C PRO G 170 -38.01 38.73 -14.82
N ALA G 171 -37.82 37.42 -14.70
CA ALA G 171 -37.87 36.77 -13.39
C ALA G 171 -36.79 37.27 -12.44
N LEU G 172 -37.08 37.27 -11.14
CA LEU G 172 -36.12 37.68 -10.14
C LEU G 172 -36.13 36.73 -8.95
N LEU G 173 -34.95 36.64 -8.33
CA LEU G 173 -34.72 35.68 -7.29
C LEU G 173 -35.18 36.31 -5.97
N LEU G 174 -36.18 35.69 -5.31
CA LEU G 174 -36.73 36.14 -4.00
C LEU G 174 -36.36 35.08 -2.95
N SER G 175 -35.13 35.20 -2.42
CA SER G 175 -34.57 34.26 -1.43
C SER G 175 -34.67 32.77 -1.85
N GLY G 176 -34.06 32.45 -2.99
CA GLY G 176 -34.03 31.08 -3.52
C GLY G 176 -35.18 30.63 -4.43
N LEU G 177 -36.25 31.42 -4.52
CA LEU G 177 -37.36 31.13 -5.42
C LEU G 177 -37.63 32.31 -6.36
N TYR G 178 -38.06 32.00 -7.58
CA TYR G 178 -38.24 33.02 -8.63
C TYR G 178 -39.66 33.57 -8.65
N THR G 179 -39.77 34.88 -8.90
CA THR G 179 -41.06 35.54 -9.12
C THR G 179 -41.03 36.29 -10.46
N LEU G 180 -42.09 36.16 -11.26
CA LEU G 180 -42.32 37.11 -12.35
C LEU G 180 -43.78 37.47 -12.50
N SER G 181 -44.04 38.59 -13.14
CA SER G 181 -45.40 39.07 -13.44
C SER G 181 -45.51 39.44 -14.92
N SER G 182 -46.73 39.49 -15.44
CA SER G 182 -47.00 40.04 -16.77
C SER G 182 -48.25 40.91 -16.75
N SER G 183 -48.21 42.04 -17.45
CA SER G 183 -49.37 42.92 -17.64
C SER G 183 -49.84 42.81 -19.08
N VAL G 184 -51.13 42.97 -19.30
CA VAL G 184 -51.71 43.06 -20.65
C VAL G 184 -52.70 44.23 -20.64
N THR G 185 -52.75 45.01 -21.71
CA THR G 185 -53.61 46.18 -21.82
C THR G 185 -54.50 46.07 -23.06
N VAL G 186 -55.82 46.13 -22.84
CA VAL G 186 -56.83 46.12 -23.93
C VAL G 186 -57.75 47.33 -23.78
N THR G 187 -58.60 47.55 -24.78
CA THR G 187 -59.61 48.63 -24.71
C THR G 187 -60.76 48.16 -23.82
N SER G 188 -61.40 49.09 -23.11
CA SER G 188 -62.43 48.77 -22.10
C SER G 188 -63.65 47.99 -22.60
N ASN G 189 -63.88 47.96 -23.91
CA ASN G 189 -64.95 47.13 -24.50
C ASN G 189 -64.60 45.65 -24.49
N THR G 190 -63.34 45.33 -24.80
CA THR G 190 -62.84 43.95 -24.84
C THR G 190 -63.09 43.21 -23.53
N TRP G 191 -62.79 43.85 -22.40
CA TRP G 191 -62.88 43.22 -21.07
C TRP G 191 -63.76 44.04 -20.12
N PRO G 192 -64.71 43.40 -19.42
CA PRO G 192 -64.85 41.93 -19.30
C PRO G 192 -65.72 41.18 -20.35
N SER G 193 -66.21 41.86 -21.40
CA SER G 193 -67.06 41.23 -22.45
C SER G 193 -66.51 39.91 -22.97
N GLN G 194 -65.26 39.95 -23.41
CA GLN G 194 -64.51 38.77 -23.82
C GLN G 194 -63.62 38.37 -22.66
N THR G 195 -63.51 37.07 -22.45
CA THR G 195 -62.76 36.53 -21.33
C THR G 195 -61.26 36.50 -21.67
N ILE G 196 -60.42 36.84 -20.69
CA ILE G 196 -58.96 36.90 -20.85
C ILE G 196 -58.33 35.98 -19.82
N THR G 197 -57.42 35.10 -20.26
CA THR G 197 -56.87 34.02 -19.43
C THR G 197 -55.34 33.99 -19.49
N CYS G 198 -54.70 34.03 -18.32
CA CYS G 198 -53.26 33.90 -18.19
C CYS G 198 -52.87 32.42 -18.22
N ASN G 199 -51.99 32.01 -19.14
CA ASN G 199 -51.53 30.60 -19.23
C ASN G 199 -50.07 30.50 -18.82
N VAL G 200 -49.79 29.72 -17.77
CA VAL G 200 -48.44 29.53 -17.28
C VAL G 200 -48.04 28.05 -17.37
N ALA G 201 -46.87 27.78 -17.91
CA ALA G 201 -46.27 26.45 -17.90
C ALA G 201 -44.96 26.49 -17.13
N HIS G 202 -44.75 25.47 -16.29
CA HIS G 202 -43.47 25.24 -15.62
C HIS G 202 -43.09 23.79 -15.91
N PRO G 203 -42.31 23.57 -16.99
CA PRO G 203 -41.93 22.23 -17.42
C PRO G 203 -41.27 21.41 -16.32
N ALA G 204 -40.39 22.05 -15.53
CA ALA G 204 -39.65 21.38 -14.46
C ALA G 204 -40.51 20.63 -13.45
N SER G 205 -41.73 21.12 -13.18
CA SER G 205 -42.65 20.46 -12.25
C SER G 205 -43.93 19.92 -12.91
N SER G 206 -43.92 19.77 -14.25
CA SER G 206 -45.10 19.34 -15.02
C SER G 206 -46.37 20.13 -14.73
N THR G 207 -46.22 21.44 -14.49
CA THR G 207 -47.31 22.35 -14.13
C THR G 207 -47.82 23.08 -15.36
N LYS G 208 -49.11 22.99 -15.64
CA LYS G 208 -49.76 23.81 -16.66
C LYS G 208 -51.01 24.36 -16.06
N VAL G 209 -51.10 25.68 -15.96
CA VAL G 209 -52.17 26.33 -15.24
C VAL G 209 -52.77 27.42 -16.13
N ASP G 210 -54.08 27.56 -16.06
CA ASP G 210 -54.83 28.60 -16.76
C ASP G 210 -55.59 29.38 -15.68
N LYS G 211 -55.41 30.70 -15.62
CA LYS G 211 -56.17 31.54 -14.67
C LYS G 211 -56.95 32.62 -15.40
N LYS G 212 -58.27 32.50 -15.37
CA LYS G 212 -59.18 33.49 -15.95
C LYS G 212 -59.15 34.77 -15.09
N ILE G 213 -59.12 35.94 -15.73
CA ILE G 213 -59.12 37.22 -15.02
C ILE G 213 -60.57 37.67 -14.78
N GLU G 214 -61.05 37.50 -13.54
CA GLU G 214 -62.40 37.84 -13.14
C GLU G 214 -62.43 39.20 -12.50
N PRO G 215 -63.49 40.04 -12.75
CA PRO G 215 -63.58 41.29 -12.00
C PRO G 215 -63.87 41.05 -10.53
N ARG G 216 -63.43 41.97 -9.67
CA ARG G 216 -63.58 41.80 -8.21
C ARG G 216 -64.99 42.18 -7.77
N GLY G 217 -65.67 41.30 -7.03
CA GLY G 217 -66.98 41.65 -6.41
C GLY G 217 -66.72 42.10 -4.99
N PRO G 218 -67.44 43.14 -4.50
CA PRO G 218 -67.32 43.50 -3.05
C PRO G 218 -67.85 42.41 -2.10
N ASP H 1 -6.00 31.59 -26.56
CA ASP H 1 -7.36 32.11 -26.88
C ASP H 1 -7.27 33.52 -27.43
N ILE H 2 -8.09 33.81 -28.41
CA ILE H 2 -8.27 35.17 -28.90
C ILE H 2 -9.37 35.81 -28.06
N VAL H 3 -9.07 36.97 -27.50
CA VAL H 3 -10.00 37.70 -26.64
C VAL H 3 -10.54 38.89 -27.42
N LEU H 4 -11.86 38.98 -27.52
CA LEU H 4 -12.51 40.08 -28.22
C LEU H 4 -13.06 41.10 -27.22
N THR H 5 -12.74 42.36 -27.43
CA THR H 5 -13.13 43.43 -26.51
C THR H 5 -13.97 44.43 -27.29
N GLN H 6 -15.22 44.62 -26.86
CA GLN H 6 -16.11 45.54 -27.52
C GLN H 6 -16.15 46.87 -26.85
N SER H 7 -16.48 47.90 -27.63
CA SER H 7 -16.78 49.20 -27.06
C SER H 7 -17.69 49.92 -28.06
N PRO H 8 -18.54 50.83 -27.60
CA PRO H 8 -18.78 51.08 -26.20
C PRO H 8 -19.64 49.95 -25.60
N ALA H 9 -19.84 49.99 -24.28
CA ALA H 9 -20.68 49.01 -23.59
C ALA H 9 -22.13 49.17 -23.99
N SER H 10 -22.58 50.42 -24.08
CA SER H 10 -23.91 50.76 -24.56
C SER H 10 -23.94 52.14 -25.15
N LEU H 11 -25.06 52.48 -25.78
CA LEU H 11 -25.09 53.58 -26.73
C LEU H 11 -26.54 53.91 -27.07
N ALA H 12 -26.86 55.19 -27.16
CA ALA H 12 -28.24 55.66 -27.42
C ALA H 12 -28.32 56.57 -28.66
N VAL H 13 -29.05 56.10 -29.68
CA VAL H 13 -29.07 56.70 -31.02
C VAL H 13 -30.48 57.04 -31.45
N SER H 14 -30.66 58.18 -32.13
CA SER H 14 -31.99 58.60 -32.61
C SER H 14 -32.35 57.85 -33.90
N LEU H 15 -33.64 57.70 -34.15
CA LEU H 15 -34.13 57.10 -35.40
C LEU H 15 -33.56 57.83 -36.59
N GLY H 16 -33.03 57.09 -37.56
CA GLY H 16 -32.45 57.71 -38.77
C GLY H 16 -30.96 57.99 -38.69
N GLN H 17 -30.39 58.06 -37.49
CA GLN H 17 -28.94 58.29 -37.29
C GLN H 17 -28.12 57.00 -37.49
N ARG H 18 -26.80 57.13 -37.33
CA ARG H 18 -25.84 56.03 -37.45
C ARG H 18 -25.35 55.57 -36.08
N ALA H 19 -25.24 54.27 -35.90
CA ALA H 19 -24.62 53.66 -34.73
C ALA H 19 -23.36 52.94 -35.18
N THR H 20 -22.29 53.10 -34.40
CA THR H 20 -21.01 52.49 -34.72
C THR H 20 -20.53 51.75 -33.48
N ILE H 21 -20.31 50.44 -33.63
CA ILE H 21 -19.87 49.58 -32.54
C ILE H 21 -18.54 48.96 -32.92
N SER H 22 -17.59 48.96 -31.99
CA SER H 22 -16.24 48.45 -32.25
C SER H 22 -15.96 47.12 -31.59
N CYS H 23 -14.98 46.41 -32.15
CA CYS H 23 -14.52 45.12 -31.62
C CYS H 23 -13.03 44.99 -31.90
N ARG H 24 -12.26 44.76 -30.83
CA ARG H 24 -10.81 44.64 -30.90
C ARG H 24 -10.38 43.25 -30.47
N ALA H 25 -9.56 42.59 -31.29
CA ALA H 25 -9.02 41.27 -30.98
C ALA H 25 -7.63 41.36 -30.38
N SER H 26 -7.34 40.45 -29.45
CA SER H 26 -6.06 40.40 -28.76
C SER H 26 -4.91 39.99 -29.69
N GLU H 27 -5.24 39.24 -30.73
CA GLU H 27 -4.33 38.98 -31.83
C GLU H 27 -5.13 38.85 -33.13
N SER H 28 -4.44 38.85 -34.26
CA SER H 28 -5.07 38.85 -35.58
C SER H 28 -6.00 37.66 -35.78
N VAL H 29 -7.18 37.95 -36.35
CA VAL H 29 -8.15 36.93 -36.76
C VAL H 29 -8.07 36.62 -38.27
N ASP H 30 -7.08 37.19 -38.97
CA ASP H 30 -6.86 36.90 -40.38
C ASP H 30 -6.35 35.48 -40.57
N ASN H 31 -6.91 34.79 -41.56
CA ASN H 31 -6.42 33.48 -41.99
C ASN H 31 -6.96 33.16 -43.39
N TYR H 32 -6.09 32.66 -44.27
CA TYR H 32 -6.40 32.44 -45.68
C TYR H 32 -6.91 33.71 -46.38
N GLY H 33 -6.32 34.86 -46.03
CA GLY H 33 -6.70 36.15 -46.61
C GLY H 33 -8.08 36.69 -46.26
N ILE H 34 -8.72 36.07 -45.28
CA ILE H 34 -10.08 36.43 -44.83
C ILE H 34 -10.00 36.76 -43.35
N SER H 35 -10.61 37.87 -42.97
CA SER H 35 -10.71 38.22 -41.55
C SER H 35 -11.90 37.49 -40.96
N SER H 36 -11.64 36.49 -40.13
CA SER H 36 -12.71 35.70 -39.53
C SER H 36 -13.37 36.43 -38.38
N MET H 37 -14.27 37.35 -38.74
CA MET H 37 -14.99 38.19 -37.79
C MET H 37 -16.48 38.22 -38.16
N ASN H 38 -17.33 37.83 -37.23
CA ASN H 38 -18.78 37.76 -37.43
C ASN H 38 -19.50 38.63 -36.42
N TRP H 39 -20.69 39.09 -36.79
CA TRP H 39 -21.53 39.90 -35.89
C TRP H 39 -22.91 39.29 -35.73
N PHE H 40 -23.42 39.35 -34.52
CA PHE H 40 -24.74 38.82 -34.19
C PHE H 40 -25.59 39.86 -33.48
N GLN H 41 -26.90 39.74 -33.65
CA GLN H 41 -27.88 40.58 -32.96
C GLN H 41 -28.70 39.71 -32.02
N GLN H 42 -28.78 40.09 -30.76
CA GLN H 42 -29.65 39.40 -29.81
C GLN H 42 -30.71 40.36 -29.29
N LYS H 43 -31.95 40.16 -29.74
CA LYS H 43 -33.10 40.86 -29.17
C LYS H 43 -33.46 40.21 -27.85
N ALA H 44 -34.34 40.85 -27.10
CA ALA H 44 -34.73 40.34 -25.78
C ALA H 44 -35.49 39.01 -25.85
N GLY H 45 -35.04 38.05 -25.05
CA GLY H 45 -35.69 36.73 -24.97
C GLY H 45 -35.49 35.83 -26.19
N GLN H 46 -34.39 36.07 -26.89
CA GLN H 46 -34.15 35.50 -28.21
C GLN H 46 -32.76 34.94 -28.30
N PRO H 47 -32.58 33.97 -29.23
CA PRO H 47 -31.20 33.57 -29.53
C PRO H 47 -30.51 34.68 -30.31
N PRO H 48 -29.18 34.62 -30.38
CA PRO H 48 -28.48 35.51 -31.30
C PRO H 48 -28.83 35.23 -32.76
N LYS H 49 -28.81 36.28 -33.56
CA LYS H 49 -29.12 36.21 -34.98
C LYS H 49 -27.91 36.64 -35.76
N PHE H 50 -27.63 35.92 -36.82
CA PHE H 50 -26.42 36.08 -37.60
C PHE H 50 -26.61 37.22 -38.60
N LEU H 51 -25.69 38.19 -38.58
CA LEU H 51 -25.77 39.40 -39.42
C LEU H 51 -24.65 39.52 -40.45
N ILE H 52 -23.41 39.50 -40.00
CA ILE H 52 -22.24 39.74 -40.84
C ILE H 52 -21.24 38.60 -40.68
N TYR H 53 -20.56 38.25 -41.77
CA TYR H 53 -19.42 37.33 -41.75
C TYR H 53 -18.26 37.87 -42.56
N ALA H 54 -17.10 37.26 -42.37
CA ALA H 54 -15.87 37.69 -43.04
C ALA H 54 -15.67 39.20 -42.92
N ALA H 55 -15.94 39.74 -41.73
CA ALA H 55 -15.77 41.17 -41.40
C ALA H 55 -16.76 42.15 -42.07
N SER H 56 -16.95 42.04 -43.39
CA SER H 56 -17.73 43.01 -44.17
C SER H 56 -18.90 42.44 -44.98
N LYS H 57 -19.08 41.12 -44.99
CA LYS H 57 -20.06 40.51 -45.89
C LYS H 57 -21.35 40.21 -45.14
N GLN H 58 -22.49 40.55 -45.74
CA GLN H 58 -23.77 40.41 -45.07
C GLN H 58 -24.28 38.98 -45.16
N GLY H 59 -24.87 38.52 -44.08
CA GLY H 59 -25.47 37.20 -44.02
C GLY H 59 -26.64 37.12 -44.97
N SER H 60 -26.97 35.90 -45.37
CA SER H 60 -28.04 35.67 -46.33
C SER H 60 -29.38 36.21 -45.77
N GLY H 61 -30.02 37.10 -46.53
CA GLY H 61 -31.28 37.73 -46.12
C GLY H 61 -31.22 38.93 -45.16
N VAL H 62 -30.03 39.32 -44.73
CA VAL H 62 -29.85 40.37 -43.72
C VAL H 62 -30.04 41.77 -44.34
N PRO H 63 -30.74 42.70 -43.67
CA PRO H 63 -31.01 44.04 -44.26
C PRO H 63 -29.79 44.90 -44.62
N ALA H 64 -30.02 45.83 -45.55
CA ALA H 64 -28.98 46.70 -46.16
C ALA H 64 -28.25 47.58 -45.15
N ARG H 65 -28.98 48.04 -44.15
CA ARG H 65 -28.50 49.01 -43.16
C ARG H 65 -27.42 48.49 -42.18
N PHE H 66 -27.31 47.16 -42.02
CA PHE H 66 -26.20 46.57 -41.27
C PHE H 66 -25.02 46.31 -42.18
N SER H 67 -23.87 46.91 -41.87
CA SER H 67 -22.65 46.66 -42.64
C SER H 67 -21.50 46.56 -41.67
N GLY H 68 -20.41 45.93 -42.09
CA GLY H 68 -19.23 45.78 -41.25
C GLY H 68 -17.93 46.16 -41.95
N SER H 69 -16.91 46.50 -41.17
CA SER H 69 -15.59 46.76 -41.71
C SER H 69 -14.48 46.35 -40.77
N GLY H 70 -13.26 46.31 -41.32
CA GLY H 70 -12.05 46.01 -40.59
C GLY H 70 -11.25 44.84 -41.09
N SER H 71 -10.04 44.70 -40.54
CA SER H 71 -9.17 43.55 -40.74
C SER H 71 -8.15 43.46 -39.60
N GLY H 72 -7.52 42.30 -39.46
CA GLY H 72 -6.47 42.11 -38.46
C GLY H 72 -7.04 42.08 -37.06
N THR H 73 -6.88 43.18 -36.32
CA THR H 73 -7.36 43.26 -34.94
C THR H 73 -8.50 44.23 -34.69
N ASP H 74 -8.79 45.17 -35.59
CA ASP H 74 -9.81 46.18 -35.32
C ASP H 74 -10.94 46.10 -36.32
N PHE H 75 -12.16 46.00 -35.80
CA PHE H 75 -13.35 45.82 -36.62
C PHE H 75 -14.47 46.69 -36.10
N SER H 76 -15.48 46.89 -36.94
CA SER H 76 -16.67 47.58 -36.49
C SER H 76 -17.93 47.22 -37.27
N LEU H 77 -19.06 47.28 -36.55
CA LEU H 77 -20.40 47.14 -37.10
C LEU H 77 -20.99 48.53 -37.18
N ILE H 78 -21.58 48.85 -38.33
CA ILE H 78 -22.26 50.13 -38.54
C ILE H 78 -23.72 49.86 -38.87
N ILE H 79 -24.62 50.64 -38.27
CA ILE H 79 -26.04 50.55 -38.54
C ILE H 79 -26.51 51.91 -39.01
N HIS H 80 -27.02 52.01 -40.24
CA HIS H 80 -27.50 53.30 -40.77
C HIS H 80 -28.51 53.07 -41.91
N PRO H 81 -29.76 53.53 -41.81
CA PRO H 81 -30.32 54.28 -40.66
C PRO H 81 -30.85 53.39 -39.55
N VAL H 82 -30.69 53.81 -38.30
CA VAL H 82 -31.19 53.07 -37.13
C VAL H 82 -32.72 53.10 -37.07
N GLU H 83 -33.32 51.98 -36.69
CA GLU H 83 -34.79 51.83 -36.61
C GLU H 83 -35.22 51.33 -35.25
N GLU H 84 -36.49 51.56 -34.91
CA GLU H 84 -37.07 51.13 -33.62
C GLU H 84 -36.71 49.69 -33.27
N ASP H 85 -36.84 48.83 -34.27
CA ASP H 85 -36.65 47.40 -34.11
C ASP H 85 -35.19 46.96 -33.89
N ASP H 86 -34.24 47.86 -34.16
CA ASP H 86 -32.81 47.58 -33.97
C ASP H 86 -32.33 47.61 -32.51
N THR H 87 -33.19 47.94 -31.54
CA THR H 87 -32.84 47.87 -30.12
C THR H 87 -32.51 46.42 -29.74
N ALA H 88 -31.27 46.21 -29.32
CA ALA H 88 -30.74 44.88 -29.06
C ALA H 88 -29.31 44.92 -28.50
N VAL H 89 -28.76 43.74 -28.20
CA VAL H 89 -27.35 43.58 -27.85
C VAL H 89 -26.64 42.98 -29.06
N TYR H 90 -25.52 43.58 -29.45
CA TYR H 90 -24.75 43.15 -30.61
C TYR H 90 -23.44 42.54 -30.16
N PHE H 91 -23.13 41.33 -30.64
CA PHE H 91 -21.88 40.64 -30.29
C PHE H 91 -20.99 40.47 -31.51
N CYS H 92 -19.70 40.71 -31.34
CA CYS H 92 -18.71 40.26 -32.32
C CYS H 92 -18.22 38.87 -31.93
N GLN H 93 -17.71 38.13 -32.91
CA GLN H 93 -17.32 36.74 -32.69
C GLN H 93 -16.29 36.31 -33.71
N GLN H 94 -15.36 35.44 -33.30
CA GLN H 94 -14.14 35.14 -34.06
C GLN H 94 -14.06 33.65 -34.33
N SER H 95 -13.97 33.26 -35.60
CA SER H 95 -13.88 31.84 -35.96
C SER H 95 -12.52 31.45 -36.57
N LYS H 96 -11.47 32.23 -36.32
CA LYS H 96 -10.15 31.92 -36.88
C LYS H 96 -9.67 30.54 -36.42
N GLY H 97 -9.87 30.24 -35.14
CA GLY H 97 -9.56 28.92 -34.66
C GLY H 97 -10.07 28.64 -33.28
N VAL H 98 -10.01 27.37 -32.92
CA VAL H 98 -10.55 26.87 -31.68
C VAL H 98 -9.69 27.32 -30.49
N PRO H 99 -10.26 27.88 -29.42
CA PRO H 99 -11.71 28.04 -29.20
C PRO H 99 -12.28 29.28 -29.89
N TYR H 100 -13.48 29.12 -30.40
CA TYR H 100 -14.21 30.24 -30.99
C TYR H 100 -14.69 31.10 -29.84
N THR H 101 -14.57 32.41 -29.98
CA THR H 101 -14.84 33.32 -28.86
C THR H 101 -15.72 34.49 -29.28
N PHE H 102 -16.53 34.95 -28.32
CA PHE H 102 -17.45 36.05 -28.52
C PHE H 102 -16.99 37.26 -27.71
N GLY H 103 -17.35 38.46 -28.18
CA GLY H 103 -17.19 39.67 -27.39
C GLY H 103 -18.22 39.74 -26.26
N GLY H 104 -18.10 40.77 -25.43
CA GLY H 104 -18.98 40.95 -24.28
C GLY H 104 -20.35 41.52 -24.62
N GLY H 105 -20.52 41.95 -25.87
CA GLY H 105 -21.76 42.55 -26.33
C GLY H 105 -21.83 44.06 -26.08
N THR H 106 -22.56 44.75 -26.94
CA THR H 106 -22.80 46.20 -26.87
C THR H 106 -24.30 46.43 -26.99
N LYS H 107 -24.87 47.17 -26.06
CA LYS H 107 -26.32 47.40 -25.98
C LYS H 107 -26.70 48.66 -26.77
N LEU H 108 -27.54 48.50 -27.79
CA LEU H 108 -28.07 49.64 -28.52
C LEU H 108 -29.46 50.01 -28.01
N GLU H 109 -29.60 51.26 -27.62
CA GLU H 109 -30.87 51.84 -27.19
C GLU H 109 -31.30 52.87 -28.24
N ILE H 110 -32.59 52.96 -28.49
CA ILE H 110 -33.16 53.93 -29.42
C ILE H 110 -33.70 55.11 -28.63
N LYS H 111 -33.27 56.31 -29.01
CA LYS H 111 -33.73 57.54 -28.36
C LYS H 111 -35.12 57.89 -28.88
N ARG H 112 -35.97 58.35 -27.96
CA ARG H 112 -37.30 58.85 -28.29
C ARG H 112 -37.70 59.95 -27.32
N ALA H 113 -38.81 60.61 -27.60
CA ALA H 113 -39.28 61.69 -26.74
C ALA H 113 -39.63 61.12 -25.36
N ASP H 114 -39.41 61.93 -24.32
CA ASP H 114 -39.74 61.52 -22.95
C ASP H 114 -41.23 61.17 -22.85
N ALA H 115 -41.54 60.23 -21.97
CA ALA H 115 -42.93 59.78 -21.79
C ALA H 115 -43.15 59.29 -20.36
N ALA H 116 -44.19 59.83 -19.71
CA ALA H 116 -44.52 59.45 -18.34
C ALA H 116 -45.16 58.04 -18.33
N PRO H 117 -44.98 57.30 -17.22
CA PRO H 117 -45.55 55.97 -17.13
C PRO H 117 -47.04 55.97 -16.86
N THR H 118 -47.72 54.94 -17.35
CA THR H 118 -49.13 54.69 -17.00
C THR H 118 -49.10 53.72 -15.83
N VAL H 119 -49.56 54.17 -14.67
CA VAL H 119 -49.48 53.38 -13.44
C VAL H 119 -50.80 52.67 -13.10
N SER H 120 -50.73 51.36 -12.90
CA SER H 120 -51.88 50.55 -12.48
C SER H 120 -51.52 49.83 -11.17
N ILE H 121 -52.46 49.80 -10.23
CA ILE H 121 -52.26 49.13 -8.93
C ILE H 121 -53.28 48.03 -8.72
N PHE H 122 -52.82 46.92 -8.12
CA PHE H 122 -53.57 45.67 -8.01
C PHE H 122 -53.50 45.11 -6.60
N PRO H 123 -54.66 45.03 -5.90
CA PRO H 123 -54.65 44.37 -4.60
C PRO H 123 -54.35 42.88 -4.70
N PRO H 124 -54.08 42.24 -3.57
CA PRO H 124 -53.96 40.80 -3.58
C PRO H 124 -55.23 40.16 -4.12
N SER H 125 -55.07 39.12 -4.94
CA SER H 125 -56.21 38.40 -5.50
C SER H 125 -56.91 37.56 -4.43
N SER H 126 -58.18 37.26 -4.66
CA SER H 126 -58.97 36.42 -3.75
C SER H 126 -58.29 35.09 -3.51
N GLU H 127 -57.73 34.52 -4.58
CA GLU H 127 -57.08 33.23 -4.53
C GLU H 127 -55.82 33.25 -3.67
N GLN H 128 -55.04 34.32 -3.75
CA GLN H 128 -53.84 34.43 -2.92
C GLN H 128 -54.16 34.66 -1.45
N LEU H 129 -55.20 35.43 -1.17
CA LEU H 129 -55.62 35.70 0.21
C LEU H 129 -56.14 34.44 0.88
N THR H 130 -57.00 33.67 0.19
CA THR H 130 -57.49 32.39 0.74
C THR H 130 -56.40 31.32 0.87
N SER H 131 -55.26 31.47 0.19
CA SER H 131 -54.06 30.62 0.38
C SER H 131 -53.11 31.03 1.52
N GLY H 132 -53.34 32.20 2.11
CA GLY H 132 -52.53 32.68 3.23
C GLY H 132 -51.37 33.59 2.86
N GLY H 133 -51.40 34.11 1.65
CA GLY H 133 -50.41 35.09 1.20
C GLY H 133 -51.06 36.41 0.89
N ALA H 134 -50.23 37.41 0.61
CA ALA H 134 -50.68 38.72 0.16
C ALA H 134 -49.56 39.45 -0.57
N SER H 135 -49.78 39.75 -1.86
CA SER H 135 -48.86 40.53 -2.68
C SER H 135 -49.59 41.69 -3.36
N VAL H 136 -49.07 42.90 -3.20
CA VAL H 136 -49.61 44.07 -3.89
C VAL H 136 -48.68 44.43 -5.03
N VAL H 137 -49.26 44.64 -6.21
CA VAL H 137 -48.51 44.78 -7.47
C VAL H 137 -48.83 46.13 -8.15
N CYS H 138 -47.77 46.81 -8.59
CA CYS H 138 -47.89 48.07 -9.33
C CYS H 138 -47.18 47.92 -10.68
N PHE H 139 -47.87 48.24 -11.78
CA PHE H 139 -47.28 48.28 -13.10
C PHE H 139 -47.05 49.73 -13.51
N LEU H 140 -45.83 50.03 -13.94
CA LEU H 140 -45.50 51.33 -14.50
C LEU H 140 -45.10 51.11 -15.95
N ASN H 141 -46.02 51.38 -16.88
CA ASN H 141 -45.87 50.96 -18.26
C ASN H 141 -45.59 52.10 -19.26
N ASN H 142 -44.70 51.80 -20.21
CA ASN H 142 -44.46 52.62 -21.39
C ASN H 142 -43.93 54.00 -21.09
N PHE H 143 -42.75 54.07 -20.48
CA PHE H 143 -42.10 55.34 -20.14
C PHE H 143 -40.70 55.44 -20.75
N TYR H 144 -40.17 56.66 -20.79
CA TYR H 144 -38.80 56.91 -21.24
C TYR H 144 -38.29 58.19 -20.58
N PRO H 145 -37.05 58.22 -20.10
CA PRO H 145 -36.03 57.14 -20.19
C PRO H 145 -36.20 56.10 -19.07
N LYS H 146 -35.32 55.09 -19.08
CA LYS H 146 -35.41 53.97 -18.17
C LYS H 146 -35.38 54.35 -16.68
N ASP H 147 -34.67 55.43 -16.34
CA ASP H 147 -34.54 55.89 -14.94
C ASP H 147 -35.87 56.22 -14.32
N ILE H 148 -36.25 55.46 -13.29
CA ILE H 148 -37.48 55.72 -12.55
C ILE H 148 -37.33 55.29 -11.09
N ASN H 149 -38.16 55.86 -10.21
CA ASN H 149 -38.22 55.49 -8.82
C ASN H 149 -39.65 55.15 -8.42
N VAL H 150 -39.80 54.14 -7.57
CA VAL H 150 -41.09 53.78 -7.01
C VAL H 150 -40.99 53.81 -5.48
N LYS H 151 -42.06 54.23 -4.82
CA LYS H 151 -42.12 54.33 -3.37
C LYS H 151 -43.46 53.76 -2.86
N TRP H 152 -43.40 52.83 -1.92
CA TRP H 152 -44.60 52.26 -1.31
C TRP H 152 -44.92 52.95 0.01
N LYS H 153 -46.21 53.20 0.24
CA LYS H 153 -46.73 53.72 1.50
C LYS H 153 -47.84 52.80 2.00
N ILE H 154 -47.81 52.45 3.27
CA ILE H 154 -48.90 51.70 3.92
C ILE H 154 -49.46 52.58 5.04
N ASP H 155 -50.69 53.07 4.85
CA ASP H 155 -51.35 54.03 5.76
C ASP H 155 -50.55 55.35 5.88
N GLY H 156 -50.06 55.85 4.74
CA GLY H 156 -49.27 57.10 4.70
C GLY H 156 -47.81 56.98 5.15
N SER H 157 -47.37 55.77 5.46
CA SER H 157 -46.09 55.51 6.12
C SER H 157 -45.21 54.72 5.14
N GLU H 158 -44.00 55.20 4.87
CA GLU H 158 -43.15 54.58 3.82
C GLU H 158 -42.74 53.15 4.18
N ARG H 159 -42.66 52.30 3.16
CA ARG H 159 -42.32 50.89 3.29
C ARG H 159 -41.24 50.48 2.29
N GLN H 160 -40.29 49.66 2.75
CA GLN H 160 -39.17 49.20 1.89
C GLN H 160 -38.96 47.68 1.82
N ASN H 161 -39.16 46.95 2.91
CA ASN H 161 -38.97 45.50 2.93
C ASN H 161 -40.10 44.77 2.22
N GLY H 162 -39.75 43.73 1.49
CA GLY H 162 -40.71 42.96 0.70
C GLY H 162 -40.97 43.48 -0.71
N VAL H 163 -40.24 44.52 -1.14
CA VAL H 163 -40.42 45.13 -2.47
C VAL H 163 -39.46 44.53 -3.47
N LEU H 164 -39.97 44.22 -4.65
CA LEU H 164 -39.14 43.68 -5.76
C LEU H 164 -39.53 44.28 -7.10
N ASN H 165 -38.52 44.80 -7.81
CA ASN H 165 -38.70 45.55 -9.05
C ASN H 165 -38.05 44.84 -10.25
N SER H 166 -38.74 44.82 -11.38
CA SER H 166 -38.27 44.19 -12.61
C SER H 166 -38.59 45.08 -13.82
N TRP H 167 -37.57 45.46 -14.58
CA TRP H 167 -37.73 46.29 -15.80
C TRP H 167 -37.72 45.42 -17.05
N THR H 168 -38.53 45.78 -18.05
CA THR H 168 -38.41 45.17 -19.36
C THR H 168 -37.17 45.72 -20.06
N ASP H 169 -36.70 45.00 -21.08
CA ASP H 169 -35.78 45.58 -22.05
C ASP H 169 -36.62 46.53 -22.92
N GLN H 170 -35.96 47.41 -23.64
CA GLN H 170 -36.63 48.41 -24.45
C GLN H 170 -37.56 47.78 -25.49
N ASP H 171 -38.70 48.40 -25.71
CA ASP H 171 -39.73 47.86 -26.61
C ASP H 171 -39.29 48.01 -28.04
N SER H 172 -39.50 46.94 -28.84
CA SER H 172 -39.14 46.97 -30.26
C SER H 172 -40.07 47.81 -31.13
N LYS H 173 -41.26 48.14 -30.64
CA LYS H 173 -42.26 48.90 -31.42
C LYS H 173 -42.22 50.40 -31.08
N ASP H 174 -42.34 50.73 -29.80
CA ASP H 174 -42.46 52.14 -29.35
C ASP H 174 -41.28 52.67 -28.53
N SER H 175 -40.20 51.91 -28.45
CA SER H 175 -38.95 52.39 -27.82
C SER H 175 -39.10 52.81 -26.35
N THR H 176 -40.11 52.29 -25.66
CA THR H 176 -40.31 52.60 -24.23
C THR H 176 -39.84 51.46 -23.35
N TYR H 177 -39.84 51.72 -22.06
CA TYR H 177 -39.54 50.76 -21.02
C TYR H 177 -40.79 50.60 -20.15
N SER H 178 -40.95 49.44 -19.54
CA SER H 178 -42.03 49.18 -18.59
C SER H 178 -41.45 48.50 -17.35
N MET H 179 -42.18 48.52 -16.25
CA MET H 179 -41.66 48.02 -14.98
C MET H 179 -42.74 47.50 -14.03
N SER H 180 -42.43 46.43 -13.30
CA SER H 180 -43.32 45.92 -12.24
C SER H 180 -42.66 46.05 -10.88
N SER H 181 -43.42 46.57 -9.90
CA SER H 181 -42.97 46.63 -8.51
C SER H 181 -43.96 45.80 -7.69
N THR H 182 -43.44 44.86 -6.90
CA THR H 182 -44.25 43.93 -6.15
C THR H 182 -43.91 43.94 -4.65
N LEU H 183 -44.82 44.52 -3.85
CA LEU H 183 -44.75 44.47 -2.39
C LEU H 183 -45.39 43.20 -1.89
N THR H 184 -44.60 42.33 -1.25
CA THR H 184 -45.14 41.13 -0.63
C THR H 184 -45.14 41.27 0.90
N LEU H 185 -46.26 40.91 1.51
CA LEU H 185 -46.48 40.94 2.96
C LEU H 185 -47.06 39.62 3.42
N THR H 186 -47.03 39.37 4.73
CA THR H 186 -47.86 38.31 5.30
C THR H 186 -49.32 38.73 5.20
N LYS H 187 -50.22 37.76 5.08
CA LYS H 187 -51.67 38.03 5.11
C LYS H 187 -52.06 38.74 6.41
N ASP H 188 -51.48 38.32 7.53
CA ASP H 188 -51.71 38.96 8.84
C ASP H 188 -51.40 40.45 8.83
N GLU H 189 -50.26 40.84 8.26
CA GLU H 189 -49.89 42.25 8.17
C GLU H 189 -50.70 43.02 7.13
N TYR H 190 -51.05 42.37 6.02
CA TYR H 190 -51.91 42.99 5.00
C TYR H 190 -53.24 43.42 5.63
N GLU H 191 -53.83 42.55 6.45
CA GLU H 191 -55.16 42.80 7.01
C GLU H 191 -55.18 43.77 8.19
N ARG H 192 -54.02 44.14 8.76
CA ARG H 192 -53.97 45.21 9.79
C ARG H 192 -54.18 46.58 9.17
N HIS H 193 -53.38 46.89 8.17
CA HIS H 193 -53.39 48.21 7.56
C HIS H 193 -54.48 48.29 6.50
N ASN H 194 -54.91 49.51 6.16
CA ASN H 194 -56.03 49.73 5.23
C ASN H 194 -55.65 50.35 3.88
N SER H 195 -54.83 51.40 3.92
CA SER H 195 -54.50 52.20 2.75
C SER H 195 -53.14 51.83 2.15
N TYR H 196 -53.15 51.33 0.92
CA TYR H 196 -51.93 50.96 0.20
C TYR H 196 -51.72 51.88 -0.98
N THR H 197 -50.53 52.46 -1.06
CA THR H 197 -50.20 53.49 -2.06
C THR H 197 -48.87 53.15 -2.77
N CYS H 198 -48.77 53.63 -4.01
CA CYS H 198 -47.68 53.34 -4.91
C CYS H 198 -47.34 54.63 -5.68
N GLU H 199 -46.17 55.22 -5.39
CA GLU H 199 -45.75 56.53 -5.96
C GLU H 199 -44.60 56.40 -6.96
N ALA H 200 -44.79 56.92 -8.18
CA ALA H 200 -43.82 56.87 -9.26
C ALA H 200 -43.20 58.24 -9.47
N THR H 201 -41.93 58.40 -9.10
CA THR H 201 -41.18 59.62 -9.40
C THR H 201 -40.36 59.40 -10.67
N HIS H 202 -40.48 60.33 -11.62
CA HIS H 202 -39.90 60.17 -12.95
C HIS H 202 -39.52 61.54 -13.51
N LYS H 203 -38.50 61.56 -14.36
CA LYS H 203 -38.00 62.77 -15.01
C LYS H 203 -39.09 63.71 -15.59
N THR H 204 -40.16 63.12 -16.13
CA THR H 204 -41.21 63.82 -16.85
C THR H 204 -42.05 64.80 -16.05
N SER H 205 -42.15 64.57 -14.75
CA SER H 205 -42.96 65.40 -13.85
C SER H 205 -42.23 65.60 -12.52
N THR H 206 -42.31 66.82 -12.00
CA THR H 206 -41.72 67.13 -10.70
C THR H 206 -42.43 66.35 -9.57
N SER H 207 -43.77 66.39 -9.54
CA SER H 207 -44.55 65.68 -8.52
C SER H 207 -44.87 64.27 -9.01
N PRO H 208 -44.90 63.28 -8.08
CA PRO H 208 -45.10 61.89 -8.48
C PRO H 208 -46.50 61.54 -9.01
N ILE H 209 -46.59 60.42 -9.73
CA ILE H 209 -47.85 59.84 -10.15
C ILE H 209 -48.23 58.84 -9.06
N VAL H 210 -49.36 59.10 -8.39
CA VAL H 210 -49.79 58.32 -7.23
C VAL H 210 -51.02 57.49 -7.60
N LYS H 211 -50.99 56.20 -7.26
CA LYS H 211 -52.14 55.29 -7.41
C LYS H 211 -52.34 54.49 -6.13
N SER H 212 -53.61 54.38 -5.71
CA SER H 212 -53.96 53.91 -4.37
C SER H 212 -55.26 53.12 -4.32
N PHE H 213 -55.42 52.36 -3.25
CA PHE H 213 -56.70 51.74 -2.90
C PHE H 213 -56.82 51.55 -1.39
N ASN H 214 -58.04 51.31 -0.95
CA ASN H 214 -58.30 50.90 0.43
C ASN H 214 -58.82 49.47 0.45
N ARG H 215 -58.35 48.70 1.43
CA ARG H 215 -58.64 47.26 1.50
C ARG H 215 -60.13 46.91 1.56
N ASN H 216 -60.92 47.74 2.24
CA ASN H 216 -62.39 47.49 2.31
C ASN H 216 -63.14 48.04 1.08
N GLU H 217 -62.77 49.22 0.63
CA GLU H 217 -63.58 50.02 -0.31
C GLU H 217 -63.65 49.46 -1.73
N CYS H 218 -64.60 50.00 -2.50
CA CYS H 218 -64.86 49.59 -3.89
C CYS H 218 -65.34 50.70 -4.85
N HYP I 21 -19.47 26.19 -46.65
CA HYP I 21 -20.55 27.22 -46.65
C HYP I 21 -21.98 26.74 -46.55
O HYP I 21 -22.79 27.38 -45.87
CB HYP I 21 -20.31 28.07 -47.89
CG HYP I 21 -19.06 27.48 -48.55
CD HYP I 21 -18.67 26.17 -47.85
OD1 HYP I 21 -18.01 28.45 -48.41
N GLY I 22 -22.32 25.66 -47.26
CA GLY I 22 -23.56 24.88 -47.02
C GLY I 22 -23.30 23.71 -46.08
N GLU I 23 -22.04 23.57 -45.66
CA GLU I 23 -21.57 22.55 -44.76
C GLU I 23 -21.07 23.22 -43.44
N ARG I 24 -20.03 24.03 -43.59
CA ARG I 24 -19.28 24.65 -42.50
C ARG I 24 -19.95 25.94 -42.02
N GLY I 25 -20.74 26.56 -42.89
CA GLY I 25 -21.42 27.80 -42.63
C GLY I 25 -20.58 28.99 -43.05
N GLU I 26 -21.23 30.09 -43.37
CA GLU I 26 -20.55 31.35 -43.64
C GLU I 26 -19.77 31.85 -42.39
N THR I 27 -20.28 31.55 -41.19
CA THR I 27 -19.63 31.89 -39.92
C THR I 27 -18.60 30.90 -39.45
N GLY I 28 -18.42 29.77 -40.14
CA GLY I 28 -17.41 28.77 -39.79
C GLY I 28 -15.98 29.23 -40.07
N PRO I 29 -14.99 28.42 -39.69
CA PRO I 29 -13.59 28.81 -39.77
C PRO I 29 -13.04 28.89 -41.20
N HYP I 30 -12.09 29.79 -41.47
CA HYP I 30 -11.48 29.73 -42.78
C HYP I 30 -10.75 28.50 -43.20
O HYP I 30 -10.13 27.87 -42.38
CB HYP I 30 -11.22 31.15 -43.29
CG HYP I 30 -11.52 32.00 -42.05
CD HYP I 30 -11.79 31.06 -40.88
OD1 HYP I 30 -12.68 32.78 -42.31
N GLY I 31 -10.82 28.16 -44.49
CA GLY I 31 -10.16 26.97 -45.03
C GLY I 31 -9.73 27.12 -46.49
N PRO I 32 -8.87 26.19 -46.96
CA PRO I 32 -8.30 26.30 -48.30
C PRO I 32 -9.37 26.37 -49.42
N ALA I 33 -9.05 26.96 -50.57
CA ALA I 33 -10.06 27.39 -51.58
C ALA I 33 -10.47 26.26 -52.53
N GLU J 1 -2.23 -56.51 -33.02
CA GLU J 1 -1.63 -55.68 -31.95
C GLU J 1 -0.80 -56.54 -31.00
N VAL J 2 0.27 -55.98 -30.47
CA VAL J 2 1.09 -56.69 -29.51
C VAL J 2 0.41 -56.66 -28.14
N LYS J 3 0.54 -57.76 -27.39
CA LYS J 3 -0.13 -57.95 -26.11
C LYS J 3 0.73 -58.82 -25.20
N LEU J 4 1.02 -58.31 -23.99
CA LEU J 4 1.84 -59.03 -22.97
C LEU J 4 1.08 -59.06 -21.67
N GLU J 5 0.93 -60.24 -21.07
CA GLU J 5 0.17 -60.39 -19.82
C GLU J 5 0.94 -61.20 -18.78
N GLU J 6 1.38 -60.48 -17.73
CA GLU J 6 2.07 -61.10 -16.60
C GLU J 6 1.08 -61.74 -15.66
N SER J 7 1.53 -62.72 -14.88
CA SER J 7 0.72 -63.32 -13.83
C SER J 7 1.59 -63.96 -12.75
N GLY J 8 1.02 -64.17 -11.58
CA GLY J 8 1.66 -64.93 -10.51
C GLY J 8 2.42 -64.09 -9.50
N GLY J 9 2.13 -62.78 -9.43
CA GLY J 9 2.62 -61.97 -8.35
C GLY J 9 1.79 -62.21 -7.10
N GLY J 10 2.09 -61.44 -6.04
CA GLY J 10 1.37 -61.53 -4.80
C GLY J 10 2.38 -61.50 -3.62
N LEU J 11 1.93 -62.10 -2.53
CA LEU J 11 2.68 -62.07 -1.30
C LEU J 11 3.50 -63.29 -1.05
N VAL J 12 4.66 -63.13 -0.42
CA VAL J 12 5.50 -64.28 -0.03
C VAL J 12 6.40 -63.93 1.15
N GLN J 13 6.73 -64.93 1.96
CA GLN J 13 7.59 -64.71 3.11
C GLN J 13 9.01 -64.51 2.69
N PRO J 14 9.79 -63.72 3.46
CA PRO J 14 11.24 -63.66 3.18
C PRO J 14 11.87 -65.04 3.22
N GLY J 15 12.69 -65.33 2.22
CA GLY J 15 13.28 -66.67 2.03
C GLY J 15 12.47 -67.60 1.14
N GLY J 16 11.24 -67.22 0.80
CA GLY J 16 10.33 -68.05 0.00
C GLY J 16 10.54 -67.90 -1.49
N SER J 17 9.65 -68.52 -2.28
CA SER J 17 9.78 -68.59 -3.73
C SER J 17 8.54 -68.12 -4.43
N MET J 18 8.68 -67.89 -5.72
CA MET J 18 7.61 -67.40 -6.57
C MET J 18 8.01 -67.56 -8.01
N LYS J 19 7.05 -67.97 -8.85
CA LYS J 19 7.27 -68.08 -10.29
C LYS J 19 6.32 -67.13 -11.00
N LEU J 20 6.86 -66.07 -11.59
CA LEU J 20 6.06 -65.19 -12.44
C LEU J 20 5.99 -65.82 -13.81
N SER J 21 4.95 -65.52 -14.57
CA SER J 21 4.91 -65.90 -15.97
C SER J 21 4.22 -64.86 -16.85
N CYS J 22 4.57 -64.90 -18.12
CA CYS J 22 4.24 -63.87 -19.11
C CYS J 22 3.75 -64.51 -20.40
N ALA J 23 2.55 -64.16 -20.83
CA ALA J 23 2.00 -64.61 -22.12
C ALA J 23 2.12 -63.49 -23.13
N ALA J 24 2.67 -63.78 -24.31
CA ALA J 24 2.82 -62.82 -25.38
C ALA J 24 2.09 -63.26 -26.63
N SER J 25 1.55 -62.30 -27.37
CA SER J 25 1.02 -62.54 -28.71
C SER J 25 1.22 -61.29 -29.57
N GLY J 26 1.04 -61.43 -30.89
CA GLY J 26 1.17 -60.31 -31.82
C GLY J 26 2.53 -60.09 -32.47
N PHE J 27 3.51 -60.91 -32.13
CA PHE J 27 4.82 -60.91 -32.77
C PHE J 27 5.35 -62.32 -32.77
N THR J 28 6.31 -62.62 -33.64
CA THR J 28 6.86 -63.97 -33.73
C THR J 28 7.69 -64.25 -32.47
N PHE J 29 7.10 -65.02 -31.56
CA PHE J 29 7.65 -65.18 -30.22
C PHE J 29 9.00 -65.88 -30.21
N SER J 30 9.15 -66.97 -30.96
CA SER J 30 10.39 -67.75 -30.90
C SER J 30 11.61 -66.98 -31.45
N ASP J 31 11.34 -65.92 -32.23
CA ASP J 31 12.37 -64.97 -32.68
C ASP J 31 12.77 -63.92 -31.65
N ALA J 32 11.87 -63.60 -30.72
CA ALA J 32 12.04 -62.44 -29.85
C ALA J 32 12.96 -62.70 -28.68
N TRP J 33 13.75 -61.67 -28.34
CA TRP J 33 14.47 -61.61 -27.06
C TRP J 33 13.50 -61.02 -26.06
N MET J 34 13.41 -61.64 -24.89
CA MET J 34 12.46 -61.24 -23.86
C MET J 34 13.24 -60.90 -22.60
N ASP J 35 12.76 -59.92 -21.85
CA ASP J 35 13.38 -59.54 -20.59
C ASP J 35 12.34 -59.37 -19.47
N TRP J 36 12.80 -59.41 -18.22
CA TRP J 36 12.03 -58.92 -17.06
C TRP J 36 12.71 -57.67 -16.50
N VAL J 37 11.88 -56.64 -16.22
CA VAL J 37 12.32 -55.38 -15.61
C VAL J 37 11.44 -55.13 -14.39
N ARG J 38 12.01 -54.62 -13.31
CA ARG J 38 11.22 -54.30 -12.12
C ARG J 38 11.31 -52.84 -11.71
N GLN J 39 10.31 -52.39 -10.96
CA GLN J 39 10.21 -50.99 -10.56
C GLN J 39 9.79 -50.87 -9.09
N SER J 40 10.61 -50.12 -8.34
CA SER J 40 10.33 -49.77 -6.96
C SER J 40 10.51 -48.28 -6.81
N PRO J 41 9.93 -47.68 -5.76
CA PRO J 41 10.24 -46.27 -5.46
C PRO J 41 11.71 -46.03 -5.07
N GLU J 42 12.36 -47.02 -4.47
CA GLU J 42 13.73 -46.87 -3.96
C GLU J 42 14.78 -46.91 -5.05
N LYS J 43 14.68 -47.90 -5.95
CA LYS J 43 15.73 -48.15 -6.98
C LYS J 43 15.33 -47.84 -8.42
N GLY J 44 14.09 -47.37 -8.65
CA GLY J 44 13.65 -46.98 -9.98
C GLY J 44 13.46 -48.19 -10.86
N LEU J 45 13.74 -48.03 -12.15
CA LEU J 45 13.65 -49.15 -13.10
C LEU J 45 14.96 -49.94 -13.11
N GLU J 46 14.88 -51.22 -12.76
CA GLU J 46 16.01 -52.15 -12.77
C GLU J 46 15.75 -53.24 -13.79
N TRP J 47 16.65 -53.39 -14.76
CA TRP J 47 16.68 -54.58 -15.57
C TRP J 47 17.03 -55.76 -14.65
N VAL J 48 16.28 -56.85 -14.77
CA VAL J 48 16.45 -58.02 -13.91
C VAL J 48 17.10 -59.20 -14.65
N ALA J 49 16.52 -59.56 -15.79
CA ALA J 49 16.99 -60.72 -16.56
C ALA J 49 16.59 -60.72 -18.05
N GLU J 50 17.43 -61.37 -18.85
CA GLU J 50 17.28 -61.48 -20.31
C GLU J 50 17.29 -62.95 -20.70
N ILE J 51 16.47 -63.29 -21.70
CA ILE J 51 16.60 -64.54 -22.43
C ILE J 51 16.50 -64.26 -23.93
N ARG J 52 17.46 -64.80 -24.68
CA ARG J 52 17.55 -64.55 -26.10
C ARG J 52 16.80 -65.62 -26.87
N ASN J 53 16.79 -65.47 -28.19
CA ASN J 53 16.05 -66.37 -29.05
C ASN J 53 16.79 -67.67 -29.36
N LYS J 54 16.11 -68.54 -30.12
CA LYS J 54 16.64 -69.83 -30.54
C LYS J 54 18.00 -69.72 -31.26
N VAL J 55 18.11 -68.71 -32.11
CA VAL J 55 19.35 -68.47 -32.87
C VAL J 55 20.53 -68.15 -31.95
N ASN J 56 20.26 -67.46 -30.83
CA ASN J 56 21.29 -67.15 -29.83
C ASN J 56 21.35 -68.15 -28.66
N ASN J 57 20.97 -69.40 -28.91
CA ASN J 57 21.03 -70.48 -27.93
C ASN J 57 20.22 -70.26 -26.65
N HIS J 58 19.16 -69.46 -26.73
CA HIS J 58 18.36 -69.12 -25.55
C HIS J 58 19.27 -68.62 -24.41
N ALA J 59 20.24 -67.79 -24.76
CA ALA J 59 21.24 -67.33 -23.80
C ALA J 59 20.57 -66.48 -22.74
N THR J 60 21.01 -66.61 -21.49
CA THR J 60 20.44 -65.83 -20.40
C THR J 60 21.48 -64.88 -19.81
N ASN J 61 20.99 -63.78 -19.27
CA ASN J 61 21.81 -62.85 -18.50
C ASN J 61 21.00 -62.30 -17.32
N TYR J 62 21.68 -61.99 -16.22
CA TYR J 62 21.00 -61.49 -15.02
C TYR J 62 21.72 -60.30 -14.41
N ALA J 63 20.95 -59.45 -13.74
CA ALA J 63 21.52 -58.39 -12.89
C ALA J 63 22.24 -59.00 -11.68
N GLU J 64 23.30 -58.34 -11.24
CA GLU J 64 24.11 -58.85 -10.14
C GLU J 64 23.29 -59.17 -8.89
N SER J 65 22.37 -58.28 -8.51
CA SER J 65 21.59 -58.46 -7.29
C SER J 65 20.68 -59.69 -7.27
N VAL J 66 20.38 -60.28 -8.44
CA VAL J 66 19.55 -61.48 -8.48
C VAL J 66 20.26 -62.78 -8.91
N LYS J 67 21.51 -62.72 -9.35
CA LYS J 67 22.27 -63.94 -9.73
C LYS J 67 22.29 -64.98 -8.65
N GLY J 68 22.09 -66.23 -9.05
CA GLY J 68 22.04 -67.35 -8.12
C GLY J 68 20.66 -67.59 -7.54
N ARG J 69 19.79 -66.58 -7.51
CA ARG J 69 18.46 -66.66 -6.92
C ARG J 69 17.33 -66.72 -7.98
N PHE J 70 17.46 -65.94 -9.05
CA PHE J 70 16.44 -65.84 -10.09
C PHE J 70 16.85 -66.67 -11.32
N THR J 71 15.88 -67.27 -12.00
CA THR J 71 16.11 -68.00 -13.26
C THR J 71 15.05 -67.64 -14.28
N ILE J 72 15.49 -67.29 -15.47
CA ILE J 72 14.57 -66.93 -16.56
C ILE J 72 14.55 -68.09 -17.54
N SER J 73 13.37 -68.41 -18.06
CA SER J 73 13.21 -69.45 -19.08
C SER J 73 12.02 -69.12 -19.99
N ARG J 74 11.90 -69.87 -21.08
CA ARG J 74 10.80 -69.70 -22.03
C ARG J 74 10.30 -71.02 -22.55
N ASP J 75 9.03 -71.07 -22.91
CA ASP J 75 8.45 -72.19 -23.64
C ASP J 75 8.00 -71.59 -24.97
N ASP J 76 8.86 -71.71 -25.98
CA ASP J 76 8.57 -71.19 -27.32
C ASP J 76 7.31 -71.81 -27.92
N SER J 77 6.94 -73.04 -27.54
CA SER J 77 5.72 -73.66 -28.05
C SER J 77 4.43 -72.99 -27.49
N ARG J 78 4.46 -72.49 -26.25
CA ARG J 78 3.28 -71.82 -25.65
C ARG J 78 3.30 -70.27 -25.68
N SER J 79 4.36 -69.70 -26.25
CA SER J 79 4.62 -68.25 -26.23
C SER J 79 4.61 -67.69 -24.82
N VAL J 80 5.34 -68.33 -23.91
CA VAL J 80 5.42 -67.87 -22.51
C VAL J 80 6.86 -67.74 -22.00
N VAL J 81 7.12 -66.73 -21.19
CA VAL J 81 8.38 -66.55 -20.47
C VAL J 81 8.08 -66.69 -18.99
N TYR J 82 8.93 -67.41 -18.28
CA TYR J 82 8.80 -67.56 -16.84
C TYR J 82 9.97 -66.85 -16.14
N LEU J 83 9.76 -66.45 -14.89
CA LEU J 83 10.83 -66.00 -13.98
C LEU J 83 10.67 -66.65 -12.62
N GLN J 84 11.46 -67.69 -12.37
CA GLN J 84 11.54 -68.37 -11.09
C GLN J 84 12.40 -67.55 -10.14
N MET J 85 11.88 -67.22 -8.96
CA MET J 85 12.58 -66.41 -7.97
C MET J 85 12.66 -67.17 -6.67
N ASN J 86 13.88 -67.50 -6.25
CA ASN J 86 14.11 -68.19 -4.97
C ASN J 86 14.81 -67.31 -3.94
N ASN J 87 14.64 -67.65 -2.67
CA ASN J 87 15.28 -66.93 -1.57
C ASN J 87 15.02 -65.42 -1.62
N LEU J 88 13.75 -65.06 -1.77
CA LEU J 88 13.33 -63.67 -1.92
C LEU J 88 13.56 -62.83 -0.66
N LYS J 89 13.82 -61.55 -0.87
CA LYS J 89 14.16 -60.60 0.19
C LYS J 89 13.24 -59.40 0.12
N PRO J 90 13.16 -58.61 1.22
CA PRO J 90 12.27 -57.44 1.20
C PRO J 90 12.56 -56.49 0.04
N GLU J 91 13.82 -56.27 -0.30
CA GLU J 91 14.17 -55.35 -1.40
C GLU J 91 13.81 -55.86 -2.80
N ASP J 92 13.49 -57.15 -2.95
CA ASP J 92 12.94 -57.66 -4.21
C ASP J 92 11.53 -57.17 -4.48
N THR J 93 10.84 -56.65 -3.46
CA THR J 93 9.50 -56.08 -3.60
C THR J 93 9.44 -55.02 -4.70
N GLY J 94 8.40 -55.13 -5.54
CA GLY J 94 8.13 -54.14 -6.57
C GLY J 94 7.22 -54.66 -7.66
N ILE J 95 7.03 -53.83 -8.69
CA ILE J 95 6.23 -54.17 -9.87
C ILE J 95 7.14 -54.79 -10.90
N TYR J 96 6.78 -55.98 -11.39
CA TYR J 96 7.61 -56.73 -12.34
C TYR J 96 6.95 -56.73 -13.74
N TYR J 97 7.64 -56.10 -14.69
CA TYR J 97 7.19 -56.03 -16.07
C TYR J 97 7.93 -57.06 -16.91
N CYS J 98 7.17 -57.72 -17.78
CA CYS J 98 7.68 -58.61 -18.83
C CYS J 98 7.76 -57.76 -20.08
N THR J 99 8.92 -57.77 -20.74
CA THR J 99 9.15 -56.97 -21.95
C THR J 99 9.50 -57.86 -23.14
N GLY J 100 9.10 -57.42 -24.32
CA GLY J 100 9.34 -58.17 -25.57
C GLY J 100 10.10 -57.35 -26.56
N LEU J 101 10.99 -58.02 -27.31
CA LEU J 101 11.93 -57.40 -28.25
C LEU J 101 12.81 -56.44 -27.48
N THR J 102 13.56 -57.02 -26.55
CA THR J 102 14.22 -56.30 -25.47
C THR J 102 13.20 -55.36 -24.79
N PHE J 103 13.23 -54.05 -25.04
CA PHE J 103 12.28 -53.14 -24.38
C PHE J 103 11.35 -52.41 -25.35
N ASP J 104 11.06 -53.00 -26.50
CA ASP J 104 10.16 -52.38 -27.47
C ASP J 104 8.72 -52.44 -26.99
N TYR J 105 8.35 -53.54 -26.35
CA TYR J 105 6.99 -53.78 -25.88
C TYR J 105 6.99 -54.18 -24.40
N TRP J 106 6.01 -53.66 -23.63
CA TRP J 106 5.93 -53.89 -22.17
C TRP J 106 4.54 -54.38 -21.73
N GLY J 107 4.52 -55.33 -20.79
CA GLY J 107 3.26 -55.72 -20.16
C GLY J 107 2.82 -54.72 -19.10
N GLN J 108 1.62 -54.93 -18.56
CA GLN J 108 1.02 -54.02 -17.58
C GLN J 108 1.65 -54.12 -16.20
N GLY J 109 2.33 -55.22 -15.95
CA GLY J 109 3.07 -55.42 -14.71
C GLY J 109 2.28 -56.31 -13.78
N THR J 110 3.01 -57.02 -12.91
CA THR J 110 2.38 -57.75 -11.79
C THR J 110 3.16 -57.38 -10.53
N THR J 111 2.47 -57.27 -9.39
CA THR J 111 3.12 -56.80 -8.15
C THR J 111 3.59 -57.95 -7.27
N LEU J 112 4.84 -57.85 -6.80
CA LEU J 112 5.42 -58.83 -5.86
C LEU J 112 5.73 -58.10 -4.56
N THR J 113 5.23 -58.66 -3.46
CA THR J 113 5.43 -58.08 -2.14
C THR J 113 6.07 -59.17 -1.28
N VAL J 114 7.25 -58.86 -0.75
CA VAL J 114 7.98 -59.76 0.13
C VAL J 114 7.88 -59.21 1.55
N SER J 115 7.10 -59.90 2.38
CA SER J 115 6.75 -59.47 3.72
C SER J 115 6.22 -60.68 4.50
N SER J 116 6.39 -60.68 5.81
CA SER J 116 5.82 -61.74 6.66
C SER J 116 4.45 -61.35 7.20
N ALA J 117 3.98 -60.16 6.83
CA ALA J 117 2.58 -59.80 7.03
C ALA J 117 1.64 -60.71 6.23
N LYS J 118 0.41 -60.78 6.70
CA LYS J 118 -0.60 -61.71 6.21
C LYS J 118 -1.55 -61.02 5.28
N THR J 119 -2.07 -61.79 4.33
CA THR J 119 -3.06 -61.30 3.40
C THR J 119 -4.32 -60.91 4.18
N THR J 120 -4.86 -59.73 3.86
CA THR J 120 -6.07 -59.20 4.45
C THR J 120 -6.94 -58.59 3.35
N ALA J 121 -8.20 -59.00 3.27
CA ALA J 121 -9.13 -58.46 2.26
C ALA J 121 -9.60 -57.06 2.65
N PRO J 122 -10.03 -56.23 1.68
CA PRO J 122 -10.51 -54.88 1.98
C PRO J 122 -11.98 -54.83 2.40
N SER J 123 -12.33 -53.84 3.21
CA SER J 123 -13.72 -53.42 3.37
C SER J 123 -14.00 -52.36 2.30
N VAL J 124 -15.19 -52.41 1.68
CA VAL J 124 -15.55 -51.47 0.63
C VAL J 124 -16.85 -50.77 0.98
N TYR J 125 -16.80 -49.45 1.10
CA TYR J 125 -17.90 -48.67 1.60
C TYR J 125 -18.34 -47.67 0.56
N PRO J 126 -19.64 -47.62 0.24
CA PRO J 126 -20.12 -46.63 -0.73
C PRO J 126 -20.29 -45.29 -0.04
N LEU J 127 -19.78 -44.23 -0.66
CA LEU J 127 -19.90 -42.88 -0.12
C LEU J 127 -20.90 -42.05 -0.94
N ALA J 128 -22.09 -41.85 -0.38
CA ALA J 128 -23.11 -41.00 -0.98
C ALA J 128 -23.04 -39.58 -0.44
N PRO J 129 -23.57 -38.59 -1.16
CA PRO J 129 -23.43 -37.20 -0.71
C PRO J 129 -24.16 -36.91 0.62
N VAL J 130 -23.88 -35.73 1.16
CA VAL J 130 -24.38 -35.30 2.46
C VAL J 130 -25.91 -35.25 2.47
N CYS J 131 -26.47 -35.71 3.60
CA CYS J 131 -27.91 -35.82 3.76
C CYS J 131 -28.49 -34.39 3.58
N GLY J 132 -29.34 -34.26 2.57
CA GLY J 132 -29.80 -32.96 2.10
C GLY J 132 -29.30 -32.65 0.70
N GLY J 133 -28.37 -33.45 0.16
CA GLY J 133 -27.86 -33.25 -1.20
C GLY J 133 -27.02 -32.01 -1.50
N THR J 134 -26.29 -32.07 -2.62
CA THR J 134 -25.31 -31.02 -3.00
C THR J 134 -25.81 -29.81 -3.87
N THR J 135 -25.09 -28.73 -3.61
CA THR J 135 -25.38 -27.40 -4.14
C THR J 135 -25.71 -27.29 -5.63
N GLY J 136 -25.01 -27.98 -6.53
CA GLY J 136 -24.84 -27.53 -7.93
C GLY J 136 -25.54 -28.36 -8.99
N SER J 137 -25.10 -28.21 -10.21
CA SER J 137 -25.65 -28.91 -11.38
C SER J 137 -24.90 -30.23 -11.67
N SER J 138 -23.75 -30.45 -11.02
CA SER J 138 -23.10 -31.75 -10.98
C SER J 138 -22.97 -32.22 -9.54
N VAL J 139 -22.79 -33.52 -9.38
CA VAL J 139 -22.72 -34.17 -8.07
C VAL J 139 -21.59 -35.19 -8.04
N THR J 140 -20.93 -35.29 -6.88
CA THR J 140 -19.78 -36.18 -6.69
C THR J 140 -20.14 -37.29 -5.70
N LEU J 141 -19.90 -38.53 -6.15
CA LEU J 141 -20.02 -39.73 -5.32
C LEU J 141 -18.63 -40.24 -5.03
N GLY J 142 -18.54 -41.20 -4.11
CA GLY J 142 -17.25 -41.71 -3.66
C GLY J 142 -17.29 -43.18 -3.31
N CYS J 143 -16.10 -43.75 -3.09
CA CYS J 143 -15.97 -45.15 -2.72
C CYS J 143 -14.68 -45.35 -1.93
N LEU J 144 -14.79 -45.87 -0.72
CA LEU J 144 -13.65 -46.03 0.19
C LEU J 144 -13.31 -47.52 0.30
N VAL J 145 -12.03 -47.82 0.08
CA VAL J 145 -11.48 -49.17 0.17
C VAL J 145 -10.46 -49.17 1.33
N LYS J 146 -10.78 -49.84 2.42
CA LYS J 146 -10.02 -49.72 3.65
C LYS J 146 -9.51 -51.07 4.16
N GLY J 147 -8.27 -51.09 4.63
CA GLY J 147 -7.74 -52.22 5.42
C GLY J 147 -7.29 -53.45 4.66
N TYR J 148 -6.62 -53.27 3.52
CA TYR J 148 -6.15 -54.40 2.71
C TYR J 148 -4.64 -54.53 2.63
N PHE J 149 -4.19 -55.75 2.34
CA PHE J 149 -2.77 -56.07 2.15
C PHE J 149 -2.67 -57.41 1.45
N PRO J 150 -1.75 -57.57 0.48
CA PRO J 150 -0.87 -56.53 -0.07
C PRO J 150 -1.54 -55.71 -1.14
N GLU J 151 -0.75 -54.85 -1.79
CA GLU J 151 -1.16 -54.24 -3.06
C GLU J 151 -1.17 -55.27 -4.19
N PRO J 152 -1.97 -55.07 -5.24
CA PRO J 152 -2.86 -53.92 -5.41
C PRO J 152 -4.33 -54.32 -5.34
N VAL J 153 -5.19 -53.31 -5.37
CA VAL J 153 -6.59 -53.52 -5.72
C VAL J 153 -6.79 -52.85 -7.06
N THR J 154 -7.89 -53.19 -7.70
CA THR J 154 -8.32 -52.49 -8.90
C THR J 154 -9.78 -52.06 -8.70
N LEU J 155 -10.03 -50.77 -8.92
CA LEU J 155 -11.30 -50.15 -8.69
C LEU J 155 -11.79 -49.58 -10.01
N THR J 156 -13.04 -49.88 -10.36
CA THR J 156 -13.71 -49.29 -11.52
C THR J 156 -15.12 -48.81 -11.11
N TRP J 157 -15.74 -48.04 -12.02
CA TRP J 157 -17.10 -47.56 -11.84
C TRP J 157 -17.96 -48.07 -13.00
N ASN J 158 -19.07 -48.75 -12.65
CA ASN J 158 -19.94 -49.47 -13.59
C ASN J 158 -19.16 -50.40 -14.50
N SER J 159 -18.29 -51.19 -13.87
CA SER J 159 -17.46 -52.22 -14.51
C SER J 159 -16.58 -51.70 -15.67
N GLY J 160 -16.13 -50.44 -15.56
CA GLY J 160 -15.32 -49.79 -16.60
C GLY J 160 -16.06 -48.79 -17.48
N SER J 161 -17.40 -48.89 -17.57
CA SER J 161 -18.22 -48.00 -18.42
C SER J 161 -18.04 -46.53 -18.12
N LEU J 162 -18.11 -46.19 -16.84
CA LEU J 162 -17.93 -44.82 -16.39
C LEU J 162 -16.47 -44.58 -16.04
N SER J 163 -15.72 -43.97 -16.96
CA SER J 163 -14.27 -43.80 -16.81
C SER J 163 -13.85 -42.33 -16.66
N SER J 164 -14.36 -41.43 -17.50
CA SER J 164 -14.04 -40.01 -17.35
C SER J 164 -14.83 -39.39 -16.19
N GLY J 165 -14.27 -38.32 -15.64
CA GLY J 165 -14.78 -37.73 -14.39
C GLY J 165 -14.43 -38.50 -13.15
N VAL J 166 -13.48 -39.43 -13.22
CA VAL J 166 -13.08 -40.29 -12.09
C VAL J 166 -11.70 -39.86 -11.59
N HIS J 167 -11.51 -39.90 -10.27
CA HIS J 167 -10.21 -39.68 -9.65
C HIS J 167 -10.01 -40.77 -8.61
N THR J 168 -9.16 -41.75 -8.91
CA THR J 168 -8.82 -42.80 -7.97
C THR J 168 -7.45 -42.45 -7.38
N PHE J 169 -7.38 -42.34 -6.05
CA PHE J 169 -6.19 -41.79 -5.41
C PHE J 169 -5.21 -42.88 -5.00
N PRO J 170 -3.90 -42.55 -4.97
CA PRO J 170 -2.91 -43.56 -4.64
C PRO J 170 -3.12 -44.13 -3.27
N ALA J 171 -2.93 -45.45 -3.15
CA ALA J 171 -3.05 -46.11 -1.86
C ALA J 171 -2.02 -45.61 -0.85
N LEU J 172 -2.38 -45.63 0.44
CA LEU J 172 -1.46 -45.25 1.50
C LEU J 172 -1.50 -46.24 2.62
N LEU J 173 -0.35 -46.34 3.29
CA LEU J 173 -0.15 -47.32 4.33
C LEU J 173 -0.67 -46.71 5.64
N LEU J 174 -1.68 -47.34 6.24
CA LEU J 174 -2.32 -46.92 7.53
C LEU J 174 -1.96 -48.02 8.58
N SER J 175 -0.75 -47.88 9.15
CA SER J 175 -0.16 -48.83 10.09
C SER J 175 -0.23 -50.31 9.66
N GLY J 176 0.42 -50.58 8.53
CA GLY J 176 0.49 -51.96 8.00
C GLY J 176 -0.61 -52.39 7.03
N LEU J 177 -1.67 -51.60 6.88
CA LEU J 177 -2.77 -51.91 5.98
C LEU J 177 -3.04 -50.73 5.05
N TYR J 178 -3.39 -51.02 3.80
CA TYR J 178 -3.56 -49.98 2.77
C TYR J 178 -4.99 -49.45 2.70
N THR J 179 -5.11 -48.15 2.49
CA THR J 179 -6.40 -47.49 2.26
C THR J 179 -6.32 -46.69 0.94
N LEU J 180 -7.35 -46.82 0.10
CA LEU J 180 -7.54 -45.85 -0.99
C LEU J 180 -9.00 -45.52 -1.18
N SER J 181 -9.24 -44.38 -1.82
CA SER J 181 -10.59 -43.92 -2.17
C SER J 181 -10.63 -43.52 -3.64
N SER J 182 -11.83 -43.50 -4.22
CA SER J 182 -12.04 -42.94 -5.56
C SER J 182 -13.31 -42.09 -5.59
N SER J 183 -13.24 -40.95 -6.27
CA SER J 183 -14.40 -40.08 -6.51
C SER J 183 -14.80 -40.17 -7.97
N VAL J 184 -16.09 -40.03 -8.23
CA VAL J 184 -16.61 -39.93 -9.60
C VAL J 184 -17.61 -38.77 -9.62
N THR J 185 -17.61 -37.98 -10.69
CA THR J 185 -18.47 -36.81 -10.81
C THR J 185 -19.31 -36.90 -12.08
N VAL J 186 -20.64 -36.84 -11.92
CA VAL J 186 -21.60 -36.86 -13.04
C VAL J 186 -22.54 -35.65 -12.91
N THR J 187 -23.35 -35.41 -13.94
CA THR J 187 -24.36 -34.34 -13.89
C THR J 187 -25.55 -34.83 -13.03
N SER J 188 -26.20 -33.89 -12.32
CA SER J 188 -27.27 -34.24 -11.36
C SER J 188 -28.47 -35.03 -11.91
N ASN J 189 -28.66 -35.03 -13.23
CA ASN J 189 -29.70 -35.85 -13.86
C ASN J 189 -29.36 -37.34 -13.87
N THR J 190 -28.09 -37.64 -14.14
CA THR J 190 -27.58 -39.01 -14.19
C THR J 190 -27.87 -39.80 -12.91
N TRP J 191 -27.61 -39.16 -11.75
CA TRP J 191 -27.74 -39.82 -10.46
C TRP J 191 -28.66 -39.01 -9.53
N PRO J 192 -29.64 -39.66 -8.86
CA PRO J 192 -29.77 -41.14 -8.77
C PRO J 192 -30.58 -41.90 -9.86
N SER J 193 -31.04 -41.21 -10.92
CA SER J 193 -31.86 -41.82 -12.00
C SER J 193 -31.28 -43.13 -12.52
N GLN J 194 -30.01 -43.07 -12.93
CA GLN J 194 -29.25 -44.24 -13.33
C GLN J 194 -28.39 -44.66 -12.15
N THR J 195 -28.26 -45.96 -11.96
CA THR J 195 -27.55 -46.52 -10.83
C THR J 195 -26.03 -46.51 -11.10
N ILE J 196 -25.24 -46.18 -10.09
CA ILE J 196 -23.78 -46.11 -10.18
C ILE J 196 -23.17 -47.05 -9.14
N THR J 197 -22.24 -47.91 -9.56
CA THR J 197 -21.72 -49.00 -8.73
C THR J 197 -20.19 -49.02 -8.71
N CYS J 198 -19.61 -49.01 -7.51
CA CYS J 198 -18.16 -49.12 -7.32
C CYS J 198 -17.77 -50.60 -7.35
N ASN J 199 -16.84 -50.98 -8.24
CA ASN J 199 -16.36 -52.38 -8.34
C ASN J 199 -14.91 -52.48 -7.86
N VAL J 200 -14.67 -53.26 -6.83
CA VAL J 200 -13.32 -53.45 -6.28
C VAL J 200 -12.92 -54.91 -6.40
N ALA J 201 -11.71 -55.16 -6.91
CA ALA J 201 -11.10 -56.49 -6.93
C ALA J 201 -9.82 -56.46 -6.12
N HIS J 202 -9.62 -57.49 -5.29
CA HIS J 202 -8.37 -57.72 -4.58
C HIS J 202 -7.94 -59.16 -4.87
N PRO J 203 -7.15 -59.35 -5.94
CA PRO J 203 -6.73 -60.69 -6.36
C PRO J 203 -6.09 -61.52 -5.25
N ALA J 204 -5.26 -60.88 -4.43
CA ALA J 204 -4.54 -61.55 -3.35
C ALA J 204 -5.43 -62.31 -2.37
N SER J 205 -6.66 -61.85 -2.14
CA SER J 205 -7.61 -62.54 -1.26
C SER J 205 -8.86 -63.08 -1.99
N SER J 206 -8.80 -63.20 -3.32
CA SER J 206 -9.94 -63.63 -4.14
C SER J 206 -11.23 -62.87 -3.88
N THR J 207 -11.11 -61.57 -3.62
CA THR J 207 -12.23 -60.68 -3.29
C THR J 207 -12.68 -59.94 -4.54
N LYS J 208 -13.97 -60.03 -4.86
CA LYS J 208 -14.62 -59.19 -5.85
C LYS J 208 -15.89 -58.66 -5.26
N VAL J 209 -15.99 -57.35 -5.15
CA VAL J 209 -17.10 -56.71 -4.46
C VAL J 209 -17.68 -55.63 -5.37
N ASP J 210 -19.00 -55.51 -5.35
CA ASP J 210 -19.73 -54.46 -6.06
C ASP J 210 -20.56 -53.71 -5.01
N LYS J 211 -20.40 -52.39 -4.91
CA LYS J 211 -21.20 -51.57 -3.99
C LYS J 211 -21.96 -50.47 -4.73
N LYS J 212 -23.28 -50.61 -4.74
CA LYS J 212 -24.17 -49.62 -5.35
C LYS J 212 -24.19 -48.36 -4.46
N ILE J 213 -24.14 -47.18 -5.09
CA ILE J 213 -24.18 -45.90 -4.36
C ILE J 213 -25.64 -45.47 -4.19
N GLU J 214 -26.18 -45.66 -2.97
CA GLU J 214 -27.56 -45.35 -2.62
C GLU J 214 -27.62 -44.00 -1.95
N PRO J 215 -28.66 -43.16 -2.22
CA PRO J 215 -28.80 -41.92 -1.46
C PRO J 215 -29.12 -42.18 0.00
N ARG J 216 -28.74 -41.25 0.87
CA ARG J 216 -28.96 -41.38 2.31
C ARG J 216 -30.40 -41.03 2.69
N GLY J 217 -31.09 -41.91 3.41
CA GLY J 217 -32.43 -41.63 3.91
C GLY J 217 -32.30 -41.11 5.36
N PRO J 218 -33.12 -40.11 5.76
CA PRO J 218 -33.06 -39.64 7.16
C PRO J 218 -33.49 -40.67 8.21
N ASP K 1 29.32 -51.36 -14.70
CA ASP K 1 27.95 -50.83 -15.00
C ASP K 1 28.07 -49.42 -15.55
N ILE K 2 27.27 -49.11 -16.55
CA ILE K 2 27.13 -47.74 -17.03
C ILE K 2 26.02 -47.09 -16.21
N VAL K 3 26.33 -45.93 -15.64
CA VAL K 3 25.41 -45.20 -14.79
C VAL K 3 24.89 -44.01 -15.58
N LEU K 4 23.56 -43.91 -15.69
CA LEU K 4 22.92 -42.81 -16.39
C LEU K 4 22.36 -41.80 -15.41
N THR K 5 22.69 -40.53 -15.61
CA THR K 5 22.30 -39.45 -14.70
C THR K 5 21.47 -38.45 -15.49
N GLN K 6 20.23 -38.26 -15.08
CA GLN K 6 19.35 -37.33 -15.75
C GLN K 6 19.32 -35.98 -15.07
N SER K 7 19.01 -34.97 -15.85
CA SER K 7 18.71 -33.66 -15.30
C SER K 7 17.81 -32.93 -16.29
N PRO K 8 16.96 -32.02 -15.83
CA PRO K 8 16.70 -31.80 -14.43
C PRO K 8 15.84 -32.91 -13.85
N ALA K 9 15.62 -32.86 -12.52
CA ALA K 9 14.78 -33.84 -11.85
C ALA K 9 13.33 -33.65 -12.26
N SER K 10 12.89 -32.40 -12.37
CA SER K 10 11.56 -32.06 -12.86
C SER K 10 11.55 -30.66 -13.46
N LEU K 11 10.43 -30.33 -14.11
CA LEU K 11 10.34 -29.16 -14.90
C LEU K 11 8.88 -28.89 -15.30
N ALA K 12 8.52 -27.60 -15.33
CA ALA K 12 7.18 -27.13 -15.65
C ALA K 12 7.13 -26.24 -16.90
N VAL K 13 6.41 -26.71 -17.93
CA VAL K 13 6.39 -26.11 -19.26
C VAL K 13 4.97 -25.74 -19.68
N SER K 14 4.82 -24.60 -20.36
CA SER K 14 3.50 -24.17 -20.88
C SER K 14 3.18 -24.93 -22.18
N LEU K 15 1.88 -25.09 -22.45
CA LEU K 15 1.42 -25.69 -23.70
C LEU K 15 2.00 -24.94 -24.88
N GLY K 16 2.55 -25.66 -25.85
CA GLY K 16 3.16 -25.05 -27.04
C GLY K 16 4.64 -24.76 -26.94
N GLN K 17 5.19 -24.70 -25.73
CA GLN K 17 6.63 -24.50 -25.51
C GLN K 17 7.47 -25.77 -25.72
N ARG K 18 8.78 -25.65 -25.55
CA ARG K 18 9.75 -26.75 -25.67
C ARG K 18 10.21 -27.21 -24.28
N ALA K 19 10.33 -28.52 -24.12
CA ALA K 19 10.94 -29.13 -22.94
C ALA K 19 12.20 -29.84 -23.38
N THR K 20 13.26 -29.69 -22.60
CA THR K 20 14.55 -30.31 -22.92
C THR K 20 15.03 -31.07 -21.70
N ILE K 21 15.26 -32.36 -21.87
CA ILE K 21 15.67 -33.25 -20.78
C ILE K 21 17.00 -33.88 -21.16
N SER K 22 17.95 -33.89 -20.22
CA SER K 22 19.29 -34.42 -20.47
C SER K 22 19.55 -35.76 -19.81
N CYS K 23 20.52 -36.48 -20.35
CA CYS K 23 20.96 -37.76 -19.82
C CYS K 23 22.47 -37.91 -20.09
N ARG K 24 23.22 -38.13 -19.01
CA ARG K 24 24.66 -38.28 -19.07
C ARG K 24 25.09 -39.66 -18.63
N ALA K 25 25.93 -40.31 -19.43
CA ALA K 25 26.45 -41.64 -19.11
C ALA K 25 27.84 -41.55 -18.49
N SER K 26 28.12 -42.47 -17.57
CA SER K 26 29.39 -42.53 -16.85
C SER K 26 30.54 -42.94 -17.77
N GLU K 27 30.21 -43.70 -18.82
CA GLU K 27 31.13 -43.96 -19.92
C GLU K 27 30.34 -44.08 -21.21
N SER K 28 31.04 -44.09 -22.34
CA SER K 28 30.41 -44.08 -23.67
C SER K 28 29.47 -45.27 -23.88
N VAL K 29 28.31 -44.97 -24.45
CA VAL K 29 27.34 -45.98 -24.87
C VAL K 29 27.43 -46.30 -26.38
N ASP K 30 28.42 -45.74 -27.07
CA ASP K 30 28.64 -46.05 -28.48
C ASP K 30 29.15 -47.47 -28.66
N ASN K 31 28.60 -48.16 -29.65
CA ASN K 31 29.07 -49.49 -30.03
C ASN K 31 28.55 -49.84 -31.42
N TYR K 32 29.44 -50.36 -32.28
CA TYR K 32 29.13 -50.60 -33.69
C TYR K 32 28.62 -49.34 -34.41
N GLY K 33 29.22 -48.19 -34.08
CA GLY K 33 28.86 -46.91 -34.70
C GLY K 33 27.50 -46.34 -34.37
N ILE K 34 26.83 -46.94 -33.38
CA ILE K 34 25.48 -46.56 -32.96
C ILE K 34 25.54 -46.20 -31.48
N SER K 35 24.95 -45.07 -31.12
CA SER K 35 24.82 -44.70 -29.71
C SER K 35 23.62 -45.42 -29.13
N SER K 36 23.86 -46.41 -28.28
CA SER K 36 22.79 -47.21 -27.70
C SER K 36 22.11 -46.46 -26.57
N MET K 37 21.23 -45.54 -26.93
CA MET K 37 20.50 -44.70 -25.99
C MET K 37 19.03 -44.64 -26.38
N ASN K 38 18.16 -45.03 -25.44
CA ASN K 38 16.71 -45.09 -25.67
C ASN K 38 15.98 -44.21 -24.67
N TRP K 39 14.80 -43.74 -25.06
CA TRP K 39 13.98 -42.93 -24.16
C TRP K 39 12.57 -43.52 -24.02
N PHE K 40 12.05 -43.46 -22.81
CA PHE K 40 10.74 -43.97 -22.50
C PHE K 40 9.88 -42.94 -21.78
N GLN K 41 8.57 -43.06 -21.97
CA GLN K 41 7.59 -42.21 -21.29
C GLN K 41 6.75 -43.07 -20.37
N GLN K 42 6.68 -42.69 -19.09
CA GLN K 42 5.81 -43.38 -18.16
C GLN K 42 4.75 -42.44 -17.63
N LYS K 43 3.51 -42.63 -18.08
CA LYS K 43 2.36 -41.91 -17.50
C LYS K 43 2.00 -42.60 -16.19
N ALA K 44 1.13 -41.97 -15.43
CA ALA K 44 0.79 -42.47 -14.08
C ALA K 44 0.00 -43.80 -14.17
N GLY K 45 0.44 -44.78 -13.38
CA GLY K 45 -0.21 -46.09 -13.31
C GLY K 45 -0.05 -46.98 -14.54
N GLN K 46 1.04 -46.74 -15.26
CA GLN K 46 1.26 -47.31 -16.58
C GLN K 46 2.64 -47.89 -16.69
N PRO K 47 2.82 -48.84 -17.62
CA PRO K 47 4.19 -49.25 -17.93
C PRO K 47 4.90 -48.14 -18.71
N PRO K 48 6.23 -48.20 -18.79
CA PRO K 48 6.92 -47.30 -19.68
C PRO K 48 6.56 -47.56 -21.15
N LYS K 49 6.60 -46.49 -21.94
CA LYS K 49 6.32 -46.55 -23.36
C LYS K 49 7.57 -46.14 -24.10
N PHE K 50 7.85 -46.85 -25.17
CA PHE K 50 9.08 -46.70 -25.93
C PHE K 50 8.90 -45.54 -26.93
N LEU K 51 9.82 -44.58 -26.89
CA LEU K 51 9.77 -43.38 -27.74
C LEU K 51 10.89 -43.27 -28.76
N ILE K 52 12.13 -43.30 -28.29
CA ILE K 52 13.31 -43.05 -29.12
C ILE K 52 14.29 -44.21 -28.95
N TYR K 53 14.97 -44.57 -30.04
CA TYR K 53 16.10 -45.50 -30.00
C TYR K 53 17.28 -44.98 -30.80
N ALA K 54 18.44 -45.60 -30.60
CA ALA K 54 19.68 -45.19 -31.24
C ALA K 54 19.89 -43.67 -31.13
N ALA K 55 19.62 -43.13 -29.94
CA ALA K 55 19.78 -41.70 -29.61
C ALA K 55 18.83 -40.71 -30.29
N SER K 56 18.65 -40.83 -31.61
CA SER K 56 17.89 -39.84 -32.40
C SER K 56 16.74 -40.40 -33.23
N LYS K 57 16.53 -41.71 -33.25
CA LYS K 57 15.56 -42.31 -34.16
C LYS K 57 14.27 -42.60 -33.43
N GLN K 58 13.14 -42.23 -34.05
CA GLN K 58 11.83 -42.36 -33.39
C GLN K 58 11.32 -43.77 -33.49
N GLY K 59 10.69 -44.22 -32.41
CA GLY K 59 10.07 -45.54 -32.39
C GLY K 59 8.91 -45.58 -33.36
N SER K 60 8.58 -46.79 -33.80
CA SER K 60 7.53 -46.97 -34.80
C SER K 60 6.19 -46.43 -34.25
N GLY K 61 5.56 -45.50 -34.99
CA GLY K 61 4.30 -44.88 -34.57
C GLY K 61 4.36 -43.73 -33.56
N VAL K 62 5.56 -43.36 -33.09
CA VAL K 62 5.74 -42.32 -32.07
C VAL K 62 5.58 -40.92 -32.70
N PRO K 63 4.88 -39.98 -32.02
CA PRO K 63 4.63 -38.65 -32.62
C PRO K 63 5.87 -37.80 -32.95
N ALA K 64 5.66 -36.86 -33.89
CA ALA K 64 6.71 -35.99 -34.46
C ALA K 64 7.42 -35.11 -33.44
N ARG K 65 6.66 -34.66 -32.45
CA ARG K 65 7.15 -33.71 -31.44
C ARG K 65 8.21 -34.25 -30.46
N PHE K 66 8.32 -35.57 -30.30
CA PHE K 66 9.42 -36.17 -29.54
C PHE K 66 10.61 -36.43 -30.45
N SER K 67 11.75 -35.82 -30.14
CA SER K 67 12.98 -36.09 -30.89
C SER K 67 14.13 -36.18 -29.92
N GLY K 68 15.19 -36.85 -30.35
CA GLY K 68 16.36 -37.05 -29.49
C GLY K 68 17.67 -36.70 -30.19
N SER K 69 18.68 -36.35 -29.39
CA SER K 69 20.01 -36.11 -29.92
C SER K 69 21.11 -36.52 -28.97
N GLY K 70 22.33 -36.57 -29.52
CA GLY K 70 23.54 -36.89 -28.76
C GLY K 70 24.33 -38.08 -29.26
N SER K 71 25.52 -38.21 -28.71
CA SER K 71 26.39 -39.38 -28.90
C SER K 71 27.41 -39.48 -27.75
N GLY K 72 28.01 -40.64 -27.59
CA GLY K 72 29.05 -40.83 -26.59
C GLY K 72 28.47 -40.85 -25.19
N THR K 73 28.64 -39.75 -24.45
CA THR K 73 28.15 -39.67 -23.07
C THR K 73 27.01 -38.69 -22.82
N ASP K 74 26.74 -37.76 -23.73
CA ASP K 74 25.72 -36.73 -23.47
C ASP K 74 24.60 -36.81 -24.48
N PHE K 75 23.38 -36.91 -23.98
CA PHE K 75 22.20 -37.07 -24.81
C PHE K 75 21.07 -36.19 -24.30
N SER K 76 20.08 -35.97 -25.15
CA SER K 76 18.89 -35.26 -24.71
C SER K 76 17.63 -35.61 -25.49
N LEU K 77 16.50 -35.55 -24.78
CA LEU K 77 15.17 -35.66 -25.34
C LEU K 77 14.58 -34.27 -25.41
N ILE K 78 14.01 -33.92 -26.55
CA ILE K 78 13.34 -32.64 -26.76
C ILE K 78 11.88 -32.90 -27.11
N ILE K 79 10.97 -32.12 -26.51
CA ILE K 79 9.55 -32.22 -26.79
C ILE K 79 9.09 -30.84 -27.25
N HIS K 80 8.58 -30.74 -28.48
CA HIS K 80 8.11 -29.45 -29.01
C HIS K 80 7.12 -29.68 -30.17
N PRO K 81 5.87 -29.20 -30.06
CA PRO K 81 5.30 -28.46 -28.93
C PRO K 81 4.76 -29.37 -27.82
N VAL K 82 4.90 -28.95 -26.57
CA VAL K 82 4.39 -29.69 -25.41
C VAL K 82 2.86 -29.66 -25.36
N GLU K 83 2.26 -30.79 -24.99
CA GLU K 83 0.79 -30.93 -24.94
C GLU K 83 0.36 -31.43 -23.57
N GLU K 84 -0.92 -31.22 -23.24
CA GLU K 84 -1.53 -31.66 -21.98
C GLU K 84 -1.17 -33.09 -21.63
N ASP K 85 -1.28 -33.95 -22.65
CA ASP K 85 -1.08 -35.38 -22.51
C ASP K 85 0.35 -35.82 -22.23
N ASP K 86 1.32 -34.91 -22.48
CA ASP K 86 2.74 -35.18 -22.28
C ASP K 86 3.20 -35.15 -20.81
N THR K 87 2.31 -34.83 -19.86
CA THR K 87 2.65 -34.92 -18.43
C THR K 87 2.97 -36.36 -18.06
N ALA K 88 4.19 -36.58 -17.61
CA ALA K 88 4.73 -37.92 -17.38
C ALA K 88 6.15 -37.88 -16.82
N VAL K 89 6.70 -39.06 -16.52
CA VAL K 89 8.10 -39.22 -16.16
C VAL K 89 8.82 -39.83 -17.38
N TYR K 90 9.95 -39.22 -17.76
CA TYR K 90 10.72 -39.65 -18.92
C TYR K 90 12.04 -40.26 -18.46
N PHE K 91 12.33 -41.47 -18.93
CA PHE K 91 13.57 -42.18 -18.58
C PHE K 91 14.47 -42.34 -19.78
N CYS K 92 15.77 -42.13 -19.61
CA CYS K 92 16.76 -42.59 -20.57
C CYS K 92 17.23 -43.98 -20.16
N GLN K 93 17.75 -44.73 -21.13
CA GLN K 93 18.12 -46.13 -20.91
C GLN K 93 19.16 -46.56 -21.92
N GLN K 94 20.07 -47.43 -21.50
CA GLN K 94 21.30 -47.73 -22.24
C GLN K 94 21.38 -49.23 -22.51
N SER K 95 21.49 -49.62 -23.77
CA SER K 95 21.57 -51.04 -24.14
C SER K 95 22.94 -51.43 -24.73
N LYS K 96 23.99 -50.66 -24.47
CA LYS K 96 25.31 -50.98 -25.01
C LYS K 96 25.78 -52.35 -24.55
N GLY K 97 25.57 -52.66 -23.27
CA GLY K 97 25.87 -53.98 -22.78
C GLY K 97 25.38 -54.25 -21.39
N VAL K 98 25.44 -55.51 -21.03
CA VAL K 98 24.89 -56.01 -19.78
C VAL K 98 25.74 -55.53 -18.58
N PRO K 99 25.13 -54.96 -17.52
CA PRO K 99 23.69 -54.81 -17.34
C PRO K 99 23.11 -53.60 -18.03
N TYR K 100 21.92 -53.75 -18.58
CA TYR K 100 21.20 -52.64 -19.18
C TYR K 100 20.69 -51.78 -18.02
N THR K 101 20.81 -50.47 -18.16
CA THR K 101 20.53 -49.56 -17.05
C THR K 101 19.66 -48.39 -17.48
N PHE K 102 18.85 -47.92 -16.52
CA PHE K 102 17.93 -46.81 -16.74
C PHE K 102 18.39 -45.61 -15.94
N GLY K 103 18.06 -44.41 -16.40
CA GLY K 103 18.23 -43.19 -15.61
C GLY K 103 17.18 -43.12 -14.49
N GLY K 104 17.29 -42.08 -13.66
CA GLY K 104 16.41 -41.89 -12.53
C GLY K 104 15.06 -41.30 -12.89
N GLY K 105 14.90 -40.88 -14.14
CA GLY K 105 13.67 -40.26 -14.60
C GLY K 105 13.62 -38.76 -14.36
N THR K 106 12.88 -38.07 -15.23
CA THR K 106 12.66 -36.62 -15.16
C THR K 106 11.15 -36.38 -15.29
N LYS K 107 10.57 -35.63 -14.36
CA LYS K 107 9.14 -35.38 -14.28
C LYS K 107 8.75 -34.14 -15.08
N LEU K 108 7.90 -34.29 -16.09
CA LEU K 108 7.33 -33.14 -16.79
C LEU K 108 5.97 -32.79 -16.26
N GLU K 109 5.81 -31.53 -15.86
CA GLU K 109 4.52 -30.96 -15.44
C GLU K 109 4.11 -29.92 -16.49
N ILE K 110 2.81 -29.84 -16.77
CA ILE K 110 2.27 -28.86 -17.70
C ILE K 110 1.70 -27.68 -16.93
N LYS K 111 2.11 -26.48 -17.31
CA LYS K 111 1.59 -25.26 -16.67
C LYS K 111 0.21 -24.92 -17.23
N ARG K 112 -0.68 -24.48 -16.37
CA ARG K 112 -2.01 -24.00 -16.72
C ARG K 112 -2.48 -22.90 -15.78
N ALA K 113 -3.58 -22.26 -16.12
CA ALA K 113 -4.12 -21.20 -15.29
C ALA K 113 -4.54 -21.76 -13.92
N ASP K 114 -4.43 -20.96 -12.89
CA ASP K 114 -4.87 -21.33 -11.55
C ASP K 114 -6.35 -21.74 -11.55
N ALA K 115 -6.70 -22.68 -10.67
CA ALA K 115 -8.08 -23.17 -10.56
C ALA K 115 -8.38 -23.66 -9.14
N ALA K 116 -9.47 -23.15 -8.57
CA ALA K 116 -9.87 -23.54 -7.21
C ALA K 116 -10.44 -24.96 -7.18
N PRO K 117 -10.30 -25.65 -6.06
CA PRO K 117 -10.81 -27.02 -5.95
C PRO K 117 -12.33 -27.06 -5.76
N THR K 118 -12.95 -28.12 -6.26
CA THR K 118 -14.37 -28.43 -5.97
C THR K 118 -14.36 -29.38 -4.78
N VAL K 119 -14.88 -28.93 -3.65
CA VAL K 119 -14.81 -29.69 -2.40
C VAL K 119 -16.12 -30.44 -2.10
N SER K 120 -16.03 -31.74 -1.87
CA SER K 120 -17.16 -32.58 -1.50
C SER K 120 -16.84 -33.28 -0.18
N ILE K 121 -17.83 -33.35 0.73
CA ILE K 121 -17.66 -34.00 2.04
C ILE K 121 -18.65 -35.14 2.21
N PHE K 122 -18.18 -36.22 2.84
CA PHE K 122 -18.89 -37.51 2.92
C PHE K 122 -18.88 -38.05 4.34
N PRO K 123 -20.06 -38.18 4.97
CA PRO K 123 -20.09 -38.85 6.27
C PRO K 123 -19.75 -40.32 6.17
N PRO K 124 -19.49 -40.96 7.31
CA PRO K 124 -19.32 -42.41 7.29
C PRO K 124 -20.56 -43.07 6.70
N SER K 125 -20.35 -44.10 5.89
CA SER K 125 -21.46 -44.86 5.31
C SER K 125 -22.16 -45.71 6.35
N SER K 126 -23.43 -46.05 6.09
CA SER K 126 -24.19 -46.92 7.00
C SER K 126 -23.49 -48.23 7.20
N GLU K 127 -22.91 -48.76 6.13
CA GLU K 127 -22.20 -50.04 6.20
C GLU K 127 -20.97 -49.99 7.08
N GLN K 128 -20.21 -48.90 7.02
CA GLN K 128 -19.03 -48.76 7.89
C GLN K 128 -19.39 -48.58 9.35
N LEU K 129 -20.47 -47.83 9.61
CA LEU K 129 -20.93 -47.60 10.99
C LEU K 129 -21.43 -48.89 11.64
N THR K 130 -22.24 -49.67 10.92
CA THR K 130 -22.72 -50.97 11.43
C THR K 130 -21.59 -52.02 11.58
N SER K 131 -20.43 -51.81 10.93
CA SER K 131 -19.21 -52.63 11.13
C SER K 131 -18.32 -52.20 12.30
N GLY K 132 -18.58 -51.05 12.90
CA GLY K 132 -17.84 -50.57 14.06
C GLY K 132 -16.72 -49.60 13.75
N GLY K 133 -16.70 -49.08 12.52
CA GLY K 133 -15.73 -48.06 12.12
C GLY K 133 -16.41 -46.75 11.82
N ALA K 134 -15.61 -45.73 11.57
CA ALA K 134 -16.10 -44.43 11.13
C ALA K 134 -14.99 -43.64 10.45
N SER K 135 -15.17 -43.33 9.16
CA SER K 135 -14.24 -42.52 8.39
C SER K 135 -14.99 -41.38 7.70
N VAL K 136 -14.52 -40.14 7.88
CA VAL K 136 -15.08 -38.99 7.19
C VAL K 136 -14.11 -38.57 6.09
N VAL K 137 -14.65 -38.37 4.88
CA VAL K 137 -13.84 -38.21 3.67
C VAL K 137 -14.18 -36.88 2.97
N CYS K 138 -13.12 -36.16 2.58
CA CYS K 138 -13.24 -34.91 1.82
C CYS K 138 -12.47 -35.05 0.51
N PHE K 139 -13.13 -34.76 -0.61
CA PHE K 139 -12.48 -34.73 -1.91
C PHE K 139 -12.29 -33.28 -2.34
N LEU K 140 -11.06 -32.94 -2.72
CA LEU K 140 -10.72 -31.63 -3.27
C LEU K 140 -10.27 -31.85 -4.71
N ASN K 141 -11.16 -31.60 -5.67
CA ASN K 141 -10.92 -32.04 -7.05
C ASN K 141 -10.62 -30.90 -8.04
N ASN K 142 -9.67 -31.16 -8.94
CA ASN K 142 -9.40 -30.35 -10.11
C ASN K 142 -8.93 -28.95 -9.81
N PHE K 143 -7.77 -28.85 -9.14
CA PHE K 143 -7.18 -27.55 -8.79
C PHE K 143 -5.76 -27.42 -9.31
N TYR K 144 -5.29 -26.19 -9.37
CA TYR K 144 -3.90 -25.88 -9.76
C TYR K 144 -3.47 -24.58 -9.07
N PRO K 145 -2.26 -24.51 -8.51
CA PRO K 145 -1.21 -25.56 -8.51
C PRO K 145 -1.41 -26.60 -7.42
N LYS K 146 -0.51 -27.58 -7.40
CA LYS K 146 -0.62 -28.72 -6.47
C LYS K 146 -0.65 -28.30 -4.99
N ASP K 147 0.00 -27.21 -4.62
CA ASP K 147 0.06 -26.72 -3.24
C ASP K 147 -1.34 -26.41 -2.70
N ILE K 148 -1.73 -27.15 -1.67
CA ILE K 148 -3.01 -26.91 -1.00
C ILE K 148 -2.92 -27.30 0.49
N ASN K 149 -3.80 -26.72 1.30
CA ASN K 149 -3.90 -27.07 2.71
C ASN K 149 -5.32 -27.46 3.08
N VAL K 150 -5.46 -28.48 3.90
CA VAL K 150 -6.77 -28.90 4.40
C VAL K 150 -6.74 -28.90 5.92
N LYS K 151 -7.85 -28.53 6.55
CA LYS K 151 -7.97 -28.45 8.01
C LYS K 151 -9.29 -29.07 8.46
N TRP K 152 -9.25 -30.00 9.41
CA TRP K 152 -10.44 -30.61 9.96
C TRP K 152 -10.84 -29.96 11.28
N LYS K 153 -12.14 -29.75 11.46
CA LYS K 153 -12.72 -29.27 12.72
C LYS K 153 -13.82 -30.22 13.15
N ILE K 154 -13.84 -30.59 14.43
CA ILE K 154 -14.93 -31.38 15.03
C ILE K 154 -15.56 -30.53 16.12
N ASP K 155 -16.80 -30.08 15.89
CA ASP K 155 -17.52 -29.15 16.78
C ASP K 155 -16.78 -27.81 16.95
N GLY K 156 -16.27 -27.28 15.85
CA GLY K 156 -15.52 -25.99 15.85
C GLY K 156 -14.08 -26.07 16.34
N SER K 157 -13.60 -27.28 16.66
CA SER K 157 -12.35 -27.51 17.36
C SER K 157 -11.40 -28.25 16.42
N GLU K 158 -10.19 -27.72 16.19
CA GLU K 158 -9.29 -28.29 15.17
C GLU K 158 -8.83 -29.70 15.53
N ARG K 159 -8.68 -30.54 14.51
CA ARG K 159 -8.30 -31.95 14.66
C ARG K 159 -7.16 -32.31 13.72
N GLN K 160 -6.20 -33.10 14.22
CA GLN K 160 -5.04 -33.53 13.41
C GLN K 160 -4.77 -35.04 13.35
N ASN K 161 -5.00 -35.78 14.43
CA ASN K 161 -4.76 -37.23 14.43
C ASN K 161 -5.83 -37.98 13.68
N GLY K 162 -5.41 -39.02 12.96
CA GLY K 162 -6.32 -39.81 12.13
C GLY K 162 -6.55 -39.27 10.72
N VAL K 163 -5.85 -38.20 10.33
CA VAL K 163 -5.99 -37.59 9.01
C VAL K 163 -4.96 -38.14 8.06
N LEU K 164 -5.39 -38.50 6.84
CA LEU K 164 -4.52 -38.99 5.79
C LEU K 164 -4.87 -38.39 4.43
N ASN K 165 -3.86 -37.84 3.76
CA ASN K 165 -4.01 -37.13 2.50
C ASN K 165 -3.29 -37.84 1.34
N SER K 166 -3.94 -37.90 0.18
CA SER K 166 -3.40 -38.53 -1.03
C SER K 166 -3.67 -37.67 -2.25
N TRP K 167 -2.64 -37.26 -2.97
CA TRP K 167 -2.76 -36.44 -4.20
C TRP K 167 -2.68 -37.32 -5.44
N THR K 168 -3.44 -36.98 -6.48
CA THR K 168 -3.24 -37.61 -7.79
C THR K 168 -1.99 -37.04 -8.43
N ASP K 169 -1.46 -37.76 -9.42
CA ASP K 169 -0.53 -37.18 -10.38
C ASP K 169 -1.33 -36.25 -11.27
N GLN K 170 -0.66 -35.35 -11.96
CA GLN K 170 -1.32 -34.37 -12.81
C GLN K 170 -2.21 -35.03 -13.87
N ASP K 171 -3.35 -34.43 -14.15
CA ASP K 171 -4.33 -35.00 -15.07
C ASP K 171 -3.85 -34.86 -16.49
N SER K 172 -4.02 -35.92 -17.29
CA SER K 172 -3.62 -35.89 -18.71
C SER K 172 -4.52 -35.07 -19.61
N LYS K 173 -5.74 -34.76 -19.16
CA LYS K 173 -6.73 -34.02 -19.97
C LYS K 173 -6.74 -32.53 -19.65
N ASP K 174 -6.89 -32.19 -18.38
CA ASP K 174 -7.02 -30.77 -17.95
C ASP K 174 -5.89 -30.23 -17.09
N SER K 175 -4.80 -30.96 -16.98
CA SER K 175 -3.58 -30.47 -16.28
C SER K 175 -3.79 -30.04 -14.82
N THR K 176 -4.83 -30.58 -14.17
CA THR K 176 -5.08 -30.26 -12.75
C THR K 176 -4.65 -31.39 -11.85
N TYR K 177 -4.72 -31.10 -10.55
CA TYR K 177 -4.44 -32.06 -9.50
C TYR K 177 -5.72 -32.24 -8.68
N SER K 178 -5.87 -33.40 -8.08
CA SER K 178 -7.00 -33.69 -7.18
C SER K 178 -6.46 -34.35 -5.92
N MET K 179 -7.25 -34.34 -4.84
CA MET K 179 -6.78 -34.82 -3.55
C MET K 179 -7.88 -35.37 -2.67
N SER K 180 -7.58 -36.43 -1.90
CA SER K 180 -8.50 -36.95 -0.88
C SER K 180 -7.89 -36.78 0.51
N SER K 181 -8.70 -36.28 1.44
CA SER K 181 -8.32 -36.19 2.85
C SER K 181 -9.32 -37.03 3.64
N THR K 182 -8.80 -37.94 4.47
CA THR K 182 -9.61 -38.92 5.18
C THR K 182 -9.33 -38.89 6.68
N LEU K 183 -10.30 -38.37 7.44
CA LEU K 183 -10.29 -38.41 8.90
C LEU K 183 -10.91 -39.72 9.36
N THR K 184 -10.12 -40.56 10.02
CA THR K 184 -10.63 -41.80 10.59
C THR K 184 -10.69 -41.69 12.12
N LEU K 185 -11.82 -42.11 12.68
CA LEU K 185 -12.11 -42.08 14.12
C LEU K 185 -12.65 -43.43 14.55
N THR K 186 -12.68 -43.68 15.86
CA THR K 186 -13.50 -44.77 16.40
C THR K 186 -14.97 -44.40 16.22
N LYS K 187 -15.83 -45.40 16.05
CA LYS K 187 -17.28 -45.18 16.03
C LYS K 187 -17.75 -44.48 17.30
N ASP K 188 -17.22 -44.89 18.46
CA ASP K 188 -17.53 -44.26 19.75
C ASP K 188 -17.27 -42.76 19.76
N GLU K 189 -16.12 -42.34 19.23
CA GLU K 189 -15.80 -40.91 19.18
C GLU K 189 -16.58 -40.16 18.11
N TYR K 190 -16.85 -40.82 16.97
CA TYR K 190 -17.70 -40.22 15.93
C TYR K 190 -19.06 -39.84 16.50
N GLU K 191 -19.66 -40.72 17.29
CA GLU K 191 -21.02 -40.52 17.77
C GLU K 191 -21.12 -39.55 18.97
N ARG K 192 -20.01 -39.17 19.59
CA ARG K 192 -20.03 -38.11 20.63
C ARG K 192 -20.26 -36.73 20.01
N HIS K 193 -19.43 -36.38 19.05
CA HIS K 193 -19.44 -35.05 18.46
C HIS K 193 -20.50 -35.00 17.35
N ASN K 194 -20.94 -33.79 17.00
CA ASN K 194 -22.04 -33.60 16.03
C ASN K 194 -21.62 -32.95 14.70
N SER K 195 -20.84 -31.88 14.79
CA SER K 195 -20.48 -31.06 13.63
C SER K 195 -19.08 -31.38 13.10
N TYR K 196 -19.03 -31.86 11.85
CA TYR K 196 -17.78 -32.20 11.19
C TYR K 196 -17.54 -31.26 10.01
N THR K 197 -16.38 -30.63 10.00
CA THR K 197 -16.03 -29.59 9.01
C THR K 197 -14.67 -29.87 8.34
N CYS K 198 -14.54 -29.38 7.11
CA CYS K 198 -13.40 -29.65 6.25
C CYS K 198 -13.07 -28.36 5.47
N GLU K 199 -11.94 -27.71 5.82
CA GLU K 199 -11.56 -26.38 5.27
C GLU K 199 -10.36 -26.43 4.32
N ALA K 200 -10.53 -25.93 3.10
CA ALA K 200 -9.51 -25.96 2.06
C ALA K 200 -8.96 -24.55 1.84
N THR K 201 -7.71 -24.33 2.23
CA THR K 201 -7.00 -23.08 1.93
C THR K 201 -6.13 -23.31 0.68
N HIS K 202 -6.27 -22.41 -0.28
CA HIS K 202 -5.61 -22.54 -1.59
C HIS K 202 -5.27 -21.16 -2.15
N LYS K 203 -4.20 -21.12 -2.94
CA LYS K 203 -3.72 -19.89 -3.59
C LYS K 203 -4.82 -19.00 -4.22
N THR K 204 -5.83 -19.65 -4.80
CA THR K 204 -6.89 -19.00 -5.59
C THR K 204 -7.81 -18.07 -4.84
N SER K 205 -7.96 -18.29 -3.54
CA SER K 205 -8.83 -17.47 -2.69
C SER K 205 -8.18 -17.22 -1.34
N THR K 206 -8.30 -16.00 -0.84
CA THR K 206 -7.78 -15.66 0.48
C THR K 206 -8.53 -16.43 1.58
N SER K 207 -9.87 -16.41 1.55
CA SER K 207 -10.68 -17.13 2.55
C SER K 207 -10.93 -18.57 2.07
N PRO K 208 -10.95 -19.54 3.01
CA PRO K 208 -11.05 -20.95 2.62
C PRO K 208 -12.41 -21.38 2.06
N ILE K 209 -12.41 -22.52 1.37
CA ILE K 209 -13.65 -23.19 0.95
C ILE K 209 -14.00 -24.16 2.06
N VAL K 210 -15.16 -23.95 2.68
CA VAL K 210 -15.60 -24.75 3.85
C VAL K 210 -16.77 -25.63 3.43
N LYS K 211 -16.71 -26.91 3.78
CA LYS K 211 -17.82 -27.86 3.57
C LYS K 211 -18.04 -28.67 4.85
N SER K 212 -19.32 -28.82 5.21
CA SER K 212 -19.71 -29.29 6.54
C SER K 212 -21.00 -30.12 6.54
N PHE K 213 -21.18 -30.89 7.61
CA PHE K 213 -22.45 -31.54 7.91
C PHE K 213 -22.62 -31.75 9.40
N ASN K 214 -23.85 -32.03 9.80
CA ASN K 214 -24.15 -32.47 11.17
C ASN K 214 -24.63 -33.90 11.16
N ARG K 215 -24.17 -34.67 12.15
CA ARG K 215 -24.41 -36.12 12.20
C ARG K 215 -25.90 -36.51 12.21
N ASN K 216 -26.73 -35.72 12.87
CA ASN K 216 -28.19 -36.01 12.87
C ASN K 216 -28.93 -35.50 11.64
N GLU K 217 -28.58 -34.29 11.20
CA GLU K 217 -29.39 -33.52 10.23
C GLU K 217 -29.38 -34.10 8.82
N CYS K 218 -30.35 -33.60 8.02
CA CYS K 218 -30.47 -33.96 6.61
C CYS K 218 -30.93 -32.88 5.62
N HYP L 21 16.39 -56.86 -34.86
CA HYP L 21 15.37 -55.78 -34.93
C HYP L 21 13.91 -56.21 -34.91
O HYP L 21 13.08 -55.52 -34.31
CB HYP L 21 15.71 -55.04 -36.22
CG HYP L 21 16.97 -55.71 -36.80
CD HYP L 21 17.26 -56.99 -36.01
OD1 HYP L 21 18.05 -54.80 -36.65
N GLY L 22 13.56 -57.32 -35.59
CA GLY L 22 12.29 -58.04 -35.38
C GLY L 22 12.45 -59.16 -34.34
N GLU L 23 13.68 -59.33 -33.88
CA GLU L 23 14.09 -60.35 -32.93
C GLU L 23 14.56 -59.65 -31.61
N ARG L 24 15.62 -58.89 -31.74
CA ARG L 24 16.32 -58.22 -30.66
C ARG L 24 15.66 -56.89 -30.26
N GLY L 25 14.91 -56.31 -31.19
CA GLY L 25 14.24 -55.05 -30.99
C GLY L 25 15.10 -53.88 -31.38
N GLU L 26 14.45 -52.77 -31.75
CA GLU L 26 15.14 -51.51 -31.99
C GLU L 26 15.88 -51.00 -30.72
N THR L 27 15.33 -51.31 -29.53
CA THR L 27 15.94 -50.94 -28.25
C THR L 27 16.98 -51.92 -27.74
N GLY L 28 17.17 -53.05 -28.40
CA GLY L 28 18.18 -54.04 -28.01
C GLY L 28 19.61 -53.58 -28.28
N PRO L 29 20.60 -54.39 -27.87
CA PRO L 29 22.01 -53.98 -27.96
C PRO L 29 22.55 -53.98 -29.38
N HYP L 30 23.50 -53.08 -29.70
CA HYP L 30 24.13 -53.21 -31.00
C HYP L 30 24.87 -54.46 -31.36
O HYP L 30 25.49 -55.04 -30.46
CB HYP L 30 24.40 -51.83 -31.56
CG HYP L 30 24.04 -50.90 -30.40
CD HYP L 30 23.80 -51.77 -29.16
OD1 HYP L 30 22.85 -50.16 -30.71
N GLY L 31 24.80 -54.87 -32.62
CA GLY L 31 25.47 -56.09 -33.06
C GLY L 31 25.96 -56.13 -34.48
N PRO L 32 26.62 -57.24 -34.83
CA PRO L 32 27.29 -57.33 -36.14
C PRO L 32 26.33 -57.15 -37.33
N ALA L 33 26.87 -56.73 -38.48
CA ALA L 33 26.25 -56.94 -39.84
C ALA L 33 25.09 -55.99 -40.20
N GLU M 1 37.14 45.58 6.67
CA GLU M 1 36.12 44.58 6.29
C GLU M 1 34.72 45.18 6.34
N VAL M 2 33.86 44.73 5.45
CA VAL M 2 32.48 45.20 5.39
C VAL M 2 31.68 44.53 6.49
N LYS M 3 30.74 45.27 7.08
CA LYS M 3 29.91 44.80 8.20
C LYS M 3 28.53 45.44 8.12
N LEU M 4 27.46 44.63 8.13
CA LEU M 4 26.06 45.09 8.13
C LEU M 4 25.30 44.46 9.28
N GLU M 5 24.59 45.27 10.06
CA GLU M 5 23.81 44.75 11.18
C GLU M 5 22.39 45.29 11.22
N GLU M 6 21.44 44.39 10.98
CA GLU M 6 20.02 44.68 11.08
C GLU M 6 19.58 44.68 12.53
N SER M 7 18.47 45.37 12.80
CA SER M 7 17.79 45.29 14.09
C SER M 7 16.31 45.64 13.96
N GLY M 8 15.54 45.22 14.96
CA GLY M 8 14.16 45.65 15.11
C GLY M 8 13.10 44.75 14.50
N GLY M 9 13.43 43.49 14.28
CA GLY M 9 12.41 42.49 13.94
C GLY M 9 11.54 42.11 15.14
N GLY M 10 10.66 41.15 14.95
CA GLY M 10 9.88 40.59 16.05
C GLY M 10 8.50 40.24 15.68
N LEU M 11 7.60 40.15 16.66
CA LEU M 11 6.19 39.79 16.47
C LEU M 11 5.34 41.06 16.34
N VAL M 12 4.31 40.99 15.50
CA VAL M 12 3.35 42.10 15.36
C VAL M 12 2.00 41.60 14.82
N GLN M 13 0.93 42.30 15.22
CA GLN M 13 -0.41 41.93 14.81
C GLN M 13 -0.63 42.30 13.37
N PRO M 14 -1.48 41.55 12.66
CA PRO M 14 -1.91 41.98 11.34
C PRO M 14 -2.52 43.40 11.38
N GLY M 15 -2.10 44.23 10.44
CA GLY M 15 -2.47 45.63 10.44
C GLY M 15 -1.52 46.58 11.18
N GLY M 16 -0.59 46.02 11.94
CA GLY M 16 0.37 46.78 12.74
C GLY M 16 1.59 47.24 11.97
N SER M 17 2.55 47.83 12.69
CA SER M 17 3.74 48.46 12.11
C SER M 17 5.01 47.97 12.73
N MET M 18 6.11 48.29 12.05
CA MET M 18 7.43 47.84 12.46
C MET M 18 8.46 48.64 11.66
N LYS M 19 9.53 49.08 12.31
CA LYS M 19 10.62 49.81 11.65
C LYS M 19 11.89 49.01 11.83
N LEU M 20 12.39 48.42 10.75
CA LEU M 20 13.68 47.75 10.78
C LEU M 20 14.75 48.81 10.58
N SER M 21 15.95 48.56 11.07
CA SER M 21 17.08 49.42 10.72
C SER M 21 18.38 48.65 10.59
N CYS M 22 19.32 49.25 9.84
CA CYS M 22 20.55 48.61 9.37
C CYS M 22 21.74 49.54 9.54
N ALA M 23 22.76 49.10 10.28
CA ALA M 23 24.02 49.84 10.41
C ALA M 23 25.07 49.22 9.51
N ALA M 24 25.74 50.05 8.71
CA ALA M 24 26.79 49.59 7.80
C ALA M 24 28.11 50.29 8.13
N SER M 25 29.21 49.57 7.92
CA SER M 25 30.55 50.16 7.92
C SER M 25 31.45 49.40 6.95
N GLY M 26 32.61 49.96 6.63
CA GLY M 26 33.59 49.32 5.74
C GLY M 26 33.55 49.66 4.27
N PHE M 27 32.60 50.50 3.88
CA PHE M 27 32.52 51.02 2.50
C PHE M 27 31.97 52.43 2.55
N THR M 28 32.18 53.21 1.51
CA THR M 28 31.70 54.59 1.49
C THR M 28 30.19 54.62 1.41
N PHE M 29 29.55 54.86 2.55
CA PHE M 29 28.10 54.66 2.68
C PHE M 29 27.30 55.60 1.81
N SER M 30 27.63 56.90 1.82
CA SER M 30 26.82 57.88 1.08
C SER M 30 26.88 57.68 -0.44
N ASP M 31 27.89 56.94 -0.92
CA ASP M 31 27.98 56.49 -2.32
C ASP M 31 27.13 55.27 -2.64
N ALA M 32 26.84 54.44 -1.65
CA ALA M 32 26.28 53.11 -1.90
C ALA M 32 24.78 53.13 -2.13
N TRP M 33 24.34 52.27 -3.06
CA TRP M 33 22.93 51.91 -3.20
C TRP M 33 22.67 50.78 -2.21
N MET M 34 21.58 50.89 -1.46
CA MET M 34 21.26 49.94 -0.41
C MET M 34 19.88 49.36 -0.71
N ASP M 35 19.70 48.07 -0.39
CA ASP M 35 18.41 47.42 -0.59
C ASP M 35 17.99 46.61 0.65
N TRP M 36 16.70 46.28 0.74
CA TRP M 36 16.20 45.25 1.65
C TRP M 36 15.67 44.07 0.82
N VAL M 37 16.04 42.85 1.23
CA VAL M 37 15.61 41.60 0.61
C VAL M 37 15.03 40.72 1.72
N ARG M 38 13.95 39.98 1.43
CA ARG M 38 13.38 39.06 2.42
C ARG M 38 13.33 37.63 1.95
N GLN M 39 13.24 36.71 2.90
CA GLN M 39 13.25 35.28 2.62
C GLN M 39 12.21 34.53 3.44
N SER M 40 11.36 33.79 2.75
CA SER M 40 10.36 32.94 3.35
C SER M 40 10.46 31.56 2.71
N PRO M 41 9.95 30.52 3.39
CA PRO M 41 9.84 29.20 2.73
C PRO M 41 8.89 29.19 1.52
N GLU M 42 7.86 30.03 1.53
CA GLU M 42 6.82 30.04 0.49
C GLU M 42 7.29 30.70 -0.81
N LYS M 43 7.92 31.88 -0.70
CA LYS M 43 8.27 32.70 -1.88
C LYS M 43 9.76 32.85 -2.16
N GLY M 44 10.63 32.23 -1.36
CA GLY M 44 12.06 32.28 -1.58
C GLY M 44 12.63 33.64 -1.29
N LEU M 45 13.64 34.04 -2.05
CA LEU M 45 14.25 35.36 -1.94
C LEU M 45 13.48 36.39 -2.76
N GLU M 46 12.93 37.40 -2.09
CA GLU M 46 12.21 38.50 -2.72
C GLU M 46 12.95 39.80 -2.46
N TRP M 47 13.31 40.50 -3.53
CA TRP M 47 13.71 41.89 -3.38
C TRP M 47 12.50 42.69 -2.91
N VAL M 48 12.71 43.54 -1.91
CA VAL M 48 11.63 44.32 -1.29
C VAL M 48 11.69 45.80 -1.66
N ALA M 49 12.85 46.41 -1.46
CA ALA M 49 13.03 47.84 -1.71
C ALA M 49 14.48 48.30 -1.93
N GLU M 50 14.63 49.38 -2.70
CA GLU M 50 15.91 49.99 -3.06
C GLU M 50 15.90 51.45 -2.67
N ILE M 51 17.06 51.93 -2.21
CA ILE M 51 17.33 53.37 -2.13
C ILE M 51 18.72 53.64 -2.71
N ARG M 52 18.77 54.63 -3.61
CA ARG M 52 20.00 54.96 -4.30
C ARG M 52 20.76 56.04 -3.57
N ASN M 53 21.92 56.38 -4.10
CA ASN M 53 22.81 57.33 -3.45
C ASN M 53 22.42 58.79 -3.71
N LYS M 54 23.22 59.67 -3.09
CA LYS M 54 23.04 61.12 -3.20
C LYS M 54 23.03 61.60 -4.66
N VAL M 55 23.92 61.04 -5.47
CA VAL M 55 24.01 61.40 -6.89
C VAL M 55 22.73 61.05 -7.66
N ASN M 56 22.04 59.98 -7.27
CA ASN M 56 20.76 59.60 -7.87
C ASN M 56 19.54 60.09 -7.09
N ASN M 57 19.67 61.20 -6.37
CA ASN M 57 18.57 61.83 -5.63
C ASN M 57 17.92 60.95 -4.56
N HIS M 58 18.66 59.99 -4.02
CA HIS M 58 18.11 59.05 -3.04
C HIS M 58 16.82 58.41 -3.57
N ALA M 59 16.84 58.02 -4.85
CA ALA M 59 15.65 57.50 -5.51
C ALA M 59 15.27 56.18 -4.88
N THR M 60 13.98 55.93 -4.74
CA THR M 60 13.50 54.69 -4.15
C THR M 60 12.72 53.86 -5.16
N ASN M 61 12.74 52.55 -4.95
CA ASN M 61 11.91 51.61 -5.71
C ASN M 61 11.43 50.50 -4.80
N TYR M 62 10.25 49.96 -5.08
CA TYR M 62 9.65 48.92 -4.24
C TYR M 62 9.08 47.78 -5.08
N ALA M 63 9.06 46.59 -4.50
CA ALA M 63 8.31 45.46 -5.05
C ALA M 63 6.81 45.74 -5.00
N GLU M 64 6.09 45.21 -5.97
CA GLU M 64 4.67 45.49 -6.12
C GLU M 64 3.88 45.19 -4.83
N SER M 65 4.14 44.03 -4.23
CA SER M 65 3.39 43.59 -3.06
C SER M 65 3.56 44.48 -1.81
N VAL M 66 4.57 45.33 -1.77
CA VAL M 66 4.77 46.24 -0.63
C VAL M 66 4.55 47.74 -0.90
N LYS M 67 4.35 48.14 -2.16
CA LYS M 67 4.12 49.57 -2.49
C LYS M 67 2.95 50.14 -1.71
N GLY M 68 3.13 51.36 -1.21
CA GLY M 68 2.10 52.02 -0.41
C GLY M 68 2.16 51.69 1.07
N ARG M 69 2.75 50.56 1.43
CA ARG M 69 2.84 50.11 2.83
C ARG M 69 4.24 50.23 3.43
N PHE M 70 5.27 49.96 2.64
CA PHE M 70 6.67 49.99 3.09
C PHE M 70 7.33 51.28 2.60
N THR M 71 8.22 51.85 3.41
CA THR M 71 9.01 53.02 3.01
C THR M 71 10.47 52.81 3.40
N ILE M 72 11.36 53.02 2.45
CA ILE M 72 12.80 52.88 2.69
C ILE M 72 13.39 54.28 2.77
N SER M 73 14.32 54.47 3.70
CA SER M 73 15.03 55.75 3.85
C SER M 73 16.43 55.51 4.39
N ARG M 74 17.25 56.57 4.38
CA ARG M 74 18.62 56.49 4.89
C ARG M 74 19.03 57.75 5.60
N ASP M 75 19.94 57.63 6.55
CA ASP M 75 20.62 58.76 7.18
C ASP M 75 22.09 58.59 6.80
N ASP M 76 22.50 59.26 5.72
CA ASP M 76 23.89 59.22 5.28
C ASP M 76 24.90 59.67 6.33
N SER M 77 24.50 60.56 7.24
CA SER M 77 25.39 61.02 8.30
C SER M 77 25.68 59.92 9.35
N ARG M 78 24.72 59.03 9.61
CA ARG M 78 24.90 57.93 10.60
C ARG M 78 25.23 56.54 10.00
N SER M 79 25.34 56.47 8.67
CA SER M 79 25.50 55.22 7.93
C SER M 79 24.41 54.21 8.27
N VAL M 80 23.15 54.63 8.24
CA VAL M 80 22.02 53.72 8.54
C VAL M 80 20.93 53.78 7.48
N VAL M 81 20.33 52.61 7.20
CA VAL M 81 19.16 52.50 6.33
C VAL M 81 18.01 52.01 7.19
N TYR M 82 16.83 52.60 7.02
CA TYR M 82 15.64 52.17 7.73
C TYR M 82 14.65 51.56 6.74
N LEU M 83 13.77 50.68 7.23
CA LEU M 83 12.59 50.22 6.47
C LEU M 83 11.35 50.26 7.36
N GLN M 84 10.53 51.28 7.18
CA GLN M 84 9.25 51.44 7.86
C GLN M 84 8.23 50.56 7.16
N MET M 85 7.54 49.70 7.91
CA MET M 85 6.54 48.78 7.36
C MET M 85 5.22 49.01 8.04
N ASN M 86 4.22 49.45 7.29
CA ASN M 86 2.88 49.67 7.84
C ASN M 86 1.85 48.70 7.26
N ASN M 87 0.76 48.50 7.99
CA ASN M 87 -0.32 47.64 7.57
C ASN M 87 0.16 46.22 7.18
N LEU M 88 0.95 45.63 8.07
CA LEU M 88 1.58 44.33 7.83
C LEU M 88 0.56 43.19 7.75
N LYS M 89 0.89 42.18 6.95
CA LYS M 89 0.02 41.04 6.64
C LYS M 89 0.76 39.75 6.94
N PRO M 90 0.03 38.62 7.09
CA PRO M 90 0.69 37.36 7.38
C PRO M 90 1.80 36.99 6.40
N GLU M 91 1.58 37.24 5.11
CA GLU M 91 2.57 36.90 4.09
C GLU M 91 3.84 37.78 4.11
N ASP M 92 3.82 38.90 4.84
CA ASP M 92 5.04 39.68 5.06
C ASP M 92 6.02 38.97 5.99
N THR M 93 5.57 37.95 6.71
CA THR M 93 6.44 37.14 7.58
C THR M 93 7.68 36.60 6.83
N GLY M 94 8.83 36.73 7.46
CA GLY M 94 10.08 36.20 6.93
C GLY M 94 11.33 36.79 7.55
N ILE M 95 12.48 36.38 7.04
CA ILE M 95 13.80 36.92 7.44
C ILE M 95 14.12 38.09 6.52
N TYR M 96 14.44 39.24 7.09
CA TYR M 96 14.70 40.47 6.34
C TYR M 96 16.21 40.83 6.38
N TYR M 97 16.84 40.77 5.21
CA TYR M 97 18.25 41.12 5.06
C TYR M 97 18.40 42.53 4.50
N CYS M 98 19.34 43.27 5.07
CA CYS M 98 19.80 44.57 4.58
C CYS M 98 21.02 44.29 3.72
N THR M 99 21.03 44.83 2.50
CA THR M 99 22.15 44.62 1.56
C THR M 99 22.79 45.93 1.14
N GLY M 100 24.09 45.88 0.88
CA GLY M 100 24.86 47.07 0.48
C GLY M 100 25.54 46.87 -0.86
N LEU M 101 25.60 47.95 -1.64
CA LEU M 101 26.10 47.93 -3.02
C LEU M 101 25.24 47.00 -3.84
N THR M 102 23.97 47.37 -3.91
CA THR M 102 22.89 46.48 -4.34
C THR M 102 23.00 45.15 -3.57
N PHE M 103 23.49 44.06 -4.18
CA PHE M 103 23.58 42.77 -3.46
C PHE M 103 25.00 42.25 -3.29
N ASP M 104 25.99 43.13 -3.26
CA ASP M 104 27.38 42.71 -3.08
C ASP M 104 27.63 42.23 -1.66
N TYR M 105 27.03 42.93 -0.69
CA TYR M 105 27.22 42.65 0.73
C TYR M 105 25.88 42.49 1.45
N TRP M 106 25.79 41.52 2.37
CA TRP M 106 24.55 41.16 3.07
C TRP M 106 24.70 41.12 4.60
N GLY M 107 23.69 41.59 5.32
CA GLY M 107 23.63 41.43 6.77
C GLY M 107 23.17 40.03 7.16
N GLN M 108 23.23 39.75 8.46
CA GLN M 108 22.90 38.42 8.99
C GLN M 108 21.39 38.13 8.99
N GLY M 109 20.60 39.19 8.90
CA GLY M 109 19.15 39.09 8.81
C GLY M 109 18.50 39.32 10.14
N THR M 110 17.25 39.76 10.13
CA THR M 110 16.41 39.86 11.33
C THR M 110 15.04 39.28 11.01
N THR M 111 14.39 38.61 11.95
CA THR M 111 13.14 37.88 11.68
C THR M 111 11.90 38.73 12.02
N LEU M 112 10.94 38.75 11.09
CA LEU M 112 9.63 39.36 11.31
C LEU M 112 8.55 38.31 11.23
N THR M 113 7.70 38.28 12.24
CA THR M 113 6.58 37.34 12.32
C THR M 113 5.30 38.17 12.47
N VAL M 114 4.40 38.03 11.52
CA VAL M 114 3.11 38.71 11.53
C VAL M 114 2.04 37.67 11.87
N SER M 115 1.50 37.77 13.07
CA SER M 115 0.52 36.82 13.59
C SER M 115 -0.24 37.47 14.73
N SER M 116 -1.51 37.09 14.90
CA SER M 116 -2.30 37.57 16.05
C SER M 116 -2.19 36.58 17.21
N ALA M 117 -1.44 35.50 17.02
CA ALA M 117 -1.01 34.64 18.11
C ALA M 117 -0.15 35.42 19.09
N LYS M 118 -0.16 34.91 20.34
CA LYS M 118 0.50 35.56 21.45
C LYS M 118 1.85 34.94 21.67
N THR M 119 2.78 35.76 22.15
CA THR M 119 4.07 35.26 22.60
C THR M 119 3.90 34.21 23.70
N THR M 120 4.61 33.10 23.55
CA THR M 120 4.56 31.97 24.47
C THR M 120 5.99 31.47 24.69
N ALA M 121 6.40 31.38 25.95
CA ALA M 121 7.74 30.91 26.29
C ALA M 121 7.79 29.37 26.15
N PRO M 122 8.99 28.80 25.94
CA PRO M 122 9.14 27.35 25.79
C PRO M 122 9.24 26.60 27.11
N SER M 123 8.78 25.36 27.13
CA SER M 123 9.14 24.39 28.17
C SER M 123 10.40 23.68 27.71
N VAL M 124 11.33 23.45 28.63
CA VAL M 124 12.63 22.82 28.30
C VAL M 124 12.83 21.58 29.17
N TYR M 125 12.96 20.44 28.52
CA TYR M 125 12.97 19.15 29.19
C TYR M 125 14.27 18.44 28.91
N PRO M 126 14.96 17.96 29.96
CA PRO M 126 16.20 17.24 29.74
C PRO M 126 15.91 15.80 29.36
N LEU M 127 16.57 15.32 28.30
CA LEU M 127 16.39 13.95 27.85
C LEU M 127 17.62 13.11 28.18
N ALA M 128 17.49 12.26 29.19
CA ALA M 128 18.56 11.34 29.60
C ALA M 128 18.33 9.96 28.99
N PRO M 129 19.39 9.13 28.89
CA PRO M 129 19.22 7.79 28.32
C PRO M 129 18.29 6.89 29.10
N VAL M 130 17.93 5.76 28.49
CA VAL M 130 16.94 4.82 29.05
C VAL M 130 17.45 4.25 30.37
N CYS M 131 16.54 4.07 31.33
CA CYS M 131 16.81 3.23 32.53
C CYS M 131 17.41 1.88 32.13
N THR M 134 21.28 0.33 28.38
CA THR M 134 21.73 0.60 27.01
C THR M 134 22.69 1.78 26.97
N THR M 135 23.97 1.49 26.83
CA THR M 135 25.05 2.44 26.60
C THR M 135 26.25 1.68 26.07
N GLY M 136 27.06 2.36 25.26
CA GLY M 136 28.32 1.80 24.70
C GLY M 136 29.58 2.46 25.21
N SER M 137 30.59 2.74 24.35
CA SER M 137 31.73 3.56 24.75
C SER M 137 31.51 5.07 24.54
N SER M 138 30.48 5.44 23.77
CA SER M 138 29.97 6.82 23.75
C SER M 138 28.49 6.80 24.08
N VAL M 139 27.98 7.95 24.52
CA VAL M 139 26.58 8.09 24.97
C VAL M 139 25.99 9.39 24.45
N THR M 140 24.71 9.34 24.10
CA THR M 140 23.98 10.48 23.53
C THR M 140 22.90 10.97 24.52
N LEU M 141 22.97 12.27 24.82
CA LEU M 141 21.96 12.97 25.61
C LEU M 141 21.15 13.85 24.68
N GLY M 142 20.06 14.38 25.19
CA GLY M 142 19.15 15.19 24.40
C GLY M 142 18.51 16.31 25.20
N CYS M 143 17.82 17.20 24.49
CA CYS M 143 17.15 18.34 25.09
C CYS M 143 15.97 18.74 24.21
N LEU M 144 14.76 18.74 24.78
CA LEU M 144 13.54 19.05 24.06
C LEU M 144 13.02 20.41 24.47
N VAL M 145 12.76 21.25 23.46
CA VAL M 145 12.22 22.60 23.64
C VAL M 145 10.85 22.61 22.97
N LYS M 146 9.79 22.72 23.78
CA LYS M 146 8.42 22.49 23.33
C LYS M 146 7.52 23.69 23.63
N GLY M 147 6.66 24.03 22.67
CA GLY M 147 5.56 24.96 22.91
C GLY M 147 5.86 26.46 22.92
N TYR M 148 6.72 26.91 22.01
CA TYR M 148 7.09 28.34 21.96
C TYR M 148 6.64 29.06 20.70
N PHE M 149 6.52 30.38 20.82
CA PHE M 149 6.16 31.23 19.69
C PHE M 149 6.51 32.69 20.03
N PRO M 150 7.05 33.46 19.08
CA PRO M 150 7.45 33.03 17.73
C PRO M 150 8.85 32.43 17.74
N GLU M 151 9.36 32.17 16.54
CA GLU M 151 10.78 31.87 16.34
C GLU M 151 11.61 33.15 16.53
N PRO M 152 12.90 33.03 16.90
CA PRO M 152 13.59 31.77 17.16
C PRO M 152 13.94 31.61 18.64
N VAL M 153 14.49 30.45 18.96
CA VAL M 153 15.21 30.23 20.21
C VAL M 153 16.65 30.00 19.83
N THR M 154 17.53 30.04 20.82
CA THR M 154 18.93 29.69 20.64
C THR M 154 19.29 28.70 21.74
N LEU M 155 19.90 27.59 21.35
CA LEU M 155 20.22 26.48 22.25
C LEU M 155 21.71 26.24 22.20
N THR M 156 22.33 26.13 23.37
CA THR M 156 23.74 25.72 23.49
C THR M 156 23.89 24.63 24.55
N TRP M 157 25.07 24.02 24.60
CA TRP M 157 25.41 23.01 25.59
C TRP M 157 26.63 23.50 26.41
N ASN M 158 26.48 23.54 27.73
CA ASN M 158 27.46 24.12 28.66
C ASN M 158 27.87 25.55 28.25
N SER M 159 26.85 26.34 27.96
CA SER M 159 26.98 27.77 27.59
C SER M 159 27.90 28.04 26.40
N GLY M 160 27.95 27.10 25.44
CA GLY M 160 28.82 27.20 24.28
C GLY M 160 30.08 26.36 24.31
N SER M 161 30.54 25.94 25.50
CA SER M 161 31.77 25.13 25.68
C SER M 161 31.76 23.84 24.86
N LEU M 162 30.67 23.10 24.97
CA LEU M 162 30.49 21.85 24.24
C LEU M 162 29.77 22.14 22.93
N SER M 163 30.53 22.23 21.83
CA SER M 163 29.96 22.62 20.52
C SER M 163 30.00 21.50 19.48
N SER M 164 31.13 20.81 19.32
CA SER M 164 31.19 19.69 18.38
C SER M 164 30.53 18.45 18.99
N GLY M 165 30.06 17.57 18.12
CA GLY M 165 29.24 16.43 18.49
C GLY M 165 27.79 16.78 18.83
N VAL M 166 27.35 17.97 18.43
CA VAL M 166 26.01 18.48 18.69
C VAL M 166 25.21 18.50 17.39
N HIS M 167 23.92 18.17 17.45
CA HIS M 167 22.99 18.32 16.34
C HIS M 167 21.73 18.97 16.86
N THR M 168 21.54 20.25 16.53
CA THR M 168 20.30 20.95 16.89
C THR M 168 19.40 21.00 15.67
N PHE M 169 18.19 20.48 15.79
CA PHE M 169 17.35 20.24 14.62
C PHE M 169 16.39 21.41 14.36
N PRO M 170 16.01 21.61 13.09
CA PRO M 170 15.08 22.68 12.75
C PRO M 170 13.77 22.57 13.49
N ALA M 171 13.27 23.72 13.91
CA ALA M 171 11.96 23.80 14.57
C ALA M 171 10.82 23.37 13.64
N LEU M 172 9.76 22.84 14.23
CA LEU M 172 8.55 22.48 13.48
C LEU M 172 7.30 22.97 14.21
N LEU M 173 6.29 23.25 13.41
CA LEU M 173 5.06 23.84 13.90
C LEU M 173 4.15 22.69 14.37
N LEU M 174 3.83 22.68 15.66
CA LEU M 174 2.92 21.66 16.30
C LEU M 174 1.62 22.38 16.72
N SER M 175 0.71 22.53 15.74
CA SER M 175 -0.58 23.21 15.92
C SER M 175 -0.47 24.61 16.55
N GLY M 176 0.27 25.50 15.87
CA GLY M 176 0.45 26.88 16.29
C GLY M 176 1.63 27.19 17.20
N LEU M 177 2.29 26.16 17.76
CA LEU M 177 3.45 26.36 18.63
C LEU M 177 4.64 25.54 18.11
N TYR M 178 5.85 26.08 18.27
CA TYR M 178 7.06 25.45 17.71
C TYR M 178 7.72 24.49 18.70
N THR M 179 8.23 23.37 18.16
CA THR M 179 9.00 22.39 18.92
C THR M 179 10.35 22.15 18.23
N LEU M 180 11.44 22.13 18.98
CA LEU M 180 12.72 21.63 18.48
C LEU M 180 13.47 20.85 19.54
N SER M 181 14.39 20.01 19.08
CA SER M 181 15.24 19.22 19.95
C SER M 181 16.71 19.38 19.56
N SER M 182 17.62 19.07 20.48
CA SER M 182 19.05 18.96 20.17
C SER M 182 19.66 17.74 20.85
N SER M 183 20.53 17.03 20.14
CA SER M 183 21.28 15.90 20.69
C SER M 183 22.74 16.31 20.83
N VAL M 184 23.42 15.75 21.83
CA VAL M 184 24.86 15.92 22.01
C VAL M 184 25.44 14.56 22.35
N THR M 185 26.63 14.24 21.80
CA THR M 185 27.26 12.95 22.02
C THR M 185 28.67 13.12 22.59
N VAL M 186 28.93 12.50 23.74
CA VAL M 186 30.25 12.50 24.39
C VAL M 186 30.68 11.06 24.67
N THR M 187 31.92 10.88 25.11
CA THR M 187 32.42 9.55 25.52
C THR M 187 31.87 9.24 26.92
N SER M 188 31.62 7.96 27.20
CA SER M 188 30.97 7.51 28.44
C SER M 188 31.68 7.89 29.75
N ASN M 189 32.97 8.25 29.69
CA ASN M 189 33.67 8.80 30.87
C ASN M 189 33.22 10.20 31.24
N THR M 190 33.01 11.04 30.23
CA THR M 190 32.56 12.43 30.41
C THR M 190 31.27 12.52 31.22
N TRP M 191 30.28 11.69 30.90
CA TRP M 191 28.96 11.75 31.53
C TRP M 191 28.55 10.38 32.10
N PRO M 192 28.08 10.31 33.35
CA PRO M 192 27.70 11.48 34.19
C PRO M 192 28.78 12.18 35.06
N SER M 193 30.06 11.78 34.96
CA SER M 193 31.15 12.35 35.79
C SER M 193 31.15 13.87 35.82
N GLN M 194 31.17 14.47 34.63
CA GLN M 194 31.04 15.90 34.45
C GLN M 194 29.60 16.20 34.08
N THR M 195 29.11 17.30 34.61
CA THR M 195 27.72 17.69 34.42
C THR M 195 27.54 18.38 33.05
N ILE M 196 26.44 18.07 32.37
CA ILE M 196 26.14 18.63 31.04
C ILE M 196 24.78 19.32 31.11
N THR M 197 24.72 20.56 30.62
CA THR M 197 23.55 21.44 30.82
C THR M 197 23.09 22.06 29.49
N CYS M 198 21.81 21.87 29.17
CA CYS M 198 21.19 22.46 27.99
C CYS M 198 20.77 23.90 28.31
N ASN M 199 21.23 24.88 27.54
CA ASN M 199 20.89 26.31 27.75
C ASN M 199 20.00 26.80 26.61
N VAL M 200 18.79 27.24 26.93
CA VAL M 200 17.85 27.74 25.93
C VAL M 200 17.51 29.19 26.23
N ALA M 201 17.58 30.03 25.20
CA ALA M 201 17.15 31.43 25.28
C ALA M 201 16.01 31.63 24.29
N HIS M 202 14.97 32.35 24.74
CA HIS M 202 13.86 32.78 23.89
C HIS M 202 13.73 34.28 24.07
N PRO M 203 14.41 35.07 23.21
CA PRO M 203 14.38 36.53 23.31
C PRO M 203 13.00 37.14 23.37
N ALA M 204 12.08 36.61 22.55
CA ALA M 204 10.72 37.13 22.44
C ALA M 204 9.96 37.17 23.77
N SER M 205 10.25 36.25 24.68
CA SER M 205 9.60 36.23 26.01
C SER M 205 10.57 36.50 27.19
N SER M 206 11.75 37.03 26.90
CA SER M 206 12.82 37.27 27.90
C SER M 206 13.14 36.03 28.77
N THR M 207 13.11 34.86 28.15
CA THR M 207 13.31 33.57 28.81
C THR M 207 14.76 33.12 28.65
N LYS M 208 15.42 32.82 29.78
CA LYS M 208 16.68 32.07 29.77
C LYS M 208 16.55 30.92 30.73
N VAL M 209 16.73 29.70 30.24
CA VAL M 209 16.56 28.51 31.05
C VAL M 209 17.80 27.62 30.90
N ASP M 210 18.22 27.00 31.99
CA ASP M 210 19.33 26.05 32.02
C ASP M 210 18.79 24.75 32.59
N LYS M 211 18.91 23.63 31.86
CA LYS M 211 18.47 22.31 32.35
C LYS M 211 19.60 21.29 32.37
N LYS M 212 19.98 20.89 33.57
CA LYS M 212 21.01 19.88 33.79
C LYS M 212 20.47 18.48 33.40
N ILE M 213 21.29 17.70 32.71
CA ILE M 213 20.89 16.34 32.28
C ILE M 213 21.22 15.33 33.38
N GLU M 214 20.20 14.89 34.11
CA GLU M 214 20.36 13.95 35.25
C GLU M 214 20.04 12.52 34.74
N PRO M 215 20.75 11.48 35.21
CA PRO M 215 20.34 10.12 34.84
C PRO M 215 19.00 9.74 35.48
N ARG M 216 18.26 8.84 34.84
CA ARG M 216 16.95 8.41 35.35
C ARG M 216 17.11 7.37 36.46
N GLY M 217 16.47 7.59 37.62
CA GLY M 217 16.37 6.56 38.66
C GLY M 217 15.06 5.82 38.47
N PRO M 218 15.04 4.47 38.66
CA PRO M 218 13.73 3.76 38.62
C PRO M 218 12.78 4.15 39.77
N ASP N 1 7.85 41.44 -15.29
CA ASP N 1 8.86 40.77 -14.43
C ASP N 1 9.64 39.72 -15.21
N ILE N 2 10.94 39.66 -14.98
CA ILE N 2 11.77 38.60 -15.51
C ILE N 2 11.74 37.46 -14.49
N VAL N 3 11.40 36.27 -14.96
CA VAL N 3 11.28 35.09 -14.11
C VAL N 3 12.47 34.19 -14.38
N LEU N 4 13.21 33.85 -13.32
CA LEU N 4 14.37 32.99 -13.44
C LEU N 4 14.04 31.58 -12.96
N THR N 5 14.37 30.59 -13.79
CA THR N 5 14.03 29.20 -13.52
C THR N 5 15.32 28.41 -13.47
N GLN N 6 15.59 27.79 -12.32
CA GLN N 6 16.81 27.03 -12.15
C GLN N 6 16.59 25.56 -12.38
N SER N 7 17.66 24.88 -12.78
CA SER N 7 17.65 23.44 -12.82
C SER N 7 19.10 22.97 -12.66
N PRO N 8 19.33 21.78 -12.12
CA PRO N 8 18.30 20.96 -11.51
C PRO N 8 17.90 21.54 -10.14
N ALA N 9 16.88 20.96 -9.53
CA ALA N 9 16.45 21.36 -8.20
C ALA N 9 17.50 21.00 -7.16
N SER N 10 18.07 19.81 -7.30
CA SER N 10 19.22 19.41 -6.49
C SER N 10 20.10 18.40 -7.24
N LEU N 11 21.25 18.10 -6.65
CA LEU N 11 22.28 17.40 -7.33
C LEU N 11 23.38 16.95 -6.40
N ALA N 12 23.91 15.74 -6.58
CA ALA N 12 24.92 15.16 -5.71
C ALA N 12 26.24 14.80 -6.42
N VAL N 13 27.34 15.43 -6.00
CA VAL N 13 28.62 15.44 -6.70
C VAL N 13 29.74 14.99 -5.77
N SER N 14 30.71 14.21 -6.29
CA SER N 14 31.83 13.74 -5.47
C SER N 14 32.89 14.80 -5.28
N LEU N 15 33.64 14.72 -4.19
CA LEU N 15 34.76 15.64 -3.94
C LEU N 15 35.72 15.59 -5.12
N GLY N 16 36.12 16.76 -5.61
CA GLY N 16 37.03 16.83 -6.76
C GLY N 16 36.40 16.89 -8.13
N GLN N 17 35.15 16.47 -8.26
CA GLN N 17 34.38 16.54 -9.52
C GLN N 17 33.82 17.97 -9.78
N ARG N 18 33.13 18.10 -10.92
CA ARG N 18 32.51 19.34 -11.37
C ARG N 18 31.00 19.29 -11.17
N ALA N 19 30.44 20.39 -10.69
CA ALA N 19 29.00 20.59 -10.59
C ALA N 19 28.60 21.71 -11.54
N THR N 20 27.49 21.52 -12.24
CA THR N 20 26.99 22.48 -13.20
C THR N 20 25.53 22.76 -12.88
N ILE N 21 25.20 24.02 -12.62
CA ILE N 21 23.86 24.46 -12.29
C ILE N 21 23.41 25.48 -13.31
N SER N 22 22.18 25.35 -13.79
CA SER N 22 21.63 26.21 -14.84
C SER N 22 20.61 27.21 -14.34
N CYS N 23 20.44 28.27 -15.11
CA CYS N 23 19.45 29.31 -14.84
C CYS N 23 18.95 29.87 -16.16
N ARG N 24 17.63 29.85 -16.34
CA ARG N 24 16.98 30.31 -17.55
C ARG N 24 16.08 31.50 -17.24
N ALA N 25 16.21 32.58 -18.01
CA ALA N 25 15.37 33.76 -17.86
C ALA N 25 14.22 33.76 -18.86
N SER N 26 13.08 34.30 -18.42
CA SER N 26 11.88 34.37 -19.25
C SER N 26 12.03 35.33 -20.42
N GLU N 27 12.89 36.34 -20.23
CA GLU N 27 13.33 37.19 -21.32
C GLU N 27 14.78 37.62 -21.07
N SER N 28 15.42 38.20 -22.07
CA SER N 28 16.84 38.55 -22.01
C SER N 28 17.16 39.49 -20.85
N VAL N 29 18.26 39.18 -20.16
CA VAL N 29 18.82 40.04 -19.11
C VAL N 29 19.99 40.90 -19.62
N ASP N 30 20.25 40.87 -20.93
CA ASP N 30 21.28 41.74 -21.52
C ASP N 30 20.84 43.17 -21.52
N ASN N 31 21.77 44.05 -21.16
CA ASN N 31 21.57 45.49 -21.28
C ASN N 31 22.92 46.19 -21.28
N TYR N 32 23.11 47.12 -22.23
CA TYR N 32 24.39 47.78 -22.47
C TYR N 32 25.54 46.78 -22.71
N GLY N 33 25.24 45.70 -23.45
CA GLY N 33 26.21 44.67 -23.78
C GLY N 33 26.71 43.79 -22.64
N ILE N 34 26.05 43.89 -21.48
CA ILE N 34 26.42 43.15 -20.28
C ILE N 34 25.20 42.32 -19.88
N SER N 35 25.44 41.03 -19.62
CA SER N 35 24.40 40.15 -19.14
C SER N 35 24.28 40.33 -17.64
N SER N 36 23.20 40.96 -17.18
CA SER N 36 23.00 41.20 -15.77
C SER N 36 22.52 39.95 -15.05
N MET N 37 23.46 39.06 -14.74
CA MET N 37 23.19 37.78 -14.09
C MET N 37 24.21 37.54 -12.98
N ASN N 38 23.71 37.35 -11.76
CA ASN N 38 24.54 37.16 -10.57
C ASN N 38 24.23 35.84 -9.90
N TRP N 39 25.21 35.29 -9.16
CA TRP N 39 25.03 34.05 -8.44
C TRP N 39 25.39 34.21 -6.96
N PHE N 40 24.61 33.56 -6.10
CA PHE N 40 24.81 33.61 -4.67
C PHE N 40 24.86 32.22 -4.07
N GLN N 41 25.57 32.08 -2.95
CA GLN N 41 25.65 30.85 -2.18
C GLN N 41 25.02 31.06 -0.83
N GLN N 42 24.07 30.21 -0.44
CA GLN N 42 23.50 30.26 0.89
C GLN N 42 23.77 28.96 1.62
N LYS N 43 24.69 29.02 2.60
CA LYS N 43 24.89 27.91 3.52
C LYS N 43 23.79 27.91 4.54
N ALA N 44 23.70 26.85 5.33
CA ALA N 44 22.62 26.69 6.30
C ALA N 44 22.72 27.73 7.43
N GLY N 45 21.60 28.40 7.72
CA GLY N 45 21.51 29.39 8.80
C GLY N 45 22.27 30.69 8.55
N GLN N 46 22.43 31.01 7.27
CA GLN N 46 23.32 32.08 6.83
C GLN N 46 22.63 32.96 5.82
N PRO N 47 23.11 34.20 5.69
CA PRO N 47 22.65 35.02 4.57
C PRO N 47 23.25 34.50 3.28
N PRO N 48 22.69 34.90 2.13
CA PRO N 48 23.35 34.63 0.88
C PRO N 48 24.71 35.32 0.77
N LYS N 49 25.63 34.67 0.06
CA LYS N 49 26.95 35.20 -0.22
C LYS N 49 27.07 35.44 -1.71
N PHE N 50 27.67 36.55 -2.06
CA PHE N 50 27.80 36.99 -3.42
C PHE N 50 29.02 36.32 -4.05
N LEU N 51 28.81 35.66 -5.19
CA LEU N 51 29.86 34.90 -5.89
C LEU N 51 30.26 35.44 -7.25
N ILE N 52 29.28 35.55 -8.15
CA ILE N 52 29.53 35.93 -9.55
C ILE N 52 28.65 37.11 -9.92
N TYR N 53 29.17 38.00 -10.77
CA TYR N 53 28.39 39.07 -11.40
C TYR N 53 28.68 39.15 -12.89
N ALA N 54 27.83 39.88 -13.60
CA ALA N 54 27.94 40.04 -15.04
C ALA N 54 28.13 38.68 -15.74
N ALA N 55 27.37 37.68 -15.29
CA ALA N 55 27.38 36.32 -15.84
C ALA N 55 28.64 35.47 -15.59
N SER N 56 29.81 36.03 -15.85
CA SER N 56 31.08 35.30 -15.81
C SER N 56 32.17 35.85 -14.90
N LYS N 57 31.95 37.00 -14.25
CA LYS N 57 33.01 37.66 -13.50
C LYS N 57 32.89 37.36 -12.02
N GLN N 58 34.01 37.02 -11.38
CA GLN N 58 34.01 36.62 -9.98
C GLN N 58 33.96 37.82 -9.07
N GLY N 59 33.20 37.68 -7.99
CA GLY N 59 33.10 38.70 -6.97
C GLY N 59 34.45 38.87 -6.29
N SER N 60 34.64 40.07 -5.72
CA SER N 60 35.88 40.39 -5.04
C SER N 60 36.14 39.40 -3.88
N GLY N 61 37.31 38.75 -3.90
CA GLY N 61 37.68 37.75 -2.89
C GLY N 61 37.12 36.33 -3.03
N VAL N 62 36.32 36.08 -4.06
CA VAL N 62 35.62 34.78 -4.24
C VAL N 62 36.61 33.72 -4.78
N PRO N 63 36.56 32.47 -4.26
CA PRO N 63 37.52 31.44 -4.72
C PRO N 63 37.50 31.08 -6.23
N ALA N 64 38.64 30.55 -6.68
CA ALA N 64 38.90 30.23 -8.11
C ALA N 64 37.92 29.23 -8.73
N ARG N 65 37.51 28.28 -7.90
CA ARG N 65 36.66 27.17 -8.32
C ARG N 65 35.22 27.51 -8.73
N PHE N 66 34.71 28.65 -8.30
CA PHE N 66 33.39 29.16 -8.77
C PHE N 66 33.60 29.99 -10.02
N SER N 67 32.96 29.61 -11.11
CA SER N 67 32.99 30.37 -12.38
C SER N 67 31.61 30.34 -12.99
N GLY N 68 31.30 31.30 -13.85
CA GLY N 68 30.00 31.36 -14.52
C GLY N 68 30.09 31.57 -16.01
N SER N 69 29.04 31.21 -16.73
CA SER N 69 28.95 31.50 -18.16
C SER N 69 27.52 31.77 -18.62
N GLY N 70 27.42 32.27 -19.84
CA GLY N 70 26.13 32.51 -20.52
C GLY N 70 25.89 33.94 -20.96
N SER N 71 24.83 34.10 -21.74
CA SER N 71 24.31 35.41 -22.14
C SER N 71 22.84 35.28 -22.57
N GLY N 72 22.13 36.40 -22.62
CA GLY N 72 20.75 36.42 -23.08
C GLY N 72 19.82 35.78 -22.08
N THR N 73 19.38 34.56 -22.36
CA THR N 73 18.45 33.86 -21.46
C THR N 73 19.01 32.63 -20.76
N ASP N 74 20.14 32.07 -21.18
CA ASP N 74 20.65 30.83 -20.60
C ASP N 74 22.00 31.04 -19.97
N PHE N 75 22.11 30.66 -18.70
CA PHE N 75 23.32 30.87 -17.91
C PHE N 75 23.63 29.65 -17.09
N SER N 76 24.85 29.58 -16.59
CA SER N 76 25.21 28.51 -15.66
C SER N 76 26.36 28.86 -14.72
N LEU N 77 26.29 28.28 -13.52
CA LEU N 77 27.34 28.32 -12.52
C LEU N 77 28.04 26.98 -12.55
N ILE N 78 29.37 27.00 -12.57
CA ILE N 78 30.20 25.80 -12.54
C ILE N 78 31.08 25.84 -11.29
N ILE N 79 31.19 24.69 -10.62
CA ILE N 79 32.04 24.55 -9.45
C ILE N 79 33.01 23.41 -9.73
N HIS N 80 34.32 23.70 -9.72
CA HIS N 80 35.34 22.69 -9.98
C HIS N 80 36.70 23.11 -9.41
N PRO N 81 37.29 22.36 -8.47
CA PRO N 81 36.78 21.10 -7.90
C PRO N 81 35.84 21.33 -6.71
N VAL N 82 34.81 20.49 -6.60
CA VAL N 82 33.85 20.56 -5.48
C VAL N 82 34.50 20.15 -4.15
N GLU N 83 34.15 20.85 -3.08
CA GLU N 83 34.69 20.61 -1.74
C GLU N 83 33.62 20.39 -0.69
N GLU N 84 33.95 19.74 0.43
CA GLU N 84 32.94 19.43 1.48
C GLU N 84 32.10 20.64 1.87
N ASP N 85 32.79 21.75 2.04
CA ASP N 85 32.24 23.01 2.48
C ASP N 85 31.33 23.72 1.43
N ASP N 86 31.36 23.27 0.18
CA ASP N 86 30.47 23.78 -0.87
C ASP N 86 29.01 23.32 -0.81
N THR N 87 28.66 22.44 0.13
CA THR N 87 27.26 22.04 0.36
C THR N 87 26.44 23.25 0.75
N ALA N 88 25.45 23.58 -0.09
CA ALA N 88 24.68 24.82 0.05
C ALA N 88 23.58 24.91 -1.01
N VAL N 89 22.78 25.97 -0.93
CA VAL N 89 21.80 26.31 -1.96
C VAL N 89 22.36 27.48 -2.76
N TYR N 90 22.32 27.35 -4.09
CA TYR N 90 22.86 28.37 -5.01
C TYR N 90 21.71 29.03 -5.74
N PHE N 91 21.68 30.36 -5.72
CA PHE N 91 20.63 31.14 -6.40
C PHE N 91 21.21 31.96 -7.53
N CYS N 92 20.53 32.00 -8.67
CA CYS N 92 20.79 33.00 -9.70
C CYS N 92 19.88 34.20 -9.46
N GLN N 93 20.29 35.35 -9.97
CA GLN N 93 19.58 36.61 -9.70
C GLN N 93 19.87 37.61 -10.80
N GLN N 94 18.88 38.44 -11.12
CA GLN N 94 18.87 39.27 -12.32
C GLN N 94 18.70 40.74 -11.95
N SER N 95 19.64 41.58 -12.34
CA SER N 95 19.55 43.01 -12.02
C SER N 95 19.33 43.90 -13.26
N LYS N 96 18.82 43.35 -14.36
CA LYS N 96 18.60 44.14 -15.57
C LYS N 96 17.64 45.29 -15.32
N GLY N 97 16.59 45.03 -14.59
CA GLY N 97 15.70 46.10 -14.18
C GLY N 97 14.72 45.71 -13.10
N VAL N 98 14.07 46.72 -12.57
CA VAL N 98 13.15 46.59 -11.47
C VAL N 98 11.84 45.91 -11.94
N PRO N 99 11.34 44.87 -11.26
CA PRO N 99 11.88 44.32 -10.01
C PRO N 99 13.01 43.34 -10.22
N TYR N 100 13.99 43.41 -9.32
CA TYR N 100 15.11 42.47 -9.32
C TYR N 100 14.56 41.15 -8.82
N THR N 101 14.94 40.05 -9.45
CA THR N 101 14.34 38.75 -9.16
C THR N 101 15.39 37.66 -8.99
N PHE N 102 15.07 36.71 -8.12
CA PHE N 102 15.94 35.58 -7.81
C PHE N 102 15.34 34.30 -8.37
N GLY N 103 16.19 33.33 -8.68
CA GLY N 103 15.75 31.98 -8.99
C GLY N 103 15.28 31.24 -7.74
N GLY N 104 14.78 30.02 -7.95
CA GLY N 104 14.25 29.19 -6.87
C GLY N 104 15.31 28.50 -6.04
N GLY N 105 16.55 28.57 -6.49
CA GLY N 105 17.66 27.91 -5.82
C GLY N 105 17.86 26.47 -6.24
N THR N 106 19.12 26.02 -6.17
CA THR N 106 19.51 24.65 -6.48
C THR N 106 20.37 24.15 -5.32
N LYS N 107 20.03 22.97 -4.80
CA LYS N 107 20.71 22.38 -3.65
C LYS N 107 21.88 21.51 -4.11
N LEU N 108 23.10 21.87 -3.68
CA LEU N 108 24.26 21.03 -3.96
C LEU N 108 24.56 20.16 -2.75
N GLU N 109 24.61 18.85 -3.00
CA GLU N 109 24.96 17.86 -2.02
C GLU N 109 26.30 17.26 -2.39
N ILE N 110 27.10 16.95 -1.38
CA ILE N 110 28.40 16.32 -1.55
C ILE N 110 28.27 14.83 -1.32
N LYS N 111 28.75 14.05 -2.26
CA LYS N 111 28.72 12.59 -2.15
C LYS N 111 29.82 12.13 -1.26
N ARG N 112 29.48 11.14 -0.41
CA ARG N 112 30.49 10.49 0.46
C ARG N 112 30.13 9.03 0.62
N ALA N 113 31.00 8.27 1.25
CA ALA N 113 30.72 6.85 1.46
C ALA N 113 29.50 6.69 2.34
N ASP N 114 28.71 5.62 2.08
CA ASP N 114 27.49 5.39 2.86
C ASP N 114 27.84 5.20 4.33
N ALA N 115 26.95 5.61 5.21
CA ALA N 115 27.18 5.53 6.66
C ALA N 115 25.87 5.33 7.40
N ALA N 116 25.81 4.29 8.24
CA ALA N 116 24.60 3.98 9.00
C ALA N 116 24.42 5.00 10.13
N PRO N 117 23.15 5.24 10.53
CA PRO N 117 22.88 6.19 11.59
C PRO N 117 23.19 5.61 12.96
N THR N 118 23.58 6.45 13.91
CA THR N 118 23.65 6.09 15.31
C THR N 118 22.30 6.42 15.95
N VAL N 119 21.54 5.42 16.37
CA VAL N 119 20.19 5.63 16.84
C VAL N 119 20.09 5.63 18.38
N SER N 120 19.51 6.69 18.93
CA SER N 120 19.27 6.80 20.37
C SER N 120 17.78 7.03 20.62
N ILE N 121 17.22 6.36 21.64
CA ILE N 121 15.79 6.50 21.99
C ILE N 121 15.64 7.03 23.42
N PHE N 122 14.63 7.90 23.61
CA PHE N 122 14.45 8.66 24.85
C PHE N 122 12.98 8.60 25.29
N PRO N 123 12.70 7.99 26.45
CA PRO N 123 11.33 8.06 26.96
C PRO N 123 10.94 9.48 27.37
N PRO N 124 9.65 9.70 27.61
CA PRO N 124 9.26 10.99 28.16
C PRO N 124 9.98 11.27 29.47
N SER N 125 10.41 12.51 29.66
CA SER N 125 11.10 12.91 30.89
C SER N 125 10.11 12.97 32.06
N SER N 126 10.62 12.84 33.29
CA SER N 126 9.81 12.94 34.50
C SER N 126 9.04 14.25 34.53
N GLU N 127 9.72 15.31 34.12
CA GLU N 127 9.13 16.65 34.13
C GLU N 127 7.98 16.79 33.16
N GLN N 128 8.09 16.19 31.97
CA GLN N 128 7.00 16.23 30.99
C GLN N 128 5.79 15.40 31.45
N LEU N 129 6.05 14.26 32.06
CA LEU N 129 4.98 13.36 32.55
C LEU N 129 4.19 14.02 33.68
N THR N 130 4.89 14.62 34.66
CA THR N 130 4.21 15.33 35.76
C THR N 130 3.49 16.63 35.30
N SER N 131 3.82 17.15 34.10
CA SER N 131 3.07 18.25 33.46
C SER N 131 1.83 17.84 32.64
N GLY N 132 1.65 16.55 32.41
CA GLY N 132 0.49 16.02 31.70
C GLY N 132 0.71 15.75 30.23
N GLY N 133 1.95 15.75 29.78
CA GLY N 133 2.31 15.42 28.42
C GLY N 133 3.12 14.16 28.34
N ALA N 134 3.38 13.71 27.12
CA ALA N 134 4.25 12.57 26.88
C ALA N 134 4.75 12.58 25.44
N SER N 135 6.07 12.72 25.27
CA SER N 135 6.71 12.69 23.95
C SER N 135 7.87 11.68 23.96
N VAL N 136 7.88 10.76 23.00
CA VAL N 136 9.00 9.82 22.84
C VAL N 136 9.83 10.25 21.65
N VAL N 137 11.14 10.32 21.83
CA VAL N 137 12.06 10.93 20.88
C VAL N 137 13.15 9.94 20.45
N CYS N 138 13.40 9.87 19.14
CA CYS N 138 14.46 9.06 18.54
C CYS N 138 15.40 9.95 17.74
N PHE N 139 16.70 9.87 18.00
CA PHE N 139 17.72 10.58 17.22
C PHE N 139 18.44 9.60 16.31
N LEU N 140 18.51 9.92 15.02
CA LEU N 140 19.25 9.14 14.03
C LEU N 140 20.37 10.02 13.50
N ASN N 141 21.58 9.83 13.98
CA ASN N 141 22.69 10.79 13.74
C ASN N 141 23.80 10.33 12.78
N ASN N 142 24.24 11.24 11.91
CA ASN N 142 25.43 11.12 11.05
C ASN N 142 25.36 9.96 10.07
N PHE N 143 24.39 10.03 9.17
CA PHE N 143 24.19 8.98 8.15
C PHE N 143 24.24 9.56 6.73
N TYR N 144 24.42 8.67 5.76
CA TYR N 144 24.38 9.03 4.36
C TYR N 144 23.94 7.80 3.53
N PRO N 145 23.05 7.94 2.53
CA PRO N 145 22.44 9.21 2.09
C PRO N 145 21.30 9.69 2.90
N LYS N 146 20.73 10.84 2.54
CA LYS N 146 19.62 11.44 3.31
C LYS N 146 18.39 10.52 3.39
N ASP N 147 18.16 9.68 2.37
CA ASP N 147 17.01 8.77 2.34
C ASP N 147 17.03 7.82 3.51
N ILE N 148 16.01 7.92 4.36
CA ILE N 148 15.85 7.05 5.50
C ILE N 148 14.36 6.89 5.81
N ASN N 149 14.03 5.77 6.45
CA ASN N 149 12.67 5.50 6.92
C ASN N 149 12.71 5.19 8.39
N VAL N 150 11.73 5.75 9.11
CA VAL N 150 11.56 5.46 10.52
C VAL N 150 10.14 4.90 10.71
N LYS N 151 10.03 3.93 11.61
CA LYS N 151 8.77 3.26 11.91
C LYS N 151 8.62 3.17 13.43
N TRP N 152 7.48 3.66 13.95
CA TRP N 152 7.17 3.53 15.38
C TRP N 152 6.24 2.34 15.61
N LYS N 153 6.52 1.59 16.67
CA LYS N 153 5.67 0.48 17.11
C LYS N 153 5.32 0.70 18.58
N ILE N 154 4.05 0.54 18.93
CA ILE N 154 3.61 0.58 20.32
C ILE N 154 2.99 -0.79 20.64
N ASP N 155 3.67 -1.57 21.49
CA ASP N 155 3.31 -2.96 21.81
C ASP N 155 3.32 -3.87 20.57
N GLY N 156 4.35 -3.70 19.71
CA GLY N 156 4.48 -4.48 18.47
C GLY N 156 3.57 -4.06 17.30
N SER N 157 2.83 -2.97 17.49
CA SER N 157 1.75 -2.56 16.58
C SER N 157 2.15 -1.22 15.99
N GLU N 158 2.15 -1.11 14.65
CA GLU N 158 2.65 0.11 13.99
C GLU N 158 1.81 1.35 14.30
N ARG N 159 2.49 2.49 14.43
CA ARG N 159 1.88 3.77 14.80
C ARG N 159 2.33 4.88 13.83
N GLN N 160 1.39 5.74 13.45
CA GLN N 160 1.67 6.85 12.50
C GLN N 160 1.26 8.25 12.97
N ASN N 161 0.15 8.40 13.68
CA ASN N 161 -0.30 9.70 14.15
C ASN N 161 0.52 10.20 15.33
N GLY N 162 0.80 11.50 15.35
CA GLY N 162 1.63 12.12 16.36
C GLY N 162 3.13 12.09 16.11
N VAL N 163 3.55 11.59 14.94
CA VAL N 163 4.98 11.48 14.57
C VAL N 163 5.39 12.71 13.77
N LEU N 164 6.55 13.27 14.14
CA LEU N 164 7.13 14.43 13.43
C LEU N 164 8.63 14.26 13.26
N ASN N 165 9.08 14.42 12.00
CA ASN N 165 10.47 14.21 11.61
C ASN N 165 11.13 15.50 11.13
N SER N 166 12.36 15.75 11.57
CA SER N 166 13.13 16.94 11.19
C SER N 166 14.56 16.53 10.85
N TRP N 167 15.01 16.83 9.62
CA TRP N 167 16.36 16.54 9.15
C TRP N 167 17.24 17.79 9.26
N THR N 168 18.52 17.61 9.57
CA THR N 168 19.50 18.69 9.41
C THR N 168 19.80 18.88 7.93
N ASP N 169 20.35 20.05 7.59
CA ASP N 169 21.05 20.22 6.33
C ASP N 169 22.32 19.41 6.38
N GLN N 170 22.89 19.12 5.21
CA GLN N 170 24.12 18.33 5.14
C GLN N 170 25.24 19.03 5.91
N ASP N 171 26.08 18.23 6.59
CA ASP N 171 27.15 18.77 7.41
C ASP N 171 28.26 19.33 6.51
N SER N 172 28.78 20.51 6.87
CA SER N 172 29.85 21.15 6.10
C SER N 172 31.22 20.48 6.26
N LYS N 173 31.40 19.67 7.31
CA LYS N 173 32.67 19.03 7.57
C LYS N 173 32.70 17.59 7.09
N ASP N 174 31.72 16.76 7.56
CA ASP N 174 31.69 15.34 7.30
C ASP N 174 30.62 14.84 6.30
N SER N 175 29.90 15.77 5.65
CA SER N 175 28.98 15.46 4.61
C SER N 175 27.86 14.48 4.99
N THR N 176 27.51 14.38 6.27
CA THR N 176 26.43 13.53 6.73
C THR N 176 25.17 14.32 7.02
N TYR N 177 24.10 13.58 7.24
CA TYR N 177 22.82 14.10 7.65
C TYR N 177 22.49 13.51 9.02
N SER N 178 21.68 14.23 9.80
CA SER N 178 21.14 13.74 11.06
C SER N 178 19.64 14.04 11.13
N MET N 179 18.92 13.34 12.00
CA MET N 179 17.46 13.44 12.03
C MET N 179 16.85 13.15 13.39
N SER N 180 15.79 13.88 13.74
CA SER N 180 14.98 13.59 14.94
C SER N 180 13.58 13.16 14.55
N SER N 181 13.08 12.09 15.16
CA SER N 181 11.70 11.64 15.00
C SER N 181 11.05 11.67 16.38
N THR N 182 9.90 12.35 16.48
CA THR N 182 9.23 12.60 17.75
C THR N 182 7.78 12.15 17.73
N LEU N 183 7.50 11.05 18.43
CA LEU N 183 6.13 10.56 18.68
C LEU N 183 5.57 11.27 19.89
N THR N 184 4.50 12.05 19.70
CA THR N 184 3.81 12.70 20.81
C THR N 184 2.46 12.02 21.03
N LEU N 185 2.17 11.73 22.29
CA LEU N 185 0.92 11.08 22.75
C LEU N 185 0.35 11.86 23.92
N THR N 186 -0.92 11.62 24.24
CA THR N 186 -1.46 12.04 25.54
C THR N 186 -0.78 11.19 26.63
N LYS N 187 -0.63 11.75 27.82
CA LYS N 187 -0.12 11.00 28.97
C LYS N 187 -0.99 9.77 29.25
N ASP N 188 -2.32 9.93 29.13
CA ASP N 188 -3.27 8.80 29.30
C ASP N 188 -2.99 7.64 28.38
N GLU N 189 -2.73 7.92 27.09
CA GLU N 189 -2.42 6.87 26.13
C GLU N 189 -1.02 6.29 26.30
N TYR N 190 -0.04 7.14 26.68
CA TYR N 190 1.31 6.67 26.98
C TYR N 190 1.28 5.60 28.07
N GLU N 191 0.50 5.84 29.12
CA GLU N 191 0.47 4.95 30.28
C GLU N 191 -0.35 3.68 30.10
N ARG N 192 -1.15 3.57 29.03
CA ARG N 192 -1.82 2.28 28.70
C ARG N 192 -0.85 1.25 28.18
N HIS N 193 -0.10 1.62 27.15
CA HIS N 193 0.78 0.69 26.46
C HIS N 193 2.12 0.63 27.20
N ASN N 194 2.87 -0.43 26.98
CA ASN N 194 4.13 -0.68 27.71
C ASN N 194 5.42 -0.60 26.84
N SER N 195 5.39 -1.23 25.68
CA SER N 195 6.57 -1.38 24.83
C SER N 195 6.59 -0.36 23.68
N TYR N 196 7.60 0.51 23.69
CA TYR N 196 7.78 1.53 22.66
C TYR N 196 9.03 1.26 21.86
N THR N 197 8.88 1.19 20.53
CA THR N 197 9.96 0.83 19.62
C THR N 197 10.10 1.85 18.47
N CYS N 198 11.34 1.96 17.99
CA CYS N 198 11.73 2.92 16.97
C CYS N 198 12.67 2.23 15.97
N GLU N 199 12.18 1.98 14.75
CA GLU N 199 12.92 1.20 13.72
C GLU N 199 13.41 2.07 12.55
N ALA N 200 14.71 2.01 12.28
CA ALA N 200 15.36 2.77 11.22
C ALA N 200 15.73 1.84 10.08
N THR N 201 15.04 1.97 8.95
CA THR N 201 15.38 1.25 7.72
C THR N 201 16.19 2.21 6.83
N HIS N 202 17.35 1.73 6.37
CA HIS N 202 18.33 2.57 5.70
C HIS N 202 19.14 1.73 4.71
N LYS N 203 19.56 2.38 3.61
CA LYS N 203 20.31 1.74 2.54
C LYS N 203 21.48 0.85 3.01
N THR N 204 22.14 1.26 4.09
CA THR N 204 23.38 0.64 4.59
C THR N 204 23.26 -0.80 5.10
N SER N 205 22.06 -1.17 5.55
CA SER N 205 21.80 -2.47 6.13
C SER N 205 20.45 -2.98 5.64
N THR N 206 20.41 -4.27 5.33
CA THR N 206 19.18 -4.93 4.90
C THR N 206 18.16 -4.95 6.04
N SER N 207 18.58 -5.40 7.23
CA SER N 207 17.68 -5.43 8.41
C SER N 207 17.75 -4.11 9.15
N PRO N 208 16.61 -3.63 9.72
CA PRO N 208 16.61 -2.31 10.38
C PRO N 208 17.40 -2.22 11.70
N ILE N 209 17.73 -1.00 12.11
CA ILE N 209 18.34 -0.73 13.40
C ILE N 209 17.16 -0.44 14.33
N VAL N 210 17.00 -1.27 15.36
CA VAL N 210 15.87 -1.20 16.29
C VAL N 210 16.39 -0.73 17.65
N LYS N 211 15.71 0.26 18.24
CA LYS N 211 15.97 0.71 19.61
C LYS N 211 14.66 0.82 20.38
N SER N 212 14.64 0.32 21.62
CA SER N 212 13.40 0.06 22.35
C SER N 212 13.53 0.23 23.86
N PHE N 213 12.39 0.40 24.51
CA PHE N 213 12.30 0.33 25.98
C PHE N 213 10.91 -0.13 26.41
N ASN N 214 10.82 -0.53 27.68
CA ASN N 214 9.53 -0.76 28.33
C ASN N 214 9.31 0.28 29.42
N ARG N 215 8.07 0.76 29.51
CA ARG N 215 7.72 1.87 30.40
C ARG N 215 8.04 1.63 31.88
N ASN N 216 7.86 0.39 32.34
CA ASN N 216 8.13 0.06 33.75
C ASN N 216 9.65 -0.19 34.03
N GLU N 217 10.44 -0.66 33.11
CA GLU N 217 11.84 -1.04 33.44
C GLU N 217 12.89 0.05 33.15
N HYP O 21 29.90 50.79 -9.31
CA HYP O 21 30.63 49.65 -8.69
C HYP O 21 31.04 49.78 -7.24
O HYP O 21 30.95 48.81 -6.48
CB HYP O 21 31.83 49.32 -9.59
CG HYP O 21 31.71 50.33 -10.75
CD HYP O 21 30.62 51.38 -10.45
OD1 HYP O 21 31.34 49.58 -11.92
N GLY O 22 31.57 50.95 -6.87
CA GLY O 22 31.74 51.37 -5.45
C GLY O 22 30.54 52.20 -4.99
N GLU O 23 29.58 52.39 -5.89
CA GLU O 23 28.33 53.06 -5.62
C GLU O 23 27.16 52.04 -5.76
N ARG O 24 27.01 51.57 -6.98
CA ARG O 24 25.86 50.77 -7.43
C ARG O 24 26.05 49.29 -7.14
N GLY O 25 27.30 48.88 -6.98
CA GLY O 25 27.67 47.49 -6.71
C GLY O 25 27.94 46.77 -8.01
N GLU O 26 28.80 45.77 -7.96
CA GLU O 26 29.02 44.87 -9.08
C GLU O 26 27.72 44.12 -9.50
N THR O 27 26.82 43.86 -8.54
CA THR O 27 25.52 43.23 -8.80
C THR O 27 24.42 44.19 -9.22
N GLY O 28 24.67 45.49 -9.20
CA GLY O 28 23.65 46.49 -9.58
C GLY O 28 23.31 46.51 -11.05
N PRO O 29 22.31 47.32 -11.44
CA PRO O 29 21.83 47.32 -12.84
C PRO O 29 22.79 48.00 -13.80
N HYP O 30 22.86 47.55 -15.06
CA HYP O 30 23.64 48.34 -16.02
C HYP O 30 23.28 49.76 -16.30
O HYP O 30 22.10 50.07 -16.29
CB HYP O 30 24.35 47.39 -16.98
CG HYP O 30 23.77 46.03 -16.62
CD HYP O 30 22.59 46.25 -15.65
OD1 HYP O 30 24.81 45.24 -15.99
N GLY O 31 24.26 50.61 -16.53
CA GLY O 31 24.01 52.05 -16.80
C GLY O 31 25.15 52.71 -17.56
N PRO O 32 24.87 53.80 -18.31
CA PRO O 32 25.93 54.46 -19.07
C PRO O 32 26.67 55.53 -18.26
N GLU P 1 15.09 -17.14 39.87
CA GLU P 1 13.72 -17.20 40.42
C GLU P 1 13.26 -18.65 40.57
N VAL P 2 12.50 -18.92 41.61
CA VAL P 2 11.98 -20.25 41.86
C VAL P 2 10.79 -20.51 40.95
N LYS P 3 10.66 -21.75 40.47
CA LYS P 3 9.61 -22.16 39.54
C LYS P 3 9.23 -23.62 39.78
N LEU P 4 7.93 -23.88 39.99
CA LEU P 4 7.37 -25.23 40.20
C LEU P 4 6.25 -25.49 39.23
N GLU P 5 6.27 -26.63 38.53
CA GLU P 5 5.25 -26.95 37.55
C GLU P 5 4.73 -28.36 37.71
N GLU P 6 3.46 -28.48 38.14
CA GLU P 6 2.77 -29.75 38.25
C GLU P 6 2.28 -30.21 36.89
N SER P 7 2.05 -31.52 36.74
CA SER P 7 1.38 -32.08 35.58
C SER P 7 0.72 -33.41 35.92
N GLY P 8 -0.25 -33.79 35.08
CA GLY P 8 -0.83 -35.12 35.12
C GLY P 8 -2.10 -35.27 35.92
N GLY P 9 -2.80 -34.18 36.15
CA GLY P 9 -4.15 -34.27 36.70
C GLY P 9 -5.18 -34.76 35.68
N GLY P 10 -6.45 -34.78 36.07
CA GLY P 10 -7.53 -35.08 35.14
C GLY P 10 -8.61 -35.89 35.76
N LEU P 11 -9.38 -36.58 34.93
CA LEU P 11 -10.52 -37.39 35.36
C LEU P 11 -10.10 -38.87 35.55
N VAL P 12 -10.69 -39.53 36.54
CA VAL P 12 -10.45 -40.96 36.76
C VAL P 12 -11.61 -41.61 37.50
N GLN P 13 -11.83 -42.90 37.25
CA GLN P 13 -12.91 -43.64 37.87
C GLN P 13 -12.58 -43.94 39.30
N PRO P 14 -13.58 -44.03 40.19
CA PRO P 14 -13.34 -44.50 41.53
C PRO P 14 -12.67 -45.89 41.52
N GLY P 15 -11.64 -46.05 42.33
CA GLY P 15 -10.82 -47.25 42.32
C GLY P 15 -9.61 -47.22 41.40
N GLY P 16 -9.54 -46.21 40.52
CA GLY P 16 -8.46 -46.07 39.53
C GLY P 16 -7.22 -45.38 40.09
N SER P 17 -6.26 -45.11 39.19
CA SER P 17 -4.96 -44.58 39.56
C SER P 17 -4.59 -43.35 38.78
N MET P 18 -3.56 -42.67 39.27
CA MET P 18 -3.09 -41.43 38.66
C MET P 18 -1.71 -41.12 39.24
N LYS P 19 -0.80 -40.65 38.41
CA LYS P 19 0.53 -40.23 38.84
C LYS P 19 0.72 -38.76 38.52
N LEU P 20 0.75 -37.92 39.55
CA LEU P 20 1.07 -36.51 39.36
C LEU P 20 2.58 -36.38 39.32
N SER P 21 3.09 -35.36 38.67
CA SER P 21 4.51 -35.05 38.78
C SER P 21 4.79 -33.55 38.75
N CYS P 22 5.95 -33.17 39.30
CA CYS P 22 6.32 -31.81 39.61
C CYS P 22 7.76 -31.51 39.21
N ALA P 23 7.98 -30.52 38.36
CA ALA P 23 9.31 -30.07 37.99
C ALA P 23 9.66 -28.79 38.75
N ALA P 24 10.82 -28.76 39.37
CA ALA P 24 11.29 -27.60 40.14
C ALA P 24 12.60 -27.09 39.58
N SER P 25 12.80 -25.79 39.66
CA SER P 25 14.11 -25.16 39.41
C SER P 25 14.25 -23.91 40.28
N GLY P 26 15.47 -23.38 40.37
CA GLY P 26 15.74 -22.15 41.11
C GLY P 26 16.16 -22.25 42.56
N PHE P 27 16.25 -23.48 43.06
CA PHE P 27 16.80 -23.77 44.39
C PHE P 27 17.50 -25.11 44.32
N THR P 28 18.39 -25.39 45.26
CA THR P 28 19.12 -26.65 45.26
C THR P 28 18.18 -27.80 45.57
N PHE P 29 17.78 -28.54 44.53
CA PHE P 29 16.68 -29.49 44.64
C PHE P 29 17.01 -30.65 45.57
N SER P 30 18.20 -31.24 45.44
CA SER P 30 18.53 -32.44 46.24
C SER P 30 18.64 -32.13 47.75
N ASP P 31 18.80 -30.86 48.09
CA ASP P 31 18.72 -30.38 49.49
C ASP P 31 17.31 -30.20 50.02
N ALA P 32 16.35 -29.95 49.13
CA ALA P 32 15.02 -29.47 49.54
C ALA P 32 14.12 -30.61 50.00
N TRP P 33 13.32 -30.31 51.03
CA TRP P 33 12.17 -31.13 51.41
C TRP P 33 11.01 -30.66 50.57
N MET P 34 10.28 -31.60 49.99
CA MET P 34 9.19 -31.31 49.07
C MET P 34 7.93 -31.95 49.61
N ASP P 35 6.79 -31.29 49.40
CA ASP P 35 5.51 -31.81 49.83
C ASP P 35 4.45 -31.70 48.72
N TRP P 36 3.36 -32.47 48.86
CA TRP P 36 2.12 -32.25 48.11
C TRP P 36 1.02 -31.82 49.08
N VAL P 37 0.27 -30.78 48.69
CA VAL P 37 -0.87 -30.24 49.43
C VAL P 37 -2.05 -30.19 48.50
N ARG P 38 -3.26 -30.49 48.99
CA ARG P 38 -4.47 -30.40 48.15
C ARG P 38 -5.51 -29.46 48.71
N GLN P 39 -6.40 -29.00 47.84
CA GLN P 39 -7.42 -28.03 48.20
C GLN P 39 -8.77 -28.38 47.60
N SER P 40 -9.77 -28.48 48.46
CA SER P 40 -11.15 -28.72 48.08
C SER P 40 -12.02 -27.68 48.78
N PRO P 41 -13.22 -27.43 48.26
CA PRO P 41 -14.18 -26.60 49.01
C PRO P 41 -14.62 -27.21 50.35
N GLU P 42 -14.64 -28.54 50.46
CA GLU P 42 -15.14 -29.23 51.66
C GLU P 42 -14.15 -29.20 52.82
N LYS P 43 -12.89 -29.53 52.53
CA LYS P 43 -11.86 -29.70 53.58
C LYS P 43 -10.76 -28.65 53.61
N GLY P 44 -10.80 -27.65 52.72
CA GLY P 44 -9.81 -26.58 52.71
C GLY P 44 -8.47 -27.09 52.25
N LEU P 45 -7.40 -26.53 52.82
CA LEU P 45 -6.03 -26.95 52.52
C LEU P 45 -5.64 -28.15 53.41
N GLU P 46 -5.33 -29.28 52.77
CA GLU P 46 -4.88 -30.51 53.43
C GLU P 46 -3.46 -30.82 52.98
N TRP P 47 -2.54 -30.91 53.93
CA TRP P 47 -1.26 -31.54 53.64
C TRP P 47 -1.51 -33.01 53.32
N VAL P 48 -0.88 -33.49 52.25
CA VAL P 48 -1.06 -34.86 51.77
C VAL P 48 0.15 -35.74 52.04
N ALA P 49 1.32 -35.28 51.63
CA ALA P 49 2.56 -36.06 51.76
C ALA P 49 3.85 -35.25 51.71
N GLU P 50 4.88 -35.78 52.38
CA GLU P 50 6.21 -35.18 52.51
C GLU P 50 7.27 -36.17 52.04
N ILE P 51 8.29 -35.64 51.37
CA ILE P 51 9.53 -36.38 51.16
C ILE P 51 10.72 -35.47 51.50
N ARG P 52 11.63 -36.00 52.31
CA ARG P 52 12.76 -35.23 52.78
C ARG P 52 13.95 -35.43 51.87
N ASN P 53 15.04 -34.74 52.20
CA ASN P 53 16.22 -34.73 51.36
C ASN P 53 17.12 -35.96 51.58
N LYS P 54 18.20 -35.99 50.79
CA LYS P 54 19.18 -37.06 50.85
C LYS P 54 19.76 -37.26 52.23
N VAL P 55 20.04 -36.15 52.93
CA VAL P 55 20.59 -36.20 54.30
C VAL P 55 19.63 -36.88 55.28
N ASN P 56 18.32 -36.73 55.07
CA ASN P 56 17.30 -37.38 55.90
C ASN P 56 16.77 -38.70 55.30
N ASN P 57 17.58 -39.37 54.51
CA ASN P 57 17.24 -40.68 53.91
C ASN P 57 16.00 -40.70 53.03
N HIS P 58 15.67 -39.55 52.42
CA HIS P 58 14.46 -39.43 51.60
C HIS P 58 13.23 -39.94 52.36
N ALA P 59 13.14 -39.56 53.63
CA ALA P 59 12.09 -40.07 54.50
C ALA P 59 10.77 -39.54 54.02
N THR P 60 9.72 -40.35 54.10
CA THR P 60 8.39 -39.97 53.67
C THR P 60 7.42 -39.94 54.83
N ASN P 61 6.40 -39.10 54.70
CA ASN P 61 5.28 -39.06 55.64
C ASN P 61 3.99 -38.76 54.88
N TYR P 62 2.88 -39.28 55.38
CA TYR P 62 1.59 -39.11 54.71
C TYR P 62 0.49 -38.73 55.70
N ALA P 63 -0.52 -38.02 55.20
CA ALA P 63 -1.76 -37.80 55.93
C ALA P 63 -2.52 -39.10 56.10
N GLU P 64 -3.22 -39.23 57.23
CA GLU P 64 -3.91 -40.46 57.56
C GLU P 64 -4.85 -40.94 56.43
N SER P 65 -5.63 -40.02 55.86
CA SER P 65 -6.62 -40.38 54.86
C SER P 65 -6.04 -40.95 53.55
N VAL P 66 -4.75 -40.77 53.30
CA VAL P 66 -4.11 -41.32 52.09
C VAL P 66 -3.10 -42.46 52.31
N LYS P 67 -2.75 -42.77 53.55
CA LYS P 67 -1.79 -43.87 53.84
C LYS P 67 -2.20 -45.17 53.22
N GLY P 68 -1.24 -45.88 52.64
CA GLY P 68 -1.49 -47.14 51.96
C GLY P 68 -1.90 -46.99 50.50
N ARG P 69 -2.43 -45.83 50.12
CA ARG P 69 -2.92 -45.58 48.75
C ARG P 69 -2.02 -44.65 47.93
N PHE P 70 -1.46 -43.63 48.57
CA PHE P 70 -0.60 -42.63 47.90
C PHE P 70 0.87 -42.94 48.20
N THR P 71 1.75 -42.70 47.24
CA THR P 71 3.19 -42.84 47.43
C THR P 71 3.91 -41.65 46.84
N ILE P 72 4.78 -41.04 47.61
CA ILE P 72 5.56 -39.88 47.16
C ILE P 72 6.99 -40.35 46.89
N SER P 73 7.59 -39.85 45.82
CA SER P 73 8.98 -40.17 45.48
C SER P 73 9.62 -39.00 44.73
N ARG P 74 10.94 -39.08 44.56
CA ARG P 74 11.69 -38.03 43.86
C ARG P 74 12.80 -38.60 43.01
N ASP P 75 13.15 -37.92 41.94
CA ASP P 75 14.34 -38.20 41.15
C ASP P 75 15.22 -36.95 41.30
N ASP P 76 16.15 -36.98 42.25
CA ASP P 76 17.06 -35.87 42.48
C ASP P 76 17.89 -35.50 41.26
N SER P 77 18.18 -36.45 40.38
CA SER P 77 18.94 -36.16 39.16
C SER P 77 18.13 -35.31 38.15
N ARG P 78 16.80 -35.48 38.08
CA ARG P 78 15.95 -34.71 37.16
C ARG P 78 15.21 -33.49 37.78
N SER P 79 15.42 -33.27 39.07
CA SER P 79 14.68 -32.27 39.85
C SER P 79 13.17 -32.44 39.75
N VAL P 80 12.69 -33.67 39.95
CA VAL P 80 11.24 -33.95 39.89
C VAL P 80 10.74 -34.73 41.11
N VAL P 81 9.52 -34.40 41.55
CA VAL P 81 8.82 -35.14 42.59
C VAL P 81 7.59 -35.74 41.96
N TYR P 82 7.29 -37.01 42.27
CA TYR P 82 6.11 -37.68 41.79
C TYR P 82 5.15 -37.96 42.96
N LEU P 83 3.86 -38.09 42.66
CA LEU P 83 2.86 -38.60 43.62
C LEU P 83 1.97 -39.64 42.94
N GLN P 84 2.25 -40.91 43.19
CA GLN P 84 1.45 -42.03 42.71
C GLN P 84 0.23 -42.17 43.61
N MET P 85 -0.97 -42.19 43.04
CA MET P 85 -2.22 -42.29 43.79
C MET P 85 -2.99 -43.49 43.30
N ASN P 86 -3.19 -44.47 44.18
CA ASN P 86 -3.96 -45.67 43.84
C ASN P 86 -5.27 -45.76 44.62
N ASN P 87 -6.22 -46.52 44.08
CA ASN P 87 -7.51 -46.73 44.72
C ASN P 87 -8.21 -45.42 45.11
N LEU P 88 -8.28 -44.49 44.14
CA LEU P 88 -8.83 -43.16 44.35
C LEU P 88 -10.33 -43.17 44.64
N LYS P 89 -10.76 -42.20 45.44
CA LYS P 89 -12.13 -42.08 45.94
C LYS P 89 -12.68 -40.71 45.60
N PRO P 90 -14.01 -40.54 45.63
CA PRO P 90 -14.58 -39.23 45.32
C PRO P 90 -14.02 -38.08 46.14
N GLU P 91 -13.78 -38.31 47.43
CA GLU P 91 -13.26 -37.24 48.32
C GLU P 91 -11.78 -36.88 48.05
N ASP P 92 -11.06 -37.68 47.28
CA ASP P 92 -9.73 -37.29 46.82
C ASP P 92 -9.75 -36.16 45.80
N THR P 93 -10.91 -35.89 45.21
CA THR P 93 -11.10 -34.77 44.27
C THR P 93 -10.62 -33.43 44.84
N GLY P 94 -9.86 -32.71 44.03
CA GLY P 94 -9.41 -31.36 44.37
C GLY P 94 -8.23 -30.88 43.55
N ILE P 95 -7.74 -29.69 43.88
CA ILE P 95 -6.54 -29.09 43.28
C ILE P 95 -5.32 -29.54 44.06
N TYR P 96 -4.33 -30.09 43.38
CA TYR P 96 -3.12 -30.63 44.01
C TYR P 96 -1.90 -29.74 43.71
N TYR P 97 -1.36 -29.13 44.77
CA TYR P 97 -0.19 -28.28 44.70
C TYR P 97 1.06 -29.04 45.13
N CYS P 98 2.14 -28.85 44.36
CA CYS P 98 3.48 -29.31 44.70
C CYS P 98 4.17 -28.15 45.38
N THR P 99 4.76 -28.39 46.54
CA THR P 99 5.45 -27.34 47.31
C THR P 99 6.92 -27.67 47.54
N GLY P 100 7.75 -26.63 47.60
CA GLY P 100 9.19 -26.79 47.79
C GLY P 100 9.67 -26.05 49.02
N LEU P 101 10.65 -26.64 49.71
CA LEU P 101 11.16 -26.15 51.00
C LEU P 101 10.03 -26.12 52.00
N THR P 102 9.51 -27.31 52.24
CA THR P 102 8.20 -27.52 52.88
C THR P 102 7.16 -26.63 52.19
N PHE P 103 6.73 -25.50 52.78
CA PHE P 103 5.71 -24.65 52.12
C PHE P 103 6.20 -23.25 51.77
N ASP P 104 7.50 -23.09 51.54
CA ASP P 104 8.04 -21.78 51.18
C ASP P 104 7.64 -21.38 49.77
N TYR P 105 7.64 -22.37 48.87
CA TYR P 105 7.34 -22.16 47.44
C TYR P 105 6.23 -23.12 46.98
N TRP P 106 5.32 -22.64 46.13
CA TRP P 106 4.15 -23.39 45.65
C TRP P 106 3.99 -23.38 44.13
N GLY P 107 3.60 -24.51 43.55
CA GLY P 107 3.25 -24.56 42.12
C GLY P 107 1.83 -24.02 41.89
N GLN P 108 1.46 -23.90 40.61
CA GLN P 108 0.16 -23.35 40.23
C GLN P 108 -1.01 -24.27 40.49
N GLY P 109 -0.71 -25.55 40.63
CA GLY P 109 -1.70 -26.57 40.95
C GLY P 109 -2.12 -27.33 39.72
N THR P 110 -2.58 -28.55 39.91
CA THR P 110 -3.21 -29.35 38.85
C THR P 110 -4.49 -29.97 39.41
N THR P 111 -5.53 -30.11 38.62
CA THR P 111 -6.84 -30.56 39.12
C THR P 111 -7.05 -32.07 38.94
N LEU P 112 -7.50 -32.74 40.01
CA LEU P 112 -7.89 -34.13 39.96
C LEU P 112 -9.37 -34.27 40.27
N THR P 113 -10.10 -34.97 39.40
CA THR P 113 -11.52 -35.20 39.56
C THR P 113 -11.74 -36.71 39.55
N VAL P 114 -12.30 -37.23 40.64
CA VAL P 114 -12.62 -38.63 40.77
C VAL P 114 -14.14 -38.78 40.66
N SER P 115 -14.57 -39.35 39.54
CA SER P 115 -15.99 -39.50 39.20
C SER P 115 -16.13 -40.57 38.13
N SER P 116 -17.26 -41.28 38.14
CA SER P 116 -17.54 -42.26 37.07
C SER P 116 -18.36 -41.60 35.96
N ALA P 117 -18.69 -40.32 36.12
CA ALA P 117 -19.19 -39.50 35.02
C ALA P 117 -18.16 -39.40 33.91
N LYS P 118 -18.67 -39.13 32.71
CA LYS P 118 -17.89 -39.15 31.49
C LYS P 118 -17.46 -37.78 31.11
N THR P 119 -16.29 -37.70 30.49
CA THR P 119 -15.82 -36.46 29.91
C THR P 119 -16.81 -35.95 28.85
N THR P 120 -17.14 -34.67 28.93
CA THR P 120 -18.07 -33.99 28.03
C THR P 120 -17.48 -32.64 27.67
N ALA P 121 -17.37 -32.36 26.37
CA ALA P 121 -16.85 -31.08 25.89
C ALA P 121 -17.92 -29.99 26.05
N PRO P 122 -17.49 -28.71 26.14
CA PRO P 122 -18.45 -27.61 26.28
C PRO P 122 -19.03 -27.13 24.96
N SER P 123 -20.26 -26.62 25.00
CA SER P 123 -20.79 -25.77 23.93
C SER P 123 -20.41 -24.33 24.25
N VAL P 124 -20.01 -23.56 23.24
CA VAL P 124 -19.55 -22.18 23.44
C VAL P 124 -20.36 -21.27 22.54
N TYR P 125 -21.07 -20.33 23.17
CA TYR P 125 -22.03 -19.49 22.48
C TYR P 125 -21.63 -18.04 22.63
N PRO P 126 -21.55 -17.29 21.52
CA PRO P 126 -21.21 -15.88 21.63
C PRO P 126 -22.45 -15.07 22.00
N LEU P 127 -22.31 -14.19 22.99
CA LEU P 127 -23.42 -13.35 23.43
C LEU P 127 -23.21 -11.91 22.98
N ALA P 128 -23.98 -11.51 21.96
CA ALA P 128 -23.95 -10.12 21.49
C ALA P 128 -25.07 -9.31 22.14
N PRO P 129 -24.94 -7.96 22.18
CA PRO P 129 -25.97 -7.18 22.89
C PRO P 129 -27.35 -7.23 22.24
N VAL P 130 -28.35 -6.72 22.95
CA VAL P 130 -29.75 -6.81 22.49
C VAL P 130 -29.94 -6.02 21.20
N CYS P 131 -30.75 -6.55 20.28
CA CYS P 131 -31.11 -5.82 19.05
C CYS P 131 -31.72 -4.43 19.46
N GLY P 132 -31.07 -3.30 19.10
CA GLY P 132 -31.66 -1.95 19.32
C GLY P 132 -31.50 -1.40 20.72
N THR P 135 -27.08 1.36 23.02
CA THR P 135 -26.92 2.62 23.76
C THR P 135 -25.70 2.57 24.69
N GLY P 136 -25.13 3.76 24.91
CA GLY P 136 -23.97 3.98 25.78
C GLY P 136 -22.68 4.35 25.04
N SER P 137 -21.73 4.90 25.80
CA SER P 137 -20.38 5.14 25.27
C SER P 137 -19.42 3.94 25.49
N SER P 138 -19.80 2.99 26.34
CA SER P 138 -19.17 1.67 26.37
C SER P 138 -20.23 0.59 26.12
N VAL P 139 -19.76 -0.58 25.72
CA VAL P 139 -20.62 -1.72 25.39
C VAL P 139 -20.06 -3.01 25.98
N THR P 140 -20.95 -3.89 26.44
CA THR P 140 -20.58 -5.15 27.06
C THR P 140 -21.01 -6.33 26.18
N LEU P 141 -20.03 -7.19 25.88
CA LEU P 141 -20.24 -8.45 25.18
C LEU P 141 -20.08 -9.59 26.17
N GLY P 142 -20.46 -10.78 25.75
CA GLY P 142 -20.44 -11.95 26.62
C GLY P 142 -20.10 -13.23 25.91
N CYS P 143 -19.88 -14.28 26.69
CA CYS P 143 -19.55 -15.60 26.16
C CYS P 143 -20.00 -16.66 27.15
N LEU P 144 -20.84 -17.58 26.71
CA LEU P 144 -21.43 -18.62 27.56
C LEU P 144 -20.81 -19.96 27.21
N VAL P 145 -20.31 -20.65 28.24
CA VAL P 145 -19.70 -21.97 28.12
C VAL P 145 -20.58 -22.93 28.91
N LYS P 146 -21.27 -23.84 28.22
CA LYS P 146 -22.32 -24.66 28.83
C LYS P 146 -22.05 -26.15 28.62
N GLY P 147 -22.31 -26.93 29.68
CA GLY P 147 -22.40 -28.38 29.56
C GLY P 147 -21.11 -29.18 29.50
N TYR P 148 -20.11 -28.80 30.30
CA TYR P 148 -18.80 -29.50 30.29
C TYR P 148 -18.49 -30.22 31.58
N PHE P 149 -17.60 -31.22 31.47
CA PHE P 149 -17.13 -31.99 32.61
C PHE P 149 -15.86 -32.74 32.21
N PRO P 150 -14.85 -32.80 33.07
CA PRO P 150 -14.75 -32.14 34.38
C PRO P 150 -14.26 -30.71 34.24
N GLU P 151 -13.99 -30.09 35.39
CA GLU P 151 -13.22 -28.85 35.45
C GLU P 151 -11.74 -29.14 35.13
N PRO P 152 -10.99 -28.15 34.63
CA PRO P 152 -11.46 -26.79 34.33
C PRO P 152 -11.47 -26.51 32.84
N VAL P 153 -12.00 -25.34 32.51
CA VAL P 153 -11.79 -24.73 31.21
C VAL P 153 -10.95 -23.50 31.45
N THR P 154 -10.40 -22.95 30.38
CA THR P 154 -9.75 -21.66 30.43
C THR P 154 -10.33 -20.82 29.29
N LEU P 155 -10.74 -19.60 29.63
CA LEU P 155 -11.38 -18.68 28.71
C LEU P 155 -10.53 -17.43 28.63
N THR P 156 -10.26 -16.98 27.40
CA THR P 156 -9.60 -15.68 27.15
C THR P 156 -10.35 -14.91 26.07
N TRP P 157 -9.99 -13.64 25.92
CA TRP P 157 -10.56 -12.77 24.90
C TRP P 157 -9.41 -12.27 23.99
N ASN P 158 -9.57 -12.50 22.68
CA ASN P 158 -8.52 -12.25 21.67
C ASN P 158 -7.20 -12.89 22.03
N SER P 159 -7.28 -14.15 22.43
CA SER P 159 -6.13 -15.01 22.79
C SER P 159 -5.23 -14.42 23.90
N GLY P 160 -5.83 -13.68 24.83
CA GLY P 160 -5.08 -13.01 25.92
C GLY P 160 -4.86 -11.51 25.75
N SER P 161 -4.93 -11.01 24.52
CA SER P 161 -4.71 -9.57 24.22
C SER P 161 -5.62 -8.63 24.99
N LEU P 162 -6.91 -8.94 24.98
CA LEU P 162 -7.91 -8.15 25.69
C LEU P 162 -8.11 -8.76 27.09
N SER P 163 -7.48 -8.16 28.09
CA SER P 163 -7.47 -8.71 29.46
C SER P 163 -8.21 -7.82 30.47
N SER P 164 -7.97 -6.51 30.48
CA SER P 164 -8.69 -5.63 31.40
C SER P 164 -10.12 -5.37 30.89
N GLY P 165 -11.00 -5.05 31.83
CA GLY P 165 -12.42 -4.96 31.56
C GLY P 165 -13.13 -6.30 31.41
N VAL P 166 -12.50 -7.39 31.85
CA VAL P 166 -13.04 -8.75 31.72
C VAL P 166 -13.49 -9.25 33.09
N HIS P 167 -14.61 -9.97 33.12
CA HIS P 167 -15.07 -10.67 34.33
C HIS P 167 -15.47 -12.07 33.93
N THR P 168 -14.64 -13.05 34.27
CA THR P 168 -14.97 -14.46 34.03
C THR P 168 -15.46 -15.06 35.34
N PHE P 169 -16.66 -15.61 35.35
CA PHE P 169 -17.32 -16.00 36.59
C PHE P 169 -17.07 -17.46 36.94
N PRO P 170 -17.07 -17.79 38.24
CA PRO P 170 -16.84 -19.17 38.65
C PRO P 170 -17.85 -20.12 38.08
N ALA P 171 -17.37 -21.30 37.67
CA ALA P 171 -18.23 -22.35 37.17
C ALA P 171 -19.23 -22.83 38.22
N LEU P 172 -20.39 -23.30 37.76
CA LEU P 172 -21.37 -23.93 38.64
C LEU P 172 -21.93 -25.20 38.06
N LEU P 173 -22.34 -26.09 38.94
CA LEU P 173 -22.78 -27.41 38.57
C LEU P 173 -24.29 -27.30 38.22
N LEU P 174 -24.65 -27.59 36.96
CA LEU P 174 -26.04 -27.59 36.45
C LEU P 174 -26.44 -29.05 36.15
N SER P 175 -26.89 -29.74 37.21
CA SER P 175 -27.28 -31.17 37.15
C SER P 175 -26.22 -32.08 36.52
N GLY P 176 -25.03 -32.09 37.10
CA GLY P 176 -23.92 -32.94 36.67
C GLY P 176 -22.96 -32.35 35.65
N LEU P 177 -23.30 -31.21 35.04
CA LEU P 177 -22.44 -30.56 34.04
C LEU P 177 -22.20 -29.11 34.41
N TYR P 178 -21.00 -28.60 34.12
CA TYR P 178 -20.59 -27.26 34.54
C TYR P 178 -20.93 -26.18 33.52
N THR P 179 -21.37 -25.02 34.01
CA THR P 179 -21.64 -23.85 33.18
C THR P 179 -20.85 -22.64 33.72
N LEU P 180 -20.21 -21.89 32.84
CA LEU P 180 -19.68 -20.58 33.21
C LEU P 180 -19.84 -19.59 32.08
N SER P 181 -19.79 -18.30 32.43
CA SER P 181 -19.86 -17.21 31.47
C SER P 181 -18.73 -16.21 31.72
N SER P 182 -18.41 -15.40 30.71
CA SER P 182 -17.49 -14.27 30.88
C SER P 182 -18.02 -13.05 30.15
N SER P 183 -17.92 -11.87 30.78
CA SER P 183 -18.27 -10.60 30.15
C SER P 183 -16.98 -9.83 29.87
N VAL P 184 -17.00 -9.04 28.81
CA VAL P 184 -15.91 -8.11 28.51
C VAL P 184 -16.54 -6.77 28.13
N THR P 185 -15.95 -5.66 28.57
CA THR P 185 -16.47 -4.32 28.31
C THR P 185 -15.40 -3.46 27.63
N VAL P 186 -15.76 -2.93 26.46
CA VAL P 186 -14.88 -2.04 25.68
C VAL P 186 -15.65 -0.75 25.35
N THR P 187 -14.95 0.24 24.81
CA THR P 187 -15.59 1.49 24.37
C THR P 187 -16.29 1.22 23.03
N SER P 188 -17.41 1.92 22.79
CA SER P 188 -18.27 1.66 21.60
C SER P 188 -17.59 1.81 20.23
N ASN P 189 -16.44 2.48 20.17
CA ASN P 189 -15.63 2.57 18.93
C ASN P 189 -14.94 1.26 18.60
N THR P 190 -14.40 0.59 19.62
CA THR P 190 -13.70 -0.69 19.48
C THR P 190 -14.54 -1.76 18.76
N TRP P 191 -15.81 -1.88 19.19
CA TRP P 191 -16.69 -2.92 18.67
C TRP P 191 -18.01 -2.31 18.13
N PRO P 192 -18.45 -2.70 16.93
CA PRO P 192 -17.90 -3.84 16.13
C PRO P 192 -16.71 -3.59 15.17
N SER P 193 -16.14 -2.37 15.14
CA SER P 193 -15.02 -2.01 14.22
C SER P 193 -13.92 -3.05 14.20
N GLN P 194 -13.40 -3.35 15.38
CA GLN P 194 -12.41 -4.41 15.57
C GLN P 194 -13.14 -5.64 16.07
N THR P 195 -12.69 -6.79 15.59
CA THR P 195 -13.36 -8.06 15.89
C THR P 195 -12.90 -8.57 17.26
N ILE P 196 -13.83 -9.12 18.04
CA ILE P 196 -13.57 -9.63 19.40
C ILE P 196 -14.00 -11.09 19.44
N THR P 197 -13.10 -11.95 19.94
CA THR P 197 -13.28 -13.40 19.87
C THR P 197 -13.07 -14.07 21.22
N CYS P 198 -14.05 -14.86 21.66
CA CYS P 198 -13.98 -15.64 22.89
C CYS P 198 -13.23 -16.94 22.61
N ASN P 199 -12.15 -17.21 23.34
CA ASN P 199 -11.35 -18.47 23.18
C ASN P 199 -11.53 -19.36 24.40
N VAL P 200 -12.06 -20.57 24.18
CA VAL P 200 -12.27 -21.52 25.26
C VAL P 200 -11.44 -22.78 25.00
N ALA P 201 -10.72 -23.22 26.02
CA ALA P 201 -9.97 -24.48 25.98
C ALA P 201 -10.50 -25.39 27.07
N HIS P 202 -10.72 -26.66 26.71
CA HIS P 202 -11.10 -27.71 27.66
C HIS P 202 -10.12 -28.86 27.45
N PRO P 203 -9.00 -28.86 28.20
CA PRO P 203 -7.95 -29.88 28.03
C PRO P 203 -8.46 -31.31 28.14
N ALA P 204 -9.37 -31.56 29.06
CA ALA P 204 -9.94 -32.88 29.30
C ALA P 204 -10.55 -33.55 28.07
N SER P 205 -11.10 -32.77 27.15
CA SER P 205 -11.67 -33.29 25.90
C SER P 205 -10.92 -32.85 24.62
N SER P 206 -9.70 -32.35 24.77
CA SER P 206 -8.90 -31.81 23.66
C SER P 206 -9.63 -30.78 22.80
N THR P 207 -10.45 -29.94 23.45
CA THR P 207 -11.29 -28.94 22.79
C THR P 207 -10.59 -27.58 22.84
N LYS P 208 -10.42 -26.96 21.68
CA LYS P 208 -10.05 -25.54 21.58
C LYS P 208 -11.00 -24.91 20.60
N VAL P 209 -11.78 -23.95 21.06
CA VAL P 209 -12.82 -23.32 20.27
C VAL P 209 -12.65 -21.81 20.33
N ASP P 210 -12.90 -21.15 19.19
CA ASP P 210 -12.85 -19.71 19.05
C ASP P 210 -14.21 -19.28 18.53
N LYS P 211 -14.90 -18.38 19.25
CA LYS P 211 -16.20 -17.83 18.79
C LYS P 211 -16.16 -16.31 18.67
N LYS P 212 -16.27 -15.85 17.43
CA LYS P 212 -16.33 -14.42 17.12
C LYS P 212 -17.68 -13.84 17.58
N ILE P 213 -17.66 -12.65 18.19
CA ILE P 213 -18.89 -11.98 18.65
C ILE P 213 -19.45 -11.12 17.52
N GLU P 214 -20.52 -11.61 16.89
CA GLU P 214 -21.14 -10.94 15.73
C GLU P 214 -22.38 -10.16 16.25
N PRO P 215 -22.66 -8.95 15.71
CA PRO P 215 -23.91 -8.30 16.09
C PRO P 215 -25.13 -9.05 15.54
N ARG P 216 -26.27 -8.91 16.21
CA ARG P 216 -27.48 -9.63 15.88
C ARG P 216 -28.20 -9.00 14.67
N GLY P 217 -28.53 -9.83 13.66
CA GLY P 217 -29.37 -9.42 12.55
C GLY P 217 -30.82 -9.80 12.86
N PRO P 218 -31.81 -8.94 12.50
CA PRO P 218 -33.22 -9.31 12.72
C PRO P 218 -33.71 -10.55 11.95
N ASP Q 1 -3.44 -34.80 66.36
CA ASP Q 1 -3.47 -33.68 65.34
C ASP Q 1 -3.70 -32.35 66.01
N ILE Q 2 -2.97 -31.34 65.58
CA ILE Q 2 -3.18 -29.99 66.06
C ILE Q 2 -4.20 -29.34 65.14
N VAL Q 3 -5.25 -28.78 65.73
CA VAL Q 3 -6.34 -28.16 64.99
C VAL Q 3 -6.21 -26.66 65.13
N LEU Q 4 -6.15 -25.96 63.99
CA LEU Q 4 -6.05 -24.50 63.99
C LEU Q 4 -7.41 -23.88 63.68
N THR Q 5 -7.82 -22.92 64.51
CA THR Q 5 -9.12 -22.28 64.38
C THR Q 5 -8.90 -20.79 64.18
N GLN Q 6 -9.35 -20.27 63.06
CA GLN Q 6 -9.18 -18.85 62.76
C GLN Q 6 -10.39 -18.05 63.11
N SER Q 7 -10.18 -16.78 63.38
CA SER Q 7 -11.26 -15.83 63.51
C SER Q 7 -10.72 -14.45 63.17
N PRO Q 8 -11.55 -13.54 62.67
CA PRO Q 8 -12.91 -13.84 62.26
C PRO Q 8 -12.92 -14.60 60.94
N ALA Q 9 -14.10 -15.05 60.52
CA ALA Q 9 -14.25 -15.75 59.24
C ALA Q 9 -14.00 -14.80 58.07
N SER Q 10 -14.51 -13.58 58.20
CA SER Q 10 -14.22 -12.51 57.24
C SER Q 10 -14.32 -11.16 57.90
N LEU Q 11 -13.89 -10.14 57.18
CA LEU Q 11 -13.56 -8.85 57.77
C LEU Q 11 -13.41 -7.80 56.69
N ALA Q 12 -13.92 -6.60 56.93
CA ALA Q 12 -13.92 -5.52 55.90
C ALA Q 12 -13.26 -4.23 56.42
N VAL Q 13 -12.14 -3.85 55.79
CA VAL Q 13 -11.22 -2.82 56.29
C VAL Q 13 -11.01 -1.74 55.23
N SER Q 14 -10.91 -0.48 55.65
CA SER Q 14 -10.69 0.63 54.71
C SER Q 14 -9.22 0.73 54.33
N LEU Q 15 -8.95 1.29 53.15
CA LEU Q 15 -7.58 1.53 52.69
C LEU Q 15 -6.85 2.38 53.72
N GLY Q 16 -5.64 1.96 54.10
CA GLY Q 16 -4.85 2.70 55.07
C GLY Q 16 -5.01 2.26 56.53
N GLN Q 17 -6.11 1.59 56.85
CA GLN Q 17 -6.36 1.04 58.20
C GLN Q 17 -5.58 -0.28 58.46
N ARG Q 18 -5.75 -0.81 59.67
CA ARG Q 18 -5.14 -2.06 60.12
C ARG Q 18 -6.16 -3.19 60.14
N ALA Q 19 -5.75 -4.36 59.67
CA ALA Q 19 -6.52 -5.58 59.77
C ALA Q 19 -5.79 -6.53 60.71
N THR Q 20 -6.54 -7.20 61.58
CA THR Q 20 -5.99 -8.13 62.54
C THR Q 20 -6.75 -9.44 62.42
N ILE Q 21 -6.04 -10.53 62.14
CA ILE Q 21 -6.61 -11.85 61.98
C ILE Q 21 -5.98 -12.78 63.00
N SER Q 22 -6.79 -13.60 63.67
CA SER Q 22 -6.33 -14.49 64.72
C SER Q 22 -6.30 -15.94 64.31
N CYS Q 23 -5.50 -16.72 65.04
CA CYS Q 23 -5.38 -18.16 64.85
C CYS Q 23 -5.08 -18.81 66.20
N ARG Q 24 -5.92 -19.78 66.57
CA ARG Q 24 -5.80 -20.49 67.83
C ARG Q 24 -5.52 -21.97 67.57
N ALA Q 25 -4.51 -22.51 68.25
CA ALA Q 25 -4.17 -23.93 68.16
C ALA Q 25 -4.76 -24.72 69.31
N SER Q 26 -5.14 -25.97 69.03
CA SER Q 26 -5.75 -26.86 70.01
C SER Q 26 -4.76 -27.29 71.07
N GLU Q 27 -3.47 -27.31 70.69
CA GLU Q 27 -2.38 -27.46 71.65
C GLU Q 27 -1.18 -26.65 71.17
N SER Q 28 -0.19 -26.48 72.03
CA SER Q 28 0.98 -25.64 71.73
C SER Q 28 1.72 -26.10 70.48
N VAL Q 29 2.09 -25.11 69.65
CA VAL Q 29 2.94 -25.33 68.48
C VAL Q 29 4.42 -24.97 68.76
N ASP Q 30 4.76 -24.65 70.01
CA ASP Q 30 6.15 -24.40 70.38
C ASP Q 30 6.97 -25.67 70.35
N ASN Q 31 8.16 -25.56 69.79
CA ASN Q 31 9.15 -26.63 69.87
C ASN Q 31 10.55 -26.05 69.61
N TYR Q 32 11.50 -26.43 70.45
CA TYR Q 32 12.85 -25.88 70.45
C TYR Q 32 12.86 -24.34 70.59
N GLY Q 33 11.95 -23.83 71.44
CA GLY Q 33 11.84 -22.39 71.71
C GLY Q 33 11.31 -21.53 70.57
N ILE Q 34 10.81 -22.17 69.51
CA ILE Q 34 10.30 -21.50 68.32
C ILE Q 34 8.85 -21.91 68.13
N SER Q 35 7.99 -20.92 67.93
CA SER Q 35 6.58 -21.18 67.67
C SER Q 35 6.44 -21.49 66.18
N SER Q 36 6.15 -22.75 65.87
CA SER Q 36 6.01 -23.16 64.48
C SER Q 36 4.65 -22.77 63.92
N MET Q 37 4.54 -21.50 63.54
CA MET Q 37 3.31 -20.92 63.01
C MET Q 37 3.62 -20.08 61.77
N ASN Q 38 2.98 -20.42 60.65
CA ASN Q 38 3.19 -19.75 59.37
C ASN Q 38 1.90 -19.16 58.85
N TRP Q 39 2.01 -18.12 58.03
CA TRP Q 39 0.84 -17.50 57.39
C TRP Q 39 0.99 -17.44 55.88
N PHE Q 40 -0.12 -17.67 55.18
CA PHE Q 40 -0.17 -17.66 53.74
C PHE Q 40 -1.28 -16.76 53.23
N GLN Q 41 -1.09 -16.19 52.03
CA GLN Q 41 -2.07 -15.38 51.35
C GLN Q 41 -2.51 -16.09 50.08
N GLN Q 42 -3.81 -16.29 49.90
CA GLN Q 42 -4.32 -16.85 48.67
C GLN Q 42 -5.24 -15.85 47.99
N LYS Q 43 -4.75 -15.27 46.88
CA LYS Q 43 -5.59 -14.45 46.00
C LYS Q 43 -6.44 -15.36 45.17
N ALA Q 44 -7.42 -14.79 44.47
CA ALA Q 44 -8.36 -15.57 43.68
C ALA Q 44 -7.70 -16.26 42.49
N GLY Q 45 -7.95 -17.56 42.34
CA GLY Q 45 -7.42 -18.35 41.22
C GLY Q 45 -5.92 -18.62 41.27
N GLN Q 46 -5.38 -18.61 42.49
CA GLN Q 46 -3.94 -18.61 42.73
C GLN Q 46 -3.57 -19.63 43.78
N PRO Q 47 -2.31 -20.08 43.76
CA PRO Q 47 -1.84 -20.88 44.87
C PRO Q 47 -1.65 -19.98 46.09
N PRO Q 48 -1.54 -20.58 47.28
CA PRO Q 48 -1.13 -19.81 48.43
C PRO Q 48 0.28 -19.23 48.28
N LYS Q 49 0.48 -18.07 48.90
CA LYS Q 49 1.76 -17.40 48.93
C LYS Q 49 2.23 -17.35 50.37
N PHE Q 50 3.51 -17.59 50.55
CA PHE Q 50 4.12 -17.67 51.87
C PHE Q 50 4.47 -16.26 52.35
N LEU Q 51 4.00 -15.91 53.55
CA LEU Q 51 4.18 -14.57 54.13
C LEU Q 51 5.03 -14.52 55.39
N ILE Q 52 4.64 -15.28 56.40
CA ILE Q 52 5.28 -15.23 57.72
C ILE Q 52 5.67 -16.64 58.14
N TYR Q 53 6.80 -16.75 58.84
CA TYR Q 53 7.21 -17.99 59.51
C TYR Q 53 7.67 -17.73 60.94
N ALA Q 54 7.79 -18.81 61.70
CA ALA Q 54 8.18 -18.73 63.11
C ALA Q 54 7.37 -17.65 63.85
N ALA Q 55 6.06 -17.61 63.58
CA ALA Q 55 5.11 -16.67 64.20
C ALA Q 55 5.24 -15.17 63.83
N SER Q 56 6.46 -14.63 63.88
CA SER Q 56 6.71 -13.20 63.71
C SER Q 56 7.69 -12.80 62.60
N LYS Q 57 8.32 -13.76 61.93
CA LYS Q 57 9.39 -13.45 60.99
C LYS Q 57 8.88 -13.44 59.56
N GLN Q 58 9.24 -12.42 58.79
CA GLN Q 58 8.72 -12.26 57.43
C GLN Q 58 9.45 -13.15 56.45
N GLY Q 59 8.69 -13.71 55.52
CA GLY Q 59 9.24 -14.53 54.47
C GLY Q 59 10.12 -13.71 53.56
N SER Q 60 11.01 -14.40 52.87
CA SER Q 60 11.96 -13.77 51.96
C SER Q 60 11.22 -12.97 50.87
N GLY Q 61 11.51 -11.67 50.77
CA GLY Q 61 10.86 -10.77 49.80
C GLY Q 61 9.47 -10.22 50.14
N VAL Q 62 8.92 -10.58 51.30
CA VAL Q 62 7.51 -10.25 51.65
C VAL Q 62 7.43 -8.77 52.10
N PRO Q 63 6.38 -8.02 51.68
CA PRO Q 63 6.28 -6.58 52.07
C PRO Q 63 6.22 -6.26 53.58
N ALA Q 64 6.61 -5.04 53.91
CA ALA Q 64 6.75 -4.53 55.29
C ALA Q 64 5.46 -4.56 56.10
N ARG Q 65 4.35 -4.32 55.42
CA ARG Q 65 3.03 -4.18 56.04
C ARG Q 65 2.42 -5.47 56.63
N PHE Q 66 2.89 -6.63 56.20
CA PHE Q 66 2.51 -7.91 56.82
C PHE Q 66 3.46 -8.23 57.97
N SER Q 67 2.92 -8.37 59.17
CA SER Q 67 3.71 -8.77 60.35
C SER Q 67 2.89 -9.75 61.17
N GLY Q 68 3.55 -10.55 61.99
CA GLY Q 68 2.85 -11.53 62.84
C GLY Q 68 3.29 -11.51 64.28
N SER Q 69 2.44 -12.01 65.17
CA SER Q 69 2.80 -12.18 66.57
C SER Q 69 2.16 -13.40 67.21
N GLY Q 70 2.67 -13.74 68.39
CA GLY Q 70 2.13 -14.80 69.24
C GLY Q 70 3.12 -15.88 69.62
N SER Q 71 2.68 -16.73 70.55
CA SER Q 71 3.39 -17.94 70.93
C SER Q 71 2.41 -18.94 71.60
N GLY Q 72 2.82 -20.20 71.67
CA GLY Q 72 2.02 -21.22 72.35
C GLY Q 72 0.80 -21.58 71.53
N THR Q 73 -0.37 -21.09 71.94
CA THR Q 73 -1.62 -21.39 71.25
C THR Q 73 -2.29 -20.23 70.53
N ASP Q 74 -1.92 -18.99 70.83
CA ASP Q 74 -2.63 -17.83 70.24
C ASP Q 74 -1.70 -17.00 69.41
N PHE Q 75 -2.10 -16.76 68.17
CA PHE Q 75 -1.28 -16.03 67.19
C PHE Q 75 -2.12 -15.07 66.41
N SER Q 76 -1.47 -14.13 65.75
CA SER Q 76 -2.18 -13.23 64.85
C SER Q 76 -1.33 -12.66 63.72
N LEU Q 77 -1.99 -12.41 62.59
CA LEU Q 77 -1.43 -11.70 61.45
C LEU Q 77 -2.00 -10.30 61.46
N ILE Q 78 -1.14 -9.31 61.29
CA ILE Q 78 -1.53 -7.91 61.22
C ILE Q 78 -1.11 -7.34 59.87
N ILE Q 79 -2.00 -6.57 59.25
CA ILE Q 79 -1.74 -5.91 57.97
C ILE Q 79 -1.93 -4.42 58.18
N HIS Q 80 -0.90 -3.62 57.98
CA HIS Q 80 -0.99 -2.16 58.15
C HIS Q 80 0.11 -1.45 57.36
N PRO Q 81 -0.22 -0.57 56.40
CA PRO Q 81 -1.57 -0.19 55.98
C PRO Q 81 -2.17 -1.13 54.94
N VAL Q 82 -3.47 -1.38 55.02
CA VAL Q 82 -4.17 -2.23 54.05
C VAL Q 82 -4.27 -1.56 52.67
N GLU Q 83 -4.10 -2.36 51.61
CA GLU Q 83 -4.13 -1.87 50.23
C GLU Q 83 -5.13 -2.65 49.37
N GLU Q 84 -5.58 -2.06 48.26
CA GLU Q 84 -6.57 -2.69 47.37
C GLU Q 84 -6.23 -4.13 47.04
N ASP Q 85 -4.97 -4.34 46.72
CA ASP Q 85 -4.45 -5.63 46.28
C ASP Q 85 -4.32 -6.68 47.39
N ASP Q 86 -4.47 -6.28 48.64
CA ASP Q 86 -4.50 -7.22 49.79
C ASP Q 86 -5.80 -8.02 49.97
N THR Q 87 -6.82 -7.77 49.15
CA THR Q 87 -8.04 -8.60 49.15
C THR Q 87 -7.71 -10.04 48.81
N ALA Q 88 -7.98 -10.93 49.76
CA ALA Q 88 -7.56 -12.34 49.67
C ALA Q 88 -8.05 -13.16 50.86
N VAL Q 89 -7.77 -14.46 50.84
CA VAL Q 89 -8.00 -15.35 51.98
C VAL Q 89 -6.64 -15.63 52.62
N TYR Q 90 -6.57 -15.47 53.94
CA TYR Q 90 -5.34 -15.67 54.70
C TYR Q 90 -5.45 -16.92 55.56
N PHE Q 91 -4.47 -17.80 55.46
CA PHE Q 91 -4.46 -19.05 56.23
C PHE Q 91 -3.30 -19.08 57.21
N CYS Q 92 -3.55 -19.54 58.43
CA CYS Q 92 -2.48 -19.92 59.35
C CYS Q 92 -2.18 -21.40 59.16
N GLN Q 93 -0.98 -21.82 59.53
CA GLN Q 93 -0.53 -23.20 59.29
C GLN Q 93 0.57 -23.55 60.26
N GLN Q 94 0.61 -24.82 60.68
CA GLN Q 94 1.41 -25.27 61.81
C GLN Q 94 2.34 -26.39 61.39
N SER Q 95 3.64 -26.20 61.58
CA SER Q 95 4.64 -27.22 61.19
C SER Q 95 5.34 -27.87 62.39
N LYS Q 96 4.75 -27.82 63.58
CA LYS Q 96 5.39 -28.41 64.76
C LYS Q 96 5.62 -29.90 64.58
N GLY Q 97 4.64 -30.59 64.04
CA GLY Q 97 4.82 -31.99 63.70
C GLY Q 97 3.77 -32.54 62.79
N VAL Q 98 4.04 -33.72 62.28
CA VAL Q 98 3.18 -34.41 61.36
C VAL Q 98 1.91 -34.92 62.07
N PRO Q 99 0.69 -34.68 61.56
CA PRO Q 99 0.43 -34.02 60.28
C PRO Q 99 0.44 -32.51 60.36
N TYR Q 100 0.98 -31.89 59.32
CA TYR Q 100 0.97 -30.43 59.22
C TYR Q 100 -0.45 -30.03 58.89
N THR Q 101 -0.93 -28.96 59.53
CA THR Q 101 -2.35 -28.59 59.41
C THR Q 101 -2.52 -27.10 59.15
N PHE Q 102 -3.58 -26.77 58.41
CA PHE Q 102 -3.91 -25.40 58.05
C PHE Q 102 -5.18 -24.98 58.76
N GLY Q 103 -5.31 -23.68 59.00
CA GLY Q 103 -6.57 -23.11 59.47
C GLY Q 103 -7.61 -23.07 58.35
N GLY Q 104 -8.82 -22.65 58.69
CA GLY Q 104 -9.93 -22.58 57.76
C GLY Q 104 -9.90 -21.39 56.83
N GLY Q 105 -8.99 -20.45 57.09
CA GLY Q 105 -8.87 -19.23 56.30
C GLY Q 105 -9.77 -18.11 56.78
N THR Q 106 -9.32 -16.89 56.55
CA THR Q 106 -10.07 -15.66 56.89
C THR Q 106 -10.06 -14.78 55.65
N LYS Q 107 -11.25 -14.33 55.24
CA LYS Q 107 -11.42 -13.53 54.02
C LYS Q 107 -11.28 -12.04 54.35
N LEU Q 108 -10.31 -11.37 53.74
CA LEU Q 108 -10.17 -9.92 53.88
C LEU Q 108 -10.81 -9.23 52.69
N GLU Q 109 -11.73 -8.32 53.00
CA GLU Q 109 -12.40 -7.49 52.02
C GLU Q 109 -11.96 -6.05 52.25
N ILE Q 110 -11.81 -5.32 51.16
CA ILE Q 110 -11.44 -3.91 51.19
C ILE Q 110 -12.70 -3.07 51.05
N LYS Q 111 -12.89 -2.13 51.97
CA LYS Q 111 -14.03 -1.23 51.94
C LYS Q 111 -13.79 -0.14 50.91
N ARG Q 112 -14.87 0.18 50.18
CA ARG Q 112 -14.88 1.29 49.24
C ARG Q 112 -16.24 1.93 49.20
N ALA Q 113 -16.36 3.06 48.50
CA ALA Q 113 -17.65 3.74 48.42
C ALA Q 113 -18.65 2.85 47.68
N ASP Q 114 -19.93 2.94 48.08
CA ASP Q 114 -20.97 2.13 47.45
C ASP Q 114 -21.05 2.45 45.95
N ALA Q 115 -21.42 1.45 45.16
CA ALA Q 115 -21.48 1.61 43.71
C ALA Q 115 -22.54 0.69 43.12
N ALA Q 116 -23.46 1.27 42.33
CA ALA Q 116 -24.53 0.50 41.70
C ALA Q 116 -23.94 -0.34 40.55
N PRO Q 117 -24.59 -1.48 40.25
CA PRO Q 117 -24.11 -2.34 39.18
C PRO Q 117 -24.47 -1.80 37.81
N THR Q 118 -23.63 -2.10 36.81
CA THR Q 118 -23.98 -1.87 35.42
C THR Q 118 -24.61 -3.16 34.89
N VAL Q 119 -25.89 -3.12 34.55
CA VAL Q 119 -26.64 -4.31 34.18
C VAL Q 119 -26.79 -4.45 32.66
N SER Q 120 -26.37 -5.61 32.13
CA SER Q 120 -26.52 -5.94 30.71
C SER Q 120 -27.33 -7.23 30.57
N ILE Q 121 -28.25 -7.28 29.61
CA ILE Q 121 -29.09 -8.46 29.38
C ILE Q 121 -28.88 -9.00 27.96
N PHE Q 122 -28.88 -10.33 27.83
CA PHE Q 122 -28.48 -11.03 26.61
C PHE Q 122 -29.49 -12.13 26.28
N PRO Q 123 -30.20 -12.02 25.13
CA PRO Q 123 -31.04 -13.13 24.72
C PRO Q 123 -30.23 -14.36 24.35
N PRO Q 124 -30.91 -15.50 24.21
CA PRO Q 124 -30.21 -16.67 23.70
C PRO Q 124 -29.60 -16.38 22.34
N SER Q 125 -28.39 -16.88 22.11
CA SER Q 125 -27.71 -16.70 20.83
C SER Q 125 -28.35 -17.55 19.75
N SER Q 126 -28.17 -17.14 18.49
CA SER Q 126 -28.70 -17.89 17.34
C SER Q 126 -28.21 -19.32 17.36
N GLU Q 127 -26.94 -19.49 17.71
CA GLU Q 127 -26.32 -20.81 17.73
C GLU Q 127 -26.91 -21.72 18.80
N GLN Q 128 -27.22 -21.18 19.96
CA GLN Q 128 -27.85 -21.98 21.03
C GLN Q 128 -29.29 -22.38 20.68
N LEU Q 129 -30.02 -21.46 20.05
CA LEU Q 129 -31.42 -21.72 19.66
C LEU Q 129 -31.50 -22.79 18.59
N THR Q 130 -30.65 -22.71 17.56
CA THR Q 130 -30.61 -23.75 16.50
C THR Q 130 -30.08 -25.12 17.01
N SER Q 131 -29.41 -25.14 18.17
CA SER Q 131 -29.02 -26.41 18.85
C SER Q 131 -30.09 -27.02 19.77
N GLY Q 132 -31.18 -26.30 20.02
CA GLY Q 132 -32.29 -26.80 20.83
C GLY Q 132 -32.26 -26.38 22.29
N GLY Q 133 -31.42 -25.41 22.63
CA GLY Q 133 -31.36 -24.85 23.97
C GLY Q 133 -31.79 -23.40 23.98
N ALA Q 134 -31.89 -22.85 25.17
CA ALA Q 134 -32.18 -21.42 25.36
C ALA Q 134 -31.76 -20.98 26.75
N SER Q 135 -30.79 -20.05 26.82
CA SER Q 135 -30.33 -19.46 28.08
C SER Q 135 -30.37 -17.94 27.98
N VAL Q 136 -31.01 -17.29 28.95
CA VAL Q 136 -31.00 -15.83 29.03
C VAL Q 136 -30.07 -15.42 30.16
N VAL Q 137 -29.17 -14.47 29.86
CA VAL Q 137 -28.06 -14.12 30.73
C VAL Q 137 -28.08 -12.63 31.09
N CYS Q 138 -27.90 -12.34 32.39
CA CYS Q 138 -27.80 -10.97 32.90
C CYS Q 138 -26.47 -10.80 33.62
N PHE Q 139 -25.71 -9.77 33.24
CA PHE Q 139 -24.47 -9.41 33.93
C PHE Q 139 -24.71 -8.19 34.79
N LEU Q 140 -24.33 -8.27 36.06
CA LEU Q 140 -24.38 -7.15 37.00
C LEU Q 140 -22.94 -6.86 37.41
N ASN Q 141 -22.34 -5.83 36.81
CA ASN Q 141 -20.88 -5.62 36.93
C ASN Q 141 -20.47 -4.42 37.78
N ASN Q 142 -19.40 -4.62 38.58
CA ASN Q 142 -18.68 -3.57 39.30
C ASN Q 142 -19.53 -2.82 40.32
N PHE Q 143 -20.02 -3.56 41.32
CA PHE Q 143 -20.84 -2.97 42.38
C PHE Q 143 -20.24 -3.23 43.77
N TYR Q 144 -20.72 -2.47 44.76
CA TYR Q 144 -20.32 -2.66 46.14
C TYR Q 144 -21.45 -2.16 47.05
N PRO Q 145 -21.79 -2.87 48.13
CA PRO Q 145 -21.16 -4.13 48.60
C PRO Q 145 -21.65 -5.37 47.87
N LYS Q 146 -21.13 -6.53 48.25
CA LYS Q 146 -21.45 -7.79 47.59
C LYS Q 146 -22.94 -8.14 47.62
N ASP Q 147 -23.66 -7.73 48.67
CA ASP Q 147 -25.09 -8.03 48.80
C ASP Q 147 -25.91 -7.46 47.67
N ILE Q 148 -26.53 -8.36 46.90
CA ILE Q 148 -27.40 -7.98 45.80
C ILE Q 148 -28.49 -9.04 45.61
N ASN Q 149 -29.61 -8.62 45.03
CA ASN Q 149 -30.72 -9.51 44.71
C ASN Q 149 -31.09 -9.35 43.25
N VAL Q 150 -31.39 -10.46 42.59
CA VAL Q 150 -31.83 -10.44 41.19
C VAL Q 150 -33.16 -11.17 41.11
N LYS Q 151 -34.06 -10.68 40.25
CA LYS Q 151 -35.40 -11.24 40.07
C LYS Q 151 -35.70 -11.34 38.57
N TRP Q 152 -36.10 -12.53 38.11
CA TRP Q 152 -36.50 -12.73 36.73
C TRP Q 152 -38.01 -12.67 36.59
N LYS Q 153 -38.46 -12.02 35.51
CA LYS Q 153 -39.88 -11.96 35.14
C LYS Q 153 -40.01 -12.43 33.69
N ILE Q 154 -40.98 -13.32 33.42
CA ILE Q 154 -41.32 -13.74 32.07
C ILE Q 154 -42.77 -13.32 31.80
N ASP Q 155 -42.95 -12.33 30.91
CA ASP Q 155 -44.27 -11.72 30.62
C ASP Q 155 -44.88 -11.06 31.87
N GLY Q 156 -44.05 -10.35 32.64
CA GLY Q 156 -44.46 -9.67 33.88
C GLY Q 156 -44.67 -10.56 35.10
N SER Q 157 -44.36 -11.85 34.97
CA SER Q 157 -44.70 -12.88 35.94
C SER Q 157 -43.40 -13.45 36.51
N GLU Q 158 -43.23 -13.45 37.83
CA GLU Q 158 -41.95 -13.83 38.45
C GLU Q 158 -41.58 -15.30 38.18
N ARG Q 159 -40.29 -15.54 38.00
CA ARG Q 159 -39.75 -16.86 37.67
C ARG Q 159 -38.56 -17.20 38.59
N GLN Q 160 -38.50 -18.46 39.04
CA GLN Q 160 -37.42 -18.92 39.94
C GLN Q 160 -36.64 -20.17 39.50
N ASN Q 161 -37.28 -21.14 38.86
CA ASN Q 161 -36.61 -22.36 38.42
C ASN Q 161 -35.76 -22.11 37.18
N GLY Q 162 -34.59 -22.74 37.14
CA GLY Q 162 -33.65 -22.57 36.05
C GLY Q 162 -32.68 -21.40 36.19
N VAL Q 163 -32.72 -20.70 37.34
CA VAL Q 163 -31.85 -19.54 37.58
C VAL Q 163 -30.60 -19.96 38.32
N LEU Q 164 -29.44 -19.47 37.87
CA LEU Q 164 -28.16 -19.73 38.53
C LEU Q 164 -27.30 -18.48 38.58
N ASN Q 165 -26.81 -18.18 39.79
CA ASN Q 165 -26.05 -16.96 40.07
C ASN Q 165 -24.61 -17.28 40.50
N SER Q 166 -23.65 -16.51 39.97
CA SER Q 166 -22.22 -16.71 40.25
C SER Q 166 -21.57 -15.34 40.47
N TRP Q 167 -20.95 -15.15 41.64
CA TRP Q 167 -20.26 -13.89 41.99
C TRP Q 167 -18.75 -14.03 41.76
N THR Q 168 -18.09 -12.97 41.32
CA THR Q 168 -16.63 -12.92 41.34
C THR Q 168 -16.15 -12.72 42.77
N ASP Q 169 -14.89 -13.05 43.03
CA ASP Q 169 -14.19 -12.56 44.21
C ASP Q 169 -13.95 -11.07 44.01
N GLN Q 170 -13.67 -10.36 45.08
CA GLN Q 170 -13.46 -8.91 45.03
C GLN Q 170 -12.32 -8.56 44.09
N ASP Q 171 -12.47 -7.47 43.34
CA ASP Q 171 -11.46 -7.05 42.36
C ASP Q 171 -10.23 -6.51 43.07
N SER Q 172 -9.05 -6.90 42.59
CA SER Q 172 -7.78 -6.44 43.16
C SER Q 172 -7.44 -4.97 42.85
N LYS Q 173 -8.08 -4.39 41.83
CA LYS Q 173 -7.79 -3.03 41.42
C LYS Q 173 -8.79 -2.03 41.98
N ASP Q 174 -10.10 -2.27 41.73
CA ASP Q 174 -11.17 -1.32 42.07
C ASP Q 174 -12.10 -1.77 43.22
N SER Q 175 -11.77 -2.87 43.90
CA SER Q 175 -12.47 -3.32 45.08
C SER Q 175 -13.98 -3.56 44.89
N THR Q 176 -14.41 -3.83 43.66
CA THR Q 176 -15.81 -4.13 43.40
C THR Q 176 -16.05 -5.62 43.22
N TYR Q 177 -17.33 -5.97 43.16
CA TYR Q 177 -17.78 -7.30 42.87
C TYR Q 177 -18.58 -7.26 41.58
N SER Q 178 -18.61 -8.39 40.86
CA SER Q 178 -19.44 -8.55 39.67
C SER Q 178 -20.19 -9.88 39.75
N MET Q 179 -21.25 -10.02 38.97
CA MET Q 179 -22.11 -11.21 39.09
C MET Q 179 -22.84 -11.55 37.79
N SER Q 180 -22.99 -12.85 37.52
CA SER Q 180 -23.80 -13.34 36.39
C SER Q 180 -25.01 -14.11 36.90
N SER Q 181 -26.18 -13.81 36.35
CA SER Q 181 -27.41 -14.56 36.62
C SER Q 181 -27.88 -15.15 35.28
N THR Q 182 -28.11 -16.47 35.27
CA THR Q 182 -28.42 -17.20 34.07
C THR Q 182 -29.71 -18.01 34.20
N LEU Q 183 -30.76 -17.54 33.53
CA LEU Q 183 -32.03 -18.27 33.40
C LEU Q 183 -31.94 -19.22 32.22
N THR Q 184 -32.02 -20.52 32.49
CA THR Q 184 -32.03 -21.52 31.44
C THR Q 184 -33.44 -22.13 31.33
N LEU Q 185 -33.92 -22.22 30.08
CA LEU Q 185 -35.23 -22.76 29.73
C LEU Q 185 -35.07 -23.77 28.61
N THR Q 186 -36.11 -24.57 28.38
CA THR Q 186 -36.21 -25.33 27.12
C THR Q 186 -36.48 -24.32 26.00
N LYS Q 187 -36.01 -24.64 24.80
CA LYS Q 187 -36.32 -23.82 23.62
C LYS Q 187 -37.84 -23.68 23.42
N ASP Q 188 -38.58 -24.77 23.63
CA ASP Q 188 -40.05 -24.77 23.55
C ASP Q 188 -40.70 -23.73 24.46
N GLU Q 189 -40.24 -23.65 25.71
CA GLU Q 189 -40.78 -22.68 26.66
C GLU Q 189 -40.30 -21.25 26.37
N TYR Q 190 -39.06 -21.10 25.92
CA TYR Q 190 -38.55 -19.79 25.52
C TYR Q 190 -39.43 -19.17 24.43
N GLU Q 191 -39.82 -19.98 23.45
CA GLU Q 191 -40.55 -19.48 22.28
C GLU Q 191 -42.06 -19.23 22.55
N ARG Q 192 -42.61 -19.72 23.68
CA ARG Q 192 -43.99 -19.37 24.05
C ARG Q 192 -44.12 -17.93 24.52
N HIS Q 193 -43.30 -17.57 25.50
CA HIS Q 193 -43.40 -16.26 26.13
C HIS Q 193 -42.60 -15.24 25.30
N ASN Q 194 -42.91 -13.95 25.48
CA ASN Q 194 -42.32 -12.88 24.66
C ASN Q 194 -41.37 -11.92 25.42
N SER Q 195 -41.81 -11.47 26.59
CA SER Q 195 -41.10 -10.45 27.36
C SER Q 195 -40.26 -11.04 28.50
N TYR Q 196 -38.94 -10.85 28.41
CA TYR Q 196 -38.01 -11.34 29.42
C TYR Q 196 -37.36 -10.16 30.13
N THR Q 197 -37.45 -10.17 31.47
CA THR Q 197 -36.98 -9.06 32.32
C THR Q 197 -36.07 -9.55 33.44
N CYS Q 198 -35.16 -8.67 33.86
CA CYS Q 198 -34.13 -8.94 34.83
C CYS Q 198 -34.00 -7.74 35.78
N GLU Q 199 -34.41 -7.90 37.05
CA GLU Q 199 -34.46 -6.79 38.04
C GLU Q 199 -33.40 -6.93 39.14
N ALA Q 200 -32.57 -5.90 39.30
CA ALA Q 200 -31.48 -5.88 40.28
C ALA Q 200 -31.83 -4.95 41.43
N THR Q 201 -32.10 -5.50 42.60
CA THR Q 201 -32.31 -4.72 43.83
C THR Q 201 -30.99 -4.69 44.60
N HIS Q 202 -30.56 -3.50 44.99
CA HIS Q 202 -29.24 -3.27 45.58
C HIS Q 202 -29.29 -2.09 46.55
N LYS Q 203 -28.43 -2.14 47.56
CA LYS Q 203 -28.34 -1.10 48.60
C LYS Q 203 -28.37 0.36 48.07
N THR Q 204 -27.74 0.57 46.91
CA THR Q 204 -27.52 1.91 46.33
C THR Q 204 -28.75 2.66 45.90
N SER Q 205 -29.83 1.94 45.57
CA SER Q 205 -31.10 2.55 45.14
C SER Q 205 -32.26 1.78 45.73
N THR Q 206 -33.28 2.53 46.17
CA THR Q 206 -34.51 1.91 46.69
C THR Q 206 -35.23 1.12 45.59
N SER Q 207 -35.46 1.73 44.42
CA SER Q 207 -36.14 1.06 43.30
C SER Q 207 -35.10 0.33 42.44
N PRO Q 208 -35.47 -0.85 41.88
CA PRO Q 208 -34.49 -1.68 41.17
C PRO Q 208 -34.01 -1.12 39.82
N ILE Q 209 -32.88 -1.66 39.34
CA ILE Q 209 -32.39 -1.42 37.99
C ILE Q 209 -33.00 -2.53 37.12
N VAL Q 210 -33.81 -2.15 36.14
CA VAL Q 210 -34.51 -3.09 35.27
C VAL Q 210 -33.90 -3.07 33.86
N LYS Q 211 -33.62 -4.26 33.32
CA LYS Q 211 -33.21 -4.42 31.91
C LYS Q 211 -34.03 -5.53 31.25
N SER Q 212 -34.48 -5.27 30.02
CA SER Q 212 -35.50 -6.08 29.37
C SER Q 212 -35.36 -6.15 27.85
N PHE Q 213 -35.98 -7.18 27.27
CA PHE Q 213 -36.15 -7.27 25.81
C PHE Q 213 -37.40 -8.06 25.47
N ASN Q 214 -37.83 -7.94 24.21
CA ASN Q 214 -38.87 -8.78 23.66
C ASN Q 214 -38.30 -9.68 22.58
N ARG Q 215 -38.75 -10.93 22.56
CA ARG Q 215 -38.19 -11.96 21.67
C ARG Q 215 -38.23 -11.62 20.18
N ASN Q 216 -39.31 -10.97 19.75
CA ASN Q 216 -39.43 -10.56 18.33
C ASN Q 216 -38.69 -9.26 17.99
N GLU Q 217 -38.77 -8.28 18.89
CA GLU Q 217 -38.40 -6.88 18.60
C GLU Q 217 -36.90 -6.67 18.42
N CYS Q 218 -36.59 -5.49 17.87
CA CYS Q 218 -35.23 -5.00 17.65
C CYS Q 218 -35.08 -3.45 17.75
N HYP R 21 16.72 -24.63 56.42
CA HYP R 21 16.23 -23.40 55.74
C HYP R 21 16.36 -23.31 54.24
O HYP R 21 15.45 -22.83 53.56
CB HYP R 21 16.86 -22.22 56.45
CG HYP R 21 17.69 -22.85 57.56
CD HYP R 21 17.75 -24.36 57.39
OD1 HYP R 21 17.08 -22.54 58.82
N GLY R 22 17.51 -23.73 53.71
CA GLY R 22 17.70 -24.02 52.27
C GLY R 22 17.47 -25.49 51.97
N GLU R 23 17.17 -26.26 53.02
CA GLU R 23 16.86 -27.67 52.95
C GLU R 23 15.37 -27.89 53.37
N ARG R 24 15.11 -27.57 54.63
CA ARG R 24 13.87 -27.84 55.32
C ARG R 24 12.81 -26.77 55.06
N GLY R 25 13.26 -25.58 54.70
CA GLY R 25 12.41 -24.42 54.44
C GLY R 25 12.23 -23.62 55.70
N GLU R 26 12.00 -22.32 55.55
CA GLU R 26 11.66 -21.45 56.67
C GLU R 26 10.32 -21.89 57.36
N THR R 27 9.42 -22.49 56.59
CA THR R 27 8.15 -23.02 57.08
C THR R 27 8.23 -24.44 57.67
N GLY R 28 9.39 -25.10 57.57
CA GLY R 28 9.51 -26.47 58.01
C GLY R 28 9.47 -26.69 59.50
N PRO R 29 9.47 -27.97 59.94
CA PRO R 29 9.32 -28.29 61.36
C PRO R 29 10.56 -27.96 62.19
N HYP R 30 10.40 -27.59 63.47
CA HYP R 30 11.58 -27.49 64.30
C HYP R 30 12.47 -28.67 64.50
O HYP R 30 11.96 -29.78 64.57
CB HYP R 30 11.43 -26.31 65.25
CG HYP R 30 9.97 -25.90 65.05
CD HYP R 30 9.30 -26.93 64.14
OD1 HYP R 30 9.93 -24.62 64.40
N GLY R 31 13.78 -28.46 64.59
CA GLY R 31 14.75 -29.55 64.77
C GLY R 31 16.06 -29.09 65.39
N PRO R 32 16.83 -30.04 65.97
CA PRO R 32 17.95 -29.64 66.84
C PRO R 32 19.27 -29.50 66.09
N GLU S 1 14.20 -8.33 -22.62
CA GLU S 1 13.06 -7.40 -22.70
C GLU S 1 13.02 -6.44 -21.51
N VAL S 2 12.57 -5.23 -21.74
CA VAL S 2 12.48 -4.24 -20.69
C VAL S 2 11.25 -4.51 -19.84
N LYS S 3 11.36 -4.28 -18.53
CA LYS S 3 10.32 -4.59 -17.56
C LYS S 3 10.38 -3.62 -16.39
N LEU S 4 9.26 -2.94 -16.10
CA LEU S 4 9.15 -1.93 -15.01
C LEU S 4 7.98 -2.25 -14.13
N GLU S 5 8.19 -2.30 -12.82
CA GLU S 5 7.12 -2.70 -11.88
C GLU S 5 7.04 -1.77 -10.70
N GLU S 6 5.96 -0.99 -10.64
CA GLU S 6 5.66 -0.09 -9.53
C GLU S 6 5.08 -0.88 -8.36
N SER S 7 5.22 -0.33 -7.15
CA SER S 7 4.57 -0.88 -5.97
C SER S 7 4.39 0.19 -4.90
N GLY S 8 3.46 -0.05 -3.99
CA GLY S 8 3.28 0.80 -2.82
C GLY S 8 2.24 1.90 -2.94
N GLY S 9 1.33 1.78 -3.91
CA GLY S 9 0.16 2.67 -3.93
C GLY S 9 -0.86 2.21 -2.92
N GLY S 10 -2.03 2.86 -2.93
CA GLY S 10 -3.13 2.51 -2.06
C GLY S 10 -3.75 3.78 -1.47
N LEU S 11 -4.36 3.61 -0.29
CA LEU S 11 -5.07 4.67 0.35
C LEU S 11 -4.27 5.37 1.43
N VAL S 12 -4.50 6.68 1.58
CA VAL S 12 -3.86 7.45 2.65
C VAL S 12 -4.67 8.70 3.01
N GLN S 13 -4.57 9.12 4.27
CA GLN S 13 -5.31 10.27 4.75
C GLN S 13 -4.70 11.55 4.21
N PRO S 14 -5.50 12.60 3.99
CA PRO S 14 -4.92 13.90 3.64
C PRO S 14 -3.94 14.35 4.70
N GLY S 15 -2.78 14.83 4.26
CA GLY S 15 -1.67 15.19 5.16
C GLY S 15 -0.68 14.07 5.41
N GLY S 16 -1.02 12.84 5.01
CA GLY S 16 -0.19 11.66 5.26
C GLY S 16 0.89 11.46 4.22
N SER S 17 1.59 10.32 4.32
CA SER S 17 2.76 10.03 3.49
C SER S 17 2.65 8.69 2.82
N MET S 18 3.52 8.49 1.84
CA MET S 18 3.54 7.30 1.05
C MET S 18 4.85 7.25 0.27
N LYS S 19 5.45 6.06 0.16
CA LYS S 19 6.64 5.85 -0.64
C LYS S 19 6.31 4.86 -1.75
N LEU S 20 6.27 5.33 -2.99
CA LEU S 20 6.15 4.43 -4.13
C LEU S 20 7.54 3.92 -4.46
N SER S 21 7.62 2.74 -5.06
CA SER S 21 8.89 2.27 -5.58
C SER S 21 8.72 1.48 -6.89
N CYS S 22 9.80 1.44 -7.66
CA CYS S 22 9.84 0.97 -9.04
C CYS S 22 11.05 0.07 -9.27
N ALA S 23 10.80 -1.17 -9.69
CA ALA S 23 11.88 -2.12 -10.03
C ALA S 23 12.01 -2.18 -11.55
N ALA S 24 13.22 -2.03 -12.06
CA ALA S 24 13.49 -2.08 -13.49
C ALA S 24 14.48 -3.18 -13.80
N SER S 25 14.32 -3.79 -14.97
CA SER S 25 15.33 -4.69 -15.54
C SER S 25 15.29 -4.58 -17.06
N GLY S 26 16.32 -5.13 -17.72
CA GLY S 26 16.40 -5.17 -19.18
C GLY S 26 17.11 -4.03 -19.89
N PHE S 27 17.62 -3.09 -19.13
CA PHE S 27 18.47 -2.02 -19.64
C PHE S 27 19.47 -1.66 -18.55
N THR S 28 20.57 -1.02 -18.92
CA THR S 28 21.60 -0.66 -17.95
C THR S 28 21.06 0.45 -17.04
N PHE S 29 20.68 0.06 -15.83
CA PHE S 29 19.92 0.94 -14.94
C PHE S 29 20.70 2.17 -14.52
N SER S 30 21.96 2.00 -14.12
CA SER S 30 22.74 3.14 -13.59
C SER S 30 23.03 4.20 -14.65
N ASP S 31 22.90 3.84 -15.92
CA ASP S 31 22.95 4.78 -17.07
C ASP S 31 21.65 5.55 -17.30
N ALA S 32 20.51 4.98 -16.90
CA ALA S 32 19.21 5.50 -17.31
C ALA S 32 18.74 6.69 -16.49
N TRP S 33 18.10 7.64 -17.18
CA TRP S 33 17.32 8.69 -16.53
C TRP S 33 15.93 8.12 -16.31
N MET S 34 15.40 8.30 -15.10
CA MET S 34 14.12 7.72 -14.71
C MET S 34 13.21 8.85 -14.28
N ASP S 35 11.92 8.71 -14.56
CA ASP S 35 10.92 9.71 -14.16
C ASP S 35 9.69 9.05 -13.53
N TRP S 36 8.90 9.84 -12.81
CA TRP S 36 7.53 9.49 -12.42
C TRP S 36 6.55 10.42 -13.14
N VAL S 37 5.49 9.83 -13.71
CA VAL S 37 4.41 10.56 -14.38
C VAL S 37 3.10 10.09 -13.76
N ARG S 38 2.14 11.00 -13.57
CA ARG S 38 0.83 10.61 -13.03
C ARG S 38 -0.32 10.97 -13.95
N GLN S 39 -1.44 10.29 -13.75
CA GLN S 39 -2.61 10.45 -14.62
C GLN S 39 -3.89 10.49 -13.81
N SER S 40 -4.66 11.55 -14.01
CA SER S 40 -5.97 11.73 -13.41
C SER S 40 -6.94 12.12 -14.52
N PRO S 41 -8.24 11.92 -14.29
CA PRO S 41 -9.24 12.48 -15.23
C PRO S 41 -9.24 14.01 -15.32
N GLU S 42 -8.90 14.68 -14.22
CA GLU S 42 -8.95 16.15 -14.13
C GLU S 42 -7.81 16.84 -14.87
N LYS S 43 -6.58 16.37 -14.65
CA LYS S 43 -5.37 17.04 -15.17
C LYS S 43 -4.60 16.29 -16.27
N GLY S 44 -5.08 15.10 -16.66
CA GLY S 44 -4.45 14.35 -17.73
C GLY S 44 -3.12 13.77 -17.30
N LEU S 45 -2.18 13.69 -18.22
CA LEU S 45 -0.83 13.24 -17.92
C LEU S 45 0.03 14.40 -17.42
N GLU S 46 0.53 14.26 -16.18
CA GLU S 46 1.42 15.24 -15.56
C GLU S 46 2.77 14.56 -15.30
N TRP S 47 3.83 15.14 -15.84
CA TRP S 47 5.16 14.80 -15.37
C TRP S 47 5.29 15.28 -13.91
N VAL S 48 5.81 14.42 -13.06
CA VAL S 48 5.93 14.68 -11.63
C VAL S 48 7.37 14.96 -11.20
N ALA S 49 8.27 14.04 -11.56
CA ALA S 49 9.67 14.16 -11.15
C ALA S 49 10.67 13.36 -12.01
N GLU S 50 11.90 13.87 -12.05
CA GLU S 50 13.01 13.30 -12.83
C GLU S 50 14.19 13.05 -11.91
N ILE S 51 14.90 11.94 -12.15
CA ILE S 51 16.23 11.74 -11.61
C ILE S 51 17.15 11.24 -12.73
N ARG S 52 18.30 11.89 -12.86
CA ARG S 52 19.24 11.59 -13.92
C ARG S 52 20.25 10.56 -13.46
N ASN S 53 21.14 10.19 -14.37
CA ASN S 53 22.11 9.14 -14.12
C ASN S 53 23.35 9.64 -13.35
N LYS S 54 24.24 8.69 -13.07
CA LYS S 54 25.47 8.93 -12.34
C LYS S 54 26.32 10.03 -13.01
N VAL S 55 26.39 9.99 -14.34
CA VAL S 55 27.16 10.99 -15.11
C VAL S 55 26.61 12.40 -14.92
N ASN S 56 25.30 12.55 -14.75
CA ASN S 56 24.66 13.85 -14.48
C ASN S 56 24.42 14.12 -13.00
N ASN S 57 25.25 13.55 -12.13
CA ASN S 57 25.19 13.78 -10.68
C ASN S 57 23.88 13.41 -10.00
N HIS S 58 23.15 12.46 -10.57
CA HIS S 58 21.83 12.08 -10.05
C HIS S 58 20.94 13.31 -9.85
N ALA S 59 20.97 14.21 -10.82
CA ALA S 59 20.26 15.49 -10.71
C ALA S 59 18.78 15.23 -10.66
N THR S 60 18.05 15.99 -9.84
CA THR S 60 16.61 15.85 -9.74
C THR S 60 15.89 17.09 -10.22
N ASN S 61 14.67 16.90 -10.71
CA ASN S 61 13.77 17.99 -11.08
C ASN S 61 12.34 17.62 -10.72
N TYR S 62 11.53 18.61 -10.37
CA TYR S 62 10.15 18.35 -9.97
C TYR S 62 9.17 19.32 -10.61
N ALA S 63 7.93 18.86 -10.80
CA ALA S 63 6.82 19.74 -11.17
C ALA S 63 6.50 20.70 -10.04
N GLU S 64 6.06 21.89 -10.40
CA GLU S 64 5.79 22.94 -9.41
C GLU S 64 4.84 22.49 -8.30
N SER S 65 3.75 21.81 -8.67
CA SER S 65 2.73 21.43 -7.70
C SER S 65 3.20 20.42 -6.64
N VAL S 66 4.33 19.74 -6.86
CA VAL S 66 4.85 18.80 -5.87
C VAL S 66 6.16 19.21 -5.17
N LYS S 67 6.81 20.29 -5.59
CA LYS S 67 8.06 20.76 -4.95
C LYS S 67 7.88 20.96 -3.45
N GLY S 68 8.87 20.52 -2.69
CA GLY S 68 8.84 20.61 -1.25
C GLY S 68 8.14 19.45 -0.57
N ARG S 69 7.27 18.74 -1.28
CA ARG S 69 6.49 17.62 -0.74
C ARG S 69 6.98 16.25 -1.22
N PHE S 70 7.36 16.16 -2.50
CA PHE S 70 7.78 14.90 -3.11
C PHE S 70 9.30 14.89 -3.25
N THR S 71 9.91 13.71 -3.07
CA THR S 71 11.34 13.52 -3.29
C THR S 71 11.59 12.26 -4.10
N ILE S 72 12.40 12.37 -5.15
CA ILE S 72 12.73 11.22 -5.98
C ILE S 72 14.16 10.81 -5.67
N SER S 73 14.38 9.50 -5.62
CA SER S 73 15.72 8.94 -5.38
C SER S 73 15.86 7.60 -6.07
N ARG S 74 17.09 7.08 -6.11
CA ARG S 74 17.38 5.79 -6.72
C ARG S 74 18.42 5.03 -5.93
N ASP S 75 18.36 3.71 -6.00
CA ASP S 75 19.42 2.84 -5.51
C ASP S 75 19.93 2.10 -6.75
N ASP S 76 21.00 2.62 -7.34
CA ASP S 76 21.60 2.02 -8.53
C ASP S 76 22.06 0.58 -8.30
N SER S 77 22.41 0.21 -7.06
CA SER S 77 22.81 -1.17 -6.77
C SER S 77 21.63 -2.16 -6.84
N ARG S 78 20.41 -1.74 -6.50
CA ARG S 78 19.21 -2.61 -6.54
C ARG S 78 18.32 -2.45 -7.79
N SER S 79 18.70 -1.55 -8.69
CA SER S 79 17.89 -1.14 -9.85
C SER S 79 16.49 -0.69 -9.44
N VAL S 80 16.40 0.19 -8.46
CA VAL S 80 15.10 0.71 -7.99
C VAL S 80 15.07 2.24 -7.92
N VAL S 81 13.92 2.81 -8.25
CA VAL S 81 13.65 4.24 -8.09
C VAL S 81 12.54 4.36 -7.08
N TYR S 82 12.67 5.31 -6.15
CA TYR S 82 11.65 5.57 -5.15
C TYR S 82 11.03 6.94 -5.40
N LEU S 83 9.80 7.14 -4.95
CA LEU S 83 9.17 8.46 -4.84
C LEU S 83 8.50 8.62 -3.48
N GLN S 84 9.17 9.34 -2.58
CA GLN S 84 8.65 9.68 -1.26
C GLN S 84 7.69 10.86 -1.42
N MET S 85 6.46 10.72 -0.92
CA MET S 85 5.44 11.75 -1.04
C MET S 85 4.95 12.11 0.34
N ASN S 86 5.17 13.36 0.75
CA ASN S 86 4.70 13.86 2.05
C ASN S 86 3.62 14.91 1.92
N ASN S 87 2.81 15.07 2.98
CA ASN S 87 1.75 16.06 3.01
C ASN S 87 0.81 15.96 1.79
N LEU S 88 0.34 14.74 1.53
CA LEU S 88 -0.51 14.45 0.38
C LEU S 88 -1.88 15.12 0.46
N LYS S 89 -2.42 15.46 -0.70
CA LYS S 89 -3.68 16.21 -0.84
C LYS S 89 -4.63 15.44 -1.75
N PRO S 90 -5.94 15.77 -1.70
CA PRO S 90 -6.89 15.05 -2.57
C PRO S 90 -6.52 15.10 -4.04
N GLU S 91 -6.02 16.23 -4.53
CA GLU S 91 -5.66 16.35 -5.95
C GLU S 91 -4.40 15.55 -6.35
N ASP S 92 -3.63 15.06 -5.40
CA ASP S 92 -2.54 14.11 -5.71
C ASP S 92 -3.05 12.74 -6.13
N THR S 93 -4.32 12.45 -5.89
CA THR S 93 -4.96 11.21 -6.34
C THR S 93 -4.78 10.95 -7.82
N GLY S 94 -4.39 9.72 -8.15
CA GLY S 94 -4.32 9.26 -9.55
C GLY S 94 -3.44 8.04 -9.71
N ILE S 95 -3.22 7.66 -10.98
CA ILE S 95 -2.39 6.50 -11.35
C ILE S 95 -0.97 7.02 -11.55
N TYR S 96 0.00 6.41 -10.88
CA TYR S 96 1.40 6.84 -10.92
C TYR S 96 2.26 5.82 -11.70
N TYR S 97 2.79 6.28 -12.83
CA TYR S 97 3.66 5.46 -13.68
C TYR S 97 5.11 5.81 -13.43
N CYS S 98 5.95 4.77 -13.35
CA CYS S 98 7.40 4.88 -13.32
C CYS S 98 7.86 4.68 -14.77
N THR S 99 8.69 5.61 -15.25
CA THR S 99 9.18 5.56 -16.63
C THR S 99 10.70 5.47 -16.68
N GLY S 100 11.21 4.79 -17.70
CA GLY S 100 12.64 4.59 -17.88
C GLY S 100 13.12 5.13 -19.21
N LEU S 101 14.34 5.69 -19.21
CA LEU S 101 14.94 6.38 -20.35
C LEU S 101 14.03 7.55 -20.73
N THR S 102 13.91 8.46 -19.77
CA THR S 102 12.87 9.46 -19.76
C THR S 102 11.49 8.79 -20.00
N PHE S 103 10.89 8.87 -21.19
CA PHE S 103 9.59 8.25 -21.43
C PHE S 103 9.59 7.17 -22.51
N ASP S 104 10.73 6.51 -22.71
CA ASP S 104 10.82 5.44 -23.70
C ASP S 104 10.08 4.19 -23.23
N TYR S 105 10.17 3.90 -21.94
CA TYR S 105 9.57 2.72 -21.32
C TYR S 105 8.71 3.11 -20.12
N TRP S 106 7.56 2.47 -19.97
CA TRP S 106 6.56 2.77 -18.91
C TRP S 106 6.14 1.50 -18.14
N GLY S 107 5.99 1.64 -16.82
CA GLY S 107 5.42 0.58 -16.00
C GLY S 107 3.89 0.56 -16.12
N GLN S 108 3.28 -0.45 -15.52
CA GLN S 108 1.83 -0.67 -15.62
C GLN S 108 1.02 0.33 -14.80
N GLY S 109 1.68 0.97 -13.82
CA GLY S 109 1.09 1.99 -13.00
C GLY S 109 0.67 1.42 -11.67
N THR S 110 0.65 2.27 -10.64
CA THR S 110 0.08 1.92 -9.34
C THR S 110 -0.84 3.06 -8.93
N THR S 111 -1.96 2.73 -8.28
CA THR S 111 -2.99 3.75 -7.96
C THR S 111 -2.81 4.32 -6.56
N LEU S 112 -2.86 5.66 -6.46
CA LEU S 112 -2.78 6.36 -5.17
C LEU S 112 -4.08 7.13 -4.97
N THR S 113 -4.72 6.90 -3.83
CA THR S 113 -5.99 7.52 -3.51
C THR S 113 -5.81 8.26 -2.18
N VAL S 114 -6.03 9.57 -2.21
CA VAL S 114 -5.94 10.39 -1.01
C VAL S 114 -7.36 10.76 -0.59
N SER S 115 -7.80 10.17 0.52
CA SER S 115 -9.15 10.30 1.03
C SER S 115 -9.16 9.87 2.50
N SER S 116 -10.07 10.42 3.30
CA SER S 116 -10.25 9.99 4.70
C SER S 116 -11.31 8.90 4.81
N ALA S 117 -11.91 8.53 3.68
CA ALA S 117 -12.71 7.31 3.61
C ALA S 117 -11.88 6.06 3.90
N LYS S 118 -12.56 5.02 4.31
CA LYS S 118 -11.95 3.79 4.84
C LYS S 118 -11.93 2.73 3.79
N THR S 119 -10.91 1.87 3.86
CA THR S 119 -10.84 0.72 2.98
C THR S 119 -12.02 -0.20 3.24
N THR S 120 -12.66 -0.65 2.16
CA THR S 120 -13.81 -1.55 2.20
C THR S 120 -13.64 -2.60 1.11
N ALA S 121 -13.72 -3.87 1.47
CA ALA S 121 -13.60 -4.96 0.49
C ALA S 121 -14.91 -5.08 -0.32
N PRO S 122 -14.85 -5.66 -1.54
CA PRO S 122 -16.05 -5.81 -2.37
C PRO S 122 -16.86 -7.05 -2.05
N SER S 123 -18.16 -6.98 -2.28
CA SER S 123 -19.01 -8.17 -2.38
C SER S 123 -19.00 -8.61 -3.85
N VAL S 124 -18.92 -9.92 -4.09
CA VAL S 124 -18.83 -10.46 -5.45
C VAL S 124 -19.96 -11.46 -5.64
N TYR S 125 -20.82 -11.18 -6.62
CA TYR S 125 -22.04 -11.93 -6.82
C TYR S 125 -22.02 -12.55 -8.21
N PRO S 126 -22.26 -13.86 -8.31
CA PRO S 126 -22.33 -14.48 -9.62
C PRO S 126 -23.68 -14.23 -10.27
N LEU S 127 -23.68 -13.80 -11.52
CA LEU S 127 -24.93 -13.55 -12.25
C LEU S 127 -25.15 -14.64 -13.29
N ALA S 128 -26.08 -15.55 -13.00
CA ALA S 128 -26.48 -16.60 -13.92
C ALA S 128 -27.72 -16.18 -14.70
N PRO S 129 -27.98 -16.78 -15.88
CA PRO S 129 -29.09 -16.28 -16.71
C PRO S 129 -30.45 -16.50 -16.06
N VAL S 130 -31.50 -15.94 -16.67
CA VAL S 130 -32.90 -16.28 -16.35
C VAL S 130 -33.14 -17.79 -16.58
N CYS S 131 -33.93 -18.38 -15.71
CA CYS S 131 -34.28 -19.79 -15.79
C CYS S 131 -34.88 -20.11 -17.19
N THR S 135 -31.71 -20.20 -23.88
CA THR S 135 -32.55 -19.64 -24.97
C THR S 135 -31.99 -19.91 -26.38
N GLY S 136 -30.79 -19.40 -26.68
CA GLY S 136 -30.15 -19.48 -27.97
C GLY S 136 -28.94 -20.42 -28.05
N SER S 137 -28.12 -20.23 -29.09
CA SER S 137 -26.94 -21.08 -29.31
C SER S 137 -25.67 -20.55 -28.63
N SER S 138 -25.69 -19.29 -28.17
CA SER S 138 -24.70 -18.78 -27.20
C SER S 138 -25.41 -18.27 -25.96
N VAL S 139 -24.67 -18.17 -24.86
CA VAL S 139 -25.21 -17.76 -23.56
C VAL S 139 -24.25 -16.77 -22.89
N THR S 140 -24.83 -15.79 -22.20
CA THR S 140 -24.08 -14.75 -21.51
C THR S 140 -24.25 -14.88 -19.99
N LEU S 141 -23.10 -14.96 -19.30
CA LEU S 141 -23.02 -14.94 -17.86
C LEU S 141 -22.48 -13.58 -17.42
N GLY S 142 -22.56 -13.32 -16.12
CA GLY S 142 -22.15 -12.04 -15.56
C GLY S 142 -21.55 -12.17 -14.19
N CYS S 143 -20.97 -11.06 -13.72
CA CYS S 143 -20.33 -11.02 -12.40
C CYS S 143 -20.37 -9.59 -11.89
N LEU S 144 -21.00 -9.38 -10.72
CA LEU S 144 -21.17 -8.06 -10.14
C LEU S 144 -20.24 -7.90 -8.94
N VAL S 145 -19.47 -6.81 -8.95
CA VAL S 145 -18.55 -6.45 -7.87
C VAL S 145 -19.06 -5.14 -7.27
N LYS S 146 -19.56 -5.20 -6.03
CA LYS S 146 -20.27 -4.08 -5.44
C LYS S 146 -19.64 -3.65 -4.11
N GLY S 147 -19.57 -2.34 -3.88
CA GLY S 147 -19.30 -1.79 -2.56
C GLY S 147 -17.85 -1.77 -2.09
N TYR S 148 -16.91 -1.44 -2.98
CA TYR S 148 -15.49 -1.42 -2.62
C TYR S 148 -14.86 -0.03 -2.68
N PHE S 149 -13.77 0.13 -1.93
CA PHE S 149 -13.00 1.36 -1.92
C PHE S 149 -11.63 1.07 -1.32
N PRO S 150 -10.54 1.63 -1.86
CA PRO S 150 -10.50 2.44 -3.08
C PRO S 150 -10.42 1.59 -4.34
N GLU S 151 -10.21 2.25 -5.47
CA GLU S 151 -9.79 1.58 -6.70
C GLU S 151 -8.34 1.08 -6.57
N PRO S 152 -7.96 0.04 -7.34
CA PRO S 152 -8.83 -0.69 -8.26
C PRO S 152 -9.10 -2.12 -7.79
N VAL S 153 -9.96 -2.80 -8.53
CA VAL S 153 -10.03 -4.26 -8.48
C VAL S 153 -9.54 -4.76 -9.80
N THR S 154 -9.23 -6.05 -9.85
CA THR S 154 -8.92 -6.72 -11.11
C THR S 154 -9.80 -7.97 -11.17
N LEU S 155 -10.49 -8.12 -12.29
CA LEU S 155 -11.45 -9.19 -12.51
C LEU S 155 -10.99 -10.00 -13.70
N THR S 156 -10.97 -11.32 -13.54
CA THR S 156 -10.70 -12.25 -14.65
C THR S 156 -11.75 -13.37 -14.65
N TRP S 157 -11.76 -14.15 -15.73
CA TRP S 157 -12.63 -15.31 -15.87
C TRP S 157 -11.77 -16.57 -16.07
N ASN S 158 -11.98 -17.56 -15.21
CA ASN S 158 -11.15 -18.78 -15.12
C ASN S 158 -9.67 -18.46 -15.01
N SER S 159 -9.37 -17.53 -14.10
CA SER S 159 -8.00 -17.09 -13.77
C SER S 159 -7.19 -16.59 -14.98
N GLY S 160 -7.87 -15.97 -15.95
CA GLY S 160 -7.23 -15.49 -17.18
C GLY S 160 -7.43 -16.34 -18.42
N SER S 161 -7.76 -17.64 -18.25
CA SER S 161 -7.97 -18.58 -19.38
C SER S 161 -9.00 -18.13 -20.38
N LEU S 162 -10.16 -17.72 -19.87
CA LEU S 162 -11.26 -17.24 -20.70
C LEU S 162 -11.15 -15.71 -20.80
N SER S 163 -10.60 -15.24 -21.93
CA SER S 163 -10.31 -13.82 -22.13
C SER S 163 -11.16 -13.17 -23.24
N SER S 164 -11.26 -13.81 -24.41
CA SER S 164 -12.11 -13.25 -25.47
C SER S 164 -13.59 -13.52 -25.18
N GLY S 165 -14.44 -12.65 -25.74
CA GLY S 165 -15.86 -12.63 -25.43
C GLY S 165 -16.20 -12.04 -24.08
N VAL S 166 -15.27 -11.29 -23.48
CA VAL S 166 -15.42 -10.68 -22.15
C VAL S 166 -15.57 -9.17 -22.31
N HIS S 167 -16.44 -8.56 -21.51
CA HIS S 167 -16.57 -7.11 -21.43
C HIS S 167 -16.62 -6.73 -19.97
N THR S 168 -15.54 -6.17 -19.45
CA THR S 168 -15.51 -5.67 -18.06
C THR S 168 -15.69 -4.17 -18.11
N PHE S 169 -16.70 -3.65 -17.42
CA PHE S 169 -17.10 -2.25 -17.56
C PHE S 169 -16.42 -1.35 -16.52
N PRO S 170 -16.21 -0.07 -16.87
CA PRO S 170 -15.57 0.85 -15.94
C PRO S 170 -16.31 0.99 -14.64
N ALA S 171 -15.57 1.05 -13.54
CA ALA S 171 -16.14 1.27 -12.22
C ALA S 171 -16.87 2.62 -12.13
N LEU S 172 -17.89 2.67 -11.28
CA LEU S 172 -18.59 3.91 -10.98
C LEU S 172 -18.81 4.10 -9.50
N LEU S 173 -18.86 5.36 -9.11
CA LEU S 173 -18.94 5.73 -7.71
C LEU S 173 -20.45 5.73 -7.34
N LEU S 174 -20.84 4.86 -6.40
CA LEU S 174 -22.24 4.73 -5.91
C LEU S 174 -22.25 5.21 -4.43
N SER S 175 -22.35 6.54 -4.26
CA SER S 175 -22.35 7.22 -2.96
C SER S 175 -21.18 6.79 -2.04
N GLY S 176 -19.96 7.04 -2.52
CA GLY S 176 -18.73 6.75 -1.78
C GLY S 176 -18.10 5.38 -1.97
N LEU S 177 -18.81 4.44 -2.61
CA LEU S 177 -18.29 3.09 -2.84
C LEU S 177 -18.39 2.74 -4.33
N TYR S 178 -17.42 2.00 -4.84
CA TYR S 178 -17.34 1.68 -6.27
C TYR S 178 -18.08 0.39 -6.63
N THR S 179 -18.75 0.39 -7.79
CA THR S 179 -19.38 -0.81 -8.36
C THR S 179 -18.89 -1.04 -9.77
N LEU S 180 -18.56 -2.27 -10.13
CA LEU S 180 -18.42 -2.65 -11.54
C LEU S 180 -18.97 -4.04 -11.81
N SER S 181 -19.25 -4.31 -13.09
CA SER S 181 -19.69 -5.62 -13.53
C SER S 181 -18.86 -6.08 -14.74
N SER S 182 -18.88 -7.38 -15.00
CA SER S 182 -18.28 -7.94 -16.22
C SER S 182 -19.19 -9.02 -16.80
N SER S 183 -19.34 -9.03 -18.13
CA SER S 183 -20.08 -10.08 -18.84
C SER S 183 -19.09 -10.94 -19.60
N VAL S 184 -19.42 -12.22 -19.75
CA VAL S 184 -18.66 -13.14 -20.61
C VAL S 184 -19.67 -13.93 -21.44
N THR S 185 -19.35 -14.18 -22.71
CA THR S 185 -20.24 -14.91 -23.61
C THR S 185 -19.53 -16.12 -24.21
N VAL S 186 -20.11 -17.31 -24.02
CA VAL S 186 -19.60 -18.58 -24.59
C VAL S 186 -20.73 -19.27 -25.35
N THR S 187 -20.39 -20.35 -26.07
CA THR S 187 -21.41 -21.16 -26.77
C THR S 187 -22.12 -22.05 -25.73
N SER S 188 -23.40 -22.34 -25.96
CA SER S 188 -24.25 -23.08 -24.99
C SER S 188 -23.77 -24.47 -24.60
N ASN S 189 -22.87 -25.07 -25.36
CA ASN S 189 -22.23 -26.36 -25.01
C ASN S 189 -21.23 -26.21 -23.87
N THR S 190 -20.45 -25.13 -23.91
CA THR S 190 -19.44 -24.83 -22.90
C THR S 190 -20.03 -24.78 -21.48
N TRP S 191 -21.16 -24.09 -21.33
CA TRP S 191 -21.78 -23.87 -20.03
C TRP S 191 -23.25 -24.32 -20.02
N PRO S 192 -23.68 -25.08 -19.01
CA PRO S 192 -22.92 -25.38 -17.76
C PRO S 192 -21.94 -26.58 -17.72
N SER S 193 -21.73 -27.27 -18.86
CA SER S 193 -20.85 -28.47 -18.92
C SER S 193 -19.50 -28.25 -18.24
N GLN S 194 -18.81 -27.20 -18.67
CA GLN S 194 -17.57 -26.78 -18.06
C GLN S 194 -17.88 -25.63 -17.12
N THR S 195 -17.18 -25.62 -15.99
CA THR S 195 -17.46 -24.64 -14.94
C THR S 195 -16.74 -23.32 -15.26
N ILE S 196 -17.42 -22.20 -15.02
CA ILE S 196 -16.91 -20.86 -15.29
C ILE S 196 -16.92 -20.06 -13.97
N THR S 197 -15.78 -19.45 -13.64
CA THR S 197 -15.57 -18.82 -12.34
C THR S 197 -15.05 -17.38 -12.49
N CYS S 198 -15.74 -16.44 -11.84
CA CYS S 198 -15.34 -15.04 -11.79
C CYS S 198 -14.29 -14.86 -10.69
N ASN S 199 -13.11 -14.32 -11.01
CA ASN S 199 -12.03 -14.10 -10.02
C ASN S 199 -11.83 -12.60 -9.80
N VAL S 200 -12.03 -12.14 -8.57
CA VAL S 200 -11.85 -10.74 -8.23
C VAL S 200 -10.74 -10.59 -7.20
N ALA S 201 -9.82 -9.66 -7.46
CA ALA S 201 -8.78 -9.30 -6.50
C ALA S 201 -8.95 -7.82 -6.14
N HIS S 202 -8.83 -7.52 -4.85
CA HIS S 202 -8.83 -6.15 -4.33
C HIS S 202 -7.60 -6.02 -3.45
N PRO S 203 -6.47 -5.60 -4.03
CA PRO S 203 -5.20 -5.49 -3.30
C PRO S 203 -5.30 -4.65 -2.02
N ALA S 204 -6.04 -3.55 -2.08
CA ALA S 204 -6.20 -2.64 -0.95
C ALA S 204 -6.71 -3.29 0.34
N SER S 205 -7.52 -4.34 0.23
CA SER S 205 -8.03 -5.08 1.39
C SER S 205 -7.54 -6.54 1.47
N SER S 206 -6.49 -6.88 0.73
CA SER S 206 -5.95 -8.25 0.64
C SER S 206 -7.02 -9.31 0.33
N THR S 207 -7.98 -8.95 -0.52
CA THR S 207 -9.11 -9.81 -0.90
C THR S 207 -8.81 -10.51 -2.21
N LYS S 208 -8.94 -11.85 -2.21
CA LYS S 208 -9.02 -12.63 -3.43
C LYS S 208 -10.23 -13.53 -3.30
N VAL S 209 -11.19 -13.39 -4.21
CA VAL S 209 -12.42 -14.14 -4.18
C VAL S 209 -12.66 -14.81 -5.52
N ASP S 210 -13.16 -16.03 -5.48
CA ASP S 210 -13.51 -16.83 -6.67
C ASP S 210 -14.98 -17.18 -6.53
N LYS S 211 -15.80 -16.83 -7.51
CA LYS S 211 -17.25 -17.16 -7.49
C LYS S 211 -17.65 -17.95 -8.74
N LYS S 212 -18.00 -19.21 -8.53
CA LYS S 212 -18.48 -20.09 -9.57
C LYS S 212 -19.89 -19.66 -10.04
N ILE S 213 -20.12 -19.67 -11.35
CA ILE S 213 -21.44 -19.31 -11.90
C ILE S 213 -22.31 -20.55 -12.00
N GLU S 214 -23.25 -20.69 -11.07
CA GLU S 214 -24.17 -21.83 -10.97
C GLU S 214 -25.49 -21.48 -11.62
N PRO S 215 -26.15 -22.43 -12.34
CA PRO S 215 -27.50 -22.10 -12.85
C PRO S 215 -28.52 -22.00 -11.70
N ARG S 216 -29.56 -21.22 -11.90
CA ARG S 216 -30.52 -20.90 -10.82
C ARG S 216 -31.53 -22.06 -10.64
N GLY S 217 -31.68 -22.54 -9.40
CA GLY S 217 -32.73 -23.52 -9.08
C GLY S 217 -33.95 -22.77 -8.54
N PRO S 218 -35.18 -23.19 -8.92
CA PRO S 218 -36.37 -22.48 -8.40
C PRO S 218 -36.58 -22.63 -6.90
N ASP T 1 6.29 27.47 -18.72
CA ASP T 1 5.80 26.15 -19.18
C ASP T 1 5.39 26.21 -20.63
N ILE T 2 5.71 25.18 -21.39
CA ILE T 2 5.23 25.04 -22.75
C ILE T 2 3.91 24.28 -22.68
N VAL T 3 2.87 24.85 -23.29
CA VAL T 3 1.53 24.27 -23.27
C VAL T 3 1.24 23.68 -24.63
N LEU T 4 0.89 22.41 -24.66
CA LEU T 4 0.58 21.71 -25.92
C LEU T 4 -0.93 21.57 -26.08
N THR T 5 -1.45 21.98 -27.23
CA THR T 5 -2.89 21.96 -27.50
C THR T 5 -3.15 21.08 -28.71
N GLN T 6 -3.92 20.03 -28.52
CA GLN T 6 -4.20 19.09 -29.59
C GLN T 6 -5.50 19.40 -30.28
N SER T 7 -5.60 18.97 -31.52
CA SER T 7 -6.87 18.97 -32.23
C SER T 7 -6.81 17.90 -33.31
N PRO T 8 -7.95 17.32 -33.68
CA PRO T 8 -9.22 17.52 -33.01
C PRO T 8 -9.26 16.76 -31.69
N ALA T 9 -10.32 16.96 -30.91
CA ALA T 9 -10.50 16.25 -29.65
C ALA T 9 -10.73 14.77 -29.90
N SER T 10 -11.54 14.46 -30.91
CA SER T 10 -11.76 13.10 -31.37
C SER T 10 -12.15 13.07 -32.82
N LEU T 11 -12.19 11.86 -33.38
CA LEU T 11 -12.15 11.69 -34.82
C LEU T 11 -12.51 10.25 -35.16
N ALA T 12 -13.31 10.06 -36.22
CA ALA T 12 -13.74 8.73 -36.65
C ALA T 12 -13.35 8.42 -38.11
N VAL T 13 -12.52 7.39 -38.29
CA VAL T 13 -11.87 7.06 -39.55
C VAL T 13 -12.18 5.62 -39.97
N SER T 14 -12.37 5.39 -41.27
CA SER T 14 -12.63 4.03 -41.79
C SER T 14 -11.34 3.24 -41.92
N LEU T 15 -11.45 1.91 -41.82
CA LEU T 15 -10.29 1.02 -42.02
C LEU T 15 -9.66 1.30 -43.36
N GLY T 16 -8.34 1.45 -43.40
CA GLY T 16 -7.62 1.72 -44.65
C GLY T 16 -7.40 3.18 -44.98
N GLN T 17 -8.19 4.09 -44.39
CA GLN T 17 -8.04 5.53 -44.57
C GLN T 17 -6.88 6.11 -43.72
N ARG T 18 -6.67 7.43 -43.86
CA ARG T 18 -5.66 8.18 -43.11
C ARG T 18 -6.29 9.00 -41.99
N ALA T 19 -5.63 9.00 -40.84
CA ALA T 19 -5.99 9.85 -39.71
C ALA T 19 -4.87 10.85 -39.49
N THR T 20 -5.24 12.10 -39.25
CA THR T 20 -4.26 13.17 -39.05
C THR T 20 -4.64 13.88 -37.75
N ILE T 21 -3.69 13.89 -36.80
CA ILE T 21 -3.89 14.52 -35.51
C ILE T 21 -2.85 15.60 -35.34
N SER T 22 -3.26 16.78 -34.88
CA SER T 22 -2.37 17.93 -34.72
C SER T 22 -2.02 18.24 -33.28
N CYS T 23 -0.91 18.96 -33.11
CA CYS T 23 -0.43 19.40 -31.81
C CYS T 23 0.28 20.74 -31.98
N ARG T 24 -0.17 21.74 -31.23
CA ARG T 24 0.38 23.10 -31.29
C ARG T 24 0.99 23.48 -29.95
N ALA T 25 2.23 23.97 -30.00
CA ALA T 25 2.94 24.40 -28.79
C ALA T 25 2.83 25.92 -28.62
N SER T 26 2.77 26.35 -27.35
CA SER T 26 2.64 27.76 -27.00
C SER T 26 3.91 28.55 -27.34
N GLU T 27 5.04 27.85 -27.33
CA GLU T 27 6.30 28.38 -27.86
C GLU T 27 7.11 27.23 -28.46
N SER T 28 8.16 27.58 -29.19
CA SER T 28 8.97 26.62 -29.92
C SER T 28 9.56 25.53 -29.01
N VAL T 29 9.48 24.29 -29.50
CA VAL T 29 10.12 23.13 -28.86
C VAL T 29 11.45 22.76 -29.52
N ASP T 30 11.92 23.57 -30.47
CA ASP T 30 13.23 23.36 -31.10
C ASP T 30 14.35 23.64 -30.12
N ASN T 31 15.34 22.77 -30.12
CA ASN T 31 16.58 22.98 -29.37
C ASN T 31 17.69 22.08 -29.94
N TYR T 32 18.86 22.68 -30.16
CA TYR T 32 19.98 21.99 -30.83
C TYR T 32 19.59 21.43 -32.22
N GLY T 33 18.79 22.21 -32.95
CA GLY T 33 18.34 21.84 -34.30
C GLY T 33 17.37 20.68 -34.39
N ILE T 34 16.85 20.22 -33.25
CA ILE T 34 15.96 19.08 -33.16
C ILE T 34 14.67 19.55 -32.51
N SER T 35 13.53 19.20 -33.12
CA SER T 35 12.23 19.51 -32.55
C SER T 35 11.90 18.44 -31.52
N SER T 36 11.94 18.81 -30.24
CA SER T 36 11.67 17.87 -29.18
C SER T 36 10.18 17.64 -29.01
N MET T 37 9.63 16.79 -29.88
CA MET T 37 8.20 16.47 -29.92
C MET T 37 8.03 14.96 -30.05
N ASN T 38 7.31 14.37 -29.09
CA ASN T 38 7.09 12.92 -29.05
C ASN T 38 5.61 12.60 -29.08
N TRP T 39 5.27 11.41 -29.56
CA TRP T 39 3.87 10.96 -29.60
C TRP T 39 3.71 9.62 -28.89
N PHE T 40 2.61 9.49 -28.17
CA PHE T 40 2.29 8.26 -27.45
C PHE T 40 0.90 7.77 -27.77
N GLN T 41 0.71 6.46 -27.67
CA GLN T 41 -0.58 5.81 -27.86
C GLN T 41 -1.01 5.20 -26.54
N GLN T 42 -2.21 5.53 -26.09
CA GLN T 42 -2.77 4.91 -24.91
C GLN T 42 -4.04 4.14 -25.25
N LYS T 43 -3.94 2.81 -25.25
CA LYS T 43 -5.11 1.95 -25.36
C LYS T 43 -5.81 1.91 -24.01
N ALA T 44 -7.00 1.34 -23.97
CA ALA T 44 -7.82 1.34 -22.77
C ALA T 44 -7.22 0.48 -21.66
N GLY T 45 -7.12 1.04 -20.46
CA GLY T 45 -6.61 0.33 -19.27
C GLY T 45 -5.11 0.06 -19.30
N GLN T 46 -4.39 0.92 -20.03
CA GLN T 46 -2.99 0.68 -20.36
C GLN T 46 -2.16 1.92 -20.09
N PRO T 47 -0.86 1.74 -19.89
CA PRO T 47 0.01 2.90 -19.90
C PRO T 47 0.15 3.45 -21.31
N PRO T 48 0.64 4.69 -21.44
CA PRO T 48 0.99 5.17 -22.76
C PRO T 48 2.15 4.38 -23.37
N LYS T 49 2.13 4.29 -24.69
CA LYS T 49 3.16 3.60 -25.45
C LYS T 49 3.85 4.57 -26.36
N PHE T 50 5.16 4.45 -26.44
CA PHE T 50 6.00 5.42 -27.13
C PHE T 50 6.02 5.08 -28.63
N LEU T 51 5.70 6.07 -29.47
CA LEU T 51 5.60 5.89 -30.92
C LEU T 51 6.63 6.66 -31.74
N ILE T 52 6.65 7.98 -31.55
CA ILE T 52 7.46 8.89 -32.36
C ILE T 52 8.32 9.75 -31.45
N TYR T 53 9.55 10.05 -31.89
CA TYR T 53 10.41 11.04 -31.23
C TYR T 53 11.03 11.99 -32.26
N ALA T 54 11.59 13.07 -31.76
CA ALA T 54 12.19 14.10 -32.60
C ALA T 54 11.26 14.49 -33.76
N ALA T 55 9.97 14.64 -33.44
CA ALA T 55 8.91 15.03 -34.40
C ALA T 55 8.54 14.02 -35.50
N SER T 56 9.53 13.46 -36.18
CA SER T 56 9.33 12.60 -37.35
C SER T 56 9.93 11.20 -37.28
N LYS T 57 10.67 10.86 -36.23
CA LYS T 57 11.41 9.60 -36.20
C LYS T 57 10.65 8.55 -35.41
N GLN T 58 10.57 7.34 -35.94
CA GLN T 58 9.80 6.28 -35.28
C GLN T 58 10.58 5.63 -34.18
N GLY T 59 9.87 5.31 -33.10
CA GLY T 59 10.45 4.61 -31.97
C GLY T 59 10.87 3.22 -32.38
N SER T 60 11.83 2.67 -31.62
CA SER T 60 12.35 1.35 -31.90
C SER T 60 11.22 0.30 -31.83
N GLY T 61 11.05 -0.47 -32.91
CA GLY T 61 9.98 -1.47 -32.99
C GLY T 61 8.58 -1.01 -33.41
N VAL T 62 8.38 0.30 -33.61
CA VAL T 62 7.05 0.87 -33.87
C VAL T 62 6.65 0.64 -35.34
N PRO T 63 5.37 0.26 -35.60
CA PRO T 63 4.94 -0.02 -37.00
C PRO T 63 5.07 1.13 -38.02
N ALA T 64 5.13 0.73 -39.29
CA ALA T 64 5.38 1.61 -40.45
C ALA T 64 4.35 2.71 -40.63
N ARG T 65 3.10 2.38 -40.32
CA ARG T 65 1.95 3.24 -40.58
C ARG T 65 1.84 4.50 -39.69
N PHE T 66 2.54 4.51 -38.54
CA PHE T 66 2.65 5.72 -37.71
C PHE T 66 3.85 6.55 -38.19
N SER T 67 3.60 7.80 -38.57
CA SER T 67 4.65 8.73 -38.92
C SER T 67 4.33 10.08 -38.38
N GLY T 68 5.32 10.94 -38.20
CA GLY T 68 5.09 12.30 -37.73
C GLY T 68 5.76 13.38 -38.53
N SER T 69 5.26 14.60 -38.42
CA SER T 69 5.90 15.76 -39.04
C SER T 69 5.76 17.03 -38.23
N GLY T 70 6.55 18.03 -38.63
CA GLY T 70 6.50 19.36 -38.06
C GLY T 70 7.83 19.87 -37.48
N SER T 71 7.82 21.15 -37.16
CA SER T 71 8.91 21.80 -36.43
C SER T 71 8.40 23.09 -35.76
N GLY T 72 9.15 23.60 -34.79
CA GLY T 72 8.82 24.86 -34.15
C GLY T 72 7.62 24.70 -33.24
N THR T 73 6.45 25.19 -33.69
CA THR T 73 5.23 25.10 -32.87
C THR T 73 4.13 24.19 -33.41
N ASP T 74 4.18 23.77 -34.67
CA ASP T 74 3.10 22.98 -35.24
C ASP T 74 3.57 21.62 -35.67
N PHE T 75 2.89 20.58 -35.18
CA PHE T 75 3.27 19.20 -35.43
C PHE T 75 2.06 18.36 -35.72
N SER T 76 2.27 17.20 -36.29
CA SER T 76 1.18 16.25 -36.50
C SER T 76 1.63 14.79 -36.55
N LEU T 77 0.73 13.92 -36.08
CA LEU T 77 0.86 12.48 -36.18
C LEU T 77 -0.08 12.02 -37.30
N ILE T 78 0.42 11.19 -38.19
CA ILE T 78 -0.36 10.63 -39.29
C ILE T 78 -0.37 9.11 -39.16
N ILE T 79 -1.54 8.51 -39.36
CA ILE T 79 -1.71 7.06 -39.31
C ILE T 79 -2.29 6.64 -40.65
N HIS T 80 -1.57 5.80 -41.40
CA HIS T 80 -2.05 5.33 -42.70
C HIS T 80 -1.34 4.02 -43.10
N PRO T 81 -2.08 2.91 -43.31
CA PRO T 81 -3.54 2.80 -43.21
C PRO T 81 -4.02 2.51 -41.78
N VAL T 82 -5.17 3.08 -41.40
CA VAL T 82 -5.76 2.86 -40.07
C VAL T 82 -6.27 1.42 -39.94
N GLU T 83 -6.08 0.84 -38.75
CA GLU T 83 -6.47 -0.55 -38.45
C GLU T 83 -7.35 -0.62 -37.22
N GLU T 84 -8.11 -1.71 -37.09
CA GLU T 84 -9.00 -1.93 -35.94
C GLU T 84 -8.32 -1.66 -34.62
N ASP T 85 -7.10 -2.17 -34.51
CA ASP T 85 -6.31 -2.10 -33.29
C ASP T 85 -5.79 -0.70 -32.92
N ASP T 86 -5.84 0.22 -33.88
CA ASP T 86 -5.40 1.62 -33.66
C ASP T 86 -6.37 2.49 -32.85
N THR T 87 -7.54 1.98 -32.48
CA THR T 87 -8.47 2.69 -31.59
C THR T 87 -7.80 2.95 -30.25
N ALA T 88 -7.64 4.24 -29.91
CA ALA T 88 -6.88 4.66 -28.75
C ALA T 88 -6.92 6.18 -28.58
N VAL T 89 -6.29 6.66 -27.49
CA VAL T 89 -6.05 8.09 -27.30
C VAL T 89 -4.58 8.35 -27.59
N TYR T 90 -4.32 9.38 -28.40
CA TYR T 90 -2.95 9.74 -28.81
C TYR T 90 -2.55 11.06 -28.17
N PHE T 91 -1.40 11.07 -27.51
CA PHE T 91 -0.89 12.29 -26.84
C PHE T 91 0.38 12.76 -27.50
N CYS T 92 0.50 14.08 -27.69
CA CYS T 92 1.79 14.69 -28.00
C CYS T 92 2.46 15.11 -26.69
N GLN T 93 3.78 15.24 -26.72
CA GLN T 93 4.55 15.51 -25.51
C GLN T 93 5.87 16.17 -25.87
N GLN T 94 6.34 17.07 -25.00
CA GLN T 94 7.45 17.98 -25.32
C GLN T 94 8.56 17.82 -24.30
N SER T 95 9.77 17.51 -24.76
CA SER T 95 10.90 17.32 -23.86
C SER T 95 11.99 18.41 -24.03
N LYS T 96 11.65 19.57 -24.58
CA LYS T 96 12.63 20.63 -24.78
C LYS T 96 13.25 21.06 -23.46
N GLY T 97 12.43 21.20 -22.43
CA GLY T 97 12.95 21.48 -21.11
C GLY T 97 11.93 21.33 -20.02
N VAL T 98 12.43 21.33 -18.80
CA VAL T 98 11.63 21.12 -17.61
C VAL T 98 10.72 22.34 -17.34
N PRO T 99 9.42 22.17 -17.10
CA PRO T 99 8.73 20.89 -16.98
C PRO T 99 8.34 20.28 -18.31
N TYR T 100 8.46 18.97 -18.41
CA TYR T 100 8.04 18.23 -19.57
C TYR T 100 6.51 18.20 -19.53
N THR T 101 5.86 18.41 -20.67
CA THR T 101 4.41 18.57 -20.70
C THR T 101 3.77 17.75 -21.81
N PHE T 102 2.54 17.30 -21.54
CA PHE T 102 1.77 16.48 -22.47
C PHE T 102 0.58 17.28 -22.99
N GLY T 103 0.13 16.94 -24.20
CA GLY T 103 -1.13 17.43 -24.71
C GLY T 103 -2.33 16.80 -24.02
N GLY T 104 -3.52 17.28 -24.38
CA GLY T 104 -4.76 16.79 -23.77
C GLY T 104 -5.24 15.47 -24.33
N GLY T 105 -4.61 14.99 -25.38
CA GLY T 105 -4.98 13.75 -26.03
C GLY T 105 -6.07 13.90 -27.08
N THR T 106 -6.04 13.03 -28.09
CA THR T 106 -7.01 12.98 -29.18
C THR T 106 -7.49 11.53 -29.30
N LYS T 107 -8.80 11.34 -29.30
CA LYS T 107 -9.42 10.01 -29.33
C LYS T 107 -9.66 9.57 -30.78
N LEU T 108 -9.04 8.46 -31.18
CA LEU T 108 -9.32 7.89 -32.51
C LEU T 108 -10.32 6.76 -32.39
N GLU T 109 -11.39 6.88 -33.15
CA GLU T 109 -12.43 5.86 -33.25
C GLU T 109 -12.38 5.27 -34.67
N ILE T 110 -12.62 3.97 -34.78
CA ILE T 110 -12.66 3.28 -36.05
C ILE T 110 -14.10 3.12 -36.49
N LYS T 111 -14.40 3.55 -37.71
CA LYS T 111 -15.74 3.39 -38.28
C LYS T 111 -15.96 1.97 -38.74
N ARG T 112 -17.17 1.46 -38.50
CA ARG T 112 -17.60 0.15 -38.96
C ARG T 112 -19.10 0.15 -39.25
N ALA T 113 -19.59 -0.92 -39.85
CA ALA T 113 -21.01 -1.01 -40.15
C ALA T 113 -21.82 -1.02 -38.85
N ASP T 114 -23.02 -0.45 -38.90
CA ASP T 114 -23.92 -0.42 -37.74
C ASP T 114 -24.21 -1.84 -37.27
N ALA T 115 -24.43 -2.00 -35.97
CA ALA T 115 -24.70 -3.31 -35.37
C ALA T 115 -25.55 -3.16 -34.12
N ALA T 116 -26.66 -3.91 -34.05
CA ALA T 116 -27.56 -3.86 -32.91
C ALA T 116 -26.93 -4.59 -31.72
N PRO T 117 -27.30 -4.17 -30.49
CA PRO T 117 -26.75 -4.79 -29.30
C PRO T 117 -27.40 -6.14 -29.00
N THR T 118 -26.64 -7.04 -28.39
CA THR T 118 -27.18 -8.29 -27.85
C THR T 118 -27.49 -8.01 -26.38
N VAL T 119 -28.77 -8.04 -26.02
CA VAL T 119 -29.20 -7.65 -24.67
C VAL T 119 -29.46 -8.88 -23.78
N SER T 120 -28.83 -8.88 -22.60
CA SER T 120 -29.01 -9.93 -21.59
C SER T 120 -29.45 -9.28 -20.27
N ILE T 121 -30.43 -9.88 -19.59
CA ILE T 121 -30.94 -9.36 -18.31
C ILE T 121 -30.75 -10.38 -17.19
N PHE T 122 -30.41 -9.87 -16.00
CA PHE T 122 -29.98 -10.68 -14.85
C PHE T 122 -30.68 -10.24 -13.58
N PRO T 123 -31.51 -11.13 -12.98
CA PRO T 123 -32.06 -10.78 -11.67
C PRO T 123 -31.01 -10.72 -10.59
N PRO T 124 -31.36 -10.16 -9.42
CA PRO T 124 -30.44 -10.21 -8.31
C PRO T 124 -30.08 -11.65 -7.99
N SER T 125 -28.81 -11.88 -7.66
CA SER T 125 -28.33 -13.21 -7.28
C SER T 125 -28.84 -13.60 -5.90
N SER T 126 -28.90 -14.90 -5.64
CA SER T 126 -29.32 -15.43 -4.34
C SER T 126 -28.48 -14.86 -3.23
N GLU T 127 -27.18 -14.75 -3.49
CA GLU T 127 -26.24 -14.24 -2.49
C GLU T 127 -26.46 -12.78 -2.16
N GLN T 128 -26.78 -11.96 -3.15
CA GLN T 128 -27.07 -10.55 -2.89
C GLN T 128 -28.38 -10.35 -2.13
N LEU T 129 -29.39 -11.15 -2.45
CA LEU T 129 -30.70 -11.07 -1.80
C LEU T 129 -30.60 -11.48 -0.33
N THR T 130 -29.92 -12.58 -0.03
CA THR T 130 -29.72 -13.01 1.37
C THR T 130 -28.81 -12.06 2.17
N SER T 131 -28.04 -11.19 1.50
CA SER T 131 -27.27 -10.10 2.16
C SER T 131 -28.04 -8.80 2.41
N GLY T 132 -29.25 -8.68 1.85
CA GLY T 132 -30.11 -7.52 2.08
C GLY T 132 -30.04 -6.47 0.99
N GLY T 133 -29.44 -6.81 -0.16
CA GLY T 133 -29.38 -5.92 -1.31
C GLY T 133 -30.17 -6.49 -2.47
N ALA T 134 -30.29 -5.69 -3.53
CA ALA T 134 -30.92 -6.12 -4.76
C ALA T 134 -30.49 -5.23 -5.92
N SER T 135 -29.80 -5.82 -6.90
CA SER T 135 -29.37 -5.11 -8.12
C SER T 135 -29.83 -5.89 -9.36
N VAL T 136 -30.52 -5.22 -10.28
CA VAL T 136 -30.89 -5.83 -11.56
C VAL T 136 -29.98 -5.26 -12.63
N VAL T 137 -29.40 -6.14 -13.45
CA VAL T 137 -28.33 -5.81 -14.38
C VAL T 137 -28.70 -6.19 -15.82
N CYS T 138 -28.47 -5.24 -16.74
CA CYS T 138 -28.69 -5.45 -18.17
C CYS T 138 -27.37 -5.21 -18.91
N PHE T 139 -26.96 -6.18 -19.73
CA PHE T 139 -25.80 -6.02 -20.61
C PHE T 139 -26.26 -5.79 -22.03
N LEU T 140 -25.74 -4.73 -22.66
CA LEU T 140 -25.99 -4.42 -24.06
C LEU T 140 -24.65 -4.53 -24.77
N ASN T 141 -24.39 -5.65 -25.44
CA ASN T 141 -23.05 -5.96 -25.93
C ASN T 141 -22.88 -5.87 -27.47
N ASN T 142 -21.73 -5.32 -27.87
CA ASN T 142 -21.24 -5.35 -29.25
C ASN T 142 -22.13 -4.62 -30.23
N PHE T 143 -22.27 -3.31 -30.03
CA PHE T 143 -23.09 -2.47 -30.92
C PHE T 143 -22.29 -1.30 -31.48
N TYR T 144 -22.82 -0.70 -32.54
CA TYR T 144 -22.22 0.49 -33.15
C TYR T 144 -23.33 1.30 -33.82
N PRO T 145 -23.36 2.63 -33.68
CA PRO T 145 -22.37 3.46 -32.96
C PRO T 145 -22.62 3.51 -31.46
N LYS T 146 -21.75 4.23 -30.74
CA LYS T 146 -21.81 4.30 -29.29
C LYS T 146 -23.14 4.83 -28.73
N ASP T 147 -23.82 5.71 -29.48
CA ASP T 147 -25.09 6.30 -29.05
C ASP T 147 -26.17 5.25 -28.84
N ILE T 148 -26.64 5.13 -27.60
CA ILE T 148 -27.71 4.21 -27.27
C ILE T 148 -28.52 4.76 -26.09
N ASN T 149 -29.77 4.31 -25.98
CA ASN T 149 -30.66 4.70 -24.88
C ASN T 149 -31.20 3.44 -24.20
N VAL T 150 -31.27 3.47 -22.88
CA VAL T 150 -31.84 2.37 -22.11
C VAL T 150 -32.97 2.93 -21.24
N LYS T 151 -34.02 2.11 -21.08
CA LYS T 151 -35.19 2.48 -20.27
C LYS T 151 -35.57 1.31 -19.37
N TRP T 152 -35.70 1.57 -18.08
CA TRP T 152 -36.17 0.55 -17.13
C TRP T 152 -37.66 0.73 -16.85
N LYS T 153 -38.36 -0.40 -16.78
CA LYS T 153 -39.77 -0.44 -16.39
C LYS T 153 -39.93 -1.44 -15.24
N ILE T 154 -40.64 -1.04 -14.20
CA ILE T 154 -41.00 -1.94 -13.09
C ILE T 154 -42.53 -2.03 -13.04
N ASP T 155 -43.05 -3.21 -13.40
CA ASP T 155 -44.51 -3.45 -13.54
C ASP T 155 -45.14 -2.55 -14.62
N GLY T 156 -44.45 -2.40 -15.75
CA GLY T 156 -44.91 -1.56 -16.87
C GLY T 156 -44.74 -0.05 -16.69
N SER T 157 -44.11 0.37 -15.59
CA SER T 157 -44.06 1.75 -15.14
C SER T 157 -42.60 2.21 -15.19
N GLU T 158 -42.31 3.32 -15.88
CA GLU T 158 -40.91 3.74 -16.09
C GLU T 158 -40.21 4.11 -14.79
N ARG T 159 -38.92 3.78 -14.72
CA ARG T 159 -38.08 4.00 -13.53
C ARG T 159 -36.76 4.69 -13.91
N GLN T 160 -36.31 5.63 -13.08
CA GLN T 160 -35.06 6.37 -13.33
C GLN T 160 -34.04 6.39 -12.20
N ASN T 161 -34.48 6.46 -10.94
CA ASN T 161 -33.56 6.50 -9.80
C ASN T 161 -32.95 5.15 -9.51
N GLY T 162 -31.67 5.13 -9.16
CA GLY T 162 -30.93 3.90 -8.91
C GLY T 162 -30.29 3.26 -10.15
N VAL T 163 -30.39 3.92 -11.31
CA VAL T 163 -29.84 3.39 -12.57
C VAL T 163 -28.44 3.97 -12.80
N LEU T 164 -27.51 3.10 -13.18
CA LEU T 164 -26.14 3.49 -13.50
C LEU T 164 -25.63 2.76 -14.74
N ASN T 165 -25.11 3.56 -15.68
CA ASN T 165 -24.66 3.08 -16.99
C ASN T 165 -23.15 3.27 -17.17
N SER T 166 -22.49 2.24 -17.69
CA SER T 166 -21.05 2.25 -17.93
C SER T 166 -20.76 1.67 -19.32
N TRP T 167 -20.11 2.46 -20.18
CA TRP T 167 -19.73 2.04 -21.54
C TRP T 167 -18.28 1.58 -21.57
N THR T 168 -17.97 0.55 -22.36
CA THR T 168 -16.58 0.22 -22.63
C THR T 168 -16.00 1.25 -23.60
N ASP T 169 -14.67 1.32 -23.66
CA ASP T 169 -14.01 1.96 -24.80
C ASP T 169 -14.18 1.02 -25.98
N GLN T 170 -13.95 1.54 -27.18
CA GLN T 170 -14.14 0.76 -28.41
C GLN T 170 -13.27 -0.49 -28.41
N ASP T 171 -13.82 -1.59 -28.94
CA ASP T 171 -13.12 -2.87 -28.94
C ASP T 171 -12.00 -2.86 -29.95
N SER T 172 -10.83 -3.39 -29.56
CA SER T 172 -9.67 -3.46 -30.45
C SER T 172 -9.78 -4.48 -31.58
N LYS T 173 -10.69 -5.44 -31.45
CA LYS T 173 -10.85 -6.52 -32.45
C LYS T 173 -11.97 -6.23 -33.44
N ASP T 174 -13.16 -5.96 -32.93
CA ASP T 174 -14.37 -5.77 -33.78
C ASP T 174 -14.95 -4.37 -33.81
N SER T 175 -14.24 -3.39 -33.26
CA SER T 175 -14.65 -1.98 -33.37
C SER T 175 -16.04 -1.65 -32.82
N THR T 176 -16.55 -2.47 -31.91
CA THR T 176 -17.86 -2.22 -31.30
C THR T 176 -17.72 -1.64 -29.91
N TYR T 177 -18.85 -1.24 -29.36
CA TYR T 177 -18.98 -0.77 -28.00
C TYR T 177 -19.91 -1.71 -27.25
N SER T 178 -19.72 -1.81 -25.94
CA SER T 178 -20.61 -2.59 -25.07
C SER T 178 -20.96 -1.74 -23.85
N MET T 179 -22.03 -2.10 -23.16
CA MET T 179 -22.55 -1.27 -22.06
C MET T 179 -23.27 -2.08 -21.00
N SER T 180 -23.10 -1.68 -19.73
CA SER T 180 -23.86 -2.24 -18.61
C SER T 180 -24.76 -1.19 -17.99
N SER T 181 -26.02 -1.54 -17.77
CA SER T 181 -26.99 -0.70 -17.07
C SER T 181 -27.43 -1.46 -15.82
N THR T 182 -27.31 -0.81 -14.67
CA THR T 182 -27.53 -1.45 -13.36
C THR T 182 -28.55 -0.67 -12.53
N LEU T 183 -29.74 -1.23 -12.41
CA LEU T 183 -30.79 -0.72 -11.51
C LEU T 183 -30.56 -1.31 -10.12
N THR T 184 -30.28 -0.45 -9.15
CA THR T 184 -30.11 -0.90 -7.77
C THR T 184 -31.32 -0.39 -6.94
N LEU T 185 -31.88 -1.31 -6.15
CA LEU T 185 -33.03 -1.07 -5.30
C LEU T 185 -32.73 -1.61 -3.90
N THR T 186 -33.53 -1.19 -2.91
CA THR T 186 -33.57 -1.90 -1.63
C THR T 186 -34.21 -3.27 -1.88
N LYS T 187 -33.82 -4.27 -1.08
CA LYS T 187 -34.45 -5.59 -1.14
C LYS T 187 -35.97 -5.48 -0.90
N ASP T 188 -36.37 -4.64 0.06
CA ASP T 188 -37.79 -4.37 0.33
C ASP T 188 -38.58 -3.91 -0.89
N GLU T 189 -38.03 -2.98 -1.65
CA GLU T 189 -38.68 -2.49 -2.87
C GLU T 189 -38.63 -3.49 -4.03
N TYR T 190 -37.52 -4.23 -4.13
CA TYR T 190 -37.42 -5.30 -5.14
C TYR T 190 -38.56 -6.31 -4.96
N GLU T 191 -38.83 -6.69 -3.73
CA GLU T 191 -39.81 -7.75 -3.44
C GLU T 191 -41.27 -7.29 -3.50
N ARG T 192 -41.54 -5.98 -3.57
CA ARG T 192 -42.91 -5.49 -3.81
C ARG T 192 -43.36 -5.74 -5.24
N HIS T 193 -42.55 -5.28 -6.20
CA HIS T 193 -42.92 -5.34 -7.60
C HIS T 193 -42.53 -6.70 -8.17
N ASN T 194 -43.14 -7.10 -9.29
CA ASN T 194 -42.94 -8.44 -9.88
C ASN T 194 -42.21 -8.44 -11.25
N SER T 195 -42.62 -7.55 -12.15
CA SER T 195 -42.14 -7.53 -13.52
C SER T 195 -41.06 -6.47 -13.74
N TYR T 196 -39.85 -6.91 -14.09
CA TYR T 196 -38.72 -6.03 -14.36
C TYR T 196 -38.34 -6.11 -15.83
N THR T 197 -38.28 -4.95 -16.48
CA THR T 197 -38.02 -4.84 -17.92
C THR T 197 -36.90 -3.85 -18.23
N CYS T 198 -36.22 -4.10 -19.35
CA CYS T 198 -35.05 -3.37 -19.78
C CYS T 198 -35.13 -3.15 -21.30
N GLU T 199 -35.35 -1.89 -21.73
CA GLU T 199 -35.58 -1.55 -23.16
C GLU T 199 -34.41 -0.77 -23.77
N ALA T 200 -33.87 -1.28 -24.88
CA ALA T 200 -32.75 -0.67 -25.59
C ALA T 200 -33.25 -0.03 -26.89
N THR T 201 -33.23 1.30 -26.95
CA THR T 201 -33.48 2.02 -28.21
C THR T 201 -32.14 2.38 -28.84
N HIS T 202 -31.98 2.05 -30.11
CA HIS T 202 -30.72 2.20 -30.83
C HIS T 202 -30.97 2.52 -32.30
N LYS T 203 -30.03 3.22 -32.92
CA LYS T 203 -30.10 3.60 -34.34
C LYS T 203 -30.57 2.48 -35.30
N THR T 204 -30.14 1.26 -35.01
CA THR T 204 -30.33 0.08 -35.88
C THR T 204 -31.76 -0.37 -36.09
N SER T 205 -32.63 -0.08 -35.12
CA SER T 205 -34.06 -0.47 -35.20
C SER T 205 -34.93 0.65 -34.64
N THR T 206 -36.05 0.91 -35.29
CA THR T 206 -36.99 1.92 -34.79
C THR T 206 -37.62 1.48 -33.45
N SER T 207 -38.12 0.25 -33.39
CA SER T 207 -38.72 -0.28 -32.16
C SER T 207 -37.64 -0.94 -31.28
N PRO T 208 -37.77 -0.80 -29.94
CA PRO T 208 -36.70 -1.23 -29.05
C PRO T 208 -36.49 -2.75 -28.93
N ILE T 209 -35.32 -3.14 -28.44
CA ILE T 209 -35.03 -4.52 -28.05
C ILE T 209 -35.39 -4.61 -26.56
N VAL T 210 -36.37 -5.46 -26.25
CA VAL T 210 -36.92 -5.58 -24.89
C VAL T 210 -36.52 -6.94 -24.30
N LYS T 211 -36.02 -6.93 -23.07
CA LYS T 211 -35.71 -8.17 -22.32
C LYS T 211 -36.25 -8.06 -20.89
N SER T 212 -36.88 -9.13 -20.42
CA SER T 212 -37.71 -9.07 -19.22
C SER T 212 -37.71 -10.38 -18.41
N PHE T 213 -38.09 -10.26 -17.14
CA PHE T 213 -38.38 -11.43 -16.31
C PHE T 213 -39.40 -11.09 -15.22
N ASN T 214 -39.96 -12.13 -14.62
CA ASN T 214 -40.80 -11.98 -13.44
C ASN T 214 -40.13 -12.60 -12.23
N ARG T 215 -40.24 -11.92 -11.09
CA ARG T 215 -39.53 -12.30 -9.86
C ARG T 215 -39.83 -13.72 -9.37
N ASN T 216 -41.07 -14.17 -9.53
CA ASN T 216 -41.43 -15.54 -9.11
C ASN T 216 -41.07 -16.61 -10.12
N GLU T 217 -41.27 -16.33 -11.42
CA GLU T 217 -41.13 -17.34 -12.48
C GLU T 217 -39.67 -17.87 -12.67
N CYS T 218 -39.59 -19.01 -13.36
CA CYS T 218 -38.39 -19.85 -13.39
C CYS T 218 -38.50 -20.93 -14.51
N HYP U 21 20.68 8.46 -25.23
CA HYP U 21 19.75 7.53 -25.93
C HYP U 21 19.52 6.16 -25.30
O HYP U 21 18.39 5.67 -25.30
CB HYP U 21 20.28 7.39 -27.36
CG HYP U 21 21.53 8.30 -27.43
CD HYP U 21 21.85 8.81 -26.01
OD1 HYP U 21 21.21 9.38 -28.27
N GLY U 22 20.59 5.52 -24.80
CA GLY U 22 20.49 4.37 -23.88
C GLY U 22 20.59 4.82 -22.43
N GLU U 23 20.72 6.13 -22.24
CA GLU U 23 20.80 6.78 -20.94
C GLU U 23 19.56 7.71 -20.77
N ARG U 24 19.50 8.72 -21.64
CA ARG U 24 18.55 9.80 -21.58
C ARG U 24 17.23 9.45 -22.25
N GLY U 25 17.27 8.49 -23.17
CA GLY U 25 16.12 8.04 -23.94
C GLY U 25 16.01 8.82 -25.23
N GLU U 26 15.42 8.20 -26.24
CA GLU U 26 15.10 8.89 -27.49
C GLU U 26 14.09 10.07 -27.25
N THR U 27 13.23 9.93 -26.26
CA THR U 27 12.25 10.95 -25.87
C THR U 27 12.79 12.01 -24.91
N GLY U 28 14.03 11.85 -24.43
CA GLY U 28 14.64 12.81 -23.53
C GLY U 28 14.98 14.15 -24.16
N PRO U 29 15.44 15.12 -23.35
CA PRO U 29 15.70 16.47 -23.84
C PRO U 29 16.93 16.58 -24.74
N HYP U 30 16.90 17.50 -25.73
CA HYP U 30 18.11 17.67 -26.49
C HYP U 30 19.37 18.11 -25.83
O HYP U 30 19.30 18.90 -24.89
CB HYP U 30 17.75 17.92 -27.95
CG HYP U 30 16.24 18.09 -27.91
CD HYP U 30 15.80 18.10 -26.45
OD1 HYP U 30 15.61 17.00 -28.57
N GLY U 31 20.53 17.62 -26.27
CA GLY U 31 21.82 17.99 -25.69
C GLY U 31 22.98 17.80 -26.66
N PRO U 32 24.10 18.55 -26.47
CA PRO U 32 25.26 18.37 -27.36
C PRO U 32 26.22 17.28 -26.86
N GLU V 1 44.68 19.80 -50.32
CA GLU V 1 44.73 18.35 -50.07
C GLU V 1 45.28 17.60 -51.28
N VAL V 2 46.00 16.52 -51.01
CA VAL V 2 46.59 15.73 -52.08
C VAL V 2 45.52 14.85 -52.72
N LYS V 3 45.62 14.66 -54.03
CA LYS V 3 44.64 13.92 -54.82
C LYS V 3 45.34 13.23 -56.00
N LEU V 4 45.16 11.90 -56.13
CA LEU V 4 45.69 11.10 -57.24
C LEU V 4 44.58 10.32 -57.91
N GLU V 5 44.47 10.41 -59.23
CA GLU V 5 43.44 9.69 -59.98
C GLU V 5 43.99 8.93 -61.16
N GLU V 6 43.92 7.61 -61.06
CA GLU V 6 44.32 6.69 -62.13
C GLU V 6 43.20 6.61 -63.17
N SER V 7 43.57 6.23 -64.40
CA SER V 7 42.59 5.90 -65.43
C SER V 7 43.20 4.97 -66.48
N GLY V 8 42.32 4.29 -67.20
CA GLY V 8 42.72 3.50 -68.36
C GLY V 8 43.00 2.03 -68.10
N GLY V 9 42.46 1.49 -67.02
CA GLY V 9 42.45 0.04 -66.83
C GLY V 9 41.40 -0.63 -67.71
N GLY V 10 41.23 -1.93 -67.54
CA GLY V 10 40.16 -2.67 -68.23
C GLY V 10 40.67 -4.01 -68.72
N LEU V 11 40.02 -4.53 -69.76
CA LEU V 11 40.32 -5.85 -70.28
C LEU V 11 41.25 -5.77 -71.49
N VAL V 12 42.12 -6.77 -71.63
CA VAL V 12 42.98 -6.88 -72.81
C VAL V 12 43.43 -8.32 -73.05
N GLN V 13 43.67 -8.65 -74.31
CA GLN V 13 44.08 -9.99 -74.68
C GLN V 13 45.52 -10.22 -74.30
N PRO V 14 45.89 -11.47 -73.96
CA PRO V 14 47.32 -11.77 -73.76
C PRO V 14 48.14 -11.40 -74.98
N GLY V 15 49.26 -10.73 -74.75
CA GLY V 15 50.10 -10.18 -75.82
C GLY V 15 49.77 -8.75 -76.21
N GLY V 16 48.65 -8.22 -75.71
CA GLY V 16 48.18 -6.86 -76.07
C GLY V 16 48.82 -5.77 -75.21
N SER V 17 48.32 -4.55 -75.39
CA SER V 17 48.88 -3.36 -74.74
C SER V 17 47.85 -2.55 -74.02
N MET V 18 48.34 -1.64 -73.19
CA MET V 18 47.50 -0.79 -72.37
C MET V 18 48.36 0.35 -71.82
N LYS V 19 47.80 1.55 -71.79
CA LYS V 19 48.48 2.72 -71.21
C LYS V 19 47.64 3.23 -70.04
N LEU V 20 48.14 3.05 -68.83
CA LEU V 20 47.50 3.65 -67.65
C LEU V 20 47.98 5.08 -67.55
N SER V 21 47.18 5.94 -66.94
CA SER V 21 47.66 7.28 -66.61
C SER V 21 47.10 7.79 -65.29
N CYS V 22 47.82 8.74 -64.70
CA CYS V 22 47.63 9.22 -63.34
C CYS V 22 47.70 10.73 -63.27
N ALA V 23 46.64 11.36 -62.77
CA ALA V 23 46.62 12.81 -62.55
C ALA V 23 46.85 13.10 -61.06
N ALA V 24 47.77 14.00 -60.77
CA ALA V 24 48.07 14.38 -59.40
C ALA V 24 47.86 15.88 -59.21
N SER V 25 47.41 16.25 -58.02
CA SER V 25 47.39 17.65 -57.59
C SER V 25 47.62 17.74 -56.09
N GLY V 26 47.90 18.95 -55.58
CA GLY V 26 48.09 19.19 -54.16
C GLY V 26 49.50 19.13 -53.61
N PHE V 27 50.46 18.85 -54.46
CA PHE V 27 51.89 18.91 -54.12
C PHE V 27 52.66 19.34 -55.35
N THR V 28 53.88 19.82 -55.18
CA THR V 28 54.68 20.28 -56.30
C THR V 28 55.11 19.08 -57.14
N PHE V 29 54.43 18.89 -58.27
CA PHE V 29 54.54 17.66 -59.04
C PHE V 29 55.93 17.45 -59.61
N SER V 30 56.52 18.49 -60.22
CA SER V 30 57.82 18.33 -60.88
C SER V 30 58.95 17.99 -59.91
N ASP V 31 58.74 18.26 -58.61
CA ASP V 31 59.64 17.84 -57.52
C ASP V 31 59.47 16.38 -57.10
N ALA V 32 58.29 15.82 -57.31
CA ALA V 32 57.95 14.52 -56.72
C ALA V 32 58.50 13.34 -57.48
N TRP V 33 58.92 12.32 -56.74
CA TRP V 33 59.18 10.98 -57.28
C TRP V 33 57.85 10.25 -57.28
N MET V 34 57.52 9.60 -58.39
CA MET V 34 56.25 8.93 -58.56
C MET V 34 56.52 7.46 -58.87
N ASP V 35 55.66 6.59 -58.38
CA ASP V 35 55.76 5.16 -58.64
C ASP V 35 54.42 4.55 -59.05
N TRP V 36 54.47 3.36 -59.67
CA TRP V 36 53.30 2.48 -59.82
C TRP V 36 53.51 1.23 -58.97
N VAL V 37 52.48 0.83 -58.24
CA VAL V 37 52.45 -0.38 -57.41
C VAL V 37 51.21 -1.17 -57.80
N ARG V 38 51.31 -2.50 -57.85
CA ARG V 38 50.14 -3.33 -58.16
C ARG V 38 49.81 -4.33 -57.07
N GLN V 39 48.57 -4.80 -57.07
CA GLN V 39 48.09 -5.70 -56.03
C GLN V 39 47.24 -6.82 -56.63
N SER V 40 47.61 -8.05 -56.33
CA SER V 40 46.88 -9.24 -56.70
C SER V 40 46.70 -10.10 -55.46
N PRO V 41 45.72 -11.01 -55.46
CA PRO V 41 45.65 -12.02 -54.38
C PRO V 41 46.85 -12.97 -54.32
N GLU V 42 47.47 -13.25 -55.47
CA GLU V 42 48.57 -14.23 -55.55
C GLU V 42 49.89 -13.68 -55.03
N LYS V 43 50.26 -12.47 -55.45
CA LYS V 43 51.59 -11.90 -55.16
C LYS V 43 51.60 -10.70 -54.19
N GLY V 44 50.43 -10.27 -53.70
CA GLY V 44 50.35 -9.20 -52.73
C GLY V 44 50.67 -7.87 -53.37
N LEU V 45 51.29 -6.98 -52.62
CA LEU V 45 51.73 -5.67 -53.11
C LEU V 45 53.10 -5.79 -53.78
N GLU V 46 53.17 -5.48 -55.08
CA GLU V 46 54.40 -5.46 -55.86
C GLU V 46 54.68 -4.05 -56.33
N TRP V 47 55.85 -3.53 -55.98
CA TRP V 47 56.34 -2.34 -56.65
C TRP V 47 56.61 -2.71 -58.12
N VAL V 48 56.16 -1.85 -59.03
CA VAL V 48 56.27 -2.08 -60.46
C VAL V 48 57.32 -1.20 -61.13
N ALA V 49 57.22 0.11 -60.91
CA ALA V 49 58.10 1.08 -61.54
C ALA V 49 58.20 2.43 -60.83
N GLU V 50 59.36 3.09 -60.99
CA GLU V 50 59.69 4.37 -60.38
C GLU V 50 60.10 5.34 -61.48
N ILE V 51 59.71 6.61 -61.32
CA ILE V 51 60.30 7.71 -62.06
C ILE V 51 60.61 8.85 -61.08
N ARG V 52 61.85 9.35 -61.16
CA ARG V 52 62.32 10.37 -60.23
C ARG V 52 62.08 11.75 -60.81
N ASN V 53 62.45 12.76 -60.02
CA ASN V 53 62.20 14.14 -60.41
C ASN V 53 63.25 14.71 -61.37
N LYS V 54 63.02 15.95 -61.77
CA LYS V 54 63.89 16.69 -62.67
C LYS V 54 65.33 16.74 -62.17
N VAL V 55 65.50 16.94 -60.87
CA VAL V 55 66.85 17.01 -60.26
C VAL V 55 67.59 15.68 -60.40
N ASN V 56 66.87 14.55 -60.37
CA ASN V 56 67.48 13.21 -60.57
C ASN V 56 67.35 12.70 -62.00
N ASN V 57 67.31 13.61 -62.97
CA ASN V 57 67.31 13.28 -64.40
C ASN V 57 66.12 12.41 -64.86
N HIS V 58 64.99 12.50 -64.16
CA HIS V 58 63.83 11.66 -64.46
C HIS V 58 64.22 10.19 -64.56
N ALA V 59 65.07 9.74 -63.64
CA ALA V 59 65.60 8.38 -63.69
C ALA V 59 64.47 7.39 -63.50
N THR V 60 64.53 6.27 -64.22
CA THR V 60 63.52 5.23 -64.08
C THR V 60 64.11 3.95 -63.52
N ASN V 61 63.26 3.20 -62.83
CA ASN V 61 63.61 1.85 -62.36
C ASN V 61 62.39 0.95 -62.49
N TYR V 62 62.61 -0.34 -62.73
CA TYR V 62 61.52 -1.28 -62.89
C TYR V 62 61.76 -2.58 -62.11
N ALA V 63 60.67 -3.23 -61.72
CA ALA V 63 60.72 -4.59 -61.20
C ALA V 63 61.14 -5.57 -62.29
N GLU V 64 61.86 -6.60 -61.91
CA GLU V 64 62.42 -7.54 -62.88
C GLU V 64 61.35 -8.14 -63.81
N SER V 65 60.21 -8.54 -63.24
CA SER V 65 59.15 -9.18 -64.02
C SER V 65 58.52 -8.31 -65.11
N VAL V 66 58.70 -6.99 -65.06
CA VAL V 66 58.17 -6.10 -66.09
C VAL V 66 59.20 -5.41 -67.01
N LYS V 67 60.49 -5.53 -66.72
CA LYS V 67 61.54 -4.90 -67.55
C LYS V 67 61.42 -5.31 -69.01
N GLY V 68 61.59 -4.32 -69.90
CA GLY V 68 61.47 -4.55 -71.32
C GLY V 68 60.06 -4.49 -71.87
N ARG V 69 59.06 -4.67 -71.01
CA ARG V 69 57.64 -4.66 -71.40
C ARG V 69 56.91 -3.37 -70.96
N PHE V 70 57.21 -2.89 -69.74
CA PHE V 70 56.55 -1.72 -69.18
C PHE V 70 57.49 -0.51 -69.30
N THR V 71 56.91 0.68 -69.53
CA THR V 71 57.67 1.93 -69.56
C THR V 71 56.93 3.00 -68.77
N ILE V 72 57.63 3.65 -67.86
CA ILE V 72 57.05 4.71 -67.05
C ILE V 72 57.56 6.05 -67.58
N SER V 73 56.68 7.03 -67.63
CA SER V 73 57.05 8.39 -68.04
C SER V 73 56.17 9.41 -67.35
N ARG V 74 56.53 10.69 -67.48
CA ARG V 74 55.78 11.78 -66.88
C ARG V 74 55.74 12.98 -67.81
N ASP V 75 54.67 13.77 -67.70
CA ASP V 75 54.59 15.08 -68.32
C ASP V 75 54.48 16.07 -67.16
N ASP V 76 55.61 16.62 -66.75
CA ASP V 76 55.65 17.59 -65.66
C ASP V 76 54.78 18.83 -65.92
N SER V 77 54.57 19.20 -67.18
CA SER V 77 53.72 20.34 -67.50
C SER V 77 52.22 20.06 -67.23
N ARG V 78 51.77 18.82 -67.39
CA ARG V 78 50.35 18.43 -67.15
C ARG V 78 50.06 17.78 -65.77
N SER V 79 51.11 17.59 -64.96
CA SER V 79 51.06 16.84 -63.71
C SER V 79 50.50 15.44 -63.90
N VAL V 80 51.02 14.71 -64.88
CA VAL V 80 50.56 13.33 -65.15
C VAL V 80 51.72 12.34 -65.26
N VAL V 81 51.50 11.12 -64.77
CA VAL V 81 52.42 10.01 -64.93
C VAL V 81 51.71 8.96 -65.77
N TYR V 82 52.43 8.38 -66.73
CA TYR V 82 51.88 7.32 -67.56
C TYR V 82 52.60 6.00 -67.25
N LEU V 83 51.94 4.87 -67.50
CA LEU V 83 52.58 3.55 -67.53
C LEU V 83 52.12 2.79 -68.77
N GLN V 84 52.99 2.76 -69.78
CA GLN V 84 52.77 1.98 -71.02
C GLN V 84 53.12 0.53 -70.73
N MET V 85 52.22 -0.40 -71.01
CA MET V 85 52.41 -1.82 -70.76
C MET V 85 52.23 -2.58 -72.05
N ASN V 86 53.30 -3.23 -72.52
CA ASN V 86 53.26 -4.04 -73.75
C ASN V 86 53.44 -5.52 -73.46
N ASN V 87 52.96 -6.36 -74.38
CA ASN V 87 53.09 -7.80 -74.27
C ASN V 87 52.59 -8.35 -72.92
N LEU V 88 51.38 -7.94 -72.55
CA LEU V 88 50.78 -8.28 -71.26
C LEU V 88 50.47 -9.78 -71.14
N LYS V 89 50.56 -10.28 -69.91
CA LYS V 89 50.40 -11.69 -69.58
C LYS V 89 49.33 -11.85 -68.51
N PRO V 90 48.79 -13.08 -68.35
CA PRO V 90 47.77 -13.28 -67.32
C PRO V 90 48.19 -12.84 -65.92
N GLU V 91 49.45 -13.08 -65.55
CA GLU V 91 49.93 -12.72 -64.21
C GLU V 91 50.10 -11.21 -63.99
N ASP V 92 50.06 -10.41 -65.06
CA ASP V 92 50.03 -8.95 -64.89
C ASP V 92 48.69 -8.45 -64.35
N THR V 93 47.65 -9.29 -64.39
CA THR V 93 46.34 -8.96 -63.84
C THR V 93 46.41 -8.48 -62.39
N GLY V 94 45.72 -7.38 -62.11
CA GLY V 94 45.56 -6.87 -60.75
C GLY V 94 45.14 -5.41 -60.70
N ILE V 95 45.12 -4.85 -59.48
CA ILE V 95 44.78 -3.45 -59.23
C ILE V 95 46.08 -2.65 -59.27
N TYR V 96 46.11 -1.59 -60.09
CA TYR V 96 47.31 -0.77 -60.27
C TYR V 96 47.12 0.61 -59.61
N TYR V 97 47.94 0.87 -58.59
CA TYR V 97 47.94 2.14 -57.88
C TYR V 97 49.08 3.02 -58.36
N CYS V 98 48.76 4.31 -58.54
CA CYS V 98 49.73 5.37 -58.80
C CYS V 98 50.03 6.00 -57.45
N THR V 99 51.32 6.11 -57.11
CA THR V 99 51.75 6.68 -55.83
C THR V 99 52.62 7.92 -56.02
N GLY V 100 52.54 8.84 -55.07
CA GLY V 100 53.28 10.10 -55.12
C GLY V 100 54.15 10.27 -53.89
N LEU V 101 55.33 10.86 -54.09
CA LEU V 101 56.38 11.01 -53.08
C LEU V 101 56.78 9.63 -52.60
N THR V 102 57.30 8.85 -53.55
CA THR V 102 57.43 7.41 -53.42
C THR V 102 56.09 6.81 -52.95
N PHE V 103 55.94 6.42 -51.68
CA PHE V 103 54.67 5.82 -51.22
C PHE V 103 53.96 6.63 -50.13
N ASP V 104 54.17 7.95 -50.10
CA ASP V 104 53.52 8.79 -49.11
C ASP V 104 52.04 8.95 -49.41
N TYR V 105 51.71 9.06 -50.71
CA TYR V 105 50.35 9.27 -51.17
C TYR V 105 49.97 8.23 -52.24
N TRP V 106 48.73 7.73 -52.18
CA TRP V 106 48.24 6.66 -53.08
C TRP V 106 46.91 7.02 -53.77
N GLY V 107 46.77 6.66 -55.03
CA GLY V 107 45.49 6.77 -55.73
C GLY V 107 44.56 5.63 -55.36
N GLN V 108 43.31 5.72 -55.82
CA GLN V 108 42.28 4.73 -55.49
C GLN V 108 42.45 3.40 -56.22
N GLY V 109 43.22 3.42 -57.30
CA GLY V 109 43.57 2.24 -58.05
C GLY V 109 42.71 2.11 -59.29
N THR V 110 43.22 1.43 -60.30
CA THR V 110 42.45 1.07 -61.49
C THR V 110 42.73 -0.40 -61.78
N THR V 111 41.73 -1.15 -62.25
CA THR V 111 41.87 -2.61 -62.42
C THR V 111 42.26 -3.00 -63.84
N LEU V 112 43.25 -3.87 -63.97
CA LEU V 112 43.69 -4.42 -65.25
C LEU V 112 43.47 -5.93 -65.23
N THR V 113 42.77 -6.43 -66.24
CA THR V 113 42.47 -7.84 -66.38
C THR V 113 43.01 -8.30 -67.73
N VAL V 114 43.92 -9.27 -67.70
CA VAL V 114 44.48 -9.86 -68.89
C VAL V 114 43.88 -11.24 -69.08
N SER V 115 43.02 -11.35 -70.10
CA SER V 115 42.25 -12.57 -70.36
C SER V 115 41.75 -12.51 -71.80
N SER V 116 41.57 -13.68 -72.42
CA SER V 116 40.99 -13.76 -73.76
C SER V 116 39.48 -13.98 -73.69
N ALA V 117 38.94 -14.06 -72.47
CA ALA V 117 37.50 -13.95 -72.26
C ALA V 117 36.96 -12.61 -72.71
N LYS V 118 35.67 -12.57 -72.98
CA LYS V 118 35.01 -11.43 -73.61
C LYS V 118 34.32 -10.59 -72.55
N THR V 119 34.27 -9.30 -72.81
CA THR V 119 33.54 -8.39 -71.94
C THR V 119 32.05 -8.76 -71.98
N THR V 120 31.43 -8.82 -70.80
CA THR V 120 30.01 -9.14 -70.63
C THR V 120 29.42 -8.18 -69.60
N ALA V 121 28.34 -7.50 -69.97
CA ALA V 121 27.67 -6.57 -69.05
C ALA V 121 26.86 -7.35 -68.00
N PRO V 122 26.59 -6.74 -66.83
CA PRO V 122 25.81 -7.41 -65.78
C PRO V 122 24.31 -7.29 -65.97
N SER V 123 23.57 -8.29 -65.48
CA SER V 123 22.14 -8.15 -65.23
C SER V 123 21.98 -7.62 -63.80
N VAL V 124 21.05 -6.68 -63.59
CA VAL V 124 20.85 -6.07 -62.29
C VAL V 124 19.39 -6.23 -61.89
N TYR V 125 19.17 -6.91 -60.76
CA TYR V 125 17.85 -7.31 -60.35
C TYR V 125 17.55 -6.71 -58.99
N PRO V 126 16.41 -6.02 -58.84
CA PRO V 126 16.04 -5.49 -57.54
C PRO V 126 15.45 -6.57 -56.67
N LEU V 127 15.91 -6.67 -55.43
CA LEU V 127 15.40 -7.65 -54.49
C LEU V 127 14.54 -6.99 -53.41
N ALA V 128 13.22 -7.16 -53.53
CA ALA V 128 12.28 -6.66 -52.54
C ALA V 128 11.93 -7.75 -51.53
N PRO V 129 11.41 -7.37 -50.33
CA PRO V 129 11.07 -8.39 -49.33
C PRO V 129 9.94 -9.32 -49.78
N VAL V 130 9.77 -10.42 -49.01
CA VAL V 130 8.88 -11.52 -49.44
C VAL V 130 7.43 -11.04 -49.50
N SER V 137 10.19 -3.15 -37.38
CA SER V 137 10.31 -1.70 -37.43
C SER V 137 11.48 -1.21 -38.28
N SER V 138 12.37 -2.11 -38.72
CA SER V 138 13.26 -1.83 -39.84
C SER V 138 13.06 -2.90 -40.91
N VAL V 139 13.46 -2.58 -42.14
CA VAL V 139 13.29 -3.46 -43.30
C VAL V 139 14.56 -3.48 -44.15
N THR V 140 14.87 -4.64 -44.70
CA THR V 140 16.07 -4.85 -45.51
C THR V 140 15.70 -5.14 -46.97
N LEU V 141 16.26 -4.34 -47.87
CA LEU V 141 16.15 -4.51 -49.31
C LEU V 141 17.48 -5.02 -49.84
N GLY V 142 17.49 -5.44 -51.10
CA GLY V 142 18.68 -6.02 -51.71
C GLY V 142 18.81 -5.70 -53.18
N CYS V 143 19.96 -6.04 -53.74
CA CYS V 143 20.25 -5.81 -55.16
C CYS V 143 21.27 -6.82 -55.65
N LEU V 144 20.91 -7.58 -56.67
CA LEU V 144 21.75 -8.66 -57.20
C LEU V 144 22.33 -8.25 -58.55
N VAL V 145 23.65 -8.36 -58.68
CA VAL V 145 24.38 -8.06 -59.91
C VAL V 145 25.00 -9.36 -60.40
N LYS V 146 24.51 -9.88 -61.52
CA LYS V 146 24.86 -11.23 -61.97
C LYS V 146 25.44 -11.23 -63.39
N GLY V 147 26.47 -12.04 -63.59
CA GLY V 147 26.92 -12.41 -64.94
C GLY V 147 27.80 -11.40 -65.67
N TYR V 148 28.73 -10.77 -64.97
CA TYR V 148 29.60 -9.75 -65.59
C TYR V 148 31.06 -10.13 -65.62
N PHE V 149 31.78 -9.52 -66.56
CA PHE V 149 33.23 -9.71 -66.71
C PHE V 149 33.77 -8.57 -67.56
N PRO V 150 34.95 -8.00 -67.22
CA PRO V 150 35.73 -8.29 -66.03
C PRO V 150 35.26 -7.52 -64.82
N GLU V 151 36.03 -7.59 -63.74
CA GLU V 151 35.90 -6.68 -62.62
C GLU V 151 36.39 -5.28 -63.00
N PRO V 152 35.90 -4.21 -62.35
CA PRO V 152 34.90 -4.27 -61.28
C PRO V 152 33.58 -3.66 -61.71
N VAL V 153 32.60 -3.79 -60.82
CA VAL V 153 31.41 -2.93 -60.88
C VAL V 153 31.50 -2.03 -59.66
N THR V 154 30.72 -0.97 -59.71
CA THR V 154 30.56 -0.10 -58.56
C THR V 154 29.06 0.08 -58.32
N LEU V 155 28.66 -0.19 -57.08
CA LEU V 155 27.26 -0.21 -56.69
C LEU V 155 27.06 0.84 -55.60
N THR V 156 26.03 1.67 -55.76
CA THR V 156 25.60 2.63 -54.74
C THR V 156 24.10 2.56 -54.54
N TRP V 157 23.62 3.20 -53.47
CA TRP V 157 22.19 3.30 -53.17
C TRP V 157 21.78 4.77 -53.14
N ASN V 158 20.77 5.12 -53.95
CA ASN V 158 20.34 6.51 -54.19
C ASN V 158 21.52 7.42 -54.57
N SER V 159 22.32 6.92 -55.51
CA SER V 159 23.48 7.63 -56.09
C SER V 159 24.52 8.09 -55.06
N GLY V 160 24.67 7.32 -53.97
CA GLY V 160 25.59 7.68 -52.88
C GLY V 160 24.95 8.26 -51.63
N SER V 161 23.73 8.80 -51.74
CA SER V 161 23.00 9.42 -50.60
C SER V 161 22.82 8.50 -49.42
N LEU V 162 22.35 7.29 -49.70
CA LEU V 162 22.13 6.27 -48.69
C LEU V 162 23.38 5.39 -48.59
N SER V 163 24.22 5.68 -47.59
CA SER V 163 25.53 5.00 -47.45
C SER V 163 25.63 4.10 -46.21
N SER V 164 25.24 4.59 -45.04
CA SER V 164 25.28 3.76 -43.83
C SER V 164 24.09 2.78 -43.83
N GLY V 165 24.28 1.67 -43.13
CA GLY V 165 23.35 0.54 -43.16
C GLY V 165 23.40 -0.28 -44.43
N VAL V 166 24.50 -0.15 -45.20
CA VAL V 166 24.71 -0.87 -46.46
C VAL V 166 25.78 -1.93 -46.26
N HIS V 167 25.60 -3.10 -46.89
CA HIS V 167 26.63 -4.14 -46.94
C HIS V 167 26.73 -4.63 -48.37
N THR V 168 27.78 -4.24 -49.08
CA THR V 168 28.03 -4.72 -50.44
C THR V 168 29.09 -5.81 -50.35
N PHE V 169 28.76 -6.99 -50.85
CA PHE V 169 29.61 -8.17 -50.63
C PHE V 169 30.62 -8.38 -51.75
N PRO V 170 31.77 -8.99 -51.43
CA PRO V 170 32.79 -9.23 -52.46
C PRO V 170 32.28 -10.08 -53.59
N ALA V 171 32.68 -9.73 -54.81
CA ALA V 171 32.33 -10.51 -55.99
C ALA V 171 32.89 -11.93 -55.93
N LEU V 172 32.19 -12.87 -56.57
CA LEU V 172 32.69 -14.23 -56.72
C LEU V 172 32.54 -14.72 -58.15
N LEU V 173 33.44 -15.62 -58.51
CA LEU V 173 33.52 -16.13 -59.85
C LEU V 173 32.54 -17.32 -59.94
N LEU V 174 31.52 -17.21 -60.81
CA LEU V 174 30.51 -18.27 -61.05
C LEU V 174 30.73 -18.81 -62.49
N SER V 175 31.68 -19.74 -62.60
CA SER V 175 32.10 -20.36 -63.88
C SER V 175 32.42 -19.34 -64.98
N GLY V 176 33.41 -18.48 -64.72
CA GLY V 176 33.86 -17.48 -65.70
C GLY V 176 33.19 -16.12 -65.66
N LEU V 177 32.09 -15.97 -64.92
CA LEU V 177 31.38 -14.70 -64.80
C LEU V 177 31.19 -14.34 -63.32
N TYR V 178 31.28 -13.04 -63.02
CA TYR V 178 31.24 -12.56 -61.63
C TYR V 178 29.82 -12.25 -61.14
N THR V 179 29.52 -12.59 -59.88
CA THR V 179 28.26 -12.22 -59.23
C THR V 179 28.55 -11.48 -57.92
N LEU V 180 27.85 -10.39 -57.66
CA LEU V 180 27.82 -9.81 -56.30
C LEU V 180 26.45 -9.29 -55.95
N SER V 181 26.20 -9.13 -54.66
CA SER V 181 24.95 -8.57 -54.14
C SER V 181 25.25 -7.48 -53.12
N SER V 182 24.26 -6.61 -52.86
CA SER V 182 24.34 -5.63 -51.76
C SER V 182 23.00 -5.55 -51.04
N SER V 183 23.05 -5.47 -49.70
CA SER V 183 21.86 -5.25 -48.87
C SER V 183 21.90 -3.84 -48.31
N VAL V 184 20.73 -3.25 -48.10
CA VAL V 184 20.62 -1.97 -47.41
C VAL V 184 19.46 -2.08 -46.41
N THR V 185 19.61 -1.48 -45.23
CA THR V 185 18.59 -1.53 -44.18
C THR V 185 18.17 -0.12 -43.76
N VAL V 186 16.87 0.17 -43.84
CA VAL V 186 16.29 1.45 -43.40
C VAL V 186 15.14 1.17 -42.42
N THR V 187 14.61 2.23 -41.81
CA THR V 187 13.45 2.11 -40.94
C THR V 187 12.18 1.98 -41.81
N SER V 188 11.19 1.23 -41.33
CA SER V 188 9.98 0.90 -42.11
C SER V 188 9.14 2.09 -42.59
N ASN V 189 9.34 3.29 -42.02
CA ASN V 189 8.71 4.51 -42.55
C ASN V 189 9.31 4.98 -43.86
N THR V 190 10.64 4.89 -43.96
CA THR V 190 11.38 5.30 -45.17
C THR V 190 10.87 4.59 -46.43
N TRP V 191 10.68 3.27 -46.33
CA TRP V 191 10.31 2.46 -47.49
C TRP V 191 9.04 1.62 -47.20
N PRO V 192 8.06 1.62 -48.11
CA PRO V 192 8.15 2.18 -49.49
C PRO V 192 7.83 3.69 -49.73
N SER V 193 7.56 4.47 -48.67
CA SER V 193 7.19 5.91 -48.80
C SER V 193 8.11 6.69 -49.73
N GLN V 194 9.40 6.61 -49.44
CA GLN V 194 10.44 7.17 -50.29
C GLN V 194 11.02 6.07 -51.13
N THR V 195 11.33 6.38 -52.38
CA THR V 195 11.82 5.40 -53.33
C THR V 195 13.34 5.17 -53.11
N ILE V 196 13.76 3.91 -53.20
CA ILE V 196 15.14 3.50 -53.01
C ILE V 196 15.62 2.80 -54.27
N THR V 197 16.77 3.22 -54.79
CA THR V 197 17.25 2.80 -56.12
C THR V 197 18.69 2.29 -56.07
N CYS V 198 18.89 1.08 -56.57
CA CYS V 198 20.24 0.48 -56.69
C CYS V 198 20.90 1.00 -57.96
N ASN V 199 22.08 1.59 -57.86
CA ASN V 199 22.82 2.12 -59.04
C ASN V 199 24.07 1.27 -59.28
N VAL V 200 24.16 0.65 -60.45
CA VAL V 200 25.31 -0.18 -60.81
C VAL V 200 26.00 0.40 -62.05
N ALA V 201 27.31 0.53 -61.96
CA ALA V 201 28.13 0.93 -63.11
C ALA V 201 29.11 -0.19 -63.43
N HIS V 202 29.26 -0.50 -64.72
CA HIS V 202 30.27 -1.44 -65.21
C HIS V 202 31.01 -0.73 -66.33
N PRO V 203 32.11 -0.03 -65.98
CA PRO V 203 32.87 0.77 -66.96
C PRO V 203 33.30 -0.02 -68.19
N ALA V 204 33.73 -1.26 -67.98
CA ALA V 204 34.21 -2.14 -69.05
C ALA V 204 33.23 -2.33 -70.21
N SER V 205 31.92 -2.29 -69.95
CA SER V 205 30.90 -2.41 -71.00
C SER V 205 30.05 -1.14 -71.19
N SER V 206 30.51 0.01 -70.67
CA SER V 206 29.76 1.28 -70.71
C SER V 206 28.34 1.18 -70.18
N THR V 207 28.14 0.37 -69.15
CA THR V 207 26.82 0.09 -68.55
C THR V 207 26.63 0.98 -67.33
N LYS V 208 25.53 1.73 -67.31
CA LYS V 208 25.05 2.41 -66.10
C LYS V 208 23.57 2.09 -65.99
N VAL V 209 23.21 1.43 -64.89
CA VAL V 209 21.85 0.95 -64.70
C VAL V 209 21.35 1.43 -63.33
N ASP V 210 20.08 1.80 -63.28
CA ASP V 210 19.39 2.20 -62.06
C ASP V 210 18.19 1.29 -61.92
N LYS V 211 18.07 0.58 -60.80
CA LYS V 211 16.90 -0.28 -60.53
C LYS V 211 16.19 0.12 -59.25
N LYS V 212 14.97 0.64 -59.41
CA LYS V 212 14.11 0.99 -58.30
C LYS V 212 13.61 -0.28 -57.59
N ILE V 213 13.60 -0.27 -56.25
CA ILE V 213 13.12 -1.40 -55.46
C ILE V 213 11.61 -1.28 -55.22
N GLU V 214 10.82 -2.05 -55.98
CA GLU V 214 9.36 -2.02 -55.91
C GLU V 214 8.87 -3.16 -55.00
N PRO V 215 7.81 -2.94 -54.18
CA PRO V 215 7.28 -4.08 -53.43
C PRO V 215 6.61 -5.11 -54.36
N ARG V 216 6.59 -6.37 -53.93
CA ARG V 216 6.05 -7.46 -54.75
C ARG V 216 4.51 -7.49 -54.70
N GLY V 217 3.87 -7.50 -55.87
CA GLY V 217 2.41 -7.70 -55.95
C GLY V 217 2.16 -9.18 -56.22
N PRO V 218 1.12 -9.78 -55.60
CA PRO V 218 0.73 -11.16 -55.99
C PRO V 218 0.23 -11.27 -57.45
N ASP W 1 67.17 -9.24 -53.98
CA ASP W 1 65.92 -8.70 -53.40
C ASP W 1 65.90 -8.95 -51.91
N ILE W 2 65.41 -7.97 -51.16
CA ILE W 2 65.16 -8.12 -49.75
C ILE W 2 63.74 -8.65 -49.59
N VAL W 3 63.60 -9.74 -48.85
CA VAL W 3 62.32 -10.39 -48.63
C VAL W 3 61.86 -10.09 -47.22
N LEU W 4 60.66 -9.52 -47.09
CA LEU W 4 60.10 -9.20 -45.78
C LEU W 4 59.05 -10.24 -45.38
N THR W 5 59.18 -10.78 -44.17
CA THR W 5 58.30 -11.83 -43.68
C THR W 5 57.61 -11.34 -42.41
N GLN W 6 56.29 -11.27 -42.45
CA GLN W 6 55.53 -10.79 -41.30
C GLN W 6 55.03 -11.91 -40.44
N SER W 7 54.81 -11.61 -39.18
CA SER W 7 54.10 -12.51 -38.29
C SER W 7 53.46 -11.67 -37.18
N PRO W 8 52.36 -12.14 -36.61
CA PRO W 8 51.62 -13.28 -37.08
C PRO W 8 50.83 -12.93 -38.36
N ALA W 9 50.20 -13.95 -38.96
CA ALA W 9 49.39 -13.72 -40.15
C ALA W 9 48.15 -12.93 -39.82
N SER W 10 47.53 -13.26 -38.68
CA SER W 10 46.40 -12.49 -38.14
C SER W 10 46.33 -12.62 -36.65
N LEU W 11 45.45 -11.83 -36.04
CA LEU W 11 45.51 -11.55 -34.62
C LEU W 11 44.22 -10.85 -34.19
N ALA W 12 43.70 -11.23 -33.02
CA ALA W 12 42.45 -10.67 -32.49
C ALA W 12 42.64 -10.03 -31.09
N VAL W 13 42.39 -8.73 -31.02
CA VAL W 13 42.71 -7.89 -29.86
C VAL W 13 41.46 -7.18 -29.35
N SER W 14 41.32 -7.04 -28.02
CA SER W 14 40.19 -6.31 -27.43
C SER W 14 40.42 -4.80 -27.48
N LEU W 15 39.33 -4.02 -27.53
CA LEU W 15 39.41 -2.57 -27.48
C LEU W 15 40.20 -2.14 -26.26
N GLY W 16 41.15 -1.24 -26.43
CA GLY W 16 41.97 -0.75 -25.32
C GLY W 16 43.27 -1.49 -25.07
N GLN W 17 43.39 -2.72 -25.57
CA GLN W 17 44.61 -3.52 -25.46
C GLN W 17 45.68 -3.12 -26.50
N ARG W 18 46.82 -3.79 -26.46
CA ARG W 18 47.95 -3.58 -27.38
C ARG W 18 48.03 -4.70 -28.41
N ALA W 19 48.31 -4.32 -29.66
CA ALA W 19 48.59 -5.25 -30.74
C ALA W 19 50.04 -5.07 -31.16
N THR W 20 50.72 -6.18 -31.40
CA THR W 20 52.14 -6.15 -31.76
C THR W 20 52.31 -7.00 -33.00
N ILE W 21 52.82 -6.40 -34.07
CA ILE W 21 53.00 -7.06 -35.34
C ILE W 21 54.48 -6.98 -35.70
N SER W 22 55.05 -8.10 -36.14
CA SER W 22 56.48 -8.19 -36.48
C SER W 22 56.74 -8.25 -37.97
N CYS W 23 57.96 -7.89 -38.34
CA CYS W 23 58.44 -7.92 -39.71
C CYS W 23 59.94 -8.21 -39.71
N ARG W 24 60.33 -9.26 -40.44
CA ARG W 24 61.71 -9.71 -40.51
C ARG W 24 62.22 -9.62 -41.92
N ALA W 25 63.38 -9.00 -42.10
CA ALA W 25 64.02 -8.85 -43.41
C ALA W 25 65.08 -9.93 -43.62
N SER W 26 65.21 -10.37 -44.87
CA SER W 26 66.17 -11.42 -45.24
C SER W 26 67.61 -10.93 -45.15
N GLU W 27 67.79 -9.62 -45.30
CA GLU W 27 69.06 -8.97 -44.99
C GLU W 27 68.78 -7.55 -44.48
N SER W 28 69.80 -6.91 -43.94
CA SER W 28 69.66 -5.59 -43.31
C SER W 28 69.09 -4.54 -44.26
N VAL W 29 68.14 -3.75 -43.74
CA VAL W 29 67.58 -2.59 -44.43
C VAL W 29 68.21 -1.28 -43.97
N ASP W 30 69.26 -1.35 -43.14
CA ASP W 30 69.99 -0.15 -42.72
C ASP W 30 70.79 0.42 -43.88
N ASN W 31 70.75 1.75 -44.00
CA ASN W 31 71.58 2.47 -44.97
C ASN W 31 71.65 3.94 -44.57
N TYR W 32 72.86 4.50 -44.59
CA TYR W 32 73.12 5.86 -44.10
C TYR W 32 72.66 6.04 -42.63
N GLY W 33 72.85 5.00 -41.81
CA GLY W 33 72.48 5.02 -40.40
C GLY W 33 70.99 5.04 -40.09
N ILE W 34 70.16 4.82 -41.09
CA ILE W 34 68.70 4.86 -40.98
C ILE W 34 68.16 3.52 -41.43
N SER W 35 67.26 2.95 -40.64
CA SER W 35 66.60 1.71 -41.01
C SER W 35 65.44 2.03 -41.93
N SER W 36 65.58 1.70 -43.21
CA SER W 36 64.55 1.99 -44.20
C SER W 36 63.42 0.98 -44.11
N MET W 37 62.53 1.20 -43.14
CA MET W 37 61.39 0.35 -42.86
C MET W 37 60.14 1.20 -42.65
N ASN W 38 59.10 0.93 -43.45
CA ASN W 38 57.85 1.69 -43.41
C ASN W 38 56.68 0.78 -43.13
N TRP W 39 55.61 1.33 -42.56
CA TRP W 39 54.39 0.57 -42.29
C TRP W 39 53.17 1.24 -42.90
N PHE W 40 52.27 0.42 -43.44
CA PHE W 40 51.06 0.89 -44.07
C PHE W 40 49.84 0.18 -43.51
N GLN W 41 48.70 0.87 -43.55
CA GLN W 41 47.41 0.33 -43.14
C GLN W 41 46.50 0.25 -44.35
N GLN W 42 45.94 -0.92 -44.62
CA GLN W 42 44.97 -1.06 -45.69
C GLN W 42 43.63 -1.50 -45.12
N LYS W 43 42.67 -0.57 -45.09
CA LYS W 43 41.29 -0.90 -44.76
C LYS W 43 40.65 -1.52 -45.99
N ALA W 44 39.45 -2.06 -45.80
CA ALA W 44 38.75 -2.76 -46.88
C ALA W 44 38.33 -1.83 -48.02
N GLY W 45 38.65 -2.23 -49.25
CA GLY W 45 38.28 -1.47 -50.46
C GLY W 45 39.05 -0.17 -50.66
N GLN W 46 40.26 -0.12 -50.09
CA GLN W 46 41.02 1.11 -49.96
C GLN W 46 42.45 0.88 -50.41
N PRO W 47 43.12 1.97 -50.80
CA PRO W 47 44.56 1.87 -50.99
C PRO W 47 45.25 1.75 -49.64
N PRO W 48 46.51 1.33 -49.63
CA PRO W 48 47.28 1.42 -48.40
C PRO W 48 47.50 2.86 -47.95
N LYS W 49 47.58 3.05 -46.64
CA LYS W 49 47.79 4.35 -46.04
C LYS W 49 49.08 4.34 -45.27
N PHE W 50 49.82 5.42 -45.38
CA PHE W 50 51.18 5.50 -44.87
C PHE W 50 51.11 5.89 -43.39
N LEU W 51 51.78 5.09 -42.54
CA LEU W 51 51.76 5.29 -41.08
C LEU W 51 53.11 5.64 -40.47
N ILE W 52 54.11 4.79 -40.70
CA ILE W 52 55.43 4.92 -40.06
C ILE W 52 56.50 4.91 -41.14
N TYR W 53 57.57 5.68 -40.91
CA TYR W 53 58.79 5.63 -41.73
C TYR W 53 60.03 5.60 -40.87
N ALA W 54 61.16 5.27 -41.49
CA ALA W 54 62.43 5.16 -40.79
C ALA W 54 62.31 4.32 -39.51
N ALA W 55 61.56 3.21 -39.61
CA ALA W 55 61.33 2.25 -38.51
C ALA W 55 60.45 2.73 -37.34
N SER W 56 60.74 3.92 -36.81
CA SER W 56 60.11 4.42 -35.59
C SER W 56 59.41 5.79 -35.70
N LYS W 57 59.49 6.46 -36.85
CA LYS W 57 59.01 7.82 -36.96
C LYS W 57 57.62 7.86 -37.58
N GLN W 58 56.72 8.63 -37.00
CA GLN W 58 55.32 8.65 -37.45
C GLN W 58 55.15 9.54 -38.65
N GLY W 59 54.32 9.10 -39.58
CA GLY W 59 53.99 9.87 -40.77
C GLY W 59 53.24 11.13 -40.37
N SER W 60 53.32 12.14 -41.23
CA SER W 60 52.70 13.43 -40.97
C SER W 60 51.17 13.26 -40.78
N GLY W 61 50.66 13.71 -39.64
CA GLY W 61 49.23 13.58 -39.30
C GLY W 61 48.73 12.24 -38.74
N VAL W 62 49.62 11.25 -38.59
CA VAL W 62 49.25 9.89 -38.17
C VAL W 62 49.02 9.86 -36.65
N PRO W 63 47.95 9.16 -36.16
CA PRO W 63 47.65 9.16 -34.71
C PRO W 63 48.74 8.61 -33.77
N ALA W 64 48.66 9.03 -32.51
CA ALA W 64 49.64 8.75 -31.45
C ALA W 64 49.83 7.26 -31.15
N ARG W 65 48.74 6.52 -31.25
CA ARG W 65 48.69 5.12 -30.87
C ARG W 65 49.46 4.14 -31.78
N PHE W 66 49.77 4.55 -33.02
CA PHE W 66 50.65 3.77 -33.90
C PHE W 66 52.10 4.18 -33.66
N SER W 67 52.95 3.24 -33.28
CA SER W 67 54.38 3.49 -33.13
C SER W 67 55.13 2.30 -33.68
N GLY W 68 56.39 2.50 -34.04
CA GLY W 68 57.22 1.42 -34.55
C GLY W 68 58.58 1.33 -33.88
N SER W 69 59.20 0.15 -33.96
CA SER W 69 60.56 -0.03 -33.49
C SER W 69 61.34 -1.04 -34.29
N GLY W 70 62.65 -1.05 -34.07
CA GLY W 70 63.59 -2.00 -34.65
C GLY W 70 64.73 -1.37 -35.45
N SER W 71 65.67 -2.23 -35.82
CA SER W 71 66.75 -1.89 -36.73
C SER W 71 67.34 -3.19 -37.34
N GLY W 72 68.07 -3.04 -38.43
CA GLY W 72 68.76 -4.16 -39.06
C GLY W 72 67.76 -5.06 -39.77
N THR W 73 67.45 -6.21 -39.16
CA THR W 73 66.52 -7.17 -39.76
C THR W 73 65.20 -7.37 -39.04
N ASP W 74 65.06 -6.94 -37.78
CA ASP W 74 63.84 -7.21 -37.02
C ASP W 74 63.15 -5.92 -36.61
N PHE W 75 61.87 -5.82 -36.96
CA PHE W 75 61.08 -4.61 -36.72
C PHE W 75 59.72 -4.98 -36.22
N SER W 76 59.03 -4.00 -35.64
CA SER W 76 57.64 -4.20 -35.24
C SER W 76 56.82 -2.93 -35.19
N LEU W 77 55.52 -3.10 -35.48
CA LEU W 77 54.50 -2.09 -35.35
C LEU W 77 53.71 -2.40 -34.09
N ILE W 78 53.50 -1.39 -33.25
CA ILE W 78 52.72 -1.52 -32.02
C ILE W 78 51.52 -0.57 -32.11
N ILE W 79 50.35 -1.06 -31.72
CA ILE W 79 49.13 -0.25 -31.69
C ILE W 79 48.60 -0.28 -30.27
N HIS W 80 48.52 0.87 -29.61
CA HIS W 80 48.02 0.94 -28.23
C HIS W 80 47.52 2.36 -27.90
N PRO W 81 46.23 2.54 -27.54
CA PRO W 81 45.20 1.49 -27.42
C PRO W 81 44.50 1.18 -28.73
N VAL W 82 44.16 -0.08 -28.95
CA VAL W 82 43.44 -0.52 -30.16
C VAL W 82 42.00 0.01 -30.17
N GLU W 83 41.53 0.42 -31.35
CA GLU W 83 40.18 0.98 -31.52
C GLU W 83 39.42 0.25 -32.61
N GLU W 84 38.09 0.37 -32.59
CA GLU W 84 37.20 -0.27 -33.58
C GLU W 84 37.69 -0.06 -35.00
N ASP W 85 38.06 1.19 -35.29
CA ASP W 85 38.47 1.63 -36.62
C ASP W 85 39.81 1.06 -37.11
N ASP W 86 40.60 0.52 -36.19
CA ASP W 86 41.91 -0.06 -36.51
C ASP W 86 41.87 -1.45 -37.18
N THR W 87 40.68 -2.05 -37.35
CA THR W 87 40.53 -3.29 -38.11
C THR W 87 40.99 -3.09 -39.55
N ALA W 88 42.01 -3.83 -39.95
CA ALA W 88 42.67 -3.65 -41.25
C ALA W 88 43.79 -4.67 -41.45
N VAL W 89 44.41 -4.61 -42.63
CA VAL W 89 45.64 -5.35 -42.91
C VAL W 89 46.81 -4.38 -42.86
N TYR W 90 47.86 -4.75 -42.13
CA TYR W 90 49.05 -3.91 -41.95
C TYR W 90 50.23 -4.51 -42.70
N PHE W 91 50.89 -3.71 -43.53
CA PHE W 91 52.05 -4.16 -44.29
C PHE W 91 53.31 -3.45 -43.87
N CYS W 92 54.41 -4.18 -43.74
CA CYS W 92 55.74 -3.56 -43.66
C CYS W 92 56.32 -3.47 -45.06
N GLN W 93 57.24 -2.54 -45.26
CA GLN W 93 57.79 -2.26 -46.58
C GLN W 93 59.17 -1.63 -46.47
N GLN W 94 60.04 -1.94 -47.42
CA GLN W 94 61.49 -1.67 -47.31
C GLN W 94 61.94 -0.82 -48.49
N SER W 95 62.51 0.34 -48.23
CA SER W 95 62.98 1.24 -49.29
C SER W 95 64.51 1.38 -49.33
N LYS W 96 65.25 0.43 -48.78
CA LYS W 96 66.71 0.51 -48.78
C LYS W 96 67.27 0.57 -50.18
N GLY W 97 66.72 -0.24 -51.08
CA GLY W 97 67.09 -0.14 -52.48
C GLY W 97 66.13 -0.87 -53.38
N VAL W 98 66.30 -0.62 -54.67
CA VAL W 98 65.50 -1.22 -55.70
C VAL W 98 65.84 -2.71 -55.86
N PRO W 99 64.87 -3.62 -55.89
CA PRO W 99 63.42 -3.34 -55.86
C PRO W 99 62.88 -3.13 -54.46
N TYR W 100 61.95 -2.20 -54.35
CA TYR W 100 61.27 -1.94 -53.08
C TYR W 100 60.29 -3.09 -52.89
N THR W 101 60.21 -3.61 -51.67
CA THR W 101 59.42 -4.81 -51.41
C THR W 101 58.54 -4.67 -50.18
N PHE W 102 57.39 -5.35 -50.23
CA PHE W 102 56.39 -5.31 -49.17
C PHE W 102 56.33 -6.67 -48.48
N GLY W 103 55.93 -6.66 -47.21
CA GLY W 103 55.58 -7.89 -46.51
C GLY W 103 54.27 -8.46 -46.97
N GLY W 104 53.92 -9.64 -46.44
CA GLY W 104 52.69 -10.34 -46.82
C GLY W 104 51.44 -9.78 -46.18
N GLY W 105 51.61 -8.88 -45.23
CA GLY W 105 50.49 -8.31 -44.48
C GLY W 105 50.07 -9.12 -43.28
N THR W 106 49.54 -8.43 -42.27
CA THR W 106 49.03 -9.02 -41.03
C THR W 106 47.64 -8.45 -40.79
N LYS W 107 46.66 -9.32 -40.57
CA LYS W 107 45.26 -8.94 -40.40
C LYS W 107 44.95 -8.69 -38.93
N LEU W 108 44.53 -7.46 -38.59
CA LEU W 108 44.07 -7.18 -37.24
C LEU W 108 42.56 -7.24 -37.16
N GLU W 109 42.07 -8.05 -36.24
CA GLU W 109 40.65 -8.17 -35.94
C GLU W 109 40.41 -7.62 -34.54
N ILE W 110 39.27 -6.95 -34.36
CA ILE W 110 38.87 -6.40 -33.07
C ILE W 110 37.89 -7.34 -32.40
N LYS W 111 38.17 -7.71 -31.16
CA LYS W 111 37.27 -8.57 -30.38
C LYS W 111 36.08 -7.76 -29.86
N ARG W 112 34.90 -8.36 -29.89
CA ARG W 112 33.68 -7.78 -29.34
C ARG W 112 32.76 -8.86 -28.81
N ALA W 113 31.70 -8.46 -28.10
CA ALA W 113 30.74 -9.40 -27.58
C ALA W 113 30.05 -10.17 -28.72
N ASP W 114 29.72 -11.42 -28.47
CA ASP W 114 29.02 -12.25 -29.48
C ASP W 114 27.70 -11.58 -29.89
N ALA W 115 27.31 -11.80 -31.14
CA ALA W 115 26.07 -11.22 -31.67
C ALA W 115 25.50 -12.10 -32.77
N ALA W 116 24.22 -12.46 -32.64
CA ALA W 116 23.54 -13.31 -33.64
C ALA W 116 23.25 -12.52 -34.91
N PRO W 117 23.20 -13.19 -36.06
CA PRO W 117 22.92 -12.52 -37.32
C PRO W 117 21.46 -12.17 -37.49
N THR W 118 21.18 -11.07 -38.20
CA THR W 118 19.83 -10.74 -38.64
C THR W 118 19.67 -11.33 -40.04
N VAL W 119 18.79 -12.30 -40.18
CA VAL W 119 18.64 -13.03 -41.45
C VAL W 119 17.45 -12.54 -42.29
N SER W 120 17.71 -12.20 -43.54
CA SER W 120 16.67 -11.78 -44.50
C SER W 120 16.74 -12.68 -45.73
N ILE W 121 15.58 -13.10 -46.25
CA ILE W 121 15.51 -13.99 -47.43
C ILE W 121 14.73 -13.32 -48.56
N PHE W 122 15.20 -13.53 -49.80
CA PHE W 122 14.73 -12.81 -50.99
C PHE W 122 14.48 -13.77 -52.15
N PRO W 123 13.21 -13.88 -52.61
CA PRO W 123 12.97 -14.69 -53.80
C PRO W 123 13.60 -14.07 -55.05
N PRO W 124 13.66 -14.84 -56.13
CA PRO W 124 14.08 -14.25 -57.39
C PRO W 124 13.17 -13.07 -57.76
N SER W 125 13.75 -12.01 -58.28
CA SER W 125 13.00 -10.84 -58.73
C SER W 125 12.22 -11.15 -60.00
N SER W 126 11.14 -10.39 -60.23
CA SER W 126 10.32 -10.53 -61.44
C SER W 126 11.17 -10.39 -62.68
N GLU W 127 12.11 -9.44 -62.65
CA GLU W 127 12.98 -9.17 -63.77
C GLU W 127 13.91 -10.31 -64.09
N GLN W 128 14.44 -10.98 -63.07
CA GLN W 128 15.32 -12.14 -63.28
C GLN W 128 14.55 -13.35 -63.82
N LEU W 129 13.33 -13.55 -63.33
CA LEU W 129 12.50 -14.66 -63.76
C LEU W 129 12.08 -14.52 -65.22
N THR W 130 11.63 -13.32 -65.62
CA THR W 130 11.27 -13.05 -67.03
C THR W 130 12.48 -13.08 -67.99
N SER W 131 13.71 -12.97 -67.45
CA SER W 131 14.96 -13.17 -68.24
C SER W 131 15.43 -14.62 -68.37
N GLY W 132 14.82 -15.55 -67.64
CA GLY W 132 15.15 -16.97 -67.72
C GLY W 132 16.13 -17.46 -66.67
N GLY W 133 16.37 -16.66 -65.63
CA GLY W 133 17.21 -17.06 -64.52
C GLY W 133 16.41 -17.14 -63.25
N ALA W 134 17.07 -17.63 -62.19
CA ALA W 134 16.47 -17.66 -60.85
C ALA W 134 17.56 -17.78 -59.79
N SER W 135 17.67 -16.77 -58.93
CA SER W 135 18.61 -16.77 -57.81
C SER W 135 17.87 -16.44 -56.51
N VAL W 136 18.03 -17.28 -55.49
CA VAL W 136 17.49 -17.02 -54.16
C VAL W 136 18.62 -16.58 -53.24
N VAL W 137 18.40 -15.47 -52.53
CA VAL W 137 19.44 -14.78 -51.78
C VAL W 137 19.07 -14.65 -50.30
N CYS W 138 20.04 -14.97 -49.43
CA CYS W 138 19.91 -14.82 -47.98
C CYS W 138 21.01 -13.90 -47.47
N PHE W 139 20.64 -12.88 -46.71
CA PHE W 139 21.59 -12.00 -46.04
C PHE W 139 21.64 -12.33 -44.56
N LEU W 140 22.85 -12.56 -44.04
CA LEU W 140 23.08 -12.77 -42.62
C LEU W 140 23.94 -11.62 -42.13
N ASN W 141 23.34 -10.62 -41.49
CA ASN W 141 24.00 -9.36 -41.21
C ASN W 141 24.35 -9.11 -39.73
N ASN W 142 25.55 -8.54 -39.53
CA ASN W 142 26.00 -8.00 -38.24
C ASN W 142 26.11 -9.03 -37.14
N PHE W 143 26.98 -10.02 -37.33
CA PHE W 143 27.21 -11.07 -36.34
C PHE W 143 28.68 -11.16 -35.93
N TYR W 144 28.93 -11.81 -34.80
CA TYR W 144 30.29 -12.09 -34.32
C TYR W 144 30.27 -13.36 -33.48
N PRO W 145 31.25 -14.27 -33.63
CA PRO W 145 32.42 -14.17 -34.52
C PRO W 145 32.13 -14.53 -35.96
N LYS W 146 33.16 -14.44 -36.80
CA LYS W 146 33.00 -14.69 -38.24
C LYS W 146 32.48 -16.11 -38.57
N ASP W 147 32.82 -17.09 -37.75
CA ASP W 147 32.39 -18.50 -37.94
C ASP W 147 30.88 -18.64 -37.97
N ILE W 148 30.35 -19.05 -39.11
CA ILE W 148 28.93 -19.30 -39.28
C ILE W 148 28.70 -20.40 -40.31
N ASN W 149 27.55 -21.05 -40.22
CA ASN W 149 27.15 -22.08 -41.17
C ASN W 149 25.77 -21.77 -41.73
N VAL W 150 25.59 -22.01 -43.01
CA VAL W 150 24.30 -21.82 -43.67
C VAL W 150 23.90 -23.13 -44.35
N LYS W 151 22.61 -23.42 -44.34
CA LYS W 151 22.05 -24.63 -44.95
C LYS W 151 20.80 -24.27 -45.76
N TRP W 152 20.76 -24.68 -47.03
CA TRP W 152 19.57 -24.48 -47.87
C TRP W 152 18.73 -25.74 -47.90
N LYS W 153 17.41 -25.56 -47.85
CA LYS W 153 16.43 -26.64 -48.01
C LYS W 153 15.44 -26.24 -49.11
N ILE W 154 15.16 -27.16 -50.02
CA ILE W 154 14.13 -26.97 -51.05
C ILE W 154 13.07 -28.06 -50.84
N ASP W 155 11.87 -27.64 -50.40
CA ASP W 155 10.77 -28.54 -50.02
C ASP W 155 11.17 -29.48 -48.86
N GLY W 156 11.86 -28.93 -47.85
CA GLY W 156 12.33 -29.69 -46.68
C GLY W 156 13.56 -30.57 -46.90
N SER W 157 14.15 -30.51 -48.10
CA SER W 157 15.18 -31.43 -48.56
C SER W 157 16.47 -30.63 -48.74
N GLU W 158 17.57 -31.05 -48.13
CA GLU W 158 18.82 -30.25 -48.14
C GLU W 158 19.40 -30.11 -49.55
N ARG W 159 19.98 -28.94 -49.82
CA ARG W 159 20.55 -28.58 -51.13
C ARG W 159 21.96 -28.00 -50.95
N GLN W 160 22.87 -28.37 -51.85
CA GLN W 160 24.27 -27.87 -51.82
C GLN W 160 24.81 -27.24 -53.10
N ASN W 161 24.43 -27.75 -54.27
CA ASN W 161 24.95 -27.23 -55.55
C ASN W 161 24.27 -25.92 -55.91
N GLY W 162 25.05 -25.00 -56.46
CA GLY W 162 24.57 -23.67 -56.82
C GLY W 162 24.63 -22.63 -55.71
N VAL W 163 25.20 -23.00 -54.55
CA VAL W 163 25.30 -22.08 -53.40
C VAL W 163 26.65 -21.38 -53.40
N LEU W 164 26.62 -20.07 -53.17
CA LEU W 164 27.84 -19.26 -53.09
C LEU W 164 27.75 -18.25 -51.94
N ASN W 165 28.78 -18.24 -51.11
CA ASN W 165 28.85 -17.44 -49.89
C ASN W 165 29.98 -16.39 -49.96
N SER W 166 29.68 -15.17 -49.54
CA SER W 166 30.61 -14.05 -49.56
C SER W 166 30.52 -13.28 -48.23
N TRP W 167 31.65 -13.19 -47.50
CA TRP W 167 31.71 -12.46 -46.23
C TRP W 167 32.26 -11.06 -46.43
N THR W 168 31.77 -10.08 -45.67
CA THR W 168 32.43 -8.78 -45.61
C THR W 168 33.69 -8.90 -44.78
N ASP W 169 34.58 -7.92 -44.93
CA ASP W 169 35.63 -7.70 -43.94
C ASP W 169 34.95 -7.12 -42.71
N GLN W 170 35.63 -7.16 -41.56
CA GLN W 170 35.07 -6.69 -40.31
C GLN W 170 34.67 -5.22 -40.40
N ASP W 171 33.57 -4.86 -39.76
CA ASP W 171 33.03 -3.50 -39.84
C ASP W 171 33.88 -2.55 -39.03
N SER W 172 34.16 -1.37 -39.58
CA SER W 172 34.96 -0.36 -38.87
C SER W 172 34.24 0.33 -37.73
N LYS W 173 32.91 0.26 -37.69
CA LYS W 173 32.12 0.95 -36.67
C LYS W 173 31.74 0.02 -35.52
N ASP W 174 31.12 -1.11 -35.85
CA ASP W 174 30.59 -2.05 -34.83
C ASP W 174 31.30 -3.40 -34.73
N SER W 175 32.42 -3.57 -35.40
CA SER W 175 33.26 -4.77 -35.27
C SER W 175 32.56 -6.10 -35.59
N THR W 176 31.49 -6.04 -36.39
CA THR W 176 30.77 -7.25 -36.80
C THR W 176 31.13 -7.67 -38.22
N TYR W 177 30.65 -8.84 -38.57
CA TYR W 177 30.79 -9.39 -39.91
C TYR W 177 29.39 -9.56 -40.48
N SER W 178 29.28 -9.50 -41.81
CA SER W 178 28.02 -9.77 -42.52
C SER W 178 28.31 -10.72 -43.68
N MET W 179 27.27 -11.37 -44.19
CA MET W 179 27.45 -12.41 -45.21
C MET W 179 26.25 -12.57 -46.13
N SER W 180 26.51 -12.84 -47.40
CA SER W 180 25.47 -13.19 -48.37
C SER W 180 25.64 -14.63 -48.84
N SER W 181 24.54 -15.39 -48.85
CA SER W 181 24.50 -16.74 -49.40
C SER W 181 23.49 -16.73 -50.55
N THR W 182 23.95 -17.19 -51.72
CA THR W 182 23.17 -17.11 -52.96
C THR W 182 23.02 -18.48 -53.62
N LEU W 183 21.81 -19.03 -53.55
CA LEU W 183 21.44 -20.24 -54.26
C LEU W 183 20.97 -19.87 -55.66
N THR W 184 21.70 -20.32 -56.68
CA THR W 184 21.31 -20.08 -58.07
C THR W 184 20.83 -21.41 -58.68
N LEU W 185 19.68 -21.33 -59.36
CA LEU W 185 19.03 -22.45 -60.02
C LEU W 185 18.67 -22.06 -61.44
N THR W 186 18.35 -23.04 -62.28
CA THR W 186 17.64 -22.78 -63.54
C THR W 186 16.21 -22.34 -63.18
N LYS W 187 15.63 -21.49 -64.02
CA LYS W 187 14.22 -21.11 -63.85
C LYS W 187 13.31 -22.33 -63.85
N ASP W 188 13.59 -23.30 -64.73
CA ASP W 188 12.84 -24.58 -64.77
C ASP W 188 12.81 -25.31 -63.45
N GLU W 189 13.96 -25.42 -62.79
CA GLU W 189 14.03 -26.09 -61.49
C GLU W 189 13.44 -25.25 -60.36
N TYR W 190 13.60 -23.93 -60.42
CA TYR W 190 12.97 -23.03 -59.43
C TYR W 190 11.45 -23.24 -59.41
N GLU W 191 10.84 -23.34 -60.60
CA GLU W 191 9.39 -23.41 -60.71
C GLU W 191 8.79 -24.80 -60.41
N ARG W 192 9.63 -25.85 -60.30
CA ARG W 192 9.13 -27.17 -59.85
C ARG W 192 8.81 -27.16 -58.37
N HIS W 193 9.79 -26.76 -57.56
CA HIS W 193 9.67 -26.83 -56.11
C HIS W 193 8.95 -25.57 -55.60
N ASN W 194 8.38 -25.64 -54.39
CA ASN W 194 7.57 -24.54 -53.82
C ASN W 194 8.20 -23.84 -52.60
N SER W 195 8.70 -24.63 -51.66
CA SER W 195 9.19 -24.12 -50.39
C SER W 195 10.72 -23.97 -50.35
N TYR W 196 11.20 -22.75 -50.20
CA TYR W 196 12.62 -22.44 -50.13
C TYR W 196 12.98 -21.94 -48.74
N THR W 197 13.97 -22.58 -48.12
CA THR W 197 14.37 -22.30 -46.72
C THR W 197 15.89 -22.06 -46.61
N CYS W 198 16.26 -21.26 -45.61
CA CYS W 198 17.62 -20.81 -45.38
C CYS W 198 17.91 -20.84 -43.87
N GLU W 199 18.77 -21.77 -43.43
CA GLU W 199 19.06 -22.00 -41.98
C GLU W 199 20.47 -21.55 -41.57
N ALA W 200 20.55 -20.70 -40.57
CA ALA W 200 21.81 -20.15 -40.05
C ALA W 200 22.14 -20.77 -38.71
N THR W 201 23.16 -21.61 -38.65
CA THR W 201 23.70 -22.13 -37.38
C THR W 201 24.90 -21.27 -36.98
N HIS W 202 24.90 -20.80 -35.73
CA HIS W 202 25.89 -19.86 -35.23
C HIS W 202 26.14 -20.08 -33.74
N LYS W 203 27.35 -19.77 -33.31
CA LYS W 203 27.77 -19.90 -31.91
C LYS W 203 26.76 -19.39 -30.86
N THR W 204 26.06 -18.31 -31.19
CA THR W 204 25.17 -17.58 -30.28
C THR W 204 23.94 -18.33 -29.81
N SER W 205 23.47 -19.29 -30.61
CA SER W 205 22.26 -20.05 -30.33
C SER W 205 22.47 -21.52 -30.71
N THR W 206 21.97 -22.41 -29.85
CA THR W 206 22.02 -23.84 -30.13
C THR W 206 21.17 -24.20 -31.36
N SER W 207 19.92 -23.74 -31.40
CA SER W 207 19.01 -24.01 -32.52
C SER W 207 19.18 -22.92 -33.59
N PRO W 208 19.08 -23.28 -34.90
CA PRO W 208 19.31 -22.32 -35.97
C PRO W 208 18.25 -21.22 -36.13
N ILE W 209 18.64 -20.15 -36.81
CA ILE W 209 17.72 -19.08 -37.22
C ILE W 209 17.24 -19.47 -38.61
N VAL W 210 15.94 -19.69 -38.75
CA VAL W 210 15.33 -20.16 -40.00
C VAL W 210 14.50 -19.05 -40.63
N LYS W 211 14.69 -18.81 -41.94
CA LYS W 211 13.85 -17.89 -42.72
C LYS W 211 13.43 -18.54 -44.04
N SER W 212 12.15 -18.37 -44.39
CA SER W 212 11.53 -19.15 -45.45
C SER W 212 10.46 -18.39 -46.24
N PHE W 213 10.14 -18.90 -47.42
CA PHE W 213 8.98 -18.45 -48.20
C PHE W 213 8.45 -19.55 -49.09
N ASN W 214 7.23 -19.36 -49.60
CA ASN W 214 6.67 -20.23 -50.63
C ASN W 214 6.50 -19.45 -51.93
N ARG W 215 6.81 -20.11 -53.05
CA ARG W 215 6.86 -19.47 -54.37
C ARG W 215 5.54 -18.81 -54.79
N ASN W 216 4.41 -19.43 -54.43
CA ASN W 216 3.09 -18.86 -54.78
C ASN W 216 2.62 -17.75 -53.84
N GLU W 217 2.85 -17.93 -52.53
CA GLU W 217 2.29 -17.02 -51.52
C GLU W 217 2.88 -15.58 -51.54
N CYS W 218 2.18 -14.66 -50.87
CA CYS W 218 2.41 -13.22 -50.97
C CYS W 218 2.46 -12.74 -52.41
N HYP X 21 62.53 14.49 -49.34
CA HYP X 21 61.39 14.44 -48.38
C HYP X 21 60.09 15.12 -48.81
O HYP X 21 59.01 14.59 -48.52
CB HYP X 21 61.93 15.03 -47.10
CG HYP X 21 63.41 15.32 -47.38
CD HYP X 21 63.70 15.19 -48.87
OD1 HYP X 21 64.21 14.37 -46.62
N GLY X 22 60.19 16.28 -49.46
CA GLY X 22 59.06 16.86 -50.24
C GLY X 22 59.13 16.45 -51.71
N GLU X 23 60.17 15.71 -52.04
CA GLU X 23 60.47 15.24 -53.39
C GLU X 23 60.41 13.68 -53.41
N ARG X 24 61.30 13.08 -52.63
CA ARG X 24 61.52 11.65 -52.56
C ARG X 24 60.54 10.96 -51.61
N GLY X 25 60.00 11.73 -50.66
CA GLY X 25 59.06 11.24 -49.68
C GLY X 25 59.76 10.74 -48.44
N GLU X 26 59.05 10.77 -47.33
CA GLU X 26 59.51 10.18 -46.08
C GLU X 26 59.74 8.65 -46.21
N THR X 27 58.96 7.99 -47.08
CA THR X 27 59.09 6.55 -47.34
C THR X 27 60.13 6.20 -48.41
N GLY X 28 60.73 7.20 -49.06
CA GLY X 28 61.72 6.97 -50.10
C GLY X 28 63.06 6.44 -49.56
N PRO X 29 64.00 6.11 -50.46
CA PRO X 29 65.27 5.51 -50.07
C PRO X 29 66.23 6.48 -49.37
N HYP X 30 67.05 5.99 -48.44
CA HYP X 30 68.04 6.88 -47.89
C HYP X 30 69.07 7.53 -48.77
O HYP X 30 69.50 6.90 -49.71
CB HYP X 30 68.20 6.60 -46.40
CG HYP X 30 67.43 5.30 -46.21
CD HYP X 30 66.96 4.84 -47.58
OD1 HYP X 30 66.29 5.58 -45.41
N GLY X 31 69.44 8.78 -48.48
CA GLY X 31 70.43 9.51 -49.27
C GLY X 31 71.23 10.52 -48.43
N PRO X 32 72.40 10.95 -48.94
CA PRO X 32 73.30 11.79 -48.12
C PRO X 32 73.02 13.28 -48.28
S SO4 Y . -35.04 16.28 70.94
O1 SO4 Y . -35.68 15.43 69.93
O2 SO4 Y . -34.52 15.36 71.99
O3 SO4 Y . -33.91 17.06 70.38
O4 SO4 Y . -36.05 17.22 71.48
S SO4 Z . 19.73 -18.27 -18.00
O1 SO4 Z . 19.26 -19.59 -18.47
O2 SO4 Z . 21.22 -18.25 -17.97
O3 SO4 Z . 19.23 -17.22 -18.92
O4 SO4 Z . 19.18 -18.01 -16.66
S SO4 AA . -16.15 21.61 -45.29
O1 SO4 AA . -15.81 21.23 -46.69
O2 SO4 AA . -15.06 21.14 -44.42
O3 SO4 AA . -16.30 23.09 -45.25
O4 SO4 AA . -17.43 20.96 -44.87
S SO4 BA . 19.41 -61.46 -33.39
O1 SO4 BA . 19.41 -62.12 -34.73
O2 SO4 BA . 20.79 -61.52 -32.83
O3 SO4 BA . 19.00 -60.04 -33.57
O4 SO4 BA . 18.48 -62.17 -32.49
S SO4 CA . 25.82 55.69 -10.00
O1 SO4 CA . 26.32 54.30 -9.98
O2 SO4 CA . 25.44 56.10 -8.63
O3 SO4 CA . 26.86 56.64 -10.49
O4 SO4 CA . 24.63 55.77 -10.87
S SO4 DA . 17.81 -30.89 57.41
O1 SO4 DA . 17.52 -31.51 56.09
O2 SO4 DA . 17.56 -31.92 58.45
O3 SO4 DA . 19.21 -30.41 57.47
O4 SO4 DA . 16.92 -29.72 57.60
S SO4 EA . 23.40 11.69 -21.12
O1 SO4 EA . 24.68 11.14 -21.63
O2 SO4 EA . 22.85 10.69 -20.18
O3 SO4 EA . 23.61 13.01 -20.47
O4 SO4 EA . 22.44 11.87 -22.24
S SO4 FA . 65.91 14.15 -53.90
O1 SO4 FA . 65.38 13.50 -52.68
O2 SO4 FA . 67.03 13.34 -54.43
O3 SO4 FA . 66.42 15.49 -53.55
O4 SO4 FA . 64.81 14.28 -54.90
#